data_6ERP
#
_entry.id   6ERP
#
_cell.length_a   103.910
_cell.length_b   197.030
_cell.length_c   137.210
_cell.angle_alpha   90.00
_cell.angle_beta   99.87
_cell.angle_gamma   90.00
#
_symmetry.space_group_name_H-M   'P 1 21 1'
#
loop_
_entity.id
_entity.type
_entity.pdbx_description
1 polymer 'Transcription factor A, mitochondrial'
2 polymer 'Non-Template DNA'
3 polymer 'Template DNA'
4 polymer 'DNA-directed RNA polymerase, mitochondrial'
5 polymer 'Dimethyladenosine transferase 2, mitochondrial'
#
loop_
_entity_poly.entity_id
_entity_poly.type
_entity_poly.pdbx_seq_one_letter_code
_entity_poly.pdbx_strand_id
1 'polypeptide(L)'
;NASSVLASSPKKPVSSYLRFSKEQLPIFKAQNPDAKTTELIRRIAQRWRELPDSKKKIYQDAYRAEWQVYKEEISRFKEQ
LTPSQIMSLEKEIMDKHLKRKAMTKKKELTLLGKPKRPRSAYNVYVAERFQEAKGDSPQEKLKTVKENWKNLSDSEKELY
IQHAKEDETRYHNEMKSWEEQMIEVGRKDLLRRTIKKQRKYGAEE
;
C,G
2 'polydeoxyribonucleotide'
;(DT)(DG)(DT)(DT)(DA)(DG)(DT)(DT)(DG)(DG)(DG)(DG)(DG)(DG)(DT)(DG)(DA)(DC)(DT)(DG)
(DT)(DT)(DA)(DA)(DA)(DA)(DG)(DT)(DG)(DC)(DA)(DT)(DA)(DC)(DC)(DT)(DA)(DT)(DC)(DC)
(DC)(DC)(DG)(DA)(DT)(DA)(DG)(DG)(DC)(DC)
;
D,H
3 'polydeoxyribonucleotide'
;(DG)(DG)(DC)(DC)(DT)(DA)(DT)(DC)(DT)(DT)(DT)(DT)(DG)(DG)(DC)(DG)(DG)(DT)(DA)(DT)
(DG)(DC)(DA)(DC)(DT)(DT)(DT)(DT)(DA)(DA)(DC)(DA)(DG)(DT)(DC)(DA)(DC)(DC)(DC)(DC)
(DC)(DC)(DA)(DA)(DC)(DT)(DA)(DA)(DC)(DA)
;
E,I
4 'polypeptide(L)'
;NARKVQMGAKDATPVPCGRWAKILEKDKRTQQMRMQRLKAKLQMPFQSGEFKALTRRLQVEPRLLSKQMAGCLEDCTRQA
PESPWEEQLARLLQEAPGKLSLDVEQAPSGQHSQAQLSGQQQRLLAFFKCCLLTDQLPLAHHLLVVHHGQRQKRKLLTLD
MYNAVMLGWARQGAFKELVYVLFMVKDAGLTPDLLSYAAALQCMGRQDQDAGTIERCLEQMSQEGLKLQALFTAVLLSEE
DRATVLKAVHKVKPTFSLPPQLPPPVNTSKLLRDVYAKDGRVSYPKLHLPLKTLQCLFEKQLHMELASRVCVVSVEKPTL
PSKEVKHARKTLKTLRDQWEKALCRALRETKNRLEREVYEGRFSLYPFLCLLDEREVVRMLLQVLQALPAQGESFTTLAR
ELSARTFSRHVVQRQRVSGQVQALQNHYRKYLCLLASDAEVPEPCLPRQYWEALGAPEALREQPWPLPVQMELGKLLAEM
LVQATQMPCSLDKPHRSSRLVPVLYHVYSFRNVQQIGILKPHPAYVQLLEKAAEPTLTFEAVDVPMLCPPLPWTSPHSGA
FLLSPTKLMRTVEGATQHQELLETCPPTALHGALDALTQLGNCAWRVNGRVLDLVLQLFQAKGCPQLGVPAPPSEAPQPP
EAHLPHSAAPARKAELRRELAHCQKVAREMHSLRAEALYRLSLAQHLRDRVFWLPHNMDFRGRTYPCPPHFNHLGSDVAR
ALLEFAQGRPLGPHGLDWLKIHLVNLTGLKKREPLRKRLAFAEEVMDDILDSADQPLTGRKWWMGAEEPWQTLACCMEVA
NAVRASDPAAYVSHLPVHQDGSCNGLQHYAALGRDSVGAASVNLEPSDVPQDVYSGVAAQVEVFRRQDAQRGMRVAQVLE
GFITRKVVKQTVMTVVYGVTRYGGRLQIEKRLRELSDFPQEFVWEASHYLVRQVFKSLQEMFSGTRAIQHWLTESARLIS
HMGSVVEWVTPLGVPVIQPYRLDSKVKQIGGGIQSITYTHNGDISRKPNTRKQKNGFPPNFIHSLDSSHMMLTALHCYRK
GLTFVSVHDCYWTHAADVSVMNQVCREQFVRLHSEPILQDLSRFLVKRFCSEPQKILEASQLKETLQAVPKPGAFDLEQV
KRSTYFFS
;
A,B
5 'polypeptide(L)'
;NARFCILGSEAATRKHLPARNHCGLSDSSPQLWPEPDFRNPPRKASKASLDFKRYVTDRRLAETLAQIYLGKPSRPPHLL
LECNPGPGILTQALLEAGAKVVALESDKTFIPHLESLGKNLDGKLRVIHCDFFKLDPRSGGVIKPPAMSSRGLFKNLGIE
AVPWTADIPLKVVGMFPSRGEKRALWKLAYDLYSCTSIYKFGRIEVNMFIGEKEFQKLMADPGNPDLYHVLSVIWQLACE
IKVLHMEPWSSFDIYTRKGPLENPKRRELLDQLQQKLYLIQMIPRQNLFTKNLTPMNYNIFFHLLKHCFGRRSATVIDHL
RSLTPLDARDILMQIGKQEDEKVVNMHPQDFKTLFETIERSKDCAYKWLYDETLEDR
;
F,J
#
# COMPACT_ATOMS: atom_id res chain seq x y z
N SER A 3 -63.20 57.98 -9.34
CA SER A 3 -63.32 56.53 -9.54
C SER A 3 -62.37 55.77 -8.63
N SER A 4 -62.26 56.22 -7.38
CA SER A 4 -61.38 55.61 -6.38
C SER A 4 -62.22 55.19 -5.18
N VAL A 5 -62.43 53.88 -5.04
CA VAL A 5 -63.22 53.37 -3.92
C VAL A 5 -62.52 53.65 -2.60
N LEU A 6 -61.18 53.56 -2.59
CA LEU A 6 -60.43 53.73 -1.35
C LEU A 6 -60.65 55.12 -0.76
N ALA A 7 -60.77 56.14 -1.62
CA ALA A 7 -60.93 57.51 -1.13
C ALA A 7 -62.27 57.70 -0.42
N SER A 8 -63.32 57.01 -0.88
CA SER A 8 -64.64 57.12 -0.28
C SER A 8 -64.84 56.14 0.86
N SER A 9 -63.88 55.25 1.12
CA SER A 9 -64.02 54.29 2.21
C SER A 9 -63.99 55.00 3.55
N PRO A 10 -64.91 54.69 4.47
CA PRO A 10 -64.86 55.32 5.80
C PRO A 10 -63.52 55.06 6.48
N LYS A 11 -62.92 56.12 6.99
CA LYS A 11 -61.60 56.07 7.61
C LYS A 11 -61.71 55.93 9.12
N LYS A 12 -60.67 55.38 9.73
CA LYS A 12 -60.68 55.13 11.16
C LYS A 12 -60.82 56.43 11.93
N PRO A 13 -61.53 56.44 13.06
CA PRO A 13 -61.63 57.65 13.86
C PRO A 13 -60.31 57.97 14.53
N VAL A 14 -60.11 59.26 14.84
CA VAL A 14 -58.89 59.70 15.49
C VAL A 14 -58.89 59.21 16.93
N SER A 15 -57.75 58.68 17.37
CA SER A 15 -57.63 58.15 18.73
C SER A 15 -57.58 59.31 19.73
N SER A 16 -57.56 58.94 21.01
CA SER A 16 -57.62 59.95 22.08
C SER A 16 -56.46 60.93 21.96
N TYR A 17 -55.22 60.44 22.11
CA TYR A 17 -54.07 61.32 22.03
C TYR A 17 -54.05 62.10 20.72
N LEU A 18 -54.23 61.41 19.59
CA LEU A 18 -54.22 62.10 18.31
C LEU A 18 -55.31 63.16 18.23
N ARG A 19 -56.44 62.93 18.89
CA ARG A 19 -57.48 63.95 18.95
C ARG A 19 -57.01 65.15 19.75
N PHE A 20 -56.41 64.91 20.92
CA PHE A 20 -55.88 65.99 21.73
C PHE A 20 -54.88 66.83 20.95
N SER A 21 -53.98 66.17 20.23
CA SER A 21 -53.00 66.89 19.42
C SER A 21 -53.67 67.65 18.29
N LYS A 22 -54.68 67.04 17.66
CA LYS A 22 -55.37 67.72 16.56
C LYS A 22 -56.08 68.96 17.03
N GLU A 23 -56.55 68.98 18.28
CA GLU A 23 -57.21 70.17 18.81
C GLU A 23 -56.25 71.18 19.40
N GLN A 24 -55.12 70.74 19.94
CA GLN A 24 -54.15 71.65 20.56
C GLN A 24 -53.24 72.32 19.53
N LEU A 25 -52.89 71.61 18.46
CA LEU A 25 -51.90 72.13 17.50
C LEU A 25 -52.23 73.52 16.99
N PRO A 26 -53.44 73.82 16.54
CA PRO A 26 -53.71 75.19 16.06
C PRO A 26 -53.49 76.25 17.12
N ILE A 27 -53.74 75.94 18.39
CA ILE A 27 -53.52 76.91 19.46
C ILE A 27 -52.03 77.15 19.66
N PHE A 28 -51.25 76.07 19.80
CA PHE A 28 -49.81 76.23 19.92
C PHE A 28 -49.21 76.95 18.72
N LYS A 29 -49.76 76.72 17.53
CA LYS A 29 -49.29 77.44 16.35
C LYS A 29 -49.67 78.91 16.40
N ALA A 30 -50.83 79.22 16.96
CA ALA A 30 -51.23 80.62 17.12
C ALA A 30 -50.33 81.34 18.12
N GLN A 31 -49.95 80.65 19.19
CA GLN A 31 -49.13 81.27 20.22
C GLN A 31 -47.64 81.27 19.89
N ASN A 32 -47.21 80.38 18.99
CA ASN A 32 -45.79 80.28 18.58
C ASN A 32 -45.74 80.14 17.07
N PRO A 33 -46.01 81.24 16.35
CA PRO A 33 -46.09 81.14 14.88
C PRO A 33 -44.77 80.78 14.23
N ASP A 34 -43.64 81.04 14.86
CA ASP A 34 -42.34 80.84 14.24
C ASP A 34 -41.65 79.54 14.67
N ALA A 35 -42.10 78.91 15.75
CA ALA A 35 -41.48 77.67 16.18
C ALA A 35 -41.75 76.56 15.18
N LYS A 36 -40.80 75.63 15.06
CA LYS A 36 -40.95 74.52 14.13
C LYS A 36 -41.97 73.52 14.66
N THR A 37 -42.72 72.91 13.74
CA THR A 37 -43.79 72.00 14.14
C THR A 37 -43.26 70.88 15.03
N THR A 38 -42.04 70.41 14.77
CA THR A 38 -41.39 69.44 15.65
C THR A 38 -41.58 69.79 17.13
N GLU A 39 -41.08 70.95 17.52
CA GLU A 39 -41.10 71.33 18.94
C GLU A 39 -42.53 71.48 19.46
N LEU A 40 -43.45 71.95 18.63
CA LEU A 40 -44.84 72.09 19.07
C LEU A 40 -45.47 70.72 19.32
N ILE A 41 -45.22 69.74 18.45
CA ILE A 41 -45.73 68.40 18.67
C ILE A 41 -45.10 67.79 19.91
N ARG A 42 -43.80 68.03 20.11
CA ARG A 42 -43.13 67.52 21.31
C ARG A 42 -43.78 68.09 22.57
N ARG A 43 -43.91 69.41 22.64
CA ARG A 43 -44.53 70.03 23.82
C ARG A 43 -45.97 69.59 23.99
N ILE A 44 -46.67 69.30 22.88
CA ILE A 44 -48.04 68.81 22.98
C ILE A 44 -48.06 67.40 23.57
N ALA A 45 -47.08 66.58 23.20
CA ALA A 45 -46.98 65.24 23.78
C ALA A 45 -46.67 65.31 25.27
N GLN A 46 -45.78 66.23 25.66
CA GLN A 46 -45.52 66.43 27.09
C GLN A 46 -46.76 66.92 27.81
N ARG A 47 -47.52 67.82 27.20
CA ARG A 47 -48.79 68.25 27.77
C ARG A 47 -49.73 67.06 27.94
N TRP A 48 -49.76 66.15 26.97
CA TRP A 48 -50.61 64.97 27.10
C TRP A 48 -50.15 64.07 28.23
N ARG A 49 -48.84 63.88 28.37
CA ARG A 49 -48.33 63.07 29.47
C ARG A 49 -48.68 63.69 30.83
N GLU A 50 -48.58 65.01 30.93
CA GLU A 50 -48.92 65.69 32.17
C GLU A 50 -50.43 65.77 32.38
N LEU A 51 -51.22 65.54 31.34
CA LEU A 51 -52.66 65.66 31.45
C LEU A 51 -53.22 64.59 32.38
N PRO A 52 -54.08 64.94 33.34
CA PRO A 52 -54.62 63.92 34.24
C PRO A 52 -55.39 62.86 33.47
N ASP A 53 -55.34 61.62 34.00
CA ASP A 53 -56.03 60.52 33.35
C ASP A 53 -57.52 60.81 33.18
N SER A 54 -58.13 61.51 34.15
CA SER A 54 -59.55 61.81 34.03
C SER A 54 -59.85 62.65 32.80
N LYS A 55 -58.91 63.49 32.37
CA LYS A 55 -59.12 64.27 31.16
C LYS A 55 -58.92 63.44 29.91
N LYS A 56 -57.92 62.56 29.89
CA LYS A 56 -57.74 61.66 28.76
C LYS A 56 -58.96 60.77 28.57
N LYS A 57 -59.61 60.39 29.67
CA LYS A 57 -60.75 59.48 29.61
C LYS A 57 -61.84 60.02 28.70
N ILE A 58 -62.03 61.35 28.68
CA ILE A 58 -63.04 61.95 27.81
C ILE A 58 -62.71 61.65 26.35
N TYR A 59 -61.47 61.95 25.94
CA TYR A 59 -61.05 61.66 24.57
C TYR A 59 -61.17 60.18 24.26
N GLN A 60 -60.87 59.32 25.23
CA GLN A 60 -60.98 57.88 25.00
C GLN A 60 -62.43 57.47 24.75
N ASP A 61 -63.37 58.00 25.55
CA ASP A 61 -64.78 57.70 25.33
C ASP A 61 -65.24 58.17 23.95
N ALA A 62 -64.90 59.42 23.61
CA ALA A 62 -65.23 59.93 22.28
C ALA A 62 -64.68 59.00 21.20
N TYR A 63 -63.43 58.55 21.37
CA TYR A 63 -62.86 57.62 20.40
C TYR A 63 -63.65 56.33 20.32
N ARG A 64 -64.16 55.84 21.46
CA ARG A 64 -64.90 54.59 21.45
C ARG A 64 -66.23 54.73 20.71
N ALA A 65 -66.96 55.81 20.98
CA ALA A 65 -68.20 56.05 20.24
C ALA A 65 -67.92 56.20 18.74
N GLU A 66 -66.89 56.98 18.41
CA GLU A 66 -66.50 57.13 17.00
C GLU A 66 -66.13 55.79 16.40
N TRP A 67 -65.61 54.86 17.20
CA TRP A 67 -65.30 53.54 16.70
C TRP A 67 -66.56 52.70 16.49
N GLN A 68 -67.59 52.92 17.30
CA GLN A 68 -68.86 52.24 17.04
C GLN A 68 -69.47 52.72 15.74
N VAL A 69 -69.57 54.05 15.56
CA VAL A 69 -70.12 54.57 14.32
C VAL A 69 -69.24 54.15 13.14
N TYR A 70 -67.93 54.02 13.36
CA TYR A 70 -67.05 53.51 12.31
C TYR A 70 -67.37 52.06 12.01
N LYS A 71 -67.70 51.27 13.03
CA LYS A 71 -68.09 49.88 12.79
C LYS A 71 -69.32 49.82 11.89
N GLU A 72 -70.34 50.61 12.21
CA GLU A 72 -71.55 50.61 11.38
C GLU A 72 -71.22 51.05 9.96
N GLU A 73 -70.48 52.15 9.82
CA GLU A 73 -70.19 52.69 8.49
C GLU A 73 -69.39 51.71 7.65
N ILE A 74 -68.33 51.13 8.23
CA ILE A 74 -67.48 50.20 7.49
C ILE A 74 -68.26 48.93 7.16
N SER A 75 -69.16 48.50 8.04
CA SER A 75 -69.97 47.32 7.75
C SER A 75 -70.88 47.58 6.55
N ARG A 76 -71.68 48.63 6.62
CA ARG A 76 -72.58 48.94 5.50
C ARG A 76 -71.80 49.17 4.21
N PHE A 77 -70.64 49.83 4.31
CA PHE A 77 -69.84 50.10 3.11
C PHE A 77 -69.33 48.82 2.49
N LYS A 78 -68.69 47.96 3.30
CA LYS A 78 -68.16 46.71 2.77
C LYS A 78 -69.28 45.85 2.19
N GLU A 79 -70.44 45.78 2.87
CA GLU A 79 -71.56 45.04 2.32
C GLU A 79 -72.12 45.69 1.06
N GLN A 80 -71.87 46.98 0.86
CA GLN A 80 -72.38 47.70 -0.30
C GLN A 80 -71.48 47.59 -1.52
N LEU A 81 -70.22 47.21 -1.35
CA LEU A 81 -69.28 47.18 -2.46
C LEU A 81 -69.59 46.03 -3.40
N THR A 82 -69.59 46.30 -4.70
CA THR A 82 -69.76 45.27 -5.72
C THR A 82 -68.45 44.52 -5.91
N PRO A 83 -68.49 43.37 -6.60
CA PRO A 83 -67.25 42.61 -6.82
C PRO A 83 -66.19 43.43 -7.54
N SER A 84 -66.56 44.16 -8.59
CA SER A 84 -65.58 44.94 -9.34
C SER A 84 -64.93 45.99 -8.44
N GLN A 85 -65.71 46.60 -7.55
CA GLN A 85 -65.14 47.60 -6.65
C GLN A 85 -64.15 46.97 -5.68
N ILE A 86 -64.42 45.75 -5.24
CA ILE A 86 -63.45 45.04 -4.40
C ILE A 86 -62.17 44.77 -5.17
N MET A 87 -62.28 44.42 -6.44
CA MET A 87 -61.10 44.16 -7.25
C MET A 87 -60.30 45.43 -7.46
N SER A 88 -60.97 46.54 -7.77
CA SER A 88 -60.25 47.80 -7.96
C SER A 88 -59.62 48.29 -6.66
N LEU A 89 -60.29 48.06 -5.53
CA LEU A 89 -59.70 48.41 -4.24
C LEU A 89 -58.46 47.57 -3.97
N GLU A 90 -58.52 46.26 -4.24
CA GLU A 90 -57.35 45.41 -4.05
C GLU A 90 -56.21 45.85 -4.97
N LYS A 91 -56.53 46.21 -6.21
CA LYS A 91 -55.52 46.67 -7.14
C LYS A 91 -54.88 47.96 -6.66
N GLU A 92 -55.69 48.92 -6.19
CA GLU A 92 -55.14 50.16 -5.69
C GLU A 92 -54.26 49.91 -4.47
N ILE A 93 -54.66 48.97 -3.62
CA ILE A 93 -53.87 48.66 -2.43
C ILE A 93 -52.52 48.07 -2.83
N MET A 94 -52.54 47.05 -3.68
CA MET A 94 -51.30 46.42 -4.13
C MET A 94 -50.39 47.42 -4.83
N ASP A 95 -50.95 48.19 -5.77
CA ASP A 95 -50.16 49.17 -6.51
C ASP A 95 -49.56 50.21 -5.58
N LYS A 96 -50.34 50.68 -4.60
CA LYS A 96 -49.81 51.64 -3.64
C LYS A 96 -48.65 51.04 -2.86
N HIS A 97 -48.78 49.78 -2.47
CA HIS A 97 -47.69 49.13 -1.74
C HIS A 97 -46.44 49.05 -2.62
N LEU A 98 -46.61 48.66 -3.89
CA LEU A 98 -45.46 48.58 -4.79
C LEU A 98 -44.80 49.94 -4.94
N LYS A 99 -45.58 51.01 -5.07
CA LYS A 99 -44.99 52.34 -5.16
C LYS A 99 -44.23 52.69 -3.89
N ARG A 100 -44.77 52.31 -2.73
CA ARG A 100 -44.06 52.55 -1.48
C ARG A 100 -42.71 51.85 -1.47
N LYS A 101 -42.69 50.59 -1.90
CA LYS A 101 -41.43 49.85 -1.94
C LYS A 101 -40.44 50.48 -2.92
N ALA A 102 -40.92 50.88 -4.10
CA ALA A 102 -40.04 51.49 -5.08
C ALA A 102 -39.44 52.80 -4.56
N MET A 103 -40.27 53.68 -3.99
CA MET A 103 -39.77 54.95 -3.48
C MET A 103 -38.79 54.74 -2.34
N THR A 104 -39.11 53.82 -1.42
CA THR A 104 -38.21 53.55 -0.30
C THR A 104 -36.88 53.00 -0.79
N LYS A 105 -36.90 52.08 -1.75
CA LYS A 105 -35.67 51.47 -2.22
C LYS A 105 -34.82 52.45 -3.01
N LYS A 106 -35.43 53.22 -3.92
CA LYS A 106 -34.66 54.19 -4.69
C LYS A 106 -34.09 55.28 -3.80
N LYS A 107 -34.93 55.84 -2.92
CA LYS A 107 -34.45 56.86 -1.99
C LYS A 107 -33.33 56.30 -1.11
N GLU A 108 -33.47 55.06 -0.67
CA GLU A 108 -32.38 54.39 0.06
C GLU A 108 -31.10 54.41 -0.78
N LEU A 109 -31.19 53.93 -2.02
CA LEU A 109 -30.02 53.89 -2.90
C LEU A 109 -29.39 55.27 -3.03
N THR A 110 -30.20 56.33 -2.97
CA THR A 110 -29.64 57.67 -3.02
C THR A 110 -28.96 58.02 -1.71
N LEU A 111 -29.52 57.57 -0.57
CA LEU A 111 -28.90 57.88 0.71
C LEU A 111 -27.51 57.27 0.81
N LEU A 112 -27.33 56.06 0.30
CA LEU A 112 -26.01 55.46 0.26
C LEU A 112 -25.08 56.32 -0.59
N GLY A 113 -24.01 56.81 0.03
CA GLY A 113 -23.07 57.67 -0.67
C GLY A 113 -22.20 56.92 -1.67
N LYS A 114 -22.52 57.05 -2.95
CA LYS A 114 -21.77 56.36 -4.00
C LYS A 114 -21.43 57.35 -5.10
N PRO A 115 -20.25 57.21 -5.72
CA PRO A 115 -19.89 58.11 -6.82
C PRO A 115 -20.94 58.11 -7.92
N LYS A 116 -21.34 59.29 -8.36
CA LYS A 116 -22.22 59.38 -9.51
C LYS A 116 -21.54 58.72 -10.71
N ARG A 117 -22.34 58.12 -11.59
CA ARG A 117 -21.77 57.44 -12.74
C ARG A 117 -20.88 58.40 -13.54
N PRO A 118 -20.05 57.88 -14.44
CA PRO A 118 -19.10 58.77 -15.13
C PRO A 118 -19.83 59.76 -16.03
N ARG A 119 -19.25 60.95 -16.11
CA ARG A 119 -19.76 62.00 -16.99
C ARG A 119 -19.17 61.82 -18.39
N SER A 120 -20.02 61.86 -19.39
CA SER A 120 -19.57 61.75 -20.77
C SER A 120 -19.01 63.09 -21.26
N ALA A 121 -18.36 63.05 -22.42
CA ALA A 121 -17.88 64.29 -23.03
C ALA A 121 -19.03 65.23 -23.34
N TYR A 122 -20.19 64.67 -23.73
CA TYR A 122 -21.35 65.51 -23.97
C TYR A 122 -21.88 66.14 -22.69
N ASN A 123 -21.94 65.36 -21.60
CA ASN A 123 -22.32 65.92 -20.32
C ASN A 123 -21.38 67.06 -19.92
N VAL A 124 -20.07 66.85 -20.13
CA VAL A 124 -19.09 67.90 -19.81
C VAL A 124 -19.36 69.14 -20.65
N TYR A 125 -19.62 68.97 -21.95
CA TYR A 125 -19.86 70.12 -22.81
C TYR A 125 -21.12 70.87 -22.38
N VAL A 126 -22.19 70.14 -22.07
CA VAL A 126 -23.41 70.79 -21.59
C VAL A 126 -23.14 71.54 -20.30
N ALA A 127 -22.35 70.96 -19.41
CA ALA A 127 -22.05 71.60 -18.13
C ALA A 127 -21.22 72.86 -18.31
N GLU A 128 -20.34 72.89 -19.31
CA GLU A 128 -19.48 74.05 -19.51
C GLU A 128 -20.15 75.16 -20.32
N ARG A 129 -21.01 74.80 -21.28
CA ARG A 129 -21.53 75.78 -22.23
C ARG A 129 -23.00 76.09 -22.04
N PHE A 130 -23.71 75.39 -21.15
CA PHE A 130 -25.14 75.63 -20.98
C PHE A 130 -25.39 77.08 -20.56
N GLN A 131 -24.63 77.57 -19.58
CA GLN A 131 -24.92 78.89 -19.01
C GLN A 131 -24.88 79.98 -20.07
N GLU A 132 -23.89 79.93 -20.96
CA GLU A 132 -23.72 80.95 -21.98
C GLU A 132 -24.48 80.65 -23.27
N ALA A 133 -25.16 79.50 -23.34
CA ALA A 133 -25.92 79.15 -24.52
C ALA A 133 -27.22 79.95 -24.56
N LYS A 134 -27.55 80.50 -25.72
CA LYS A 134 -28.76 81.29 -25.86
C LYS A 134 -29.99 80.38 -25.88
N GLY A 135 -31.09 80.91 -25.37
CA GLY A 135 -32.32 80.15 -25.25
C GLY A 135 -33.22 80.66 -24.15
N ASP A 136 -34.54 80.66 -24.38
CA ASP A 136 -35.46 81.21 -23.41
C ASP A 136 -35.73 80.27 -22.24
N SER A 137 -35.38 79.00 -22.35
CA SER A 137 -35.67 78.03 -21.30
C SER A 137 -34.57 76.98 -21.29
N PRO A 138 -34.47 76.21 -20.20
CA PRO A 138 -33.44 75.14 -20.17
C PRO A 138 -33.57 74.16 -21.31
N GLN A 139 -34.79 73.91 -21.78
CA GLN A 139 -34.97 73.01 -22.93
C GLN A 139 -34.37 73.61 -24.19
N GLU A 140 -34.63 74.89 -24.44
CA GLU A 140 -34.11 75.53 -25.64
C GLU A 140 -32.60 75.71 -25.55
N LYS A 141 -32.09 76.04 -24.37
CA LYS A 141 -30.65 76.14 -24.20
C LYS A 141 -29.97 74.78 -24.33
N LEU A 142 -30.64 73.71 -23.91
CA LEU A 142 -30.08 72.37 -24.06
C LEU A 142 -30.09 71.93 -25.52
N LYS A 143 -31.14 72.29 -26.27
CA LYS A 143 -31.15 72.01 -27.70
C LYS A 143 -30.05 72.82 -28.40
N THR A 144 -29.88 74.07 -28.01
CA THR A 144 -28.80 74.89 -28.56
C THR A 144 -27.45 74.23 -28.30
N VAL A 145 -27.19 73.83 -27.06
CA VAL A 145 -25.95 73.15 -26.73
C VAL A 145 -25.80 71.89 -27.57
N LYS A 146 -26.92 71.20 -27.83
CA LYS A 146 -26.88 70.00 -28.65
C LYS A 146 -26.45 70.33 -30.08
N GLU A 147 -26.99 71.40 -30.66
CA GLU A 147 -26.64 71.77 -32.02
C GLU A 147 -25.18 72.20 -32.11
N ASN A 148 -24.75 73.09 -31.20
CA ASN A 148 -23.36 73.52 -31.21
C ASN A 148 -22.41 72.36 -30.97
N TRP A 149 -22.84 71.37 -30.17
CA TRP A 149 -22.04 70.17 -29.98
C TRP A 149 -21.95 69.37 -31.28
N LYS A 150 -23.07 69.21 -31.97
CA LYS A 150 -23.06 68.50 -33.25
C LYS A 150 -22.24 69.22 -34.31
N ASN A 151 -22.05 70.54 -34.16
CA ASN A 151 -21.24 71.30 -35.10
C ASN A 151 -19.80 71.44 -34.65
N LEU A 152 -19.45 70.92 -33.47
CA LEU A 152 -18.08 70.98 -32.99
C LEU A 152 -17.18 70.05 -33.79
N SER A 153 -15.92 70.43 -33.92
CA SER A 153 -14.91 69.58 -34.52
C SER A 153 -14.32 68.66 -33.47
N ASP A 154 -13.50 67.70 -33.92
CA ASP A 154 -12.88 66.77 -32.99
C ASP A 154 -11.80 67.44 -32.15
N SER A 155 -11.17 68.49 -32.67
CA SER A 155 -10.12 69.16 -31.91
C SER A 155 -10.69 70.03 -30.80
N GLU A 156 -11.83 70.69 -31.05
CA GLU A 156 -12.45 71.51 -30.03
C GLU A 156 -12.95 70.69 -28.85
N LYS A 157 -13.09 69.37 -29.01
CA LYS A 157 -13.64 68.50 -27.99
C LYS A 157 -12.58 67.83 -27.11
N GLU A 158 -11.30 68.09 -27.36
CA GLU A 158 -10.25 67.31 -26.72
C GLU A 158 -10.27 67.47 -25.20
N LEU A 159 -10.44 68.70 -24.70
CA LEU A 159 -10.43 68.91 -23.26
C LEU A 159 -11.60 68.20 -22.59
N TYR A 160 -12.79 68.28 -23.19
CA TYR A 160 -13.97 67.64 -22.59
C TYR A 160 -13.82 66.13 -22.56
N ILE A 161 -13.25 65.55 -23.62
CA ILE A 161 -13.04 64.10 -23.64
C ILE A 161 -11.99 63.70 -22.61
N GLN A 162 -10.94 64.51 -22.47
CA GLN A 162 -9.91 64.21 -21.47
C GLN A 162 -10.48 64.23 -20.07
N HIS A 163 -11.21 65.29 -19.72
CA HIS A 163 -11.85 65.35 -18.42
C HIS A 163 -12.84 64.21 -18.23
N ALA A 164 -13.52 63.80 -19.31
CA ALA A 164 -14.43 62.66 -19.23
C ALA A 164 -13.67 61.39 -18.84
N LYS A 165 -12.52 61.15 -19.48
CA LYS A 165 -11.72 59.99 -19.12
C LYS A 165 -11.25 60.06 -17.67
N GLU A 166 -10.75 61.23 -17.27
CA GLU A 166 -10.29 61.38 -15.88
C GLU A 166 -11.41 61.09 -14.90
N ASP A 167 -12.63 61.56 -15.20
CA ASP A 167 -13.77 61.22 -14.34
C ASP A 167 -14.11 59.74 -14.43
N GLU A 168 -13.76 59.09 -15.55
CA GLU A 168 -13.94 57.65 -15.64
C GLU A 168 -13.05 56.93 -14.65
N THR A 169 -11.76 57.31 -14.61
CA THR A 169 -10.87 56.71 -13.62
C THR A 169 -11.31 57.03 -12.20
N ARG A 170 -11.68 58.29 -11.94
CA ARG A 170 -12.18 58.67 -10.63
C ARG A 170 -13.35 57.78 -10.21
N TYR A 171 -14.34 57.62 -11.10
CA TYR A 171 -15.49 56.78 -10.78
C TYR A 171 -15.07 55.33 -10.56
N HIS A 172 -14.11 54.85 -11.34
CA HIS A 172 -13.62 53.48 -11.13
C HIS A 172 -13.06 53.30 -9.72
N ASN A 173 -12.11 54.15 -9.34
CA ASN A 173 -11.49 54.03 -8.02
C ASN A 173 -12.52 54.17 -6.91
N GLU A 174 -13.28 55.26 -6.91
CA GLU A 174 -14.27 55.48 -5.86
C GLU A 174 -15.28 54.33 -5.83
N MET A 175 -15.54 53.71 -6.98
CA MET A 175 -16.41 52.55 -7.03
C MET A 175 -15.78 51.37 -6.30
N LYS A 176 -14.50 51.11 -6.54
CA LYS A 176 -13.81 50.06 -5.80
C LYS A 176 -13.91 50.29 -4.30
N SER A 177 -13.50 51.48 -3.85
CA SER A 177 -13.48 51.74 -2.41
C SER A 177 -14.87 51.62 -1.80
N TRP A 178 -15.86 52.28 -2.41
CA TRP A 178 -17.21 52.26 -1.84
C TRP A 178 -17.78 50.85 -1.84
N GLU A 179 -17.71 50.15 -2.97
CA GLU A 179 -18.24 48.79 -3.02
C GLU A 179 -17.58 47.90 -1.98
N GLU A 180 -16.28 48.12 -1.71
CA GLU A 180 -15.63 47.41 -0.62
C GLU A 180 -16.29 47.77 0.72
N GLN A 181 -16.51 49.06 0.95
CA GLN A 181 -17.15 49.48 2.19
C GLN A 181 -18.53 48.86 2.34
N MET A 182 -19.24 48.63 1.22
CA MET A 182 -20.52 47.96 1.27
C MET A 182 -20.36 46.48 1.57
N ILE A 183 -19.27 45.87 1.08
CA ILE A 183 -18.95 44.50 1.48
C ILE A 183 -18.78 44.42 2.98
N GLU A 184 -18.12 45.41 3.58
CA GLU A 184 -17.99 45.44 5.03
C GLU A 184 -19.36 45.44 5.70
N VAL A 185 -20.31 46.22 5.17
CA VAL A 185 -21.66 46.27 5.72
C VAL A 185 -22.48 45.05 5.33
N GLY A 186 -21.90 44.09 4.61
CA GLY A 186 -22.62 42.89 4.23
C GLY A 186 -23.69 43.12 3.19
N ARG A 187 -23.42 43.99 2.22
CA ARG A 187 -24.37 44.30 1.16
C ARG A 187 -23.69 44.13 -0.19
N LYS A 188 -23.22 42.91 -0.44
CA LYS A 188 -22.53 42.58 -1.69
C LYS A 188 -23.44 42.63 -2.91
N ASP A 189 -24.75 42.83 -2.71
CA ASP A 189 -25.66 42.91 -3.84
C ASP A 189 -25.44 44.18 -4.68
N LEU A 190 -24.89 45.23 -4.08
CA LEU A 190 -24.64 46.48 -4.78
C LEU A 190 -23.39 46.45 -5.64
N LEU A 191 -22.57 45.41 -5.54
CA LEU A 191 -21.37 45.35 -6.36
C LEU A 191 -21.74 45.11 -7.82
N ARG A 192 -20.85 45.50 -8.72
CA ARG A 192 -21.06 45.27 -10.14
C ARG A 192 -21.11 43.77 -10.42
N ARG A 193 -22.05 43.38 -11.30
CA ARG A 193 -22.51 42.00 -11.34
C ARG A 193 -21.42 41.03 -11.79
N THR A 194 -20.68 41.40 -12.83
CA THR A 194 -19.73 40.46 -13.43
C THR A 194 -18.39 41.12 -13.74
N SER D 3 78.53 35.08 -20.00
CA SER D 3 77.18 34.86 -19.53
C SER D 3 77.00 33.43 -19.02
N SER D 4 77.99 32.95 -18.28
CA SER D 4 77.99 31.60 -17.73
C SER D 4 78.14 31.70 -16.22
N VAL D 5 77.04 31.44 -15.49
CA VAL D 5 77.08 31.53 -14.04
C VAL D 5 77.98 30.45 -13.46
N LEU D 6 78.00 29.26 -14.07
CA LEU D 6 78.77 28.15 -13.51
C LEU D 6 80.25 28.49 -13.43
N ALA D 7 80.77 29.22 -14.42
CA ALA D 7 82.20 29.53 -14.43
C ALA D 7 82.58 30.47 -13.28
N SER D 8 81.70 31.38 -12.91
CA SER D 8 81.97 32.31 -11.82
C SER D 8 81.54 31.77 -10.46
N SER D 9 80.90 30.61 -10.42
CA SER D 9 80.49 30.03 -9.15
C SER D 9 81.71 29.60 -8.35
N PRO D 10 81.78 29.91 -7.05
CA PRO D 10 82.92 29.46 -6.25
C PRO D 10 83.04 27.94 -6.28
N LYS D 11 84.24 27.47 -6.55
CA LYS D 11 84.52 26.05 -6.68
C LYS D 11 85.05 25.48 -5.38
N LYS D 12 84.86 24.17 -5.21
CA LYS D 12 85.26 23.50 -3.99
C LYS D 12 86.77 23.63 -3.78
N PRO D 13 87.24 23.77 -2.54
CA PRO D 13 88.68 23.82 -2.31
C PRO D 13 89.34 22.47 -2.56
N VAL D 14 90.63 22.52 -2.89
CA VAL D 14 91.38 21.30 -3.14
C VAL D 14 91.60 20.57 -1.83
N SER D 15 91.40 19.25 -1.85
CA SER D 15 91.54 18.45 -0.64
C SER D 15 93.02 18.29 -0.29
N SER D 16 93.28 17.64 0.85
CA SER D 16 94.64 17.52 1.35
C SER D 16 95.53 16.81 0.34
N TYR D 17 95.24 15.54 0.05
CA TYR D 17 96.05 14.81 -0.90
C TYR D 17 96.12 15.54 -2.24
N LEU D 18 94.97 15.98 -2.76
CA LEU D 18 94.97 16.67 -4.04
C LEU D 18 95.84 17.91 -4.01
N ARG D 19 95.93 18.57 -2.85
CA ARG D 19 96.86 19.68 -2.71
C ARG D 19 98.30 19.21 -2.78
N PHE D 20 98.61 18.13 -2.07
CA PHE D 20 99.98 17.58 -2.09
C PHE D 20 100.39 17.24 -3.52
N SER D 21 99.52 16.56 -4.26
CA SER D 21 99.83 16.22 -5.64
C SER D 21 99.91 17.47 -6.52
N LYS D 22 99.04 18.45 -6.29
CA LYS D 22 99.06 19.67 -7.08
C LYS D 22 100.35 20.43 -6.89
N GLU D 23 100.96 20.33 -5.71
CA GLU D 23 102.24 21.00 -5.46
C GLU D 23 103.43 20.16 -5.87
N GLN D 24 103.30 18.83 -5.83
CA GLN D 24 104.41 17.95 -6.17
C GLN D 24 104.58 17.80 -7.68
N LEU D 25 103.48 17.78 -8.43
CA LEU D 25 103.55 17.48 -9.85
C LEU D 25 104.53 18.35 -10.62
N PRO D 26 104.53 19.68 -10.47
CA PRO D 26 105.50 20.49 -11.23
C PRO D 26 106.95 20.15 -10.91
N ILE D 27 107.24 19.77 -9.66
CA ILE D 27 108.61 19.41 -9.30
C ILE D 27 109.01 18.10 -9.95
N PHE D 28 108.16 17.07 -9.82
CA PHE D 28 108.44 15.80 -10.47
C PHE D 28 108.59 15.97 -11.99
N LYS D 29 107.81 16.88 -12.57
CA LYS D 29 107.93 17.13 -14.01
C LYS D 29 109.23 17.84 -14.33
N ALA D 30 109.70 18.72 -13.44
CA ALA D 30 110.99 19.38 -13.65
C ALA D 30 112.15 18.39 -13.54
N GLN D 31 112.06 17.43 -12.62
CA GLN D 31 113.13 16.47 -12.41
C GLN D 31 113.08 15.31 -13.40
N ASN D 32 111.92 15.06 -14.02
CA ASN D 32 111.75 13.98 -14.99
C ASN D 32 111.01 14.54 -16.20
N PRO D 33 111.69 15.34 -17.03
CA PRO D 33 111.00 16.01 -18.13
C PRO D 33 110.41 15.05 -19.16
N ASP D 34 110.94 13.84 -19.29
CA ASP D 34 110.48 12.93 -20.33
C ASP D 34 109.52 11.87 -19.83
N ALA D 35 109.46 11.64 -18.51
CA ALA D 35 108.54 10.66 -17.97
C ALA D 35 107.10 11.14 -18.13
N LYS D 36 106.19 10.19 -18.32
CA LYS D 36 104.78 10.53 -18.48
C LYS D 36 104.19 10.96 -17.14
N THR D 37 103.28 11.94 -17.20
CA THR D 37 102.67 12.46 -15.98
C THR D 37 102.02 11.35 -15.18
N THR D 38 101.44 10.35 -15.84
CA THR D 38 100.91 9.17 -15.17
C THR D 38 101.82 8.67 -14.07
N GLU D 39 103.04 8.27 -14.44
CA GLU D 39 103.96 7.67 -13.47
C GLU D 39 104.33 8.67 -12.37
N LEU D 40 104.42 9.96 -12.71
CA LEU D 40 104.73 10.96 -11.70
C LEU D 40 103.62 11.07 -10.67
N ILE D 41 102.37 11.03 -11.13
CA ILE D 41 101.23 11.05 -10.21
C ILE D 41 101.22 9.80 -9.35
N ARG D 42 101.55 8.64 -9.95
CA ARG D 42 101.64 7.41 -9.17
C ARG D 42 102.67 7.55 -8.05
N ARG D 43 103.89 7.97 -8.40
CA ARG D 43 104.94 8.12 -7.39
C ARG D 43 104.57 9.18 -6.37
N ILE D 44 103.79 10.19 -6.76
CA ILE D 44 103.34 11.19 -5.80
C ILE D 44 102.33 10.59 -4.84
N ALA D 45 101.47 9.69 -5.34
CA ALA D 45 100.52 9.01 -4.47
C ALA D 45 101.24 8.10 -3.48
N GLN D 46 102.27 7.39 -3.94
CA GLN D 46 103.06 6.59 -3.01
C GLN D 46 103.76 7.48 -1.98
N ARG D 47 104.26 8.63 -2.42
CA ARG D 47 104.81 9.61 -1.48
C ARG D 47 103.78 10.00 -0.44
N TRP D 48 102.53 10.20 -0.86
CA TRP D 48 101.48 10.58 0.09
C TRP D 48 101.19 9.44 1.07
N ARG D 49 101.13 8.20 0.58
CA ARG D 49 100.89 7.08 1.49
C ARG D 49 102.01 6.95 2.51
N GLU D 50 103.26 7.13 2.07
CA GLU D 50 104.39 7.06 2.99
C GLU D 50 104.49 8.30 3.87
N LEU D 51 103.80 9.38 3.52
CA LEU D 51 103.90 10.62 4.27
C LEU D 51 103.29 10.43 5.66
N PRO D 52 103.97 10.84 6.73
CA PRO D 52 103.41 10.66 8.07
C PRO D 52 102.09 11.38 8.23
N ASP D 53 101.21 10.79 9.05
CA ASP D 53 99.90 11.39 9.29
C ASP D 53 100.03 12.82 9.82
N SER D 54 101.07 13.10 10.60
CA SER D 54 101.25 14.45 11.12
C SER D 54 101.44 15.45 10.00
N LYS D 55 102.03 15.02 8.88
CA LYS D 55 102.20 15.92 7.73
C LYS D 55 100.89 16.08 6.97
N LYS D 56 100.13 15.00 6.81
CA LYS D 56 98.82 15.10 6.17
C LYS D 56 97.91 16.04 6.97
N LYS D 57 98.02 16.03 8.30
CA LYS D 57 97.14 16.83 9.13
C LYS D 57 97.20 18.30 8.76
N ILE D 58 98.38 18.79 8.37
CA ILE D 58 98.50 20.19 7.96
C ILE D 58 97.63 20.44 6.73
N TYR D 59 97.77 19.60 5.71
CA TYR D 59 96.93 19.72 4.52
C TYR D 59 95.46 19.65 4.88
N GLN D 60 95.11 18.79 5.83
CA GLN D 60 93.70 18.66 6.23
C GLN D 60 93.18 19.94 6.88
N ASP D 61 93.97 20.54 7.77
CA ASP D 61 93.56 21.79 8.39
C ASP D 61 93.40 22.89 7.35
N ALA D 62 94.39 23.04 6.46
CA ALA D 62 94.26 24.01 5.39
C ALA D 62 92.99 23.77 4.59
N TYR D 63 92.70 22.51 4.27
CA TYR D 63 91.48 22.20 3.54
C TYR D 63 90.24 22.62 4.32
N ARG D 64 90.26 22.46 5.65
CA ARG D 64 89.08 22.81 6.44
C ARG D 64 88.85 24.32 6.44
N ALA D 65 89.92 25.11 6.64
CA ALA D 65 89.77 26.55 6.56
C ALA D 65 89.29 26.97 5.18
N GLU D 66 89.89 26.40 4.12
CA GLU D 66 89.44 26.68 2.76
C GLU D 66 87.99 26.30 2.57
N TRP D 67 87.50 25.29 3.30
CA TRP D 67 86.09 24.92 3.21
C TRP D 67 85.21 25.92 3.93
N GLN D 68 85.70 26.53 5.02
CA GLN D 68 84.94 27.60 5.65
C GLN D 68 84.80 28.80 4.72
N VAL D 69 85.93 29.27 4.17
CA VAL D 69 85.85 30.40 3.25
C VAL D 69 85.04 30.03 2.02
N TYR D 70 85.07 28.75 1.62
CA TYR D 70 84.21 28.31 0.53
C TYR D 70 82.73 28.38 0.90
N LYS D 71 82.41 28.04 2.14
CA LYS D 71 81.03 28.17 2.60
C LYS D 71 80.57 29.62 2.50
N GLU D 72 81.38 30.54 3.01
CA GLU D 72 81.01 31.96 2.94
C GLU D 72 80.84 32.40 1.49
N GLU D 73 81.81 32.06 0.64
CA GLU D 73 81.80 32.52 -0.75
C GLU D 73 80.59 31.97 -1.49
N ILE D 74 80.32 30.67 -1.35
CA ILE D 74 79.20 30.06 -2.07
C ILE D 74 77.88 30.60 -1.54
N SER D 75 77.81 30.89 -0.24
CA SER D 75 76.57 31.47 0.31
C SER D 75 76.31 32.85 -0.29
N ARG D 76 77.28 33.75 -0.20
CA ARG D 76 77.09 35.09 -0.76
C ARG D 76 76.81 35.01 -2.25
N PHE D 77 77.49 34.11 -2.97
CA PHE D 77 77.29 34.00 -4.41
C PHE D 77 75.87 33.56 -4.73
N LYS D 78 75.41 32.47 -4.11
CA LYS D 78 74.06 31.99 -4.38
C LYS D 78 73.02 33.06 -4.02
N GLU D 79 73.21 33.74 -2.89
CA GLU D 79 72.28 34.82 -2.53
C GLU D 79 72.37 36.00 -3.49
N GLN D 80 73.47 36.14 -4.23
CA GLN D 80 73.66 37.27 -5.13
C GLN D 80 73.06 37.06 -6.52
N LEU D 81 72.76 35.82 -6.90
CA LEU D 81 72.31 35.54 -8.26
C LEU D 81 70.90 36.06 -8.51
N THR D 82 70.70 36.71 -9.65
CA THR D 82 69.38 37.15 -10.08
C THR D 82 68.62 35.98 -10.68
N PRO D 83 67.30 36.15 -10.89
CA PRO D 83 66.52 35.04 -11.46
C PRO D 83 67.01 34.57 -12.82
N SER D 84 67.31 35.49 -13.74
CA SER D 84 67.74 35.10 -15.08
C SER D 84 69.04 34.30 -15.02
N GLN D 85 69.96 34.68 -14.12
CA GLN D 85 71.22 33.96 -14.01
C GLN D 85 71.00 32.52 -13.54
N ILE D 86 70.02 32.32 -12.66
CA ILE D 86 69.68 30.96 -12.23
C ILE D 86 69.17 30.16 -13.42
N MET D 87 68.37 30.77 -14.29
CA MET D 87 67.85 30.07 -15.45
C MET D 87 68.96 29.70 -16.42
N SER D 88 69.88 30.63 -16.70
CA SER D 88 70.98 30.31 -17.61
C SER D 88 71.90 29.25 -17.01
N LEU D 89 72.10 29.30 -15.69
CA LEU D 89 72.89 28.27 -15.02
C LEU D 89 72.23 26.91 -15.15
N GLU D 90 70.91 26.84 -14.95
CA GLU D 90 70.22 25.57 -15.09
C GLU D 90 70.30 25.04 -16.51
N LYS D 91 70.18 25.93 -17.51
CA LYS D 91 70.29 25.49 -18.89
C LYS D 91 71.69 24.96 -19.19
N GLU D 92 72.72 25.67 -18.74
CA GLU D 92 74.08 25.21 -18.98
C GLU D 92 74.36 23.88 -18.29
N ILE D 93 73.81 23.69 -17.08
CA ILE D 93 73.99 22.44 -16.36
C ILE D 93 73.32 21.29 -17.11
N MET D 94 72.05 21.50 -17.51
CA MET D 94 71.34 20.47 -18.26
C MET D 94 72.10 20.10 -19.53
N ASP D 95 72.55 21.10 -20.29
CA ASP D 95 73.30 20.81 -21.50
C ASP D 95 74.57 20.04 -21.18
N LYS D 96 75.24 20.40 -20.09
CA LYS D 96 76.47 19.69 -19.70
C LYS D 96 76.19 18.21 -19.42
N HIS D 97 75.13 17.93 -18.65
CA HIS D 97 74.81 16.54 -18.34
C HIS D 97 74.41 15.76 -19.59
N LEU D 98 73.53 16.34 -20.42
CA LEU D 98 73.10 15.63 -21.62
C LEU D 98 74.26 15.36 -22.56
N LYS D 99 75.13 16.36 -22.76
CA LYS D 99 76.30 16.15 -23.61
C LYS D 99 77.24 15.11 -23.03
N ARG D 100 77.44 15.14 -21.72
CA ARG D 100 78.34 14.18 -21.08
C ARG D 100 77.80 12.75 -21.24
N LYS D 101 76.50 12.56 -21.04
CA LYS D 101 75.91 11.25 -21.24
C LYS D 101 76.03 10.82 -22.70
N ALA D 102 75.79 11.75 -23.64
CA ALA D 102 75.91 11.42 -25.05
C ALA D 102 77.32 10.95 -25.38
N MET D 103 78.33 11.66 -24.88
CA MET D 103 79.71 11.23 -25.10
C MET D 103 79.97 9.87 -24.48
N THR D 104 79.42 9.62 -23.29
CA THR D 104 79.61 8.31 -22.67
C THR D 104 79.03 7.20 -23.53
N LYS D 105 77.83 7.41 -24.08
CA LYS D 105 77.20 6.37 -24.88
C LYS D 105 77.94 6.18 -26.21
N LYS D 106 78.32 7.27 -26.87
CA LYS D 106 79.05 7.16 -28.12
C LYS D 106 80.36 6.44 -27.92
N LYS D 107 81.13 6.84 -26.91
CA LYS D 107 82.37 6.13 -26.60
C LYS D 107 82.11 4.66 -26.31
N GLU D 108 81.04 4.35 -25.58
CA GLU D 108 80.70 2.94 -25.35
C GLU D 108 80.53 2.21 -26.68
N LEU D 109 79.65 2.72 -27.54
CA LEU D 109 79.41 2.05 -28.82
C LEU D 109 80.69 1.91 -29.63
N THR D 110 81.63 2.84 -29.49
CA THR D 110 82.91 2.70 -30.18
C THR D 110 83.80 1.65 -29.52
N LEU D 111 83.70 1.51 -28.19
CA LEU D 111 84.55 0.60 -27.43
C LEU D 111 84.42 -0.84 -27.90
N LEU D 112 83.22 -1.25 -28.33
CA LEU D 112 83.03 -2.62 -28.80
C LEU D 112 84.01 -2.97 -29.92
N GLY D 113 84.35 -2.02 -30.77
CA GLY D 113 85.24 -2.31 -31.88
C GLY D 113 84.72 -3.40 -32.80
N LYS D 114 83.40 -3.47 -32.99
CA LYS D 114 82.82 -4.48 -33.86
C LYS D 114 83.43 -4.37 -35.25
N PRO D 115 83.53 -5.47 -35.98
CA PRO D 115 84.16 -5.44 -37.31
C PRO D 115 83.57 -4.34 -38.18
N LYS D 116 84.45 -3.62 -38.87
CA LYS D 116 84.01 -2.58 -39.80
C LYS D 116 83.09 -3.17 -40.86
N ARG D 117 82.09 -2.38 -41.25
CA ARG D 117 81.14 -2.77 -42.28
C ARG D 117 81.87 -3.06 -43.58
N PRO D 118 81.21 -3.69 -44.55
CA PRO D 118 81.89 -4.05 -45.80
C PRO D 118 82.26 -2.82 -46.61
N ARG D 119 83.40 -2.91 -47.30
CA ARG D 119 83.82 -1.85 -48.21
C ARG D 119 83.18 -2.04 -49.57
N SER D 120 82.61 -0.98 -50.11
CA SER D 120 81.98 -1.02 -51.42
C SER D 120 83.04 -0.94 -52.52
N ALA D 121 82.60 -1.20 -53.76
CA ALA D 121 83.50 -1.04 -54.90
C ALA D 121 83.99 0.39 -55.00
N TYR D 122 83.14 1.37 -54.65
CA TYR D 122 83.58 2.76 -54.65
C TYR D 122 84.61 3.03 -53.57
N ASN D 123 84.41 2.48 -52.37
CA ASN D 123 85.42 2.61 -51.32
C ASN D 123 86.75 2.01 -51.79
N VAL D 124 86.69 0.85 -52.43
CA VAL D 124 87.91 0.22 -52.94
C VAL D 124 88.57 1.13 -53.97
N TYR D 125 87.78 1.70 -54.89
CA TYR D 125 88.36 2.56 -55.92
C TYR D 125 89.00 3.81 -55.31
N VAL D 126 88.34 4.41 -54.31
CA VAL D 126 88.92 5.56 -53.63
C VAL D 126 90.23 5.17 -52.94
N ALA D 127 90.26 3.97 -52.34
CA ALA D 127 91.48 3.52 -51.67
C ALA D 127 92.61 3.26 -52.66
N GLU D 128 92.27 2.85 -53.89
CA GLU D 128 93.30 2.54 -54.87
C GLU D 128 93.79 3.78 -55.63
N ARG D 129 92.90 4.74 -55.89
CA ARG D 129 93.21 5.84 -56.78
C ARG D 129 93.31 7.20 -56.10
N PHE D 130 92.99 7.29 -54.81
CA PHE D 130 93.05 8.59 -54.13
C PHE D 130 94.44 9.19 -54.20
N GLN D 131 95.47 8.40 -53.91
CA GLN D 131 96.82 8.94 -53.78
C GLN D 131 97.28 9.63 -55.07
N GLU D 132 96.98 9.05 -56.22
CA GLU D 132 97.45 9.58 -57.50
C GLU D 132 96.50 10.61 -58.12
N ALA D 133 95.37 10.88 -57.49
CA ALA D 133 94.43 11.86 -58.03
C ALA D 133 94.95 13.27 -57.78
N LYS D 134 94.89 14.11 -58.81
CA LYS D 134 95.35 15.48 -58.68
C LYS D 134 94.37 16.31 -57.86
N GLY D 135 94.90 17.29 -57.13
CA GLY D 135 94.09 18.12 -56.26
C GLY D 135 94.88 18.70 -55.11
N ASP D 136 94.57 19.96 -54.75
CA ASP D 136 95.31 20.64 -53.70
C ASP D 136 94.90 20.19 -52.30
N SER D 137 93.77 19.52 -52.15
CA SER D 137 93.25 19.14 -50.84
C SER D 137 92.53 17.81 -50.97
N PRO D 138 92.28 17.13 -49.85
CA PRO D 138 91.54 15.86 -49.92
C PRO D 138 90.18 15.99 -50.56
N GLN D 139 89.51 17.13 -50.43
CA GLN D 139 88.21 17.32 -51.06
C GLN D 139 88.34 17.29 -52.58
N GLU D 140 89.33 18.01 -53.13
CA GLU D 140 89.49 18.05 -54.57
C GLU D 140 89.98 16.72 -55.13
N LYS D 141 90.85 16.03 -54.39
CA LYS D 141 91.31 14.71 -54.83
C LYS D 141 90.18 13.69 -54.77
N LEU D 142 89.29 13.82 -53.79
CA LEU D 142 88.14 12.92 -53.74
C LEU D 142 87.14 13.24 -54.84
N LYS D 143 86.99 14.51 -55.19
CA LYS D 143 86.15 14.86 -56.34
C LYS D 143 86.74 14.29 -57.63
N THR D 144 88.06 14.37 -57.78
CA THR D 144 88.71 13.76 -58.94
C THR D 144 88.45 12.25 -58.99
N VAL D 145 88.69 11.56 -57.87
CA VAL D 145 88.44 10.12 -57.84
C VAL D 145 86.98 9.82 -58.15
N LYS D 146 86.07 10.69 -57.68
CA LYS D 146 84.65 10.49 -57.96
C LYS D 146 84.36 10.62 -59.46
N GLU D 147 84.96 11.61 -60.11
CA GLU D 147 84.73 11.80 -61.54
C GLU D 147 85.30 10.63 -62.34
N ASN D 148 86.54 10.24 -62.04
CA ASN D 148 87.14 9.12 -62.76
C ASN D 148 86.39 7.83 -62.51
N TRP D 149 85.81 7.66 -61.32
CA TRP D 149 84.96 6.50 -61.07
C TRP D 149 83.69 6.56 -61.90
N LYS D 150 83.06 7.73 -61.97
CA LYS D 150 81.85 7.88 -62.78
C LYS D 150 82.13 7.67 -64.26
N ASN D 151 83.37 7.88 -64.70
CA ASN D 151 83.73 7.67 -66.09
C ASN D 151 84.26 6.27 -66.38
N LEU D 152 84.36 5.41 -65.38
CA LEU D 152 84.86 4.06 -65.58
C LEU D 152 83.85 3.21 -66.35
N SER D 153 84.38 2.27 -67.12
CA SER D 153 83.58 1.26 -67.81
C SER D 153 83.33 0.06 -66.89
N ASP D 154 82.48 -0.85 -67.36
CA ASP D 154 82.16 -2.03 -66.56
C ASP D 154 83.35 -2.99 -66.47
N SER D 155 84.20 -3.02 -67.49
CA SER D 155 85.34 -3.93 -67.47
C SER D 155 86.46 -3.41 -66.55
N GLU D 156 86.67 -2.09 -66.54
CA GLU D 156 87.69 -1.50 -65.68
C GLU D 156 87.37 -1.65 -64.19
N LYS D 157 86.12 -1.98 -63.85
CA LYS D 157 85.70 -2.07 -62.45
C LYS D 157 85.78 -3.48 -61.88
N GLU D 158 86.20 -4.46 -62.66
CA GLU D 158 86.09 -5.85 -62.23
C GLU D 158 86.92 -6.12 -60.99
N LEU D 159 88.15 -5.62 -60.95
CA LEU D 159 89.02 -5.88 -59.80
C LEU D 159 88.44 -5.27 -58.52
N TYR D 160 87.93 -4.03 -58.61
CA TYR D 160 87.38 -3.38 -57.43
C TYR D 160 86.15 -4.11 -56.92
N ILE D 161 85.30 -4.59 -57.83
CA ILE D 161 84.12 -5.36 -57.43
C ILE D 161 84.54 -6.67 -56.78
N GLN D 162 85.60 -7.29 -57.31
CA GLN D 162 86.10 -8.54 -56.73
C GLN D 162 86.57 -8.31 -55.30
N HIS D 163 87.41 -7.28 -55.09
CA HIS D 163 87.85 -6.96 -53.74
C HIS D 163 86.66 -6.65 -52.84
N ALA D 164 85.63 -6.01 -53.39
CA ALA D 164 84.43 -5.73 -52.62
C ALA D 164 83.77 -7.02 -52.15
N LYS D 165 83.64 -8.00 -53.04
CA LYS D 165 83.07 -9.29 -52.66
C LYS D 165 83.91 -9.96 -51.57
N GLU D 166 85.23 -9.96 -51.75
CA GLU D 166 86.09 -10.57 -50.73
C GLU D 166 85.89 -9.91 -49.38
N ASP D 167 85.76 -8.58 -49.35
CA ASP D 167 85.45 -7.91 -48.10
C ASP D 167 84.07 -8.26 -47.59
N GLU D 168 83.15 -8.62 -48.48
CA GLU D 168 81.84 -9.09 -48.05
C GLU D 168 81.95 -10.42 -47.30
N THR D 169 82.69 -11.37 -47.86
CA THR D 169 82.89 -12.64 -47.15
C THR D 169 83.61 -12.42 -45.83
N ARG D 170 84.67 -11.63 -45.84
CA ARG D 170 85.39 -11.30 -44.61
C ARG D 170 84.42 -10.76 -43.56
N TYR D 171 83.59 -9.78 -43.95
CA TYR D 171 82.64 -9.19 -43.01
C TYR D 171 81.65 -10.22 -42.51
N HIS D 172 81.22 -11.15 -43.38
CA HIS D 172 80.31 -12.21 -42.96
C HIS D 172 80.94 -13.04 -41.85
N ASN D 173 82.13 -13.59 -42.10
CA ASN D 173 82.78 -14.44 -41.11
C ASN D 173 83.03 -13.69 -39.81
N GLU D 174 83.71 -12.53 -39.91
CA GLU D 174 84.02 -11.77 -38.70
C GLU D 174 82.76 -11.35 -37.96
N MET D 175 81.66 -11.14 -38.67
CA MET D 175 80.40 -10.83 -38.01
C MET D 175 79.89 -12.04 -37.23
N LYS D 176 79.94 -13.23 -37.82
CA LYS D 176 79.57 -14.43 -37.08
C LYS D 176 80.40 -14.55 -35.81
N SER D 177 81.73 -14.52 -35.95
CA SER D 177 82.61 -14.71 -34.79
C SER D 177 82.37 -13.65 -33.74
N TRP D 178 82.32 -12.39 -34.15
CA TRP D 178 82.13 -11.30 -33.18
C TRP D 178 80.81 -11.46 -32.46
N GLU D 179 79.73 -11.67 -33.20
CA GLU D 179 78.41 -11.84 -32.56
C GLU D 179 78.43 -13.00 -31.57
N GLU D 180 79.16 -14.07 -31.89
CA GLU D 180 79.31 -15.16 -30.92
C GLU D 180 80.01 -14.66 -29.66
N GLN D 181 81.13 -13.95 -29.82
CA GLN D 181 81.84 -13.42 -28.66
C GLN D 181 80.96 -12.50 -27.82
N MET D 182 80.05 -11.77 -28.47
CA MET D 182 79.12 -10.94 -27.72
C MET D 182 78.09 -11.78 -27.00
N ILE D 183 77.69 -12.90 -27.60
CA ILE D 183 76.84 -13.85 -26.88
C ILE D 183 77.55 -14.32 -25.62
N GLU D 184 78.86 -14.55 -25.70
CA GLU D 184 79.62 -14.94 -24.52
C GLU D 184 79.49 -13.90 -23.41
N VAL D 185 79.60 -12.61 -23.76
CA VAL D 185 79.50 -11.55 -22.77
C VAL D 185 78.06 -11.23 -22.37
N GLY D 186 77.09 -11.95 -22.94
CA GLY D 186 75.70 -11.73 -22.57
C GLY D 186 75.10 -10.42 -23.04
N ARG D 187 75.46 -9.97 -24.24
CA ARG D 187 74.95 -8.73 -24.80
C ARG D 187 74.38 -8.96 -26.19
N LYS D 188 73.38 -9.85 -26.28
CA LYS D 188 72.77 -10.13 -27.58
C LYS D 188 72.00 -8.95 -28.13
N ASP D 189 71.83 -7.88 -27.35
CA ASP D 189 71.12 -6.70 -27.86
C ASP D 189 71.93 -5.98 -28.93
N LEU D 190 73.25 -6.12 -28.89
CA LEU D 190 74.12 -5.49 -29.88
C LEU D 190 74.21 -6.26 -31.18
N LEU D 191 73.69 -7.48 -31.21
CA LEU D 191 73.69 -8.30 -32.42
C LEU D 191 72.69 -7.74 -33.43
N ARG D 192 72.91 -8.10 -34.69
CA ARG D 192 71.94 -7.77 -35.72
C ARG D 192 70.62 -8.44 -35.40
N ARG D 193 69.52 -7.74 -35.67
CA ARG D 193 68.26 -8.04 -34.99
C ARG D 193 67.77 -9.44 -35.31
N THR D 194 67.85 -9.85 -36.58
CA THR D 194 67.29 -11.13 -36.98
C THR D 194 68.21 -11.89 -37.93
N TRP G 20 -13.96 74.26 -14.12
CA TRP G 20 -14.25 72.85 -13.89
C TRP G 20 -13.84 72.43 -12.48
N ALA G 21 -12.79 73.07 -11.95
CA ALA G 21 -12.42 72.84 -10.56
C ALA G 21 -13.60 73.14 -9.64
N LYS G 22 -14.51 74.01 -10.06
CA LYS G 22 -15.70 74.29 -9.25
C LYS G 22 -16.59 73.06 -9.13
N ILE G 23 -16.94 72.46 -10.27
CA ILE G 23 -17.83 71.30 -10.25
C ILE G 23 -17.13 70.10 -9.61
N LEU G 24 -15.87 69.87 -9.97
CA LEU G 24 -15.14 68.74 -9.39
C LEU G 24 -15.01 68.90 -7.88
N GLU G 25 -14.69 70.11 -7.42
CA GLU G 25 -14.59 70.35 -5.98
C GLU G 25 -15.93 70.20 -5.29
N LYS G 26 -17.02 70.61 -5.96
CA LYS G 26 -18.35 70.37 -5.40
C LYS G 26 -18.61 68.88 -5.21
N ASP G 27 -18.30 68.08 -6.24
CA ASP G 27 -18.46 66.63 -6.11
C ASP G 27 -17.61 66.08 -4.97
N LYS G 28 -16.36 66.55 -4.85
CA LYS G 28 -15.49 66.08 -3.79
C LYS G 28 -16.07 66.42 -2.41
N ARG G 29 -16.55 67.65 -2.25
CA ARG G 29 -17.14 68.04 -0.97
C ARG G 29 -18.35 67.18 -0.65
N THR G 30 -19.23 66.97 -1.63
CA THR G 30 -20.38 66.12 -1.41
C THR G 30 -19.96 64.71 -1.02
N GLN G 31 -18.89 64.20 -1.64
CA GLN G 31 -18.38 62.88 -1.29
C GLN G 31 -17.86 62.82 0.15
N GLN G 32 -17.15 63.87 0.58
CA GLN G 32 -16.64 63.90 1.94
C GLN G 32 -17.77 63.96 2.95
N MET G 33 -18.76 64.84 2.70
CA MET G 33 -19.94 64.89 3.56
C MET G 33 -20.63 63.53 3.59
N ARG G 34 -20.70 62.85 2.44
CA ARG G 34 -21.22 61.50 2.40
C ARG G 34 -20.42 60.57 3.29
N MET G 35 -19.10 60.77 3.36
CA MET G 35 -18.28 59.98 4.27
C MET G 35 -18.64 60.26 5.72
N GLN G 36 -18.91 61.53 6.04
CA GLN G 36 -19.39 61.84 7.39
C GLN G 36 -20.71 61.13 7.67
N ARG G 37 -21.62 61.15 6.70
CA ARG G 37 -22.88 60.41 6.85
C ARG G 37 -22.61 58.93 7.09
N LEU G 38 -21.58 58.39 6.43
CA LEU G 38 -21.22 57.00 6.67
C LEU G 38 -20.73 56.79 8.09
N LYS G 39 -19.98 57.75 8.64
CA LYS G 39 -19.55 57.64 10.03
C LYS G 39 -20.76 57.66 10.97
N ALA G 40 -21.73 58.54 10.70
CA ALA G 40 -22.93 58.57 11.52
C ALA G 40 -23.68 57.24 11.44
N LYS G 41 -23.83 56.70 10.23
CA LYS G 41 -24.51 55.42 10.07
C LYS G 41 -23.77 54.32 10.81
N LEU G 42 -22.45 54.38 10.83
CA LEU G 42 -21.68 53.40 11.60
C LEU G 42 -21.87 53.59 13.10
N GLN G 43 -22.07 54.82 13.55
CA GLN G 43 -22.33 55.06 14.97
C GLN G 43 -23.69 54.50 15.38
N MET G 44 -24.73 54.78 14.58
CA MET G 44 -26.05 54.22 14.86
C MET G 44 -26.28 52.94 14.07
N GLN G 116 -34.66 19.88 29.21
CA GLN G 116 -35.89 20.08 28.46
C GLN G 116 -35.61 20.43 27.00
N LEU G 117 -35.72 19.44 26.13
CA LEU G 117 -35.50 19.66 24.70
C LEU G 117 -36.77 20.19 24.04
N SER G 118 -36.58 20.99 23.00
CA SER G 118 -37.69 21.60 22.27
C SER G 118 -37.43 21.50 20.78
N GLY G 119 -38.52 21.47 20.01
CA GLY G 119 -38.38 21.40 18.56
C GLY G 119 -37.65 22.59 17.99
N GLN G 120 -38.02 23.80 18.44
CA GLN G 120 -37.32 24.99 17.98
C GLN G 120 -35.88 25.00 18.50
N GLN G 121 -35.67 24.55 19.75
CA GLN G 121 -34.32 24.43 20.27
C GLN G 121 -33.52 23.42 19.47
N GLN G 122 -34.14 22.31 19.08
CA GLN G 122 -33.46 21.35 18.21
C GLN G 122 -33.09 21.98 16.89
N ARG G 123 -33.98 22.79 16.31
CA ARG G 123 -33.68 23.45 15.05
C ARG G 123 -32.49 24.39 15.20
N LEU G 124 -32.48 25.21 16.24
CA LEU G 124 -31.39 26.16 16.43
C LEU G 124 -30.06 25.44 16.68
N LEU G 125 -30.06 24.48 17.60
CA LEU G 125 -28.82 23.75 17.89
C LEU G 125 -28.30 23.05 16.65
N ALA G 126 -29.18 22.38 15.90
CA ALA G 126 -28.76 21.77 14.64
C ALA G 126 -28.21 22.81 13.67
N PHE G 127 -28.75 24.02 13.69
CA PHE G 127 -28.21 25.08 12.83
C PHE G 127 -26.78 25.44 13.24
N PHE G 128 -26.55 25.65 14.54
CA PHE G 128 -25.23 26.04 15.00
C PHE G 128 -24.20 24.94 14.74
N LYS G 129 -24.52 23.71 15.13
CA LYS G 129 -23.63 22.59 14.84
C LYS G 129 -23.39 22.47 13.33
N CYS G 130 -24.42 22.72 12.52
CA CYS G 130 -24.25 22.65 11.08
C CYS G 130 -23.29 23.71 10.56
N CYS G 131 -23.30 24.91 11.17
CA CYS G 131 -22.42 25.97 10.70
C CYS G 131 -20.95 25.67 10.92
N LEU G 132 -20.62 24.75 11.85
CA LEU G 132 -19.23 24.40 12.04
C LEU G 132 -18.67 23.58 10.87
N LEU G 133 -19.52 22.78 10.22
CA LEU G 133 -19.05 21.96 9.11
C LEU G 133 -18.86 22.78 7.84
N THR G 134 -19.66 23.82 7.64
CA THR G 134 -19.49 24.72 6.50
C THR G 134 -18.54 25.88 6.80
N ASP G 135 -18.09 26.00 8.06
CA ASP G 135 -17.20 27.09 8.48
C ASP G 135 -17.82 28.45 8.21
N GLN G 136 -19.13 28.55 8.43
CA GLN G 136 -19.84 29.84 8.35
C GLN G 136 -20.05 30.41 9.75
N LEU G 137 -18.93 30.57 10.46
CA LEU G 137 -19.01 31.02 11.85
C LEU G 137 -19.63 32.40 12.01
N PRO G 138 -19.34 33.39 11.16
CA PRO G 138 -19.99 34.70 11.34
C PRO G 138 -21.50 34.63 11.26
N LEU G 139 -22.05 33.72 10.46
CA LEU G 139 -23.50 33.59 10.35
C LEU G 139 -24.10 33.07 11.66
N ALA G 140 -23.59 31.94 12.13
CA ALA G 140 -24.09 31.36 13.38
C ALA G 140 -23.88 32.33 14.55
N HIS G 141 -22.74 33.02 14.58
CA HIS G 141 -22.51 34.00 15.64
C HIS G 141 -23.49 35.16 15.54
N HIS G 142 -23.82 35.58 14.32
CA HIS G 142 -24.81 36.63 14.15
C HIS G 142 -26.15 36.20 14.72
N LEU G 143 -26.63 35.02 14.32
CA LEU G 143 -27.92 34.55 14.83
C LEU G 143 -27.89 34.40 16.35
N LEU G 144 -26.79 33.87 16.89
CA LEU G 144 -26.69 33.68 18.33
C LEU G 144 -26.71 35.02 19.06
N VAL G 145 -25.97 36.02 18.56
CA VAL G 145 -25.97 37.33 19.18
C VAL G 145 -27.37 37.94 19.14
N VAL G 146 -28.04 37.83 17.99
CA VAL G 146 -29.40 38.37 17.87
C VAL G 146 -30.32 37.73 18.89
N HIS G 147 -30.24 36.40 19.02
CA HIS G 147 -31.10 35.72 19.98
C HIS G 147 -30.77 36.13 21.41
N HIS G 148 -29.48 36.27 21.72
CA HIS G 148 -29.08 36.64 23.09
C HIS G 148 -29.56 38.03 23.44
N GLY G 149 -29.50 38.96 22.49
CA GLY G 149 -29.88 40.34 22.75
C GLY G 149 -31.37 40.56 22.99
N GLN G 150 -32.21 39.58 22.67
CA GLN G 150 -33.65 39.70 22.84
C GLN G 150 -34.09 38.99 24.11
N ARG G 151 -34.94 39.66 24.90
CA ARG G 151 -35.38 39.12 26.17
C ARG G 151 -36.00 37.74 26.01
N GLN G 152 -36.99 37.62 25.13
CA GLN G 152 -37.71 36.36 24.98
C GLN G 152 -36.92 35.29 24.23
N LYS G 153 -35.93 35.69 23.43
CA LYS G 153 -35.11 34.73 22.70
C LYS G 153 -33.95 34.20 23.51
N ARG G 154 -33.40 35.01 24.43
CA ARG G 154 -32.27 34.57 25.22
C ARG G 154 -32.57 33.27 25.96
N LYS G 155 -33.81 33.12 26.45
CA LYS G 155 -34.17 31.91 27.18
C LYS G 155 -34.11 30.67 26.29
N LEU G 156 -34.35 30.83 24.99
CA LEU G 156 -34.31 29.70 24.08
C LEU G 156 -32.90 29.14 23.90
N LEU G 157 -31.87 29.95 24.13
CA LEU G 157 -30.51 29.49 23.92
C LEU G 157 -30.10 28.53 25.04
N THR G 158 -29.13 27.67 24.71
CA THR G 158 -28.65 26.65 25.64
C THR G 158 -27.14 26.65 25.68
N LEU G 159 -26.59 26.23 26.82
CA LEU G 159 -25.14 26.17 26.99
C LEU G 159 -24.46 25.42 25.85
N ASP G 160 -25.13 24.41 25.30
CA ASP G 160 -24.53 23.63 24.21
C ASP G 160 -24.32 24.49 22.98
N MET G 161 -25.24 25.43 22.71
CA MET G 161 -25.12 26.30 21.55
C MET G 161 -23.95 27.26 21.71
N TYR G 162 -23.91 27.97 22.85
CA TYR G 162 -22.75 28.80 23.16
C TYR G 162 -21.46 28.01 23.01
N ASN G 163 -21.47 26.76 23.48
CA ASN G 163 -20.30 25.90 23.31
C ASN G 163 -20.01 25.63 21.84
N ALA G 164 -21.04 25.53 21.01
CA ALA G 164 -20.83 25.28 19.59
C ALA G 164 -20.13 26.47 18.94
N VAL G 165 -20.70 27.67 19.08
CA VAL G 165 -20.05 28.85 18.50
C VAL G 165 -18.66 29.03 19.08
N MET G 166 -18.51 28.79 20.39
CA MET G 166 -17.20 28.90 21.04
C MET G 166 -16.19 27.96 20.40
N LEU G 167 -16.60 26.72 20.13
CA LEU G 167 -15.69 25.78 19.49
C LEU G 167 -15.39 26.20 18.06
N GLY G 168 -16.34 26.83 17.38
CA GLY G 168 -16.06 27.34 16.04
C GLY G 168 -14.99 28.41 16.06
N TRP G 169 -15.12 29.39 16.96
CA TRP G 169 -14.11 30.45 17.04
C TRP G 169 -12.77 29.89 17.51
N ALA G 170 -12.80 28.93 18.45
CA ALA G 170 -11.55 28.29 18.87
C ALA G 170 -10.86 27.62 17.69
N ARG G 171 -11.62 26.94 16.83
CA ARG G 171 -11.04 26.33 15.65
C ARG G 171 -10.52 27.38 14.68
N GLN G 172 -11.17 28.54 14.61
CA GLN G 172 -10.69 29.62 13.76
C GLN G 172 -9.63 30.50 14.43
N GLY G 173 -9.46 30.38 15.75
CA GLY G 173 -8.49 31.19 16.45
C GLY G 173 -8.93 32.61 16.75
N ALA G 174 -10.24 32.87 16.78
CA ALA G 174 -10.76 34.21 17.06
C ALA G 174 -10.85 34.36 18.58
N PHE G 175 -9.73 34.77 19.19
CA PHE G 175 -9.69 34.89 20.64
C PHE G 175 -10.65 35.97 21.14
N LYS G 176 -10.73 37.10 20.43
CA LYS G 176 -11.62 38.18 20.86
C LYS G 176 -13.07 37.75 20.78
N GLU G 177 -13.47 37.08 19.70
CA GLU G 177 -14.85 36.65 19.56
C GLU G 177 -15.18 35.53 20.54
N LEU G 178 -14.24 34.62 20.77
CA LEU G 178 -14.45 33.60 21.80
C LEU G 178 -14.65 34.23 23.16
N VAL G 179 -13.84 35.23 23.50
CA VAL G 179 -14.03 35.95 24.76
C VAL G 179 -15.39 36.63 24.80
N TYR G 180 -15.83 37.16 23.66
CA TYR G 180 -17.15 37.78 23.59
C TYR G 180 -18.24 36.75 23.88
N VAL G 181 -18.07 35.53 23.35
CA VAL G 181 -19.04 34.47 23.59
C VAL G 181 -19.05 34.09 25.07
N LEU G 182 -17.87 33.97 25.67
CA LEU G 182 -17.81 33.74 27.12
C LEU G 182 -18.53 34.84 27.86
N PHE G 183 -18.43 36.08 27.37
CA PHE G 183 -19.16 37.18 27.98
C PHE G 183 -20.66 36.96 27.89
N MET G 184 -21.15 36.51 26.73
CA MET G 184 -22.57 36.19 26.62
C MET G 184 -22.98 35.09 27.59
N VAL G 185 -22.14 34.06 27.74
CA VAL G 185 -22.44 32.98 28.67
C VAL G 185 -22.56 33.51 30.09
N LYS G 186 -21.59 34.33 30.51
CA LYS G 186 -21.62 34.86 31.87
C LYS G 186 -22.80 35.81 32.07
N ASP G 187 -23.13 36.61 31.06
CA ASP G 187 -24.25 37.54 31.18
C ASP G 187 -25.56 36.79 31.28
N ALA G 188 -25.71 35.71 30.52
CA ALA G 188 -26.87 34.83 30.66
C ALA G 188 -26.83 33.98 31.91
N GLY G 189 -25.82 34.16 32.78
CA GLY G 189 -25.74 33.36 33.98
C GLY G 189 -25.33 31.94 33.63
N LEU G 190 -25.97 30.97 34.28
CA LEU G 190 -25.68 29.58 33.98
C LEU G 190 -24.22 29.27 34.29
N THR G 191 -23.71 28.13 33.83
CA THR G 191 -22.36 27.76 34.21
C THR G 191 -21.55 27.25 33.02
N PRO G 192 -20.29 27.65 32.93
CA PRO G 192 -19.41 27.11 31.89
C PRO G 192 -19.03 25.67 32.19
N ASP G 193 -18.63 24.95 31.16
CA ASP G 193 -18.38 23.52 31.32
C ASP G 193 -17.06 23.09 30.67
N LEU G 194 -16.83 21.79 30.75
CA LEU G 194 -15.61 21.19 30.20
C LEU G 194 -15.42 21.54 28.74
N LEU G 195 -16.51 21.54 27.97
CA LEU G 195 -16.38 21.88 26.55
C LEU G 195 -15.98 23.34 26.37
N SER G 196 -16.49 24.23 27.24
CA SER G 196 -16.10 25.63 27.18
C SER G 196 -14.60 25.78 27.45
N TYR G 197 -14.11 25.19 28.54
CA TYR G 197 -12.68 25.29 28.83
C TYR G 197 -11.83 24.62 27.77
N ALA G 198 -12.35 23.56 27.14
CA ALA G 198 -11.63 22.92 26.05
C ALA G 198 -11.55 23.83 24.83
N ALA G 199 -12.61 24.60 24.57
CA ALA G 199 -12.56 25.57 23.49
C ALA G 199 -11.56 26.67 23.79
N ALA G 200 -11.58 27.20 25.01
CA ALA G 200 -10.61 28.21 25.38
C ALA G 200 -9.19 27.70 25.21
N LEU G 201 -8.92 26.50 25.74
CA LEU G 201 -7.58 25.90 25.59
C LEU G 201 -7.23 25.71 24.12
N GLN G 202 -8.22 25.36 23.30
CA GLN G 202 -7.95 25.20 21.87
C GLN G 202 -7.55 26.51 21.22
N CYS G 203 -8.24 27.60 21.56
CA CYS G 203 -7.89 28.89 20.99
C CYS G 203 -6.54 29.37 21.47
N MET G 204 -6.21 29.13 22.74
CA MET G 204 -4.92 29.56 23.26
C MET G 204 -3.78 28.75 22.65
N GLY G 205 -3.97 27.43 22.50
CA GLY G 205 -2.95 26.62 21.87
C GLY G 205 -2.76 26.97 20.40
N ARG G 206 -3.87 27.12 19.68
CA ARG G 206 -3.77 27.48 18.26
C ARG G 206 -3.13 28.85 18.07
N GLN G 207 -3.45 29.80 18.94
CA GLN G 207 -2.87 31.14 18.87
C GLN G 207 -1.56 31.26 19.65
N ASP G 208 -1.13 30.20 20.33
CA ASP G 208 0.11 30.19 21.10
C ASP G 208 0.13 31.33 22.13
N GLN G 209 -0.83 31.28 23.05
CA GLN G 209 -0.91 32.26 24.11
C GLN G 209 0.23 32.05 25.11
N ASP G 210 0.41 33.03 25.99
CA ASP G 210 1.50 32.99 26.95
C ASP G 210 1.22 31.99 28.06
N ALA G 211 2.31 31.46 28.64
CA ALA G 211 2.20 30.54 29.75
C ALA G 211 1.54 31.18 30.97
N GLY G 212 1.56 32.51 31.06
CA GLY G 212 0.83 33.16 32.12
C GLY G 212 -0.67 33.04 31.96
N THR G 213 -1.17 33.25 30.74
CA THR G 213 -2.60 33.12 30.48
C THR G 213 -3.04 31.67 30.54
N ILE G 214 -2.24 30.76 29.97
CA ILE G 214 -2.59 29.34 30.01
C ILE G 214 -2.57 28.84 31.45
N GLU G 215 -1.51 29.17 32.19
CA GLU G 215 -1.42 28.80 33.60
C GLU G 215 -2.61 29.34 34.39
N ARG G 216 -2.94 30.62 34.17
CA ARG G 216 -4.07 31.22 34.89
C ARG G 216 -5.37 30.50 34.54
N CYS G 217 -5.52 30.07 33.28
CA CYS G 217 -6.73 29.33 32.90
C CYS G 217 -6.78 27.96 33.57
N LEU G 218 -5.63 27.27 33.66
CA LEU G 218 -5.61 25.97 34.29
C LEU G 218 -5.85 26.07 35.79
N GLU G 219 -5.46 27.18 36.42
CA GLU G 219 -5.69 27.32 37.85
C GLU G 219 -7.10 27.81 38.17
N GLN G 220 -7.71 28.60 37.26
CA GLN G 220 -9.12 28.89 37.41
C GLN G 220 -9.97 27.64 37.18
N MET G 221 -9.53 26.77 36.26
CA MET G 221 -10.22 25.50 36.07
C MET G 221 -10.04 24.60 37.29
N SER G 222 -8.85 24.61 37.89
CA SER G 222 -8.65 23.82 39.10
C SER G 222 -9.46 24.37 40.27
N GLN G 223 -9.64 25.69 40.33
CA GLN G 223 -10.46 26.27 41.40
C GLN G 223 -11.94 25.99 41.18
N GLU G 224 -12.38 25.91 39.93
CA GLU G 224 -13.78 25.59 39.65
C GLU G 224 -14.14 24.15 39.96
N GLY G 225 -13.17 23.27 40.18
CA GLY G 225 -13.45 21.89 40.52
C GLY G 225 -13.50 20.93 39.35
N LEU G 226 -13.25 21.40 38.15
CA LEU G 226 -13.29 20.56 36.95
C LEU G 226 -12.02 19.71 36.85
N LYS G 227 -12.17 18.56 36.18
CA LYS G 227 -11.09 17.58 36.11
C LYS G 227 -10.36 17.70 34.77
N LEU G 228 -9.04 17.65 34.84
CA LEU G 228 -8.24 17.76 33.61
C LEU G 228 -8.44 16.56 32.70
N GLN G 229 -8.49 15.36 33.28
CA GLN G 229 -8.60 14.13 32.51
C GLN G 229 -10.02 13.88 32.00
N ALA G 230 -11.03 14.45 32.65
CA ALA G 230 -12.40 14.29 32.16
C ALA G 230 -12.62 15.04 30.86
N LEU G 231 -11.72 15.96 30.50
CA LEU G 231 -11.89 16.72 29.27
C LEU G 231 -11.68 15.84 28.04
N PHE G 232 -10.59 15.08 28.03
CA PHE G 232 -10.28 14.24 26.88
C PHE G 232 -11.20 13.03 26.77
N THR G 233 -11.89 12.66 27.85
CA THR G 233 -12.72 11.46 27.85
C THR G 233 -14.21 11.77 27.68
N ALA G 234 -14.72 12.77 28.39
CA ALA G 234 -16.16 13.04 28.38
C ALA G 234 -16.60 13.94 27.24
N VAL G 235 -15.68 14.68 26.63
CA VAL G 235 -16.00 15.64 25.58
C VAL G 235 -15.75 15.00 24.23
N LEU G 236 -16.71 15.14 23.32
CA LEU G 236 -16.57 14.64 21.95
C LEU G 236 -15.79 15.64 21.13
N LEU G 237 -14.54 15.31 20.81
CA LEU G 237 -13.66 16.19 20.07
C LEU G 237 -12.98 15.41 18.95
N SER G 238 -12.67 16.10 17.86
CA SER G 238 -11.93 15.48 16.78
C SER G 238 -10.46 15.34 17.17
N GLU G 239 -9.72 14.60 16.34
CA GLU G 239 -8.28 14.44 16.59
C GLU G 239 -7.54 15.78 16.50
N GLU G 240 -8.09 16.75 15.77
CA GLU G 240 -7.48 18.06 15.73
C GLU G 240 -7.71 18.82 17.02
N ASP G 241 -8.94 18.77 17.56
CA ASP G 241 -9.20 19.39 18.85
C ASP G 241 -8.36 18.75 19.94
N ARG G 242 -8.25 17.42 19.93
CA ARG G 242 -7.40 16.74 20.92
C ARG G 242 -5.96 17.18 20.77
N ALA G 243 -5.45 17.24 19.53
CA ALA G 243 -4.06 17.62 19.31
C ALA G 243 -3.80 19.04 19.79
N THR G 244 -4.70 19.97 19.49
CA THR G 244 -4.50 21.35 19.90
C THR G 244 -4.60 21.50 21.41
N VAL G 245 -5.55 20.82 22.04
CA VAL G 245 -5.66 20.90 23.49
C VAL G 245 -4.42 20.32 24.16
N LEU G 246 -3.89 19.21 23.61
CA LEU G 246 -2.64 18.66 24.12
C LEU G 246 -1.49 19.65 23.96
N LYS G 247 -1.44 20.33 22.81
CA LYS G 247 -0.39 21.32 22.60
C LYS G 247 -0.50 22.46 23.61
N ALA G 248 -1.72 22.85 23.97
CA ALA G 248 -1.90 23.91 24.96
C ALA G 248 -1.49 23.43 26.35
N VAL G 249 -1.86 22.20 26.71
CA VAL G 249 -1.54 21.70 28.04
C VAL G 249 -0.03 21.50 28.20
N HIS G 250 0.64 20.99 27.16
CA HIS G 250 2.06 20.72 27.25
C HIS G 250 2.91 21.97 27.42
N LYS G 251 2.32 23.17 27.34
CA LYS G 251 3.08 24.39 27.55
C LYS G 251 3.25 24.71 29.02
N VAL G 252 2.28 24.37 29.85
CA VAL G 252 2.34 24.60 31.29
C VAL G 252 2.69 23.32 32.05
N LYS G 253 2.00 22.23 31.73
CA LYS G 253 2.27 20.91 32.30
C LYS G 253 2.88 20.02 31.22
N PRO G 254 4.20 20.07 31.01
CA PRO G 254 4.79 19.27 29.93
C PRO G 254 4.78 17.78 30.20
N THR G 255 4.73 17.37 31.47
CA THR G 255 4.70 15.96 31.84
C THR G 255 3.27 15.49 32.13
N PHE G 256 2.35 15.82 31.23
CA PHE G 256 0.95 15.41 31.33
C PHE G 256 0.69 14.36 30.25
N SER G 257 0.41 13.13 30.69
CA SER G 257 0.23 12.00 29.78
C SER G 257 -1.20 11.49 29.89
N LEU G 258 -1.81 11.19 28.74
CA LEU G 258 -3.12 10.59 28.72
C LEU G 258 -3.06 9.18 29.32
N PRO G 259 -4.20 8.66 29.76
CA PRO G 259 -4.22 7.32 30.36
C PRO G 259 -3.67 6.29 29.39
N PRO G 260 -2.93 5.30 29.88
CA PRO G 260 -2.37 4.27 28.99
C PRO G 260 -3.47 3.46 28.33
N GLN G 261 -3.46 3.46 27.00
CA GLN G 261 -4.47 2.78 26.19
C GLN G 261 -3.78 2.19 24.95
N LEU G 262 -4.47 1.29 24.27
CA LEU G 262 -5.84 0.90 24.59
C LEU G 262 -5.94 -0.62 24.75
N PRO G 263 -5.90 -1.11 25.99
CA PRO G 263 -6.03 -2.55 26.21
C PRO G 263 -7.49 -2.97 26.18
N PRO G 264 -7.89 -3.77 25.20
CA PRO G 264 -9.30 -4.13 25.06
C PRO G 264 -9.66 -5.27 25.99
N PRO G 265 -10.86 -5.24 26.59
CA PRO G 265 -11.29 -6.31 27.48
C PRO G 265 -12.06 -7.39 26.74
N VAL G 266 -11.91 -8.62 27.24
CA VAL G 266 -12.53 -9.80 26.64
C VAL G 266 -13.85 -10.11 27.35
N ASN G 267 -14.80 -10.62 26.59
CA ASN G 267 -16.10 -10.98 27.16
C ASN G 267 -15.97 -12.25 27.99
N THR G 268 -16.52 -12.22 29.19
CA THR G 268 -16.46 -13.36 30.12
C THR G 268 -17.81 -14.06 30.24
N SER G 269 -18.71 -13.85 29.28
CA SER G 269 -20.01 -14.48 29.33
C SER G 269 -19.88 -16.00 29.45
N LYS G 270 -20.85 -16.61 30.12
CA LYS G 270 -20.84 -18.06 30.29
C LYS G 270 -20.72 -18.78 28.96
N LEU G 271 -21.48 -18.34 27.95
CA LEU G 271 -21.54 -19.03 26.67
C LEU G 271 -20.49 -18.57 25.67
N LEU G 272 -19.94 -17.37 25.83
CA LEU G 272 -18.90 -16.87 24.94
C LEU G 272 -17.49 -17.11 25.49
N ARG G 273 -17.39 -17.61 26.72
CA ARG G 273 -16.09 -17.84 27.35
C ARG G 273 -15.20 -18.70 26.45
N ASP G 274 -15.69 -19.87 26.06
CA ASP G 274 -14.91 -20.73 25.17
C ASP G 274 -14.85 -20.20 23.74
N VAL G 275 -15.57 -19.12 23.44
CA VAL G 275 -15.47 -18.49 22.13
C VAL G 275 -14.29 -17.52 22.08
N TYR G 276 -14.04 -16.81 23.18
CA TYR G 276 -12.94 -15.84 23.21
C TYR G 276 -11.71 -16.32 23.97
N ALA G 277 -11.81 -17.42 24.71
CA ALA G 277 -10.65 -17.91 25.46
C ALA G 277 -9.55 -18.36 24.50
N LYS G 278 -8.31 -17.99 24.84
CA LYS G 278 -7.17 -18.39 24.02
C LYS G 278 -6.88 -19.88 24.11
N ASP G 279 -7.32 -20.54 25.19
CA ASP G 279 -7.08 -21.96 25.37
C ASP G 279 -7.91 -22.75 24.36
N GLY G 280 -7.25 -23.26 23.33
CA GLY G 280 -7.91 -24.03 22.29
C GLY G 280 -7.23 -23.80 20.95
N ARG G 281 -7.33 -24.82 20.08
CA ARG G 281 -6.74 -24.78 18.76
C ARG G 281 -7.73 -24.14 17.78
N VAL G 282 -7.42 -22.94 17.32
CA VAL G 282 -8.27 -22.22 16.38
C VAL G 282 -7.77 -22.49 14.96
N SER G 283 -8.71 -22.58 14.02
CA SER G 283 -8.40 -22.80 12.62
C SER G 283 -9.29 -21.91 11.75
N TYR G 284 -9.26 -20.62 12.04
CA TYR G 284 -10.11 -19.68 11.32
C TYR G 284 -9.86 -19.77 9.82
N PRO G 285 -10.90 -19.78 9.00
CA PRO G 285 -10.70 -19.93 7.55
C PRO G 285 -10.20 -18.65 6.91
N LYS G 286 -9.58 -18.82 5.75
CA LYS G 286 -9.06 -17.71 4.96
C LYS G 286 -9.74 -17.69 3.60
N LEU G 287 -9.74 -16.51 2.99
CA LEU G 287 -10.33 -16.34 1.67
C LEU G 287 -9.41 -16.89 0.59
N HIS G 288 -10.01 -17.17 -0.58
CA HIS G 288 -9.25 -17.68 -1.72
C HIS G 288 -8.55 -16.58 -2.50
N LEU G 289 -8.84 -15.31 -2.21
CA LEU G 289 -8.26 -14.19 -2.94
C LEU G 289 -6.97 -13.72 -2.28
N PRO G 290 -5.97 -13.36 -3.08
CA PRO G 290 -4.71 -12.88 -2.52
C PRO G 290 -4.85 -11.46 -1.97
N LEU G 291 -3.82 -11.01 -1.27
CA LEU G 291 -3.85 -9.70 -0.64
C LEU G 291 -4.05 -8.60 -1.68
N LYS G 292 -3.27 -8.63 -2.75
CA LYS G 292 -3.40 -7.60 -3.77
C LYS G 292 -4.77 -7.61 -4.42
N THR G 293 -5.34 -8.80 -4.62
CA THR G 293 -6.70 -8.89 -5.16
C THR G 293 -7.70 -8.24 -4.21
N LEU G 294 -7.60 -8.56 -2.91
CA LEU G 294 -8.49 -7.95 -1.94
C LEU G 294 -8.31 -6.45 -1.88
N GLN G 295 -7.09 -5.95 -2.14
CA GLN G 295 -6.88 -4.51 -2.16
C GLN G 295 -7.52 -3.88 -3.40
N CYS G 296 -7.44 -4.57 -4.54
CA CYS G 296 -8.10 -4.04 -5.74
C CYS G 296 -9.62 -4.00 -5.55
N LEU G 297 -10.20 -5.08 -4.99
CA LEU G 297 -11.63 -5.08 -4.72
C LEU G 297 -12.00 -4.01 -3.70
N PHE G 298 -11.16 -3.83 -2.68
CA PHE G 298 -11.42 -2.77 -1.69
C PHE G 298 -11.41 -1.41 -2.35
N GLU G 299 -10.50 -1.19 -3.31
CA GLU G 299 -10.47 0.08 -4.02
C GLU G 299 -11.70 0.24 -4.90
N LYS G 300 -12.17 -0.84 -5.51
CA LYS G 300 -13.38 -0.77 -6.32
C LYS G 300 -14.58 -0.41 -5.47
N GLN G 301 -14.73 -1.07 -4.32
CA GLN G 301 -15.84 -0.75 -3.42
C GLN G 301 -15.74 0.68 -2.91
N LEU G 302 -14.53 1.11 -2.55
CA LEU G 302 -14.35 2.49 -2.10
C LEU G 302 -14.75 3.48 -3.17
N HIS G 303 -14.37 3.22 -4.43
CA HIS G 303 -14.78 4.10 -5.52
C HIS G 303 -16.28 4.10 -5.68
N MET G 304 -16.91 2.93 -5.59
CA MET G 304 -18.36 2.85 -5.74
C MET G 304 -19.06 3.65 -4.66
N GLU G 305 -18.60 3.53 -3.41
CA GLU G 305 -19.25 4.26 -2.32
C GLU G 305 -18.98 5.75 -2.41
N LEU G 306 -17.78 6.14 -2.87
CA LEU G 306 -17.49 7.55 -3.07
C LEU G 306 -18.38 8.15 -4.15
N ALA G 307 -18.67 7.39 -5.20
CA ALA G 307 -19.56 7.88 -6.25
C ALA G 307 -21.01 7.89 -5.80
N SER G 308 -21.36 7.05 -4.83
CA SER G 308 -22.71 6.93 -4.28
C SER G 308 -23.71 6.34 -5.27
N ARG G 309 -23.28 6.02 -6.48
CA ARG G 309 -24.17 5.47 -7.50
C ARG G 309 -23.54 4.23 -8.12
N VAL G 310 -24.40 3.32 -8.59
CA VAL G 310 -23.98 2.11 -9.28
C VAL G 310 -24.79 2.01 -10.56
N CYS G 311 -24.10 1.91 -11.69
CA CYS G 311 -24.74 1.79 -12.99
C CYS G 311 -24.63 0.34 -13.44
N VAL G 312 -25.78 -0.30 -13.64
CA VAL G 312 -25.86 -1.70 -14.02
C VAL G 312 -26.57 -1.80 -15.36
N VAL G 313 -26.12 -2.72 -16.20
CA VAL G 313 -26.74 -2.92 -17.50
C VAL G 313 -28.03 -3.71 -17.31
N SER G 314 -29.10 -3.23 -17.94
CA SER G 314 -30.38 -3.89 -17.81
C SER G 314 -30.37 -5.24 -18.51
N VAL G 315 -31.12 -6.19 -17.95
CA VAL G 315 -31.24 -7.51 -18.54
C VAL G 315 -32.45 -7.52 -19.47
N GLU G 316 -32.88 -6.33 -19.88
CA GLU G 316 -34.06 -6.17 -20.72
C GLU G 316 -33.66 -5.62 -22.09
N LYS G 317 -34.61 -4.97 -22.76
CA LYS G 317 -34.35 -4.24 -24.00
C LYS G 317 -33.77 -5.18 -25.06
N PRO G 318 -34.42 -6.29 -25.37
CA PRO G 318 -33.88 -7.20 -26.40
C PRO G 318 -34.09 -6.66 -27.81
N THR G 319 -35.28 -6.12 -28.06
CA THR G 319 -35.61 -5.48 -29.33
C THR G 319 -35.74 -3.98 -29.13
N LEU G 320 -35.52 -3.23 -30.21
CA LEU G 320 -35.57 -1.78 -30.13
C LEU G 320 -36.01 -1.18 -31.46
N PRO G 321 -36.93 -0.22 -31.46
CA PRO G 321 -37.31 0.44 -32.71
C PRO G 321 -36.18 1.33 -33.22
N SER G 322 -36.15 1.49 -34.55
CA SER G 322 -35.05 2.23 -35.17
C SER G 322 -35.20 3.74 -34.99
N LYS G 323 -36.40 4.27 -35.17
CA LYS G 323 -36.65 5.71 -35.08
C LYS G 323 -37.21 6.13 -33.73
N GLU G 324 -38.11 5.34 -33.15
CA GLU G 324 -38.80 5.75 -31.93
C GLU G 324 -37.82 5.93 -30.78
N VAL G 325 -37.02 4.90 -30.50
CA VAL G 325 -36.07 4.98 -29.39
C VAL G 325 -35.06 6.10 -29.62
N LYS G 326 -34.59 6.25 -30.86
CA LYS G 326 -33.65 7.33 -31.16
C LYS G 326 -34.25 8.70 -30.82
N HIS G 327 -35.44 8.99 -31.35
CA HIS G 327 -36.06 10.29 -31.11
C HIS G 327 -36.32 10.51 -29.63
N ALA G 328 -36.92 9.52 -28.97
CA ALA G 328 -37.21 9.66 -27.54
C ALA G 328 -35.93 9.84 -26.72
N ARG G 329 -34.83 9.23 -27.15
CA ARG G 329 -33.58 9.40 -26.43
C ARG G 329 -33.02 10.81 -26.62
N LYS G 330 -33.07 11.33 -27.84
CA LYS G 330 -32.64 12.71 -28.06
C LYS G 330 -33.45 13.68 -27.23
N THR G 331 -34.79 13.53 -27.27
CA THR G 331 -35.66 14.40 -26.50
C THR G 331 -35.39 14.28 -25.00
N LEU G 332 -35.18 13.05 -24.52
CA LEU G 332 -34.94 12.85 -23.10
C LEU G 332 -33.61 13.46 -22.66
N LYS G 333 -32.58 13.36 -23.51
CA LYS G 333 -31.30 13.96 -23.17
C LYS G 333 -31.41 15.47 -23.11
N THR G 334 -32.04 16.07 -24.12
CA THR G 334 -32.24 17.51 -24.10
C THR G 334 -33.01 17.95 -22.86
N LEU G 335 -34.13 17.25 -22.57
CA LEU G 335 -34.93 17.59 -21.40
C LEU G 335 -34.12 17.45 -20.11
N ARG G 336 -33.22 16.46 -20.06
CA ARG G 336 -32.41 16.30 -18.86
C ARG G 336 -31.38 17.40 -18.71
N ASP G 337 -30.83 17.89 -19.83
CA ASP G 337 -29.96 19.07 -19.74
C ASP G 337 -30.74 20.28 -19.25
N GLN G 338 -31.93 20.49 -19.79
CA GLN G 338 -32.75 21.63 -19.36
C GLN G 338 -33.08 21.53 -17.87
N TRP G 339 -33.46 20.34 -17.40
CA TRP G 339 -33.76 20.16 -15.99
C TRP G 339 -32.52 20.34 -15.13
N GLU G 340 -31.35 19.93 -15.63
CA GLU G 340 -30.11 20.14 -14.88
C GLU G 340 -29.85 21.62 -14.69
N LYS G 341 -29.87 22.39 -15.78
CA LYS G 341 -29.63 23.83 -15.67
C LYS G 341 -30.68 24.50 -14.78
N ALA G 342 -31.97 24.21 -15.03
CA ALA G 342 -33.03 24.82 -14.25
C ALA G 342 -32.88 24.49 -12.77
N LEU G 343 -32.47 23.26 -12.46
CA LEU G 343 -32.29 22.88 -11.07
C LEU G 343 -31.08 23.57 -10.44
N CYS G 344 -30.03 23.78 -11.22
CA CYS G 344 -28.89 24.55 -10.71
C CYS G 344 -29.30 25.97 -10.36
N ARG G 345 -29.96 26.66 -11.32
CA ARG G 345 -30.40 28.02 -11.06
C ARG G 345 -31.34 28.08 -9.86
N ALA G 346 -32.33 27.18 -9.83
CA ALA G 346 -33.27 27.17 -8.72
C ALA G 346 -32.57 26.92 -7.39
N LEU G 347 -31.55 26.05 -7.39
CA LEU G 347 -30.81 25.79 -6.17
C LEU G 347 -30.06 27.02 -5.70
N ARG G 348 -29.39 27.73 -6.62
CA ARG G 348 -28.67 28.93 -6.23
C ARG G 348 -29.63 30.00 -5.73
N GLU G 349 -30.77 30.16 -6.40
CA GLU G 349 -31.76 31.15 -5.95
C GLU G 349 -32.31 30.79 -4.58
N THR G 350 -32.56 29.51 -4.33
CA THR G 350 -33.06 29.09 -3.03
C THR G 350 -32.02 29.33 -1.93
N LYS G 351 -30.76 28.98 -2.20
CA LYS G 351 -29.70 29.25 -1.23
C LYS G 351 -29.60 30.75 -0.95
N ASN G 352 -29.80 31.59 -1.98
CA ASN G 352 -29.78 33.02 -1.77
C ASN G 352 -30.95 33.46 -0.89
N ARG G 353 -32.16 32.97 -1.19
CA ARG G 353 -33.32 33.32 -0.38
C ARG G 353 -33.11 32.95 1.08
N LEU G 354 -32.70 31.71 1.33
CA LEU G 354 -32.46 31.28 2.71
C LEU G 354 -31.35 32.10 3.35
N GLU G 355 -30.33 32.46 2.57
CA GLU G 355 -29.25 33.29 3.10
C GLU G 355 -29.78 34.64 3.59
N ARG G 356 -30.63 35.28 2.78
CA ARG G 356 -31.25 36.52 3.21
C ARG G 356 -32.16 36.30 4.41
N GLU G 357 -32.80 35.13 4.49
CA GLU G 357 -33.61 34.80 5.65
C GLU G 357 -32.75 34.68 6.90
N VAL G 358 -31.48 34.28 6.75
CA VAL G 358 -30.57 34.29 7.89
C VAL G 358 -30.12 35.70 8.19
N TYR G 359 -29.99 36.55 7.15
CA TYR G 359 -29.71 37.96 7.41
C TYR G 359 -30.84 38.59 8.21
N GLU G 360 -32.07 38.13 8.01
CA GLU G 360 -33.16 38.46 8.93
C GLU G 360 -33.12 37.51 10.12
N GLY G 361 -33.91 37.84 11.14
CA GLY G 361 -33.88 37.10 12.39
C GLY G 361 -34.53 35.72 12.37
N ARG G 362 -34.63 35.10 11.20
CA ARG G 362 -35.31 33.82 11.06
C ARG G 362 -34.31 32.69 10.80
N PHE G 363 -34.66 31.51 11.30
CA PHE G 363 -33.90 30.30 11.01
C PHE G 363 -34.21 29.79 9.61
N SER G 364 -33.21 29.17 8.98
CA SER G 364 -33.39 28.58 7.67
C SER G 364 -32.33 27.51 7.45
N LEU G 365 -32.60 26.64 6.47
CA LEU G 365 -31.73 25.51 6.16
C LEU G 365 -30.58 25.88 5.22
N TYR G 366 -30.21 27.16 5.16
CA TYR G 366 -29.16 27.64 4.28
C TYR G 366 -27.89 26.81 4.43
N PRO G 367 -27.30 26.73 5.62
CA PRO G 367 -26.05 25.99 5.77
C PRO G 367 -26.18 24.52 5.42
N PHE G 368 -27.35 23.93 5.66
CA PHE G 368 -27.56 22.53 5.27
C PHE G 368 -27.45 22.38 3.75
N LEU G 369 -28.00 23.34 3.00
CA LEU G 369 -27.81 23.34 1.55
C LEU G 369 -26.37 23.69 1.19
N CYS G 370 -25.63 24.35 2.08
CA CYS G 370 -24.21 24.61 1.89
C CYS G 370 -23.34 23.47 2.41
N LEU G 371 -23.94 22.35 2.81
CA LEU G 371 -23.17 21.21 3.30
C LEU G 371 -22.66 20.34 2.17
N LEU G 372 -23.39 20.27 1.07
CA LEU G 372 -23.06 19.39 -0.05
C LEU G 372 -22.87 20.21 -1.31
N ASP G 373 -21.98 19.74 -2.18
CA ASP G 373 -21.72 20.45 -3.42
C ASP G 373 -23.00 20.57 -4.24
N GLU G 374 -23.20 21.77 -4.82
CA GLU G 374 -24.41 21.99 -5.60
C GLU G 374 -24.52 21.01 -6.75
N ARG G 375 -23.38 20.65 -7.36
CA ARG G 375 -23.40 19.64 -8.42
C ARG G 375 -23.87 18.29 -7.89
N GLU G 376 -23.47 17.95 -6.66
CA GLU G 376 -23.92 16.70 -6.06
C GLU G 376 -25.41 16.74 -5.73
N VAL G 377 -25.91 17.90 -5.28
CA VAL G 377 -27.34 18.02 -5.00
C VAL G 377 -28.14 17.87 -6.30
N VAL G 378 -27.70 18.56 -7.36
CA VAL G 378 -28.40 18.49 -8.62
C VAL G 378 -28.36 17.06 -9.18
N ARG G 379 -27.20 16.42 -9.11
CA ARG G 379 -27.10 15.04 -9.58
C ARG G 379 -28.00 14.11 -8.77
N MET G 380 -28.11 14.34 -7.46
CA MET G 380 -28.98 13.51 -6.64
C MET G 380 -30.44 13.71 -7.01
N LEU G 381 -30.86 14.96 -7.19
CA LEU G 381 -32.24 15.23 -7.57
C LEU G 381 -32.55 14.64 -8.94
N LEU G 382 -31.63 14.77 -9.89
CA LEU G 382 -31.83 14.18 -11.21
C LEU G 382 -31.90 12.67 -11.14
N GLN G 383 -31.10 12.05 -10.27
CA GLN G 383 -31.17 10.61 -10.10
C GLN G 383 -32.52 10.19 -9.53
N VAL G 384 -32.98 10.89 -8.49
CA VAL G 384 -34.29 10.59 -7.91
C VAL G 384 -35.38 10.74 -8.95
N LEU G 385 -35.28 11.78 -9.77
CA LEU G 385 -36.27 11.98 -10.84
C LEU G 385 -36.23 10.82 -11.84
N GLN G 386 -35.02 10.37 -12.21
CA GLN G 386 -34.90 9.27 -13.15
C GLN G 386 -35.46 7.98 -12.59
N ALA G 387 -35.32 7.77 -11.28
CA ALA G 387 -35.76 6.54 -10.63
C ALA G 387 -37.15 6.63 -10.04
N LEU G 388 -37.83 7.77 -10.17
CA LEU G 388 -39.15 7.92 -9.59
C LEU G 388 -40.12 6.94 -10.23
N PRO G 389 -40.88 6.18 -9.45
CA PRO G 389 -41.81 5.21 -10.03
C PRO G 389 -42.93 5.92 -10.81
N ALA G 390 -43.35 5.29 -11.91
CA ALA G 390 -44.39 5.87 -12.74
C ALA G 390 -45.67 6.13 -11.94
N GLN G 391 -46.03 5.21 -11.05
CA GLN G 391 -47.26 5.37 -10.28
C GLN G 391 -47.17 6.51 -9.27
N GLY G 392 -45.97 6.93 -8.91
CA GLY G 392 -45.79 7.99 -7.93
C GLY G 392 -45.18 7.47 -6.64
N GLU G 393 -44.91 8.42 -5.75
CA GLU G 393 -44.32 8.11 -4.44
C GLU G 393 -44.86 9.10 -3.42
N SER G 394 -45.02 8.62 -2.19
CA SER G 394 -45.52 9.46 -1.11
C SER G 394 -44.62 10.68 -0.93
N PHE G 395 -45.25 11.87 -0.87
CA PHE G 395 -44.49 13.11 -0.68
C PHE G 395 -43.59 13.01 0.55
N THR G 396 -44.17 12.60 1.68
CA THR G 396 -43.38 12.47 2.91
C THR G 396 -42.24 11.48 2.72
N THR G 397 -42.54 10.32 2.12
CA THR G 397 -41.50 9.32 1.88
C THR G 397 -40.38 9.88 1.03
N LEU G 398 -40.72 10.60 -0.05
CA LEU G 398 -39.69 11.19 -0.89
C LEU G 398 -38.85 12.18 -0.10
N ALA G 399 -39.49 12.99 0.75
CA ALA G 399 -38.74 13.90 1.61
C ALA G 399 -37.75 13.14 2.47
N ARG G 400 -38.21 12.04 3.08
CA ARG G 400 -37.32 11.22 3.91
C ARG G 400 -36.14 10.71 3.09
N GLU G 401 -36.39 10.19 1.89
CA GLU G 401 -35.32 9.63 1.08
C GLU G 401 -34.29 10.70 0.72
N LEU G 402 -34.76 11.86 0.27
CA LEU G 402 -33.84 12.95 -0.04
C LEU G 402 -33.04 13.34 1.19
N SER G 403 -33.67 13.32 2.37
CA SER G 403 -32.95 13.66 3.59
C SER G 403 -31.87 12.64 3.90
N ALA G 404 -32.18 11.35 3.72
CA ALA G 404 -31.21 10.31 4.02
C ALA G 404 -30.04 10.36 3.05
N ARG G 405 -30.31 10.56 1.76
CA ARG G 405 -29.22 10.63 0.80
C ARG G 405 -28.38 11.89 1.01
N THR G 406 -29.02 13.00 1.39
CA THR G 406 -28.26 14.20 1.71
C THR G 406 -27.34 13.96 2.90
N PHE G 407 -27.87 13.39 3.98
CA PHE G 407 -27.04 13.09 5.14
C PHE G 407 -25.89 12.16 4.77
N SER G 408 -26.19 11.12 3.99
CA SER G 408 -25.15 10.15 3.61
C SER G 408 -24.05 10.83 2.81
N ARG G 409 -24.41 11.56 1.76
CA ARG G 409 -23.40 12.21 0.94
C ARG G 409 -22.62 13.24 1.75
N HIS G 410 -23.24 13.85 2.75
CA HIS G 410 -22.52 14.78 3.61
C HIS G 410 -21.51 14.05 4.48
N VAL G 411 -21.90 12.90 5.04
CA VAL G 411 -20.95 12.09 5.81
C VAL G 411 -19.77 11.69 4.94
N VAL G 412 -20.07 11.17 3.74
CA VAL G 412 -19.01 10.76 2.83
C VAL G 412 -18.08 11.92 2.50
N GLN G 413 -18.66 13.10 2.25
CA GLN G 413 -17.83 14.27 1.97
C GLN G 413 -16.95 14.63 3.18
N ARG G 414 -17.53 14.59 4.38
CA ARG G 414 -16.78 14.96 5.57
C ARG G 414 -15.60 14.02 5.79
N GLN G 415 -15.83 12.71 5.69
CA GLN G 415 -14.73 11.77 5.82
C GLN G 415 -13.72 11.96 4.70
N ARG G 416 -14.20 12.29 3.50
CA ARG G 416 -13.32 12.54 2.37
C ARG G 416 -12.36 13.69 2.66
N VAL G 417 -12.88 14.80 3.20
CA VAL G 417 -12.07 16.01 3.39
C VAL G 417 -11.38 16.06 4.74
N SER G 418 -11.68 15.13 5.65
CA SER G 418 -11.11 15.14 6.99
C SER G 418 -9.98 14.13 7.16
N GLY G 419 -9.55 13.48 6.09
CA GLY G 419 -8.50 12.50 6.17
C GLY G 419 -8.92 11.14 6.69
N GLN G 420 -10.18 10.96 7.06
CA GLN G 420 -10.64 9.66 7.53
C GLN G 420 -10.53 8.61 6.44
N VAL G 421 -10.56 9.03 5.17
CA VAL G 421 -10.47 8.08 4.06
C VAL G 421 -9.09 7.45 4.00
N GLN G 422 -8.04 8.26 4.15
CA GLN G 422 -6.69 7.71 4.12
C GLN G 422 -6.43 6.79 5.29
N ALA G 423 -6.83 7.20 6.49
CA ALA G 423 -6.68 6.34 7.66
C ALA G 423 -7.46 5.05 7.51
N LEU G 424 -8.64 5.11 6.88
CA LEU G 424 -9.39 3.89 6.59
C LEU G 424 -8.68 3.02 5.57
N GLN G 425 -8.02 3.64 4.60
CA GLN G 425 -7.27 2.87 3.60
C GLN G 425 -6.10 2.13 4.25
N ASN G 426 -5.33 2.82 5.10
CA ASN G 426 -4.21 2.17 5.78
C ASN G 426 -4.72 1.10 6.73
N HIS G 427 -5.74 1.43 7.53
CA HIS G 427 -6.25 0.49 8.53
C HIS G 427 -6.79 -0.76 7.86
N TYR G 428 -7.62 -0.59 6.83
CA TYR G 428 -8.18 -1.74 6.12
C TYR G 428 -7.09 -2.53 5.40
N ARG G 429 -6.12 -1.81 4.81
CA ARG G 429 -5.03 -2.50 4.13
C ARG G 429 -4.19 -3.35 5.08
N LYS G 430 -4.12 -2.93 6.35
CA LYS G 430 -3.49 -3.79 7.36
C LYS G 430 -4.42 -4.91 7.79
N TYR G 431 -5.72 -4.64 7.84
CA TYR G 431 -6.70 -5.63 8.25
C TYR G 431 -6.78 -6.80 7.28
N LEU G 432 -6.61 -6.55 5.98
CA LEU G 432 -6.75 -7.61 4.99
C LEU G 432 -5.79 -8.77 5.19
N CYS G 433 -4.75 -8.60 6.02
CA CYS G 433 -3.83 -9.71 6.25
C CYS G 433 -4.51 -10.89 6.92
N LEU G 434 -5.54 -10.64 7.73
CA LEU G 434 -6.21 -11.74 8.41
C LEU G 434 -7.00 -12.62 7.46
N LEU G 435 -7.57 -12.03 6.40
CA LEU G 435 -8.41 -12.79 5.48
C LEU G 435 -7.61 -13.33 4.28
N ALA G 436 -6.66 -12.56 3.78
CA ALA G 436 -5.93 -12.95 2.58
C ALA G 436 -5.27 -14.31 2.78
N SER G 437 -5.18 -15.07 1.69
CA SER G 437 -4.59 -16.41 1.76
C SER G 437 -3.07 -16.32 1.91
N ASP G 438 -2.43 -15.40 1.20
CA ASP G 438 -0.99 -15.27 1.19
C ASP G 438 -0.46 -14.33 2.27
N ALA G 439 -1.15 -14.24 3.41
CA ALA G 439 -0.71 -13.38 4.49
C ALA G 439 -1.07 -14.02 5.82
N GLU G 440 -0.21 -13.80 6.81
CA GLU G 440 -0.39 -14.33 8.15
C GLU G 440 -0.40 -13.20 9.16
N VAL G 441 -0.99 -13.47 10.32
CA VAL G 441 -1.03 -12.50 11.42
C VAL G 441 -0.22 -13.04 12.58
N PRO G 442 0.23 -12.20 13.51
CA PRO G 442 1.01 -12.73 14.65
C PRO G 442 0.25 -13.77 15.45
N GLU G 443 -0.96 -13.45 15.87
CA GLU G 443 -1.78 -14.36 16.66
C GLU G 443 -3.17 -14.47 16.04
N PRO G 444 -3.78 -15.65 16.11
CA PRO G 444 -5.14 -15.80 15.57
C PRO G 444 -6.15 -15.01 16.38
N CYS G 445 -7.12 -14.42 15.67
CA CYS G 445 -8.14 -13.61 16.31
C CYS G 445 -9.29 -13.41 15.33
N LEU G 446 -10.39 -12.88 15.85
CA LEU G 446 -11.55 -12.59 15.03
C LEU G 446 -11.38 -11.26 14.31
N PRO G 447 -12.09 -11.07 13.19
CA PRO G 447 -11.96 -9.80 12.45
C PRO G 447 -12.15 -8.57 13.31
N ARG G 448 -13.12 -8.58 14.22
CA ARG G 448 -13.30 -7.43 15.11
C ARG G 448 -12.11 -7.25 16.04
N GLN G 449 -11.60 -8.35 16.60
CA GLN G 449 -10.46 -8.26 17.50
C GLN G 449 -9.25 -7.68 16.80
N TYR G 450 -8.95 -8.18 15.59
CA TYR G 450 -7.82 -7.65 14.82
C TYR G 450 -8.04 -6.19 14.47
N TRP G 451 -9.25 -5.84 14.04
CA TRP G 451 -9.55 -4.47 13.64
C TRP G 451 -9.33 -3.51 14.82
N GLU G 452 -9.82 -3.87 16.00
CA GLU G 452 -9.58 -3.02 17.17
C GLU G 452 -8.11 -3.05 17.59
N ALA G 453 -7.41 -4.15 17.32
CA ALA G 453 -6.01 -4.25 17.72
C ALA G 453 -5.13 -3.33 16.89
N LEU G 454 -5.39 -3.22 15.58
CA LEU G 454 -4.55 -2.38 14.73
C LEU G 454 -4.61 -0.92 15.17
N GLY G 455 -5.80 -0.44 15.51
CA GLY G 455 -5.96 0.94 15.93
C GLY G 455 -6.32 1.11 17.39
N ALA G 456 -7.59 1.42 17.64
CA ALA G 456 -8.54 1.62 16.56
C ALA G 456 -9.25 2.96 16.67
N PRO G 457 -8.76 3.95 15.92
CA PRO G 457 -9.40 5.27 15.95
C PRO G 457 -10.84 5.24 15.49
N GLU G 458 -11.17 4.40 14.51
CA GLU G 458 -12.54 4.27 14.02
C GLU G 458 -13.05 5.59 13.46
N ALA G 459 -12.14 6.44 13.01
CA ALA G 459 -12.47 7.72 12.37
C ALA G 459 -13.31 8.51 13.36
N LEU G 460 -14.45 9.09 12.96
CA LEU G 460 -15.26 9.91 13.85
C LEU G 460 -16.72 9.60 13.62
N ARG G 461 -17.51 9.70 14.69
CA ARG G 461 -18.95 9.41 14.65
C ARG G 461 -19.73 10.71 14.56
N GLU G 462 -20.63 10.80 13.59
CA GLU G 462 -21.45 11.99 13.36
C GLU G 462 -22.89 11.68 13.73
N GLN G 463 -23.46 12.50 14.61
CA GLN G 463 -24.85 12.28 15.00
C GLN G 463 -25.79 12.85 13.94
N PRO G 464 -26.88 12.15 13.64
CA PRO G 464 -27.80 12.62 12.58
C PRO G 464 -28.53 13.89 13.00
N TRP G 465 -29.20 14.49 12.02
CA TRP G 465 -29.94 15.72 12.23
C TRP G 465 -31.24 15.44 12.97
N PRO G 466 -31.80 16.45 13.65
CA PRO G 466 -33.12 16.28 14.25
C PRO G 466 -34.17 16.05 13.18
N LEU G 467 -35.21 15.31 13.55
CA LEU G 467 -36.25 14.96 12.57
C LEU G 467 -36.88 16.18 11.92
N PRO G 468 -37.19 17.26 12.64
CA PRO G 468 -37.77 18.43 11.95
C PRO G 468 -36.85 18.98 10.87
N VAL G 469 -35.54 18.94 11.09
CA VAL G 469 -34.60 19.39 10.07
C VAL G 469 -34.66 18.48 8.85
N GLN G 470 -34.72 17.17 9.07
CA GLN G 470 -34.82 16.24 7.95
C GLN G 470 -36.10 16.48 7.15
N MET G 471 -37.22 16.66 7.84
CA MET G 471 -38.49 16.87 7.15
C MET G 471 -38.48 18.17 6.36
N GLU G 472 -38.07 19.27 7.01
CA GLU G 472 -38.06 20.55 6.32
C GLU G 472 -37.12 20.54 5.13
N LEU G 473 -35.94 19.91 5.28
CA LEU G 473 -35.02 19.81 4.15
C LEU G 473 -35.62 19.01 3.02
N GLY G 474 -36.26 17.87 3.34
CA GLY G 474 -36.90 17.08 2.31
C GLY G 474 -37.96 17.88 1.57
N LYS G 475 -38.79 18.61 2.30
CA LYS G 475 -39.81 19.43 1.64
C LYS G 475 -39.18 20.49 0.76
N LEU G 476 -38.05 21.06 1.22
CA LEU G 476 -37.35 22.06 0.40
C LEU G 476 -36.89 21.45 -0.91
N LEU G 477 -36.16 20.33 -0.85
CA LEU G 477 -35.64 19.74 -2.08
C LEU G 477 -36.76 19.27 -3.00
N ALA G 478 -37.80 18.66 -2.44
CA ALA G 478 -38.91 18.18 -3.26
C ALA G 478 -39.62 19.34 -3.95
N GLU G 479 -40.02 20.35 -3.18
CA GLU G 479 -40.72 21.49 -3.75
C GLU G 479 -39.84 22.19 -4.80
N MET G 480 -38.53 22.25 -4.54
CA MET G 480 -37.61 22.86 -5.50
C MET G 480 -37.57 22.07 -6.79
N LEU G 481 -37.56 20.74 -6.70
CA LEU G 481 -37.55 19.91 -7.89
C LEU G 481 -38.84 20.09 -8.69
N VAL G 482 -39.98 20.05 -8.01
CA VAL G 482 -41.26 20.20 -8.70
C VAL G 482 -41.34 21.56 -9.38
N GLN G 483 -41.00 22.63 -8.65
CA GLN G 483 -41.08 23.97 -9.23
C GLN G 483 -40.10 24.17 -10.37
N ALA G 484 -38.92 23.53 -10.30
CA ALA G 484 -37.87 23.79 -11.27
C ALA G 484 -38.04 22.97 -12.54
N THR G 485 -38.59 21.76 -12.43
CA THR G 485 -38.68 20.85 -13.58
C THR G 485 -39.95 21.17 -14.37
N GLN G 486 -39.77 21.65 -15.60
CA GLN G 486 -40.85 21.89 -16.53
C GLN G 486 -40.59 21.14 -17.83
N MET G 487 -41.66 20.83 -18.55
CA MET G 487 -41.56 20.11 -19.82
C MET G 487 -42.75 20.46 -20.68
N PRO G 488 -42.60 20.38 -22.01
CA PRO G 488 -43.73 20.66 -22.90
C PRO G 488 -44.70 19.48 -22.97
N CYS G 489 -45.99 19.82 -23.03
CA CYS G 489 -47.06 18.83 -23.01
C CYS G 489 -47.24 18.12 -24.36
N SER G 490 -46.62 18.61 -25.44
CA SER G 490 -46.86 18.04 -26.76
C SER G 490 -46.35 16.60 -26.87
N LEU G 491 -45.37 16.23 -26.06
CA LEU G 491 -44.76 14.88 -26.06
C LEU G 491 -44.43 14.52 -27.51
N ASP G 492 -44.83 13.35 -28.00
CA ASP G 492 -44.53 12.93 -29.37
C ASP G 492 -45.08 13.93 -30.39
N ARG G 496 -42.71 22.72 -32.04
CA ARG G 496 -44.09 23.17 -31.90
C ARG G 496 -44.60 22.88 -30.49
N SER G 497 -43.68 22.88 -29.52
CA SER G 497 -44.01 22.63 -28.13
C SER G 497 -43.92 23.94 -27.34
N SER G 498 -44.80 24.89 -27.66
CA SER G 498 -44.76 26.20 -27.00
C SER G 498 -45.20 26.10 -25.53
N ARG G 499 -46.26 25.35 -25.26
CA ARG G 499 -46.79 25.29 -23.90
C ARG G 499 -45.86 24.52 -22.98
N LEU G 500 -45.74 24.99 -21.74
CA LEU G 500 -44.90 24.36 -20.72
C LEU G 500 -45.76 24.00 -19.52
N VAL G 501 -45.63 22.77 -19.04
CA VAL G 501 -46.34 22.30 -17.86
C VAL G 501 -45.33 21.66 -16.92
N PRO G 502 -45.64 21.63 -15.62
CA PRO G 502 -44.70 21.03 -14.68
C PRO G 502 -44.53 19.54 -14.96
N VAL G 503 -43.30 19.04 -14.79
CA VAL G 503 -43.05 17.63 -15.01
C VAL G 503 -43.67 16.80 -13.88
N LEU G 504 -43.63 17.31 -12.66
CA LEU G 504 -44.18 16.64 -11.50
C LEU G 504 -45.40 17.39 -11.00
N TYR G 505 -46.49 16.67 -10.74
CA TYR G 505 -47.70 17.26 -10.20
C TYR G 505 -48.21 16.38 -9.07
N HIS G 506 -48.50 16.99 -7.93
CA HIS G 506 -48.98 16.26 -6.76
C HIS G 506 -50.51 16.23 -6.72
N VAL G 507 -51.05 15.02 -6.62
CA VAL G 507 -52.48 14.76 -6.54
C VAL G 507 -52.77 14.01 -5.24
N TYR G 508 -54.06 13.84 -4.94
CA TYR G 508 -54.50 13.42 -3.62
C TYR G 508 -55.21 12.07 -3.65
N SER G 509 -54.87 11.19 -2.72
CA SER G 509 -55.56 9.93 -2.51
C SER G 509 -56.40 10.03 -1.24
N PHE G 510 -57.68 9.72 -1.35
CA PHE G 510 -58.60 9.77 -0.22
C PHE G 510 -59.02 8.39 0.26
N ARG G 511 -58.37 7.33 -0.21
CA ARG G 511 -58.74 5.99 0.24
C ARG G 511 -58.72 5.89 1.76
N ASN G 512 -57.60 6.26 2.37
CA ASN G 512 -57.60 6.51 3.80
C ASN G 512 -58.42 7.75 4.07
N VAL G 513 -59.33 7.67 5.05
CA VAL G 513 -60.32 8.73 5.25
C VAL G 513 -59.66 10.09 5.32
N GLN G 514 -58.36 10.10 5.59
CA GLN G 514 -57.57 11.32 5.65
C GLN G 514 -56.69 11.39 4.40
N GLN G 515 -56.88 12.43 3.60
CA GLN G 515 -56.17 12.54 2.33
C GLN G 515 -54.67 12.74 2.57
N ILE G 516 -53.86 12.11 1.72
CA ILE G 516 -52.41 12.19 1.81
C ILE G 516 -51.87 12.73 0.50
N GLY G 517 -50.94 13.68 0.58
CA GLY G 517 -50.36 14.22 -0.63
C GLY G 517 -49.53 13.19 -1.36
N ILE G 518 -49.62 13.20 -2.68
CA ILE G 518 -48.90 12.26 -3.52
C ILE G 518 -48.24 13.03 -4.66
N LEU G 519 -47.07 12.55 -5.07
CA LEU G 519 -46.31 13.15 -6.18
C LEU G 519 -46.39 12.21 -7.38
N LYS G 520 -46.98 12.69 -8.47
CA LYS G 520 -47.15 11.88 -9.64
C LYS G 520 -46.46 12.54 -10.84
N PRO G 521 -45.70 11.78 -11.62
CA PRO G 521 -45.06 12.36 -12.81
C PRO G 521 -46.05 12.50 -13.95
N HIS G 522 -45.74 13.42 -14.85
CA HIS G 522 -46.60 13.65 -15.99
C HIS G 522 -46.67 12.39 -16.86
N PRO G 523 -47.86 11.99 -17.31
CA PRO G 523 -47.95 10.78 -18.15
C PRO G 523 -47.15 10.88 -19.43
N ALA G 524 -47.05 12.07 -20.03
CA ALA G 524 -46.23 12.21 -21.23
C ALA G 524 -44.77 11.93 -20.93
N TYR G 525 -44.31 12.31 -19.73
CA TYR G 525 -42.96 11.96 -19.30
C TYR G 525 -42.80 10.45 -19.16
N VAL G 526 -43.82 9.79 -18.61
CA VAL G 526 -43.78 8.34 -18.44
C VAL G 526 -43.68 7.64 -19.79
N GLN G 527 -44.56 8.03 -20.73
CA GLN G 527 -44.49 7.45 -22.07
C GLN G 527 -43.17 7.78 -22.75
N LEU G 528 -42.60 8.95 -22.46
CA LEU G 528 -41.31 9.31 -23.03
C LEU G 528 -40.23 8.34 -22.55
N LEU G 529 -40.18 8.07 -21.24
CA LEU G 529 -39.19 7.13 -20.73
C LEU G 529 -39.47 5.71 -21.19
N GLU G 530 -40.74 5.34 -21.39
CA GLU G 530 -41.06 4.01 -21.88
C GLU G 530 -40.58 3.83 -23.32
N LYS G 531 -40.84 4.82 -24.18
CA LYS G 531 -40.37 4.74 -25.56
C LYS G 531 -38.86 4.82 -25.63
N ALA G 532 -38.23 5.59 -24.75
CA ALA G 532 -36.77 5.70 -24.77
C ALA G 532 -36.10 4.36 -24.50
N ALA G 533 -36.71 3.52 -23.65
CA ALA G 533 -36.16 2.21 -23.31
C ALA G 533 -34.69 2.33 -22.91
N GLU G 534 -34.46 3.09 -21.84
CA GLU G 534 -33.10 3.31 -21.36
C GLU G 534 -32.46 1.97 -21.01
N PRO G 535 -31.26 1.68 -21.52
CA PRO G 535 -30.63 0.38 -21.27
C PRO G 535 -29.83 0.29 -19.97
N THR G 536 -29.95 1.25 -19.07
CA THR G 536 -29.17 1.24 -17.83
C THR G 536 -30.06 1.49 -16.63
N LEU G 537 -29.74 0.83 -15.53
CA LEU G 537 -30.43 1.02 -14.25
C LEU G 537 -29.43 1.53 -13.22
N THR G 538 -29.91 2.37 -12.31
CA THR G 538 -29.06 2.98 -11.30
C THR G 538 -29.51 2.52 -9.92
N PHE G 539 -28.54 2.11 -9.09
CA PHE G 539 -28.80 1.69 -7.72
C PHE G 539 -27.93 2.51 -6.77
N GLU G 540 -28.39 2.62 -5.53
CA GLU G 540 -27.56 3.20 -4.48
C GLU G 540 -26.49 2.21 -4.07
N ALA G 541 -25.30 2.73 -3.77
CA ALA G 541 -24.21 1.86 -3.32
C ALA G 541 -24.61 1.04 -2.10
N VAL G 542 -25.52 1.57 -1.29
CA VAL G 542 -25.98 0.86 -0.10
C VAL G 542 -26.99 -0.23 -0.42
N ASP G 543 -27.49 -0.29 -1.66
CA ASP G 543 -28.50 -1.27 -2.05
C ASP G 543 -27.93 -2.45 -2.82
N VAL G 544 -26.63 -2.49 -3.05
CA VAL G 544 -26.01 -3.57 -3.82
C VAL G 544 -24.98 -4.25 -2.93
N PRO G 545 -24.64 -5.50 -3.25
CA PRO G 545 -23.59 -6.18 -2.46
C PRO G 545 -22.26 -5.45 -2.57
N MET G 546 -21.45 -5.61 -1.53
CA MET G 546 -20.14 -4.98 -1.50
C MET G 546 -19.15 -5.80 -2.32
N LEU G 547 -18.23 -5.10 -2.97
CA LEU G 547 -17.21 -5.75 -3.80
C LEU G 547 -16.02 -6.24 -3.00
N CYS G 548 -15.98 -5.99 -1.70
CA CYS G 548 -14.91 -6.43 -0.83
C CYS G 548 -15.52 -6.85 0.50
N PRO G 549 -14.79 -7.64 1.30
CA PRO G 549 -15.29 -8.05 2.60
C PRO G 549 -15.72 -6.85 3.43
N PRO G 550 -16.91 -6.91 4.03
CA PRO G 550 -17.43 -5.73 4.75
C PRO G 550 -16.57 -5.38 5.96
N LEU G 551 -16.88 -4.23 6.53
CA LEU G 551 -16.20 -3.78 7.74
C LEU G 551 -16.67 -4.61 8.94
N PRO G 552 -15.75 -5.11 9.77
CA PRO G 552 -16.17 -5.81 10.99
C PRO G 552 -16.96 -4.89 11.92
N TRP G 553 -17.99 -5.45 12.54
CA TRP G 553 -18.84 -4.69 13.45
C TRP G 553 -18.10 -4.47 14.76
N THR G 554 -17.66 -3.24 15.00
CA THR G 554 -16.94 -2.91 16.22
C THR G 554 -17.80 -2.20 17.26
N SER G 555 -18.90 -1.60 16.84
CA SER G 555 -19.79 -0.87 17.75
C SER G 555 -21.14 -0.72 17.06
N PRO G 556 -22.17 -0.30 17.81
CA PRO G 556 -23.50 -0.13 17.20
C PRO G 556 -23.57 0.95 16.13
N HIS G 557 -22.47 1.66 15.88
CA HIS G 557 -22.48 2.72 14.89
C HIS G 557 -21.42 2.57 13.80
N SER G 558 -20.62 1.51 13.84
CA SER G 558 -19.61 1.25 12.82
C SER G 558 -19.84 -0.13 12.24
N GLY G 559 -20.17 -0.20 10.96
CA GLY G 559 -20.39 -1.48 10.32
C GLY G 559 -20.75 -1.36 8.86
N ALA G 560 -20.84 -2.51 8.20
CA ALA G 560 -21.36 -2.66 6.85
C ALA G 560 -20.49 -1.86 5.87
N PHE G 561 -21.07 -1.04 5.00
CA PHE G 561 -20.31 -0.39 3.94
C PHE G 561 -19.24 0.52 4.53
N LEU G 562 -18.09 0.58 3.85
CA LEU G 562 -16.90 1.22 4.41
C LEU G 562 -17.18 2.63 4.89
N LEU G 563 -17.81 3.45 4.05
CA LEU G 563 -18.02 4.86 4.37
C LEU G 563 -19.43 5.17 4.85
N SER G 564 -20.45 4.68 4.15
CA SER G 564 -21.82 5.02 4.49
C SER G 564 -22.15 4.54 5.91
N PRO G 565 -22.75 5.38 6.75
CA PRO G 565 -23.13 4.93 8.08
C PRO G 565 -24.32 3.98 8.02
N THR G 566 -24.29 2.95 8.85
CA THR G 566 -25.35 1.95 8.89
C THR G 566 -25.73 1.63 10.32
N LYS G 567 -27.03 1.56 10.58
CA LYS G 567 -27.53 1.24 11.91
C LYS G 567 -27.29 -0.23 12.24
N LEU G 568 -26.98 -0.51 13.50
CA LEU G 568 -26.82 -1.89 13.93
C LEU G 568 -28.17 -2.61 14.03
N MET G 569 -29.24 -1.90 14.37
CA MET G 569 -30.57 -2.49 14.44
C MET G 569 -31.51 -1.81 13.44
N ARG G 570 -32.14 -2.61 12.61
CA ARG G 570 -33.01 -2.09 11.55
C ARG G 570 -34.21 -1.35 12.14
N THR G 571 -34.80 -1.89 13.21
CA THR G 571 -36.05 -1.38 13.77
C THR G 571 -36.07 0.14 13.88
N VAL G 572 -36.94 0.79 13.09
CA VAL G 572 -37.05 2.23 13.14
C VAL G 572 -37.85 2.68 14.35
N GLU G 573 -38.90 1.94 14.70
CA GLU G 573 -39.70 2.28 15.87
C GLU G 573 -38.92 1.98 17.14
N GLY G 574 -38.84 2.94 18.04
CA GLY G 574 -38.04 2.79 19.23
C GLY G 574 -36.54 2.80 18.98
N ALA G 575 -36.11 3.35 17.84
CA ALA G 575 -34.69 3.35 17.51
C ALA G 575 -33.87 4.09 18.55
N THR G 576 -34.42 5.17 19.11
CA THR G 576 -33.70 5.91 20.14
C THR G 576 -33.49 5.04 21.37
N GLN G 577 -34.54 4.35 21.82
CA GLN G 577 -34.44 3.50 23.01
C GLN G 577 -33.46 2.36 22.78
N HIS G 578 -33.63 1.62 21.68
CA HIS G 578 -32.80 0.44 21.46
C HIS G 578 -31.35 0.82 21.19
N GLN G 579 -31.11 1.89 20.44
CA GLN G 579 -29.75 2.36 20.21
C GLN G 579 -29.11 2.80 21.51
N GLU G 580 -29.82 3.63 22.29
CA GLU G 580 -29.25 4.15 23.52
C GLU G 580 -28.97 3.04 24.53
N LEU G 581 -29.77 1.96 24.50
CA LEU G 581 -29.49 0.83 25.39
C LEU G 581 -28.38 -0.05 24.84
N LEU G 582 -28.22 -0.10 23.52
CA LEU G 582 -27.08 -0.81 22.94
C LEU G 582 -25.77 -0.12 23.30
N GLU G 583 -25.79 1.21 23.37
CA GLU G 583 -24.61 1.95 23.84
C GLU G 583 -24.50 1.94 25.36
N THR G 584 -25.62 1.76 26.07
CA THR G 584 -25.58 1.75 27.53
C THR G 584 -25.00 0.44 28.06
N CYS G 585 -25.40 -0.70 27.48
CA CYS G 585 -24.90 -1.98 27.95
C CYS G 585 -23.38 -2.04 27.80
N PRO G 586 -22.73 -2.88 28.59
CA PRO G 586 -21.27 -2.98 28.50
C PRO G 586 -20.82 -3.32 27.09
N PRO G 587 -19.73 -2.72 26.61
CA PRO G 587 -19.29 -3.00 25.25
C PRO G 587 -19.05 -4.48 24.99
N THR G 588 -18.55 -5.21 26.00
CA THR G 588 -18.29 -6.63 25.83
C THR G 588 -19.60 -7.41 25.63
N ALA G 589 -20.70 -6.90 26.18
CA ALA G 589 -21.97 -7.64 26.10
C ALA G 589 -22.35 -7.93 24.66
N LEU G 590 -22.07 -7.01 23.75
CA LEU G 590 -22.46 -7.13 22.35
C LEU G 590 -21.41 -7.83 21.50
N HIS G 591 -20.29 -8.24 22.09
CA HIS G 591 -19.22 -8.88 21.32
C HIS G 591 -19.76 -10.03 20.49
N GLY G 592 -20.56 -10.91 21.10
CA GLY G 592 -21.08 -12.06 20.36
C GLY G 592 -21.83 -11.66 19.11
N ALA G 593 -22.80 -10.77 19.25
CA ALA G 593 -23.60 -10.35 18.10
C ALA G 593 -22.72 -9.73 17.02
N LEU G 594 -21.81 -8.84 17.42
CA LEU G 594 -20.94 -8.19 16.44
C LEU G 594 -20.10 -9.21 15.68
N ASP G 595 -19.53 -10.19 16.39
CA ASP G 595 -18.71 -11.19 15.72
C ASP G 595 -19.54 -12.09 14.83
N ALA G 596 -20.78 -12.39 15.22
CA ALA G 596 -21.66 -13.20 14.38
C ALA G 596 -22.02 -12.46 13.09
N LEU G 597 -22.39 -11.18 13.21
CA LEU G 597 -22.74 -10.40 12.03
C LEU G 597 -21.53 -10.21 11.11
N THR G 598 -20.36 -9.96 11.70
CA THR G 598 -19.15 -9.89 10.90
C THR G 598 -18.89 -11.20 10.18
N GLN G 599 -19.10 -12.33 10.86
CA GLN G 599 -18.91 -13.63 10.23
C GLN G 599 -19.85 -13.81 9.05
N LEU G 600 -21.14 -13.52 9.25
CA LEU G 600 -22.09 -13.61 8.14
C LEU G 600 -21.69 -12.72 6.99
N GLY G 601 -21.23 -11.49 7.29
CA GLY G 601 -20.84 -10.58 6.23
C GLY G 601 -19.59 -11.01 5.49
N ASN G 602 -18.71 -11.77 6.14
CA ASN G 602 -17.45 -12.17 5.51
C ASN G 602 -17.62 -13.35 4.56
N CYS G 603 -18.81 -13.93 4.45
CA CYS G 603 -19.03 -15.05 3.55
C CYS G 603 -18.91 -14.60 2.10
N ALA G 604 -18.04 -15.24 1.34
CA ALA G 604 -17.82 -14.89 -0.06
C ALA G 604 -18.88 -15.58 -0.94
N TRP G 605 -19.51 -14.80 -1.81
CA TRP G 605 -20.56 -15.30 -2.68
C TRP G 605 -20.19 -15.08 -4.14
N ARG G 606 -20.77 -15.92 -5.00
CA ARG G 606 -20.62 -15.79 -6.44
C ARG G 606 -21.90 -16.26 -7.11
N VAL G 607 -22.05 -15.90 -8.39
CA VAL G 607 -23.26 -16.16 -9.14
C VAL G 607 -23.13 -17.45 -9.92
N ASN G 608 -24.22 -18.21 -9.99
CA ASN G 608 -24.28 -19.43 -10.78
C ASN G 608 -24.56 -19.07 -12.24
N GLY G 609 -23.54 -19.19 -13.10
CA GLY G 609 -23.68 -18.72 -14.46
C GLY G 609 -24.79 -19.41 -15.22
N ARG G 610 -24.88 -20.72 -15.11
CA ARG G 610 -25.89 -21.47 -15.86
C ARG G 610 -27.29 -21.08 -15.43
N VAL G 611 -27.55 -21.07 -14.12
CA VAL G 611 -28.88 -20.71 -13.62
C VAL G 611 -29.26 -19.31 -14.10
N LEU G 612 -28.33 -18.36 -14.01
CA LEU G 612 -28.60 -17.02 -14.52
C LEU G 612 -28.93 -17.04 -16.00
N ASP G 613 -28.19 -17.83 -16.78
CA ASP G 613 -28.45 -17.90 -18.22
C ASP G 613 -29.84 -18.44 -18.51
N LEU G 614 -30.28 -19.46 -17.77
CA LEU G 614 -31.61 -20.02 -18.02
C LEU G 614 -32.71 -19.07 -17.56
N VAL G 615 -32.59 -18.54 -16.34
CA VAL G 615 -33.61 -17.63 -15.81
C VAL G 615 -33.75 -16.41 -16.71
N LEU G 616 -32.62 -15.89 -17.22
CA LEU G 616 -32.68 -14.78 -18.16
C LEU G 616 -33.28 -15.21 -19.48
N GLN G 617 -32.90 -16.40 -19.97
CA GLN G 617 -33.47 -16.91 -21.21
C GLN G 617 -35.00 -16.91 -21.15
N LEU G 618 -35.56 -17.35 -20.02
CA LEU G 618 -37.01 -17.29 -19.86
C LEU G 618 -37.46 -15.83 -19.74
N PHE G 619 -36.79 -15.05 -18.90
CA PHE G 619 -37.18 -13.67 -18.69
C PHE G 619 -37.02 -12.83 -19.96
N GLN G 620 -35.89 -12.99 -20.66
CA GLN G 620 -35.63 -12.20 -21.85
C GLN G 620 -36.67 -12.48 -22.93
N ALA G 621 -37.11 -13.73 -23.03
CA ALA G 621 -38.11 -14.16 -23.98
C ALA G 621 -39.47 -14.25 -23.31
N LYS G 622 -39.97 -15.48 -23.20
CA LYS G 622 -41.27 -15.77 -22.62
C LYS G 622 -41.11 -16.16 -21.16
N GLY G 623 -41.81 -15.46 -20.27
CA GLY G 623 -41.75 -15.78 -18.86
C GLY G 623 -42.40 -17.11 -18.55
N CYS G 624 -42.12 -17.62 -17.36
CA CYS G 624 -42.63 -18.91 -16.90
C CYS G 624 -43.17 -18.79 -15.48
N PRO G 625 -44.42 -18.33 -15.33
CA PRO G 625 -44.99 -18.23 -13.98
C PRO G 625 -44.99 -19.55 -13.22
N GLN G 626 -45.06 -20.68 -13.92
CA GLN G 626 -45.01 -21.97 -13.24
C GLN G 626 -43.68 -22.18 -12.53
N LEU G 627 -42.61 -21.55 -13.02
CA LEU G 627 -41.29 -21.67 -12.42
C LEU G 627 -40.86 -20.35 -11.76
N GLY G 628 -41.82 -19.54 -11.33
CA GLY G 628 -41.51 -18.31 -10.63
C GLY G 628 -40.76 -17.29 -11.46
N VAL G 629 -40.95 -17.30 -12.78
CA VAL G 629 -40.35 -16.32 -13.69
C VAL G 629 -41.45 -15.42 -14.19
N PRO G 630 -41.44 -14.13 -13.87
CA PRO G 630 -42.53 -13.25 -14.29
C PRO G 630 -42.60 -13.11 -15.80
N ALA G 631 -43.84 -12.99 -16.31
CA ALA G 631 -44.13 -12.81 -17.72
C ALA G 631 -44.20 -11.32 -18.08
N PRO G 632 -43.79 -10.96 -19.28
CA PRO G 632 -43.87 -9.56 -19.70
C PRO G 632 -45.31 -9.12 -19.86
N PRO G 633 -45.57 -7.81 -19.95
CA PRO G 633 -46.95 -7.34 -20.09
C PRO G 633 -47.67 -7.90 -21.30
N SER G 634 -46.94 -8.44 -22.30
CA SER G 634 -47.58 -9.00 -23.47
C SER G 634 -48.50 -10.16 -23.10
N GLU G 635 -48.18 -10.89 -22.03
CA GLU G 635 -48.95 -12.05 -21.62
C GLU G 635 -50.08 -11.72 -20.64
N ALA G 636 -50.31 -10.44 -20.36
CA ALA G 636 -51.41 -10.08 -19.48
C ALA G 636 -52.75 -10.36 -20.16
N PRO G 637 -53.75 -10.86 -19.43
CA PRO G 637 -55.05 -11.20 -19.99
C PRO G 637 -55.81 -9.98 -20.52
N GLU G 659 -64.79 -7.44 -15.62
CA GLU G 659 -63.81 -8.07 -16.48
C GLU G 659 -62.59 -7.17 -16.65
N LEU G 660 -62.83 -5.93 -17.10
CA LEU G 660 -61.74 -4.99 -17.28
C LEU G 660 -61.02 -4.71 -15.97
N ALA G 661 -61.76 -4.62 -14.87
CA ALA G 661 -61.14 -4.37 -13.57
C ALA G 661 -60.21 -5.52 -13.19
N HIS G 662 -60.67 -6.77 -13.37
CA HIS G 662 -59.84 -7.91 -13.04
C HIS G 662 -58.60 -7.96 -13.95
N CYS G 663 -58.78 -7.71 -15.24
CA CYS G 663 -57.64 -7.70 -16.15
C CYS G 663 -56.62 -6.64 -15.75
N GLN G 664 -57.10 -5.46 -15.34
CA GLN G 664 -56.18 -4.41 -14.91
C GLN G 664 -55.47 -4.81 -13.62
N LYS G 665 -56.19 -5.45 -12.69
CA LYS G 665 -55.56 -5.92 -11.46
C LYS G 665 -54.44 -6.91 -11.74
N VAL G 666 -54.76 -7.96 -12.50
CA VAL G 666 -53.75 -8.96 -12.85
C VAL G 666 -52.58 -8.30 -13.57
N ALA G 667 -52.87 -7.34 -14.46
CA ALA G 667 -51.82 -6.65 -15.18
C ALA G 667 -50.89 -5.91 -14.22
N ARG G 668 -51.46 -5.21 -13.23
CA ARG G 668 -50.64 -4.47 -12.29
C ARG G 668 -49.77 -5.41 -11.46
N GLU G 669 -50.34 -6.52 -10.98
CA GLU G 669 -49.54 -7.46 -10.20
C GLU G 669 -48.40 -8.03 -11.04
N MET G 670 -48.71 -8.44 -12.28
CA MET G 670 -47.66 -8.96 -13.17
C MET G 670 -46.59 -7.92 -13.42
N HIS G 671 -46.98 -6.64 -13.50
CA HIS G 671 -45.99 -5.58 -13.71
C HIS G 671 -45.09 -5.43 -12.49
N SER G 672 -45.66 -5.52 -11.29
CA SER G 672 -44.85 -5.43 -10.08
C SER G 672 -43.83 -6.56 -10.02
N LEU G 673 -44.30 -7.80 -10.16
CA LEU G 673 -43.37 -8.93 -10.13
C LEU G 673 -42.33 -8.80 -11.23
N ARG G 674 -42.73 -8.33 -12.42
CA ARG G 674 -41.78 -8.13 -13.50
C ARG G 674 -40.71 -7.14 -13.12
N ALA G 675 -41.09 -6.06 -12.41
CA ALA G 675 -40.09 -5.08 -11.98
C ALA G 675 -39.12 -5.70 -10.99
N GLU G 676 -39.65 -6.36 -9.95
CA GLU G 676 -38.76 -6.95 -8.95
C GLU G 676 -37.77 -7.91 -9.59
N ALA G 677 -38.27 -8.82 -10.43
CA ALA G 677 -37.38 -9.76 -11.11
C ALA G 677 -36.39 -9.02 -12.01
N LEU G 678 -36.82 -7.93 -12.62
CA LEU G 678 -35.91 -7.14 -13.46
C LEU G 678 -34.72 -6.63 -12.65
N TYR G 679 -34.99 -6.04 -11.48
CA TYR G 679 -33.90 -5.51 -10.66
C TYR G 679 -33.01 -6.63 -10.15
N ARG G 680 -33.61 -7.66 -9.55
CA ARG G 680 -32.82 -8.75 -8.99
C ARG G 680 -31.92 -9.39 -10.05
N LEU G 681 -32.51 -9.78 -11.19
CA LEU G 681 -31.71 -10.42 -12.22
C LEU G 681 -30.70 -9.46 -12.85
N SER G 682 -31.02 -8.17 -12.90
CA SER G 682 -30.06 -7.20 -13.43
C SER G 682 -28.83 -7.12 -12.53
N LEU G 683 -29.04 -7.02 -11.21
CA LEU G 683 -27.90 -7.01 -10.30
C LEU G 683 -27.13 -8.31 -10.36
N ALA G 684 -27.84 -9.44 -10.48
CA ALA G 684 -27.15 -10.72 -10.62
C ALA G 684 -26.26 -10.73 -11.86
N GLN G 685 -26.76 -10.18 -12.97
CA GLN G 685 -25.94 -10.11 -14.18
C GLN G 685 -24.75 -9.19 -13.98
N HIS G 686 -24.93 -8.08 -13.26
CA HIS G 686 -23.81 -7.19 -13.01
C HIS G 686 -22.73 -7.88 -12.19
N LEU G 687 -23.13 -8.69 -11.21
CA LEU G 687 -22.19 -9.40 -10.34
C LEU G 687 -21.83 -10.77 -10.88
N ARG G 688 -22.06 -11.01 -12.18
CA ARG G 688 -21.82 -12.33 -12.76
C ARG G 688 -20.39 -12.79 -12.52
N ASP G 689 -19.41 -12.01 -12.97
CA ASP G 689 -18.02 -12.42 -12.95
C ASP G 689 -17.25 -11.85 -11.75
N ARG G 690 -17.96 -11.42 -10.72
CA ARG G 690 -17.34 -10.82 -9.54
C ARG G 690 -17.71 -11.60 -8.29
N VAL G 691 -16.84 -11.50 -7.28
CA VAL G 691 -17.11 -12.03 -5.95
C VAL G 691 -17.58 -10.88 -5.06
N PHE G 692 -18.62 -11.14 -4.28
CA PHE G 692 -19.24 -10.09 -3.48
C PHE G 692 -19.65 -10.64 -2.12
N TRP G 693 -19.81 -9.72 -1.16
CA TRP G 693 -20.17 -10.03 0.20
C TRP G 693 -21.44 -9.30 0.59
N LEU G 694 -22.27 -9.94 1.42
CA LEU G 694 -23.53 -9.36 1.87
C LEU G 694 -23.45 -9.07 3.36
N PRO G 695 -23.25 -7.82 3.77
CA PRO G 695 -23.26 -7.49 5.20
C PRO G 695 -24.65 -7.68 5.79
N HIS G 696 -24.69 -8.11 7.04
CA HIS G 696 -25.94 -8.44 7.71
C HIS G 696 -26.27 -7.42 8.80
N ASN G 697 -27.56 -7.39 9.15
CA ASN G 697 -28.11 -6.47 10.12
C ASN G 697 -29.05 -7.24 11.04
N MET G 698 -29.58 -6.57 12.06
CA MET G 698 -30.49 -7.18 13.02
C MET G 698 -31.76 -6.36 13.14
N ASP G 699 -32.83 -7.02 13.57
CA ASP G 699 -34.05 -6.37 13.99
C ASP G 699 -34.05 -6.24 15.52
N PHE G 700 -35.12 -5.68 16.06
CA PHE G 700 -35.21 -5.53 17.52
C PHE G 700 -35.25 -6.88 18.22
N ARG G 701 -35.68 -7.94 17.51
CA ARG G 701 -35.70 -9.27 18.10
C ARG G 701 -34.34 -9.95 18.06
N GLY G 702 -33.42 -9.46 17.24
CA GLY G 702 -32.14 -10.09 17.04
C GLY G 702 -32.02 -10.92 15.78
N ARG G 703 -33.13 -11.16 15.08
CA ARG G 703 -33.07 -11.90 13.82
C ARG G 703 -32.24 -11.13 12.79
N THR G 704 -31.36 -11.85 12.10
CA THR G 704 -30.45 -11.26 11.14
C THR G 704 -31.05 -11.23 9.74
N TYR G 705 -30.77 -10.15 9.00
CA TYR G 705 -31.26 -9.97 7.63
C TYR G 705 -30.18 -9.31 6.79
N PRO G 706 -30.03 -9.71 5.53
CA PRO G 706 -29.05 -9.04 4.66
C PRO G 706 -29.44 -7.59 4.41
N CYS G 707 -28.42 -6.76 4.20
CA CYS G 707 -28.61 -5.33 3.98
C CYS G 707 -29.08 -5.03 2.56
N PRO G 708 -28.41 -5.56 1.54
CA PRO G 708 -28.90 -5.39 0.16
C PRO G 708 -30.20 -6.14 -0.05
N PRO G 709 -31.31 -5.43 -0.24
CA PRO G 709 -32.62 -6.10 -0.29
C PRO G 709 -32.93 -6.73 -1.65
N HIS G 710 -32.50 -6.08 -2.73
CA HIS G 710 -32.85 -6.57 -4.06
C HIS G 710 -32.27 -7.95 -4.31
N PHE G 711 -30.95 -8.09 -4.19
CA PHE G 711 -30.25 -9.32 -4.49
C PHE G 711 -29.59 -9.84 -3.21
N ASN G 712 -30.12 -10.94 -2.68
CA ASN G 712 -29.58 -11.56 -1.47
C ASN G 712 -30.18 -12.94 -1.34
N HIS G 713 -29.55 -13.75 -0.49
CA HIS G 713 -29.94 -15.15 -0.34
C HIS G 713 -31.27 -15.32 0.39
N LEU G 714 -31.80 -14.28 1.00
CA LEU G 714 -33.09 -14.38 1.67
C LEU G 714 -34.27 -14.32 0.71
N GLY G 715 -34.01 -14.21 -0.59
CA GLY G 715 -35.06 -14.05 -1.57
C GLY G 715 -35.80 -15.35 -1.87
N SER G 716 -36.40 -15.39 -3.06
CA SER G 716 -37.23 -16.52 -3.47
C SER G 716 -36.36 -17.69 -3.92
N ASP G 717 -37.00 -18.73 -4.45
CA ASP G 717 -36.28 -19.91 -4.92
C ASP G 717 -35.27 -19.52 -6.00
N VAL G 718 -35.70 -18.74 -6.98
CA VAL G 718 -34.79 -18.30 -8.03
C VAL G 718 -33.58 -17.60 -7.43
N ALA G 719 -33.82 -16.67 -6.50
CA ALA G 719 -32.73 -15.95 -5.86
C ALA G 719 -31.77 -16.92 -5.18
N ARG G 720 -32.31 -17.89 -4.45
CA ARG G 720 -31.45 -18.85 -3.75
C ARG G 720 -30.65 -19.69 -4.74
N ALA G 721 -31.20 -19.95 -5.93
CA ALA G 721 -30.49 -20.75 -6.90
C ALA G 721 -29.44 -19.96 -7.65
N LEU G 722 -29.60 -18.63 -7.74
CA LEU G 722 -28.62 -17.82 -8.44
C LEU G 722 -27.29 -17.71 -7.69
N LEU G 723 -27.30 -17.96 -6.38
CA LEU G 723 -26.12 -17.75 -5.53
C LEU G 723 -25.46 -19.08 -5.17
N GLU G 724 -24.14 -19.02 -4.99
CA GLU G 724 -23.37 -20.14 -4.46
C GLU G 724 -22.12 -19.60 -3.79
N PHE G 725 -21.49 -20.43 -2.98
CA PHE G 725 -20.27 -20.03 -2.30
C PHE G 725 -19.15 -19.77 -3.30
N ALA G 726 -18.45 -18.65 -3.12
CA ALA G 726 -17.31 -18.35 -3.99
C ALA G 726 -16.14 -19.28 -3.70
N GLN G 727 -15.96 -19.65 -2.44
CA GLN G 727 -14.90 -20.59 -2.05
C GLN G 727 -15.48 -22.00 -1.99
N GLY G 728 -14.79 -22.95 -2.61
CA GLY G 728 -15.26 -24.32 -2.66
C GLY G 728 -14.70 -25.18 -1.54
N ARG G 729 -15.21 -26.42 -1.48
CA ARG G 729 -14.82 -27.36 -0.44
C ARG G 729 -14.88 -28.79 -0.97
N PRO G 730 -13.78 -29.54 -0.92
CA PRO G 730 -13.80 -30.91 -1.44
C PRO G 730 -14.84 -31.77 -0.73
N LEU G 731 -15.63 -32.51 -1.52
CA LEU G 731 -16.73 -33.28 -0.97
C LEU G 731 -16.28 -34.19 0.17
N GLY G 732 -15.19 -34.91 -0.03
CA GLY G 732 -14.72 -35.86 0.95
C GLY G 732 -15.50 -37.17 0.91
N PRO G 733 -15.51 -37.90 2.02
CA PRO G 733 -16.17 -39.22 2.00
C PRO G 733 -17.69 -39.15 2.00
N HIS G 734 -18.28 -38.06 2.52
CA HIS G 734 -19.73 -37.94 2.61
C HIS G 734 -20.29 -36.75 1.85
N GLY G 735 -19.45 -35.98 1.15
CA GLY G 735 -19.95 -34.83 0.42
C GLY G 735 -21.01 -35.20 -0.59
N LEU G 736 -20.74 -36.23 -1.40
CA LEU G 736 -21.68 -36.63 -2.43
C LEU G 736 -22.99 -37.10 -1.82
N ASP G 737 -22.91 -37.93 -0.77
CA ASP G 737 -24.13 -38.39 -0.10
C ASP G 737 -24.94 -37.21 0.43
N TRP G 738 -24.26 -36.21 1.01
CA TRP G 738 -24.99 -35.04 1.49
C TRP G 738 -25.58 -34.23 0.36
N LEU G 739 -24.93 -34.23 -0.81
CA LEU G 739 -25.50 -33.53 -1.96
C LEU G 739 -26.75 -34.22 -2.46
N LYS G 740 -26.75 -35.56 -2.45
CA LYS G 740 -27.94 -36.30 -2.88
C LYS G 740 -29.07 -36.14 -1.88
N ILE G 741 -28.77 -36.29 -0.59
CA ILE G 741 -29.79 -36.12 0.44
C ILE G 741 -30.37 -34.71 0.37
N HIS G 742 -29.51 -33.71 0.22
CA HIS G 742 -29.97 -32.33 0.07
C HIS G 742 -30.85 -32.19 -1.17
N LEU G 743 -30.46 -32.84 -2.27
CA LEU G 743 -31.28 -32.83 -3.48
C LEU G 743 -32.68 -33.35 -3.19
N VAL G 744 -32.78 -34.53 -2.57
CA VAL G 744 -34.09 -35.10 -2.28
C VAL G 744 -34.89 -34.18 -1.36
N ASN G 745 -34.22 -33.60 -0.35
CA ASN G 745 -34.90 -32.64 0.51
C ASN G 745 -35.49 -31.49 -0.31
N LEU G 746 -34.72 -30.95 -1.25
CA LEU G 746 -35.22 -29.86 -2.08
C LEU G 746 -36.37 -30.31 -2.96
N THR G 747 -36.38 -31.57 -3.38
CA THR G 747 -37.48 -32.06 -4.19
C THR G 747 -38.76 -32.20 -3.38
N GLY G 748 -38.64 -32.50 -2.08
CA GLY G 748 -39.81 -32.67 -1.24
C GLY G 748 -40.58 -33.95 -1.47
N LEU G 749 -40.01 -34.91 -2.19
CA LEU G 749 -40.73 -36.15 -2.49
C LEU G 749 -40.62 -37.16 -1.36
N LYS G 750 -39.57 -37.10 -0.55
CA LYS G 750 -39.33 -38.04 0.52
C LYS G 750 -39.19 -37.34 1.87
N LYS G 751 -40.08 -36.37 2.12
CA LYS G 751 -40.04 -35.65 3.40
C LYS G 751 -40.17 -36.62 4.57
N ARG G 752 -41.06 -37.60 4.46
CA ARG G 752 -41.29 -38.53 5.55
C ARG G 752 -40.25 -39.65 5.59
N GLU G 753 -39.50 -39.86 4.52
CA GLU G 753 -38.54 -40.95 4.44
C GLU G 753 -37.26 -40.62 5.20
N PRO G 754 -36.57 -41.63 5.70
CA PRO G 754 -35.28 -41.39 6.38
C PRO G 754 -34.21 -41.00 5.37
N LEU G 755 -33.07 -40.58 5.92
CA LEU G 755 -31.97 -40.10 5.07
C LEU G 755 -31.49 -41.19 4.12
N ARG G 756 -31.37 -42.42 4.60
CA ARG G 756 -30.87 -43.50 3.75
C ARG G 756 -31.79 -43.74 2.56
N LYS G 757 -33.10 -43.61 2.78
CA LYS G 757 -34.05 -43.79 1.68
C LYS G 757 -34.09 -42.59 0.75
N ARG G 758 -33.78 -41.40 1.26
CA ARG G 758 -33.60 -40.25 0.38
C ARG G 758 -32.39 -40.44 -0.54
N LEU G 759 -31.28 -40.92 0.03
CA LEU G 759 -30.10 -41.21 -0.78
C LEU G 759 -30.39 -42.30 -1.81
N ALA G 760 -31.07 -43.36 -1.38
CA ALA G 760 -31.41 -44.43 -2.31
C ALA G 760 -32.33 -43.92 -3.42
N PHE G 761 -33.26 -43.04 -3.08
CA PHE G 761 -34.14 -42.45 -4.09
C PHE G 761 -33.34 -41.61 -5.08
N ALA G 762 -32.38 -40.84 -4.57
CA ALA G 762 -31.49 -40.09 -5.47
C ALA G 762 -30.77 -41.04 -6.42
N GLU G 763 -30.29 -42.17 -5.90
CA GLU G 763 -29.66 -43.17 -6.77
C GLU G 763 -30.64 -43.73 -7.78
N GLU G 764 -31.92 -43.80 -7.44
CA GLU G 764 -32.92 -44.30 -8.37
C GLU G 764 -33.16 -43.31 -9.50
N VAL G 765 -33.40 -42.04 -9.17
CA VAL G 765 -33.71 -41.02 -10.16
C VAL G 765 -32.44 -40.36 -10.65
N MET G 766 -31.29 -41.02 -10.46
CA MET G 766 -30.03 -40.47 -10.95
C MET G 766 -30.09 -40.15 -12.44
N ASP G 767 -30.76 -41.00 -13.22
CA ASP G 767 -30.85 -40.76 -14.66
C ASP G 767 -31.61 -39.48 -14.94
N ASP G 768 -32.71 -39.25 -14.22
CA ASP G 768 -33.45 -38.00 -14.40
C ASP G 768 -32.65 -36.81 -13.89
N ILE G 769 -31.75 -37.02 -12.94
CA ILE G 769 -30.89 -35.95 -12.47
C ILE G 769 -29.91 -35.54 -13.56
N LEU G 770 -29.25 -36.53 -14.17
CA LEU G 770 -28.29 -36.23 -15.23
C LEU G 770 -28.99 -35.64 -16.44
N ASP G 771 -30.15 -36.19 -16.82
CA ASP G 771 -30.88 -35.64 -17.95
C ASP G 771 -31.35 -34.21 -17.69
N SER G 772 -31.84 -33.95 -16.47
CA SER G 772 -32.26 -32.60 -16.14
C SER G 772 -31.08 -31.64 -16.16
N ALA G 773 -29.92 -32.07 -15.67
CA ALA G 773 -28.75 -31.21 -15.67
C ALA G 773 -28.29 -30.90 -17.09
N ASP G 774 -28.23 -31.93 -17.94
CA ASP G 774 -27.69 -31.75 -19.29
C ASP G 774 -28.62 -30.92 -20.17
N GLN G 775 -29.91 -31.27 -20.18
CA GLN G 775 -30.91 -30.63 -21.02
C GLN G 775 -32.04 -30.12 -20.12
N PRO G 776 -31.85 -28.98 -19.46
CA PRO G 776 -32.90 -28.48 -18.55
C PRO G 776 -34.21 -28.15 -19.25
N LEU G 777 -34.15 -27.48 -20.40
CA LEU G 777 -35.35 -27.05 -21.11
C LEU G 777 -35.70 -27.92 -22.31
N THR G 778 -34.82 -28.84 -22.71
CA THR G 778 -35.07 -29.70 -23.85
C THR G 778 -35.15 -31.18 -23.50
N GLY G 779 -34.71 -31.58 -22.32
CA GLY G 779 -34.77 -32.98 -21.89
C GLY G 779 -36.11 -33.33 -21.30
N ARG G 780 -36.08 -34.29 -20.35
CA ARG G 780 -37.31 -34.74 -19.71
C ARG G 780 -37.86 -33.72 -18.71
N LYS G 781 -37.08 -32.69 -18.37
CA LYS G 781 -37.57 -31.60 -17.52
C LYS G 781 -38.14 -32.14 -16.21
N TRP G 782 -37.45 -33.14 -15.64
CA TRP G 782 -37.88 -33.68 -14.36
C TRP G 782 -37.77 -32.64 -13.25
N TRP G 783 -36.72 -31.81 -13.28
CA TRP G 783 -36.49 -30.83 -12.23
C TRP G 783 -37.67 -29.87 -12.07
N MET G 784 -38.38 -29.56 -13.15
CA MET G 784 -39.50 -28.64 -13.04
C MET G 784 -40.59 -29.15 -12.12
N GLY G 785 -40.62 -30.46 -11.85
CA GLY G 785 -41.61 -31.03 -10.96
C GLY G 785 -41.25 -31.01 -9.49
N ALA G 786 -40.04 -30.58 -9.14
CA ALA G 786 -39.60 -30.57 -7.76
C ALA G 786 -40.28 -29.43 -6.99
N GLU G 787 -40.24 -29.54 -5.67
CA GLU G 787 -40.83 -28.50 -4.82
C GLU G 787 -40.08 -27.18 -4.96
N GLU G 788 -38.75 -27.24 -5.06
CA GLU G 788 -37.89 -26.07 -5.31
C GLU G 788 -37.18 -26.31 -6.62
N PRO G 789 -37.82 -25.97 -7.75
CA PRO G 789 -37.28 -26.42 -9.05
C PRO G 789 -35.90 -25.88 -9.38
N TRP G 790 -35.64 -24.60 -9.13
CA TRP G 790 -34.36 -24.03 -9.51
C TRP G 790 -33.24 -24.52 -8.59
N GLN G 791 -33.50 -24.55 -7.28
CA GLN G 791 -32.51 -25.10 -6.35
C GLN G 791 -32.27 -26.58 -6.64
N THR G 792 -33.33 -27.33 -6.92
CA THR G 792 -33.17 -28.73 -7.28
C THR G 792 -32.31 -28.88 -8.53
N LEU G 793 -32.52 -28.02 -9.53
CA LEU G 793 -31.73 -28.10 -10.75
C LEU G 793 -30.26 -27.80 -10.46
N ALA G 794 -29.99 -26.75 -9.67
CA ALA G 794 -28.61 -26.46 -9.30
C ALA G 794 -27.97 -27.64 -8.59
N CYS G 795 -28.71 -28.28 -7.67
CA CYS G 795 -28.17 -29.44 -6.98
C CYS G 795 -27.94 -30.60 -7.93
N CYS G 796 -28.76 -30.73 -8.98
CA CYS G 796 -28.53 -31.76 -9.99
C CYS G 796 -27.26 -31.49 -10.77
N MET G 797 -27.01 -30.23 -11.11
CA MET G 797 -25.76 -29.89 -11.79
C MET G 797 -24.56 -30.19 -10.89
N GLU G 798 -24.65 -29.83 -9.61
CA GLU G 798 -23.55 -30.09 -8.70
C GLU G 798 -23.30 -31.59 -8.54
N VAL G 799 -24.38 -32.37 -8.40
CA VAL G 799 -24.22 -33.82 -8.26
C VAL G 799 -23.66 -34.42 -9.54
N ALA G 800 -24.05 -33.89 -10.69
CA ALA G 800 -23.51 -34.37 -11.96
C ALA G 800 -22.00 -34.11 -12.03
N ASN G 801 -21.59 -32.88 -11.74
CA ASN G 801 -20.17 -32.57 -11.73
C ASN G 801 -19.42 -33.45 -10.74
N ALA G 802 -20.05 -33.78 -9.61
CA ALA G 802 -19.39 -34.60 -8.61
C ALA G 802 -19.20 -36.03 -9.09
N VAL G 803 -20.28 -36.66 -9.56
CA VAL G 803 -20.20 -38.06 -9.96
C VAL G 803 -19.37 -38.23 -11.23
N ARG G 804 -19.39 -37.26 -12.12
CA ARG G 804 -18.61 -37.35 -13.35
C ARG G 804 -17.16 -36.94 -13.18
N ALA G 805 -16.76 -36.49 -11.99
CA ALA G 805 -15.37 -36.16 -11.73
C ALA G 805 -14.55 -37.43 -11.54
N SER G 806 -13.25 -37.30 -11.77
CA SER G 806 -12.35 -38.45 -11.60
C SER G 806 -12.44 -39.01 -10.19
N ASP G 807 -12.45 -38.13 -9.19
CA ASP G 807 -12.57 -38.54 -7.79
C ASP G 807 -13.67 -37.72 -7.13
N PRO G 808 -14.86 -38.31 -6.94
CA PRO G 808 -15.94 -37.54 -6.30
C PRO G 808 -15.57 -37.01 -4.93
N ALA G 809 -14.78 -37.75 -4.15
CA ALA G 809 -14.39 -37.29 -2.82
C ALA G 809 -13.49 -36.06 -2.87
N ALA G 810 -12.90 -35.76 -4.02
CA ALA G 810 -11.99 -34.63 -4.15
C ALA G 810 -12.59 -33.49 -4.97
N TYR G 811 -13.84 -33.61 -5.41
CA TYR G 811 -14.47 -32.55 -6.18
C TYR G 811 -14.70 -31.34 -5.28
N VAL G 812 -14.14 -30.20 -5.66
CA VAL G 812 -14.33 -28.96 -4.92
C VAL G 812 -15.75 -28.45 -5.17
N SER G 813 -16.63 -28.65 -4.20
CA SER G 813 -18.04 -28.31 -4.34
C SER G 813 -18.31 -26.93 -3.76
N HIS G 814 -19.07 -26.12 -4.49
CA HIS G 814 -19.42 -24.77 -4.07
C HIS G 814 -20.87 -24.61 -3.66
N LEU G 815 -21.73 -25.56 -4.01
CA LEU G 815 -23.16 -25.40 -3.73
C LEU G 815 -23.42 -25.49 -2.23
N PRO G 816 -24.12 -24.53 -1.64
CA PRO G 816 -24.45 -24.62 -0.22
C PRO G 816 -25.53 -25.66 0.05
N VAL G 817 -25.39 -26.36 1.17
CA VAL G 817 -26.35 -27.35 1.63
C VAL G 817 -27.06 -26.78 2.85
N HIS G 818 -28.38 -27.00 2.90
CA HIS G 818 -29.25 -26.43 3.92
C HIS G 818 -29.70 -27.50 4.90
N GLN G 819 -29.77 -27.12 6.17
CA GLN G 819 -30.34 -27.94 7.23
C GLN G 819 -31.27 -27.06 8.04
N ASP G 820 -32.57 -27.38 8.02
CA ASP G 820 -33.61 -26.55 8.60
C ASP G 820 -34.21 -27.21 9.83
N GLY G 821 -34.53 -26.40 10.83
CA GLY G 821 -35.25 -26.89 12.00
C GLY G 821 -36.74 -26.76 11.83
N SER G 822 -37.45 -27.88 11.82
CA SER G 822 -38.89 -27.88 11.63
C SER G 822 -39.56 -27.25 12.84
N CYS G 823 -40.20 -26.11 12.65
CA CYS G 823 -40.86 -25.37 13.72
C CYS G 823 -39.90 -25.12 14.87
N ASN G 824 -38.87 -24.32 14.58
CA ASN G 824 -37.84 -24.04 15.57
C ASN G 824 -38.44 -23.42 16.83
N GLY G 825 -39.49 -22.62 16.69
CA GLY G 825 -40.13 -22.04 17.87
C GLY G 825 -40.68 -23.10 18.80
N LEU G 826 -41.44 -24.06 18.26
CA LEU G 826 -41.92 -25.16 19.07
C LEU G 826 -40.78 -25.96 19.66
N GLN G 827 -39.65 -26.02 18.96
CA GLN G 827 -38.46 -26.65 19.53
C GLN G 827 -38.01 -25.91 20.78
N HIS G 828 -37.96 -24.57 20.71
CA HIS G 828 -37.54 -23.79 21.87
C HIS G 828 -38.52 -23.91 23.02
N TYR G 829 -39.82 -23.92 22.73
CA TYR G 829 -40.80 -24.09 23.80
C TYR G 829 -40.69 -25.47 24.44
N ALA G 830 -40.49 -26.50 23.62
CA ALA G 830 -40.33 -27.85 24.16
C ALA G 830 -39.05 -27.97 24.99
N ALA G 831 -38.01 -27.23 24.62
CA ALA G 831 -36.78 -27.26 25.40
C ALA G 831 -36.96 -26.51 26.72
N LEU G 832 -37.64 -25.36 26.69
CA LEU G 832 -37.82 -24.58 27.91
C LEU G 832 -38.60 -25.35 28.96
N GLY G 833 -39.70 -25.98 28.56
CA GLY G 833 -40.53 -26.74 29.46
C GLY G 833 -40.16 -28.20 29.61
N ARG G 834 -39.10 -28.66 28.94
CA ARG G 834 -38.71 -30.06 28.96
C ARG G 834 -39.90 -30.95 28.64
N ASP G 835 -40.76 -30.48 27.74
CA ASP G 835 -41.97 -31.21 27.38
C ASP G 835 -41.61 -32.42 26.52
N SER G 836 -41.89 -33.61 27.03
CA SER G 836 -41.59 -34.83 26.27
C SER G 836 -42.46 -34.93 25.03
N VAL G 837 -43.75 -34.61 25.15
CA VAL G 837 -44.64 -34.64 23.99
C VAL G 837 -44.17 -33.65 22.94
N GLY G 838 -43.76 -32.46 23.38
CA GLY G 838 -43.24 -31.48 22.44
C GLY G 838 -41.93 -31.94 21.81
N ALA G 839 -41.00 -32.40 22.65
CA ALA G 839 -39.71 -32.86 22.13
C ALA G 839 -39.89 -33.95 21.08
N ALA G 840 -40.86 -34.85 21.30
CA ALA G 840 -41.13 -35.88 20.31
C ALA G 840 -41.78 -35.29 19.07
N SER G 841 -42.74 -34.37 19.25
CA SER G 841 -43.46 -33.81 18.12
C SER G 841 -42.53 -33.06 17.16
N VAL G 842 -41.60 -32.27 17.71
CA VAL G 842 -40.76 -31.42 16.89
C VAL G 842 -39.34 -31.95 16.78
N ASN G 843 -39.20 -33.27 16.83
CA ASN G 843 -37.95 -33.96 16.48
C ASN G 843 -36.81 -33.58 17.42
N LEU G 844 -37.10 -33.25 18.67
CA LEU G 844 -36.03 -33.11 19.65
C LEU G 844 -35.59 -34.46 20.17
N GLU G 845 -36.52 -35.39 20.35
CA GLU G 845 -36.19 -36.75 20.77
C GLU G 845 -35.73 -37.57 19.57
N PRO G 846 -34.61 -38.28 19.68
CA PRO G 846 -34.09 -39.01 18.51
C PRO G 846 -35.07 -40.05 18.00
N SER G 847 -35.06 -40.23 16.67
CA SER G 847 -35.91 -41.22 16.02
C SER G 847 -35.30 -41.53 14.65
N ASP G 848 -35.57 -42.75 14.16
CA ASP G 848 -35.06 -43.15 12.86
C ASP G 848 -35.87 -42.57 11.71
N VAL G 849 -37.10 -42.14 11.96
CA VAL G 849 -37.93 -41.49 10.97
C VAL G 849 -38.26 -40.08 11.45
N PRO G 850 -38.43 -39.11 10.56
CA PRO G 850 -38.74 -37.75 11.02
C PRO G 850 -40.13 -37.67 11.62
N GLN G 851 -40.24 -36.95 12.73
CA GLN G 851 -41.52 -36.75 13.40
C GLN G 851 -42.17 -35.49 12.86
N ASP G 852 -43.35 -35.63 12.29
CA ASP G 852 -44.07 -34.52 11.66
C ASP G 852 -45.12 -34.02 12.64
N VAL G 853 -44.85 -32.89 13.30
CA VAL G 853 -45.82 -32.31 14.21
C VAL G 853 -47.03 -31.80 13.43
N TYR G 854 -46.84 -31.43 12.17
CA TYR G 854 -47.95 -30.92 11.37
C TYR G 854 -48.99 -31.99 11.11
N SER G 855 -48.57 -33.26 11.05
CA SER G 855 -49.53 -34.34 10.80
C SER G 855 -50.37 -34.60 12.05
N GLY G 856 -49.73 -34.68 13.21
CA GLY G 856 -50.48 -34.87 14.45
C GLY G 856 -51.39 -33.71 14.75
N VAL G 857 -50.85 -32.48 14.64
CA VAL G 857 -51.67 -31.29 14.85
C VAL G 857 -52.82 -31.27 13.86
N ALA G 858 -52.55 -31.60 12.59
CA ALA G 858 -53.62 -31.67 11.60
C ALA G 858 -54.66 -32.72 11.99
N ALA G 859 -54.25 -33.80 12.64
CA ALA G 859 -55.21 -34.82 13.06
C ALA G 859 -56.08 -34.31 14.20
N GLN G 860 -55.47 -33.78 15.27
CA GLN G 860 -56.25 -33.24 16.38
C GLN G 860 -57.20 -32.15 15.89
N VAL G 861 -56.68 -31.21 15.10
CA VAL G 861 -57.54 -30.20 14.49
C VAL G 861 -58.61 -30.86 13.63
N GLU G 862 -58.33 -32.05 13.09
CA GLU G 862 -59.33 -32.77 12.32
C GLU G 862 -60.46 -33.27 13.22
N VAL G 863 -60.13 -33.72 14.44
CA VAL G 863 -61.18 -34.18 15.34
C VAL G 863 -62.00 -32.99 15.85
N PHE G 864 -61.33 -31.88 16.17
CA PHE G 864 -62.06 -30.67 16.53
C PHE G 864 -62.97 -30.25 15.38
N ARG G 865 -62.46 -30.29 14.15
CA ARG G 865 -63.27 -29.97 12.98
C ARG G 865 -64.43 -30.95 12.81
N ARG G 866 -64.25 -32.20 13.25
CA ARG G 866 -65.36 -33.14 13.22
C ARG G 866 -66.44 -32.77 14.22
N GLN G 867 -66.03 -32.31 15.41
CA GLN G 867 -67.02 -31.88 16.40
C GLN G 867 -67.76 -30.65 15.92
N ASP G 868 -67.03 -29.60 15.55
CA ASP G 868 -67.68 -28.36 15.10
C ASP G 868 -68.50 -28.59 13.84
N ALA G 869 -67.98 -29.40 12.91
CA ALA G 869 -68.74 -29.72 11.71
C ALA G 869 -69.98 -30.54 12.05
N GLN G 870 -69.89 -31.36 13.09
CA GLN G 870 -71.07 -32.09 13.55
C GLN G 870 -72.10 -31.10 14.09
N ARG G 871 -71.63 -29.99 14.67
CA ARG G 871 -72.50 -28.95 15.21
C ARG G 871 -73.13 -28.10 14.11
N GLY G 872 -72.69 -28.25 12.86
CA GLY G 872 -73.30 -27.57 11.74
C GLY G 872 -72.61 -26.31 11.27
N MET G 873 -71.40 -26.04 11.75
CA MET G 873 -70.70 -24.81 11.38
C MET G 873 -70.29 -24.86 9.91
N ARG G 874 -70.33 -23.69 9.25
CA ARG G 874 -70.09 -23.66 7.81
C ARG G 874 -68.59 -23.76 7.50
N VAL G 875 -67.76 -22.98 8.17
CA VAL G 875 -66.33 -22.99 7.86
C VAL G 875 -65.73 -24.36 8.14
N ALA G 876 -66.15 -24.99 9.24
CA ALA G 876 -65.68 -26.34 9.54
C ALA G 876 -66.14 -27.34 8.49
N GLN G 877 -67.34 -27.13 7.92
CA GLN G 877 -67.83 -28.03 6.88
C GLN G 877 -67.03 -27.84 5.59
N VAL G 878 -66.68 -26.61 5.24
CA VAL G 878 -65.98 -26.36 4.00
C VAL G 878 -64.49 -26.70 4.10
N LEU G 879 -63.92 -26.68 5.30
CA LEU G 879 -62.51 -27.04 5.47
C LEU G 879 -62.29 -28.55 5.53
N GLU G 880 -63.33 -29.35 5.34
CA GLU G 880 -63.19 -30.80 5.37
C GLU G 880 -62.33 -31.27 4.21
N GLY G 881 -61.29 -32.05 4.52
CA GLY G 881 -60.39 -32.56 3.51
C GLY G 881 -59.34 -31.59 3.04
N PHE G 882 -59.22 -30.42 3.68
CA PHE G 882 -58.22 -29.43 3.32
C PHE G 882 -57.13 -29.27 4.37
N ILE G 883 -57.28 -29.90 5.53
CA ILE G 883 -56.25 -29.84 6.57
C ILE G 883 -55.06 -30.67 6.12
N THR G 884 -54.04 -30.01 5.59
CA THR G 884 -52.85 -30.66 5.05
C THR G 884 -51.61 -30.18 5.78
N ARG G 885 -50.50 -30.89 5.55
CA ARG G 885 -49.25 -30.55 6.20
C ARG G 885 -48.84 -29.12 5.89
N LYS G 886 -48.83 -28.75 4.61
CA LYS G 886 -48.41 -27.40 4.23
C LYS G 886 -49.30 -26.35 4.87
N VAL G 887 -50.61 -26.55 4.83
CA VAL G 887 -51.53 -25.58 5.44
C VAL G 887 -51.24 -25.44 6.92
N VAL G 888 -51.10 -26.56 7.63
CA VAL G 888 -50.84 -26.50 9.06
C VAL G 888 -49.39 -26.21 9.37
N LYS G 889 -48.47 -26.52 8.46
CA LYS G 889 -47.09 -26.08 8.62
C LYS G 889 -47.02 -24.55 8.65
N GLN G 890 -47.55 -23.91 7.61
CA GLN G 890 -47.56 -22.44 7.58
C GLN G 890 -48.42 -21.86 8.70
N THR G 891 -49.50 -22.54 9.06
CA THR G 891 -50.37 -22.04 10.12
C THR G 891 -49.65 -22.04 11.47
N VAL G 892 -49.06 -23.18 11.85
CA VAL G 892 -48.32 -23.26 13.11
C VAL G 892 -47.14 -22.30 13.07
N MET G 893 -46.39 -22.30 11.96
CA MET G 893 -45.31 -21.33 11.78
C MET G 893 -45.82 -19.91 11.98
N THR G 894 -47.11 -19.68 11.73
CA THR G 894 -47.71 -18.38 11.97
C THR G 894 -47.94 -18.15 13.47
N VAL G 895 -48.65 -19.08 14.12
CA VAL G 895 -49.03 -18.86 15.51
C VAL G 895 -47.80 -18.85 16.41
N VAL G 896 -46.82 -19.71 16.12
CA VAL G 896 -45.59 -19.68 16.91
C VAL G 896 -44.83 -18.39 16.67
N TYR G 897 -44.50 -18.10 15.41
CA TYR G 897 -43.74 -16.90 15.08
C TYR G 897 -44.58 -15.64 15.13
N GLY G 898 -45.91 -15.73 15.03
CA GLY G 898 -46.65 -14.51 15.14
C GLY G 898 -48.16 -14.62 15.23
N VAL G 899 -48.67 -14.10 16.34
CA VAL G 899 -50.09 -13.92 16.56
C VAL G 899 -50.41 -12.47 16.20
N THR G 900 -51.34 -12.26 15.29
CA THR G 900 -51.65 -10.91 14.81
C THR G 900 -50.52 -10.40 13.93
N ARG G 901 -50.68 -9.19 13.38
CA ARG G 901 -49.74 -8.63 12.42
C ARG G 901 -49.54 -9.60 11.26
N TYR G 902 -50.60 -9.66 10.45
CA TYR G 902 -50.89 -10.75 9.51
C TYR G 902 -49.97 -10.82 8.30
N GLY G 903 -48.66 -10.67 8.50
CA GLY G 903 -47.74 -10.92 7.41
C GLY G 903 -47.78 -12.37 6.96
N GLY G 904 -47.59 -13.30 7.90
CA GLY G 904 -47.73 -14.71 7.60
C GLY G 904 -49.16 -15.12 7.34
N ARG G 905 -50.11 -14.48 8.03
CA ARG G 905 -51.52 -14.78 7.79
C ARG G 905 -51.90 -14.55 6.34
N LEU G 906 -51.37 -13.49 5.72
CA LEU G 906 -51.63 -13.25 4.31
C LEU G 906 -51.05 -14.37 3.45
N GLN G 907 -49.86 -14.86 3.81
CA GLN G 907 -49.27 -15.98 3.08
C GLN G 907 -50.16 -17.21 3.18
N ILE G 908 -50.71 -17.48 4.37
CA ILE G 908 -51.62 -18.60 4.54
C ILE G 908 -52.85 -18.41 3.64
N GLU G 909 -53.41 -17.19 3.64
CA GLU G 909 -54.55 -16.92 2.76
C GLU G 909 -54.20 -17.22 1.31
N LYS G 910 -53.00 -16.84 0.88
CA LYS G 910 -52.55 -17.17 -0.48
C LYS G 910 -52.53 -18.68 -0.68
N ARG G 911 -51.94 -19.41 0.26
CA ARG G 911 -51.82 -20.86 0.12
C ARG G 911 -53.17 -21.54 0.06
N LEU G 912 -54.19 -20.95 0.71
CA LEU G 912 -55.54 -21.47 0.58
C LEU G 912 -56.18 -21.07 -0.74
N ARG G 913 -55.87 -19.86 -1.22
CA ARG G 913 -56.42 -19.41 -2.49
C ARG G 913 -55.92 -20.25 -3.65
N GLU G 914 -54.72 -20.82 -3.52
CA GLU G 914 -54.22 -21.71 -4.57
C GLU G 914 -54.84 -23.10 -4.53
N LEU G 915 -55.78 -23.34 -3.61
CA LEU G 915 -56.52 -24.60 -3.53
C LEU G 915 -57.84 -24.46 -4.28
N SER G 916 -57.74 -24.53 -5.62
CA SER G 916 -58.86 -24.36 -6.55
C SER G 916 -60.21 -24.82 -6.02
N ASP G 917 -60.27 -26.02 -5.45
CA ASP G 917 -61.54 -26.60 -4.98
C ASP G 917 -62.09 -25.94 -3.73
N PHE G 918 -61.63 -24.77 -3.31
CA PHE G 918 -62.13 -24.13 -2.10
C PHE G 918 -62.92 -22.87 -2.43
N PRO G 919 -64.13 -22.72 -1.88
CA PRO G 919 -64.90 -21.48 -2.09
C PRO G 919 -64.20 -20.27 -1.49
N GLN G 920 -63.70 -19.38 -2.33
CA GLN G 920 -62.89 -18.24 -1.90
C GLN G 920 -63.62 -17.24 -1.00
N GLU G 921 -64.92 -17.45 -0.76
CA GLU G 921 -65.63 -16.50 0.10
C GLU G 921 -65.23 -16.65 1.56
N PHE G 922 -64.85 -17.85 1.99
CA PHE G 922 -64.50 -18.12 3.38
C PHE G 922 -62.99 -18.10 3.63
N VAL G 923 -62.18 -17.80 2.62
CA VAL G 923 -60.73 -17.92 2.77
C VAL G 923 -60.24 -17.10 3.96
N TRP G 924 -60.81 -15.91 4.15
CA TRP G 924 -60.44 -15.07 5.28
C TRP G 924 -60.89 -15.71 6.59
N GLU G 925 -62.20 -15.95 6.71
CA GLU G 925 -62.74 -16.63 7.88
C GLU G 925 -62.13 -18.01 8.07
N ALA G 926 -61.78 -18.68 6.97
CA ALA G 926 -61.16 -20.00 7.09
C ALA G 926 -59.74 -19.90 7.65
N SER G 927 -59.02 -18.83 7.28
CA SER G 927 -57.69 -18.65 7.83
C SER G 927 -57.75 -18.30 9.31
N HIS G 928 -58.69 -17.43 9.70
CA HIS G 928 -58.84 -17.11 11.11
C HIS G 928 -59.21 -18.35 11.91
N TYR G 929 -60.19 -19.12 11.41
CA TYR G 929 -60.61 -20.33 12.11
C TYR G 929 -59.46 -21.32 12.22
N LEU G 930 -58.68 -21.48 11.15
CA LEU G 930 -57.53 -22.39 11.19
C LEU G 930 -56.51 -21.95 12.23
N VAL G 931 -56.26 -20.64 12.31
CA VAL G 931 -55.31 -20.14 13.32
C VAL G 931 -55.83 -20.43 14.72
N ARG G 932 -57.12 -20.19 14.95
CA ARG G 932 -57.68 -20.44 16.27
C ARG G 932 -57.61 -21.92 16.63
N GLN G 933 -57.90 -22.80 15.67
CA GLN G 933 -57.88 -24.23 15.95
C GLN G 933 -56.46 -24.75 16.15
N VAL G 934 -55.49 -24.19 15.45
CA VAL G 934 -54.09 -24.56 15.69
C VAL G 934 -53.65 -24.10 17.07
N PHE G 935 -54.05 -22.88 17.46
CA PHE G 935 -53.75 -22.40 18.80
C PHE G 935 -54.32 -23.35 19.86
N LYS G 936 -55.63 -23.62 19.77
CA LYS G 936 -56.26 -24.50 20.75
C LYS G 936 -55.62 -25.87 20.77
N SER G 937 -55.39 -26.46 19.58
CA SER G 937 -54.85 -27.80 19.51
C SER G 937 -53.45 -27.87 20.12
N LEU G 938 -52.56 -26.98 19.68
CA LEU G 938 -51.21 -26.95 20.24
C LEU G 938 -51.26 -26.79 21.76
N GLN G 939 -52.18 -25.98 22.26
CA GLN G 939 -52.29 -25.82 23.70
C GLN G 939 -52.89 -27.05 24.39
N GLU G 940 -53.64 -27.87 23.66
CA GLU G 940 -54.21 -29.09 24.23
C GLU G 940 -53.16 -30.19 24.31
N MET G 941 -52.53 -30.51 23.18
CA MET G 941 -51.51 -31.56 23.16
C MET G 941 -50.22 -31.13 23.86
N PHE G 942 -50.01 -29.83 24.01
CA PHE G 942 -48.80 -29.30 24.64
C PHE G 942 -49.22 -28.40 25.81
N SER G 943 -49.78 -29.01 26.85
CA SER G 943 -50.29 -28.22 27.97
C SER G 943 -49.17 -27.44 28.65
N GLY G 944 -47.99 -28.04 28.80
CA GLY G 944 -46.87 -27.33 29.38
C GLY G 944 -46.52 -26.09 28.57
N THR G 945 -46.45 -26.24 27.25
CA THR G 945 -46.25 -25.08 26.38
C THR G 945 -47.28 -24.00 26.65
N ARG G 946 -48.55 -24.38 26.82
CA ARG G 946 -49.56 -23.41 27.21
C ARG G 946 -49.20 -22.73 28.52
N ALA G 947 -48.64 -23.48 29.46
CA ALA G 947 -48.25 -22.91 30.75
C ALA G 947 -47.17 -21.85 30.56
N ILE G 948 -46.14 -22.17 29.79
CA ILE G 948 -45.06 -21.21 29.57
C ILE G 948 -45.57 -19.98 28.81
N GLN G 949 -46.32 -20.21 27.73
CA GLN G 949 -46.84 -19.11 26.93
C GLN G 949 -47.72 -18.19 27.77
N HIS G 950 -48.63 -18.77 28.56
CA HIS G 950 -49.50 -17.94 29.40
C HIS G 950 -48.70 -17.22 30.48
N TRP G 951 -47.65 -17.86 31.00
CA TRP G 951 -46.81 -17.23 32.01
C TRP G 951 -46.12 -15.99 31.44
N LEU G 952 -45.44 -16.16 30.30
CA LEU G 952 -44.77 -15.01 29.67
C LEU G 952 -45.78 -13.95 29.26
N THR G 953 -46.90 -14.36 28.66
CA THR G 953 -47.90 -13.41 28.21
C THR G 953 -48.44 -12.59 29.37
N GLU G 954 -48.85 -13.26 30.45
CA GLU G 954 -49.40 -12.55 31.60
C GLU G 954 -48.35 -11.64 32.22
N SER G 955 -47.13 -12.14 32.38
CA SER G 955 -46.05 -11.31 32.93
C SER G 955 -45.88 -10.03 32.11
N ALA G 956 -45.86 -10.18 30.79
CA ALA G 956 -45.74 -9.00 29.92
C ALA G 956 -46.95 -8.08 30.09
N ARG G 957 -48.15 -8.66 30.23
CA ARG G 957 -49.34 -7.86 30.46
C ARG G 957 -49.19 -6.99 31.70
N LEU G 958 -48.72 -7.58 32.80
CA LEU G 958 -48.59 -6.83 34.05
C LEU G 958 -47.47 -5.80 33.95
N ILE G 959 -46.36 -6.16 33.30
CA ILE G 959 -45.25 -5.22 33.16
C ILE G 959 -45.69 -4.00 32.35
N SER G 960 -46.33 -4.24 31.21
CA SER G 960 -46.79 -3.13 30.37
C SER G 960 -47.91 -2.35 31.05
N HIS G 961 -48.75 -3.01 31.85
CA HIS G 961 -49.82 -2.31 32.54
C HIS G 961 -49.30 -1.26 33.50
N MET G 962 -48.06 -1.39 33.95
CA MET G 962 -47.44 -0.40 34.83
C MET G 962 -46.79 0.75 34.05
N GLY G 963 -47.02 0.81 32.75
CA GLY G 963 -46.46 1.89 31.94
C GLY G 963 -45.00 1.71 31.59
N SER G 964 -44.51 0.48 31.53
CA SER G 964 -43.12 0.20 31.18
C SER G 964 -43.07 -0.91 30.14
N VAL G 965 -42.24 -0.72 29.11
CA VAL G 965 -42.11 -1.72 28.07
C VAL G 965 -41.30 -2.91 28.59
N VAL G 966 -41.56 -4.08 28.03
CA VAL G 966 -40.87 -5.30 28.44
C VAL G 966 -39.47 -5.31 27.87
N GLU G 967 -38.48 -5.47 28.76
CA GLU G 967 -37.08 -5.54 28.38
C GLU G 967 -36.48 -6.81 28.96
N TRP G 968 -35.56 -7.43 28.21
CA TRP G 968 -34.84 -8.58 28.73
C TRP G 968 -33.47 -8.65 28.09
N VAL G 969 -32.72 -9.69 28.42
CA VAL G 969 -31.38 -9.91 27.90
C VAL G 969 -31.29 -11.36 27.43
N THR G 970 -30.87 -11.55 26.18
CA THR G 970 -30.70 -12.90 25.66
C THR G 970 -29.56 -13.60 26.41
N PRO G 971 -29.53 -14.94 26.35
CA PRO G 971 -28.43 -15.67 27.00
C PRO G 971 -27.06 -15.30 26.49
N LEU G 972 -26.96 -14.50 25.43
CA LEU G 972 -25.68 -14.06 24.89
C LEU G 972 -25.36 -12.62 25.28
N GLY G 973 -26.19 -11.99 26.12
CA GLY G 973 -25.93 -10.64 26.57
C GLY G 973 -26.48 -9.54 25.70
N VAL G 974 -27.47 -9.83 24.86
CA VAL G 974 -28.07 -8.84 23.97
C VAL G 974 -29.32 -8.29 24.62
N PRO G 975 -29.43 -6.99 24.86
CA PRO G 975 -30.66 -6.43 25.44
C PRO G 975 -31.73 -6.23 24.37
N VAL G 976 -32.93 -6.75 24.64
CA VAL G 976 -34.06 -6.64 23.73
C VAL G 976 -35.16 -5.83 24.42
N ILE G 977 -35.70 -4.86 23.69
CA ILE G 977 -36.76 -3.97 24.17
C ILE G 977 -37.86 -3.94 23.13
N GLN G 978 -39.11 -4.03 23.58
CA GLN G 978 -40.23 -3.99 22.65
C GLN G 978 -40.58 -2.53 22.34
N PRO G 979 -40.65 -2.14 21.08
CA PRO G 979 -40.84 -0.73 20.71
C PRO G 979 -42.29 -0.27 20.59
N TYR G 980 -43.27 -1.14 20.82
CA TYR G 980 -44.67 -0.79 20.58
C TYR G 980 -45.13 0.37 21.46
N ARG G 981 -45.22 1.56 20.88
CA ARG G 981 -45.77 2.73 21.56
C ARG G 981 -46.65 3.49 20.57
N LEU G 982 -47.38 4.48 21.08
CA LEU G 982 -48.36 5.17 20.25
C LEU G 982 -48.46 6.63 20.66
N ASP G 983 -49.06 7.42 19.77
CA ASP G 983 -49.53 8.77 20.09
C ASP G 983 -48.41 9.79 20.28
N SER G 984 -47.59 9.98 19.24
CA SER G 984 -46.62 11.07 19.19
C SER G 984 -46.73 11.71 17.81
N LYS G 985 -46.95 13.03 17.77
CA LYS G 985 -47.17 13.67 16.49
C LYS G 985 -46.93 15.17 16.59
N VAL G 986 -46.42 15.73 15.49
CA VAL G 986 -46.18 17.15 15.31
C VAL G 986 -46.05 17.39 13.81
N LYS G 987 -46.44 18.57 13.34
CA LYS G 987 -46.50 18.82 11.91
C LYS G 987 -45.90 20.17 11.54
N GLN G 988 -45.10 20.16 10.47
CA GLN G 988 -44.57 21.34 9.84
C GLN G 988 -45.50 21.77 8.70
N ILE G 989 -45.18 22.91 8.08
CA ILE G 989 -46.03 23.44 7.00
C ILE G 989 -45.16 24.24 6.05
N GLY G 990 -44.93 23.70 4.85
CA GLY G 990 -44.21 24.39 3.79
C GLY G 990 -45.19 24.88 2.74
N GLY G 991 -45.14 26.17 2.44
CA GLY G 991 -46.02 26.76 1.44
C GLY G 991 -45.76 26.16 0.06
N SER G 995 -49.66 24.55 -0.04
CA SER G 995 -48.96 24.45 1.24
C SER G 995 -49.36 23.17 1.98
N ILE G 996 -48.63 22.09 1.74
CA ILE G 996 -48.90 20.83 2.41
C ILE G 996 -48.36 20.86 3.84
N THR G 997 -49.04 20.12 4.72
CA THR G 997 -48.70 20.05 6.14
C THR G 997 -48.44 18.60 6.52
N TYR G 998 -47.29 18.06 6.13
CA TYR G 998 -46.99 16.67 6.43
C TYR G 998 -46.73 16.51 7.91
N THR G 999 -47.31 15.48 8.51
CA THR G 999 -47.10 15.20 9.93
C THR G 999 -45.80 14.43 10.15
N HIS G 1000 -45.43 14.30 11.42
CA HIS G 1000 -44.20 13.61 11.80
C HIS G 1000 -44.39 12.98 13.16
N ASN G 1001 -43.80 11.80 13.35
CA ASN G 1001 -43.87 11.07 14.61
C ASN G 1001 -42.54 11.22 15.35
N GLY G 1002 -42.52 12.10 16.36
CA GLY G 1002 -41.29 12.33 17.10
C GLY G 1002 -40.95 11.09 17.93
N ASP G 1003 -39.69 11.02 18.37
CA ASP G 1003 -39.26 9.88 19.15
C ASP G 1003 -39.76 9.93 20.59
N ILE G 1004 -40.40 11.01 21.01
CA ILE G 1004 -40.94 11.10 22.37
C ILE G 1004 -42.29 10.40 22.45
N SER G 1005 -42.36 9.34 23.25
CA SER G 1005 -43.56 8.53 23.41
C SER G 1005 -44.18 8.78 24.78
N ARG G 1006 -45.51 8.67 24.85
CA ARG G 1006 -46.19 8.89 26.12
C ARG G 1006 -46.59 7.59 26.79
N LYS G 1007 -47.51 6.82 26.18
CA LYS G 1007 -47.90 5.57 26.80
C LYS G 1007 -47.57 4.34 25.95
N PRO G 1008 -47.22 3.23 26.60
CA PRO G 1008 -46.97 1.99 25.88
C PRO G 1008 -48.28 1.37 25.40
N ASN G 1009 -48.18 0.55 24.34
CA ASN G 1009 -49.34 -0.19 23.82
C ASN G 1009 -49.37 -1.55 24.50
N THR G 1010 -50.18 -1.66 25.56
CA THR G 1010 -50.19 -2.88 26.37
C THR G 1010 -50.51 -4.13 25.53
N ARG G 1011 -51.40 -3.99 24.54
CA ARG G 1011 -51.81 -5.16 23.77
C ARG G 1011 -50.65 -5.71 22.94
N LYS G 1012 -50.02 -4.85 22.14
CA LYS G 1012 -48.91 -5.30 21.31
C LYS G 1012 -47.77 -5.84 22.17
N GLN G 1013 -47.54 -5.24 23.33
CA GLN G 1013 -46.51 -5.73 24.24
C GLN G 1013 -46.83 -7.14 24.73
N LYS G 1014 -48.05 -7.33 25.24
CA LYS G 1014 -48.40 -8.62 25.83
C LYS G 1014 -48.41 -9.73 24.78
N ASN G 1015 -49.02 -9.46 23.62
CA ASN G 1015 -49.01 -10.46 22.56
C ASN G 1015 -47.63 -10.67 21.96
N GLY G 1016 -46.75 -9.68 22.07
CA GLY G 1016 -45.46 -9.74 21.43
C GLY G 1016 -44.33 -10.34 22.25
N PHE G 1017 -44.45 -10.31 23.58
CA PHE G 1017 -43.34 -10.75 24.41
C PHE G 1017 -42.92 -12.19 24.15
N PRO G 1018 -43.81 -13.18 24.21
CA PRO G 1018 -43.37 -14.57 24.07
C PRO G 1018 -42.70 -14.83 22.73
N PRO G 1019 -43.36 -14.49 21.61
CA PRO G 1019 -42.74 -14.76 20.31
C PRO G 1019 -41.43 -14.01 20.09
N ASN G 1020 -41.34 -12.78 20.58
CA ASN G 1020 -40.07 -12.05 20.48
C ASN G 1020 -38.98 -12.73 21.29
N PHE G 1021 -39.30 -13.17 22.50
CA PHE G 1021 -38.34 -13.90 23.30
C PHE G 1021 -37.85 -15.15 22.57
N ILE G 1022 -38.78 -15.90 21.97
CA ILE G 1022 -38.40 -17.05 21.17
C ILE G 1022 -37.47 -16.62 20.05
N HIS G 1023 -37.76 -15.46 19.43
CA HIS G 1023 -36.86 -14.94 18.41
C HIS G 1023 -35.45 -14.74 18.96
N SER G 1024 -35.34 -14.18 20.16
CA SER G 1024 -34.03 -14.00 20.77
C SER G 1024 -33.36 -15.34 21.05
N LEU G 1025 -34.16 -16.38 21.33
CA LEU G 1025 -33.58 -17.69 21.61
C LEU G 1025 -33.03 -18.34 20.35
N ASP G 1026 -33.83 -18.37 19.28
CA ASP G 1026 -33.33 -18.94 18.03
C ASP G 1026 -32.19 -18.12 17.45
N SER G 1027 -32.24 -16.80 17.62
CA SER G 1027 -31.13 -15.97 17.17
C SER G 1027 -29.86 -16.26 17.97
N SER G 1028 -29.98 -16.42 19.28
CA SER G 1028 -28.83 -16.77 20.10
C SER G 1028 -28.27 -18.13 19.69
N HIS G 1029 -29.15 -19.10 19.46
CA HIS G 1029 -28.71 -20.42 19.01
C HIS G 1029 -27.95 -20.32 17.69
N MET G 1030 -28.53 -19.62 16.71
CA MET G 1030 -27.86 -19.44 15.43
C MET G 1030 -26.50 -18.79 15.60
N MET G 1031 -26.41 -17.77 16.46
CA MET G 1031 -25.15 -17.07 16.64
C MET G 1031 -24.11 -17.97 17.29
N LEU G 1032 -24.50 -18.75 18.30
CA LEU G 1032 -23.57 -19.71 18.89
C LEU G 1032 -23.08 -20.71 17.85
N THR G 1033 -24.00 -21.25 17.05
CA THR G 1033 -23.63 -22.19 16.00
C THR G 1033 -22.61 -21.56 15.06
N ALA G 1034 -22.85 -20.32 14.63
CA ALA G 1034 -21.94 -19.65 13.71
C ALA G 1034 -20.57 -19.45 14.34
N LEU G 1035 -20.53 -18.93 15.57
CA LEU G 1035 -19.26 -18.65 16.23
C LEU G 1035 -18.44 -19.91 16.42
N HIS G 1036 -19.07 -21.00 16.88
CA HIS G 1036 -18.32 -22.23 17.12
C HIS G 1036 -17.94 -22.91 15.82
N CYS G 1037 -18.79 -22.84 14.80
CA CYS G 1037 -18.44 -23.40 13.50
C CYS G 1037 -17.29 -22.65 12.85
N TYR G 1038 -17.16 -21.35 13.12
CA TYR G 1038 -16.05 -20.58 12.57
C TYR G 1038 -14.71 -21.04 13.12
N ARG G 1039 -14.67 -21.46 14.39
CA ARG G 1039 -13.42 -21.95 14.96
C ARG G 1039 -12.90 -23.19 14.22
N LYS G 1040 -13.80 -24.01 13.70
CA LYS G 1040 -13.39 -25.20 12.96
C LYS G 1040 -13.21 -24.94 11.47
N GLY G 1041 -13.33 -23.69 11.03
CA GLY G 1041 -13.06 -23.36 9.64
C GLY G 1041 -14.20 -23.61 8.69
N LEU G 1042 -15.44 -23.66 9.18
CA LEU G 1042 -16.59 -23.90 8.33
C LEU G 1042 -17.17 -22.58 7.84
N THR G 1043 -17.76 -22.62 6.65
CA THR G 1043 -18.50 -21.48 6.11
C THR G 1043 -19.96 -21.59 6.54
N PHE G 1044 -20.43 -20.58 7.26
CA PHE G 1044 -21.77 -20.61 7.86
C PHE G 1044 -22.53 -19.36 7.49
N VAL G 1045 -23.74 -19.55 6.96
CA VAL G 1045 -24.69 -18.47 6.74
C VAL G 1045 -26.05 -18.96 7.25
N SER G 1046 -26.96 -18.01 7.47
CA SER G 1046 -28.24 -18.32 8.10
C SER G 1046 -29.36 -17.63 7.34
N VAL G 1047 -30.39 -18.40 7.01
CA VAL G 1047 -31.62 -17.89 6.41
C VAL G 1047 -32.75 -18.33 7.32
N HIS G 1048 -33.42 -17.36 7.95
CA HIS G 1048 -34.43 -17.64 8.96
C HIS G 1048 -33.98 -18.77 9.90
N ASP G 1049 -34.61 -19.93 9.81
CA ASP G 1049 -34.22 -21.08 10.63
C ASP G 1049 -33.16 -21.97 10.00
N CYS G 1050 -32.90 -21.81 8.70
CA CYS G 1050 -32.00 -22.70 7.99
C CYS G 1050 -30.53 -22.36 8.24
N TYR G 1051 -29.72 -23.39 8.45
CA TYR G 1051 -28.26 -23.27 8.56
C TYR G 1051 -27.64 -23.90 7.32
N TRP G 1052 -26.75 -23.17 6.66
CA TRP G 1052 -26.11 -23.64 5.42
C TRP G 1052 -24.62 -23.88 5.65
N THR G 1053 -24.08 -24.87 4.93
CA THR G 1053 -22.65 -25.14 4.96
C THR G 1053 -22.28 -25.98 3.74
N HIS G 1054 -20.99 -26.24 3.59
CA HIS G 1054 -20.52 -27.08 2.49
C HIS G 1054 -20.86 -28.54 2.75
N ALA G 1055 -21.03 -29.29 1.66
CA ALA G 1055 -21.32 -30.72 1.79
C ALA G 1055 -20.23 -31.45 2.53
N ALA G 1056 -18.99 -30.94 2.48
CA ALA G 1056 -17.88 -31.58 3.17
C ALA G 1056 -17.98 -31.44 4.69
N ASP G 1057 -18.77 -30.50 5.19
CA ASP G 1057 -18.81 -30.19 6.62
C ASP G 1057 -20.22 -30.23 7.19
N VAL G 1058 -21.15 -30.89 6.51
CA VAL G 1058 -22.53 -30.95 7.01
C VAL G 1058 -22.58 -31.65 8.36
N SER G 1059 -21.85 -32.77 8.49
CA SER G 1059 -21.83 -33.49 9.75
C SER G 1059 -21.30 -32.62 10.89
N VAL G 1060 -20.16 -31.96 10.65
CA VAL G 1060 -19.58 -31.12 11.69
C VAL G 1060 -20.54 -29.98 12.05
N MET G 1061 -21.18 -29.38 11.04
CA MET G 1061 -22.15 -28.32 11.33
C MET G 1061 -23.29 -28.83 12.19
N ASN G 1062 -23.78 -30.05 11.91
CA ASN G 1062 -24.81 -30.62 12.76
C ASN G 1062 -24.32 -30.82 14.18
N GLN G 1063 -23.07 -31.29 14.32
CA GLN G 1063 -22.49 -31.46 15.65
C GLN G 1063 -22.49 -30.15 16.42
N VAL G 1064 -21.97 -29.08 15.80
CA VAL G 1064 -21.96 -27.78 16.46
C VAL G 1064 -23.37 -27.32 16.78
N CYS G 1065 -24.30 -27.56 15.86
CA CYS G 1065 -25.69 -27.16 16.08
C CYS G 1065 -26.26 -27.80 17.34
N ARG G 1066 -26.15 -29.13 17.44
CA ARG G 1066 -26.72 -29.82 18.59
C ARG G 1066 -25.98 -29.46 19.88
N GLU G 1067 -24.65 -29.40 19.84
CA GLU G 1067 -23.89 -29.02 21.02
C GLU G 1067 -24.32 -27.64 21.53
N GLN G 1068 -24.40 -26.67 20.63
CA GLN G 1068 -24.77 -25.31 21.04
C GLN G 1068 -26.22 -25.22 21.46
N PHE G 1069 -27.10 -26.06 20.90
CA PHE G 1069 -28.48 -26.08 21.36
C PHE G 1069 -28.57 -26.60 22.79
N VAL G 1070 -27.94 -27.75 23.04
CA VAL G 1070 -27.94 -28.32 24.40
C VAL G 1070 -27.31 -27.36 25.39
N ARG G 1071 -26.18 -26.75 25.02
CA ARG G 1071 -25.53 -25.78 25.90
C ARG G 1071 -26.44 -24.59 26.15
N LEU G 1072 -27.12 -24.10 25.11
CA LEU G 1072 -28.00 -22.95 25.28
C LEU G 1072 -29.14 -23.25 26.24
N HIS G 1073 -29.96 -24.26 25.92
CA HIS G 1073 -31.11 -24.55 26.75
C HIS G 1073 -30.75 -25.21 28.08
N SER G 1074 -29.50 -25.62 28.27
CA SER G 1074 -29.12 -26.23 29.54
C SER G 1074 -29.11 -25.21 30.67
N GLU G 1075 -28.91 -23.94 30.36
CA GLU G 1075 -28.98 -22.90 31.38
C GLU G 1075 -30.42 -22.66 31.79
N PRO G 1076 -30.63 -22.10 32.98
CA PRO G 1076 -32.01 -21.80 33.42
C PRO G 1076 -32.54 -20.53 32.78
N ILE G 1077 -32.89 -20.64 31.50
CA ILE G 1077 -33.36 -19.49 30.74
C ILE G 1077 -34.60 -18.90 31.39
N LEU G 1078 -35.57 -19.75 31.72
CA LEU G 1078 -36.79 -19.26 32.36
C LEU G 1078 -36.51 -18.70 33.74
N GLN G 1079 -35.65 -19.36 34.51
CA GLN G 1079 -35.30 -18.87 35.84
C GLN G 1079 -34.57 -17.53 35.75
N ASP G 1080 -33.52 -17.46 34.92
CA ASP G 1080 -32.77 -16.22 34.78
C ASP G 1080 -33.65 -15.09 34.27
N LEU G 1081 -34.56 -15.39 33.34
CA LEU G 1081 -35.48 -14.38 32.86
C LEU G 1081 -36.40 -13.89 33.96
N SER G 1082 -36.93 -14.83 34.77
CA SER G 1082 -37.82 -14.45 35.86
C SER G 1082 -37.12 -13.55 36.85
N ARG G 1083 -35.93 -13.96 37.31
CA ARG G 1083 -35.17 -13.13 38.24
C ARG G 1083 -34.81 -11.78 37.62
N PHE G 1084 -34.55 -11.76 36.30
CA PHE G 1084 -34.22 -10.49 35.65
C PHE G 1084 -35.41 -9.54 35.67
N LEU G 1085 -36.57 -10.01 35.23
CA LEU G 1085 -37.76 -9.17 35.26
C LEU G 1085 -38.12 -8.76 36.68
N VAL G 1086 -37.83 -9.62 37.65
CA VAL G 1086 -38.09 -9.29 39.04
C VAL G 1086 -37.21 -8.13 39.49
N LYS G 1087 -35.91 -8.20 39.20
CA LYS G 1087 -35.02 -7.13 39.62
C LYS G 1087 -35.31 -5.83 38.87
N ARG G 1088 -35.60 -5.93 37.57
CA ARG G 1088 -35.77 -4.73 36.76
C ARG G 1088 -37.11 -4.05 36.97
N PHE G 1089 -38.17 -4.81 37.23
CA PHE G 1089 -39.51 -4.25 37.25
C PHE G 1089 -40.22 -4.38 38.60
N CYS G 1090 -39.64 -5.08 39.57
CA CYS G 1090 -40.24 -5.18 40.89
C CYS G 1090 -39.43 -4.41 41.92
N SER G 1091 -39.03 -3.19 41.58
CA SER G 1091 -38.25 -2.35 42.48
C SER G 1091 -38.93 -1.04 42.85
N GLU G 1092 -40.01 -0.68 42.17
CA GLU G 1092 -40.71 0.58 42.48
C GLU G 1092 -41.16 0.60 43.93
N PRO G 1093 -40.74 1.59 44.73
CA PRO G 1093 -41.18 1.63 46.13
C PRO G 1093 -42.67 1.91 46.28
N GLN G 1094 -43.31 2.52 45.28
CA GLN G 1094 -44.74 2.80 45.32
C GLN G 1094 -45.25 2.86 43.89
N LYS G 1095 -46.26 2.06 43.58
CA LYS G 1095 -46.92 1.22 44.57
C LYS G 1095 -46.25 -0.14 44.71
N ILE G 1096 -46.43 -0.76 45.88
CA ILE G 1096 -45.86 -2.08 46.13
C ILE G 1096 -46.85 -3.20 45.81
N LEU G 1097 -48.15 -2.92 45.76
CA LEU G 1097 -49.13 -3.96 45.46
C LEU G 1097 -48.92 -4.53 44.06
N GLU G 1098 -48.77 -3.64 43.06
CA GLU G 1098 -48.57 -4.12 41.70
C GLU G 1098 -47.25 -4.86 41.55
N ALA G 1099 -46.22 -4.47 42.32
CA ALA G 1099 -44.96 -5.20 42.30
C ALA G 1099 -45.07 -6.54 43.03
N SER G 1100 -46.02 -6.66 43.95
CA SER G 1100 -46.24 -7.92 44.65
C SER G 1100 -47.03 -8.90 43.79
N GLN G 1101 -48.01 -8.41 43.04
CA GLN G 1101 -48.70 -9.28 42.09
C GLN G 1101 -47.78 -9.64 40.92
N LEU G 1102 -47.00 -8.67 40.45
CA LEU G 1102 -46.06 -8.94 39.37
C LEU G 1102 -45.00 -9.94 39.80
N LYS G 1103 -44.42 -9.76 40.99
CA LYS G 1103 -43.51 -10.74 41.52
C LYS G 1103 -44.20 -12.09 41.69
N GLU G 1104 -45.46 -12.08 42.12
CA GLU G 1104 -46.21 -13.32 42.30
C GLU G 1104 -46.35 -14.07 41.00
N THR G 1105 -46.51 -13.36 39.88
CA THR G 1105 -46.64 -14.02 38.59
C THR G 1105 -45.29 -14.41 38.01
N LEU G 1106 -44.25 -13.60 38.25
CA LEU G 1106 -42.93 -13.91 37.71
C LEU G 1106 -42.31 -15.12 38.39
N GLN G 1107 -42.48 -15.23 39.72
CA GLN G 1107 -41.93 -16.38 40.43
C GLN G 1107 -42.71 -17.66 40.17
N ALA G 1108 -43.80 -17.60 39.41
CA ALA G 1108 -44.59 -18.78 39.07
C ALA G 1108 -44.03 -19.43 37.79
N VAL G 1109 -42.74 -19.74 37.84
CA VAL G 1109 -42.10 -20.36 36.67
C VAL G 1109 -42.63 -21.78 36.50
N PRO G 1110 -43.09 -22.16 35.31
CA PRO G 1110 -43.60 -23.53 35.13
C PRO G 1110 -42.50 -24.55 35.38
N LYS G 1111 -42.87 -25.63 36.05
CA LYS G 1111 -41.90 -26.67 36.35
C LYS G 1111 -41.51 -27.41 35.08
N PRO G 1112 -40.23 -27.71 34.88
CA PRO G 1112 -39.81 -28.39 33.67
C PRO G 1112 -40.21 -29.86 33.68
N GLY G 1113 -40.27 -30.43 32.48
CA GLY G 1113 -40.63 -31.83 32.30
C GLY G 1113 -39.47 -32.76 32.57
N ALA G 1114 -39.65 -34.01 32.13
CA ALA G 1114 -38.64 -35.04 32.33
C ALA G 1114 -37.65 -35.15 31.18
N PHE G 1115 -38.01 -34.68 29.99
CA PHE G 1115 -37.17 -34.85 28.81
C PHE G 1115 -35.72 -34.49 29.10
N ASP G 1116 -34.80 -35.33 28.61
CA ASP G 1116 -33.37 -35.12 28.77
C ASP G 1116 -32.83 -34.37 27.56
N LEU G 1117 -32.49 -33.10 27.75
CA LEU G 1117 -32.04 -32.26 26.64
C LEU G 1117 -30.86 -32.89 25.90
N GLU G 1118 -30.03 -33.67 26.60
CA GLU G 1118 -28.86 -34.27 25.96
C GLU G 1118 -29.24 -35.12 24.76
N GLN G 1119 -30.47 -35.65 24.73
CA GLN G 1119 -30.89 -36.47 23.61
C GLN G 1119 -30.81 -35.71 22.29
N VAL G 1120 -30.84 -34.38 22.31
CA VAL G 1120 -30.73 -33.61 21.08
C VAL G 1120 -29.44 -33.93 20.35
N LYS G 1121 -28.37 -34.24 21.10
CA LYS G 1121 -27.10 -34.58 20.45
C LYS G 1121 -27.20 -35.84 19.59
N ARG G 1122 -28.17 -36.71 19.87
CA ARG G 1122 -28.31 -37.96 19.13
C ARG G 1122 -29.49 -37.96 18.17
N SER G 1123 -30.22 -36.86 18.04
CA SER G 1123 -31.37 -36.77 17.16
C SER G 1123 -30.89 -36.43 15.75
N THR G 1124 -31.03 -37.38 14.83
CA THR G 1124 -30.58 -37.14 13.46
C THR G 1124 -31.43 -36.08 12.77
N TYR G 1125 -32.75 -36.13 12.96
CA TYR G 1125 -33.68 -35.27 12.25
C TYR G 1125 -34.04 -34.01 13.01
N PHE G 1126 -33.28 -33.67 14.06
CA PHE G 1126 -33.48 -32.41 14.75
C PHE G 1126 -33.40 -31.24 13.77
N PHE G 1127 -32.33 -31.18 12.99
CA PHE G 1127 -32.18 -30.22 11.91
C PHE G 1127 -31.85 -30.98 10.64
N SER G 1128 -32.78 -31.03 9.71
CA SER G 1128 -32.60 -31.79 8.47
C SER G 1128 -33.38 -31.17 7.32
N TRP H 20 97.45 -3.76 -52.14
CA TRP H 20 96.27 -4.15 -51.37
C TRP H 20 96.66 -5.00 -50.17
N ALA H 21 97.74 -5.78 -50.33
CA ALA H 21 98.28 -6.52 -49.19
C ALA H 21 98.62 -5.60 -48.03
N LYS H 22 98.96 -4.34 -48.32
CA LYS H 22 99.22 -3.38 -47.26
C LYS H 22 97.96 -3.09 -46.45
N ILE H 23 96.85 -2.79 -47.13
CA ILE H 23 95.61 -2.47 -46.42
C ILE H 23 95.09 -3.69 -45.68
N LEU H 24 95.12 -4.86 -46.33
CA LEU H 24 94.65 -6.07 -45.67
C LEU H 24 95.49 -6.40 -44.44
N GLU H 25 96.82 -6.28 -44.56
CA GLU H 25 97.69 -6.56 -43.43
C GLU H 25 97.47 -5.56 -42.31
N LYS H 26 97.23 -4.29 -42.67
CA LYS H 26 96.86 -3.30 -41.66
C LYS H 26 95.59 -3.72 -40.93
N ASP H 27 94.59 -4.18 -41.68
CA ASP H 27 93.37 -4.66 -41.06
C ASP H 27 93.65 -5.80 -40.09
N LYS H 28 94.54 -6.73 -40.49
CA LYS H 28 94.88 -7.84 -39.61
C LYS H 28 95.53 -7.36 -38.32
N ARG H 29 96.49 -6.44 -38.44
CA ARG H 29 97.16 -5.91 -37.25
C ARG H 29 96.18 -5.21 -36.32
N THR H 30 95.32 -4.36 -36.88
CA THR H 30 94.31 -3.69 -36.07
C THR H 30 93.41 -4.71 -35.37
N GLN H 31 93.08 -5.80 -36.07
CA GLN H 31 92.27 -6.85 -35.46
C GLN H 31 93.01 -7.48 -34.28
N GLN H 32 94.32 -7.69 -34.43
CA GLN H 32 95.09 -8.27 -33.34
C GLN H 32 95.13 -7.34 -32.13
N MET H 33 95.37 -6.05 -32.35
CA MET H 33 95.33 -5.11 -31.24
C MET H 33 93.97 -5.10 -30.56
N ARG H 34 92.89 -5.15 -31.34
CA ARG H 34 91.57 -5.27 -30.75
C ARG H 34 91.46 -6.53 -29.92
N MET H 35 92.10 -7.62 -30.36
CA MET H 35 92.14 -8.83 -29.56
C MET H 35 92.86 -8.61 -28.23
N GLN H 36 93.94 -7.81 -28.26
CA GLN H 36 94.61 -7.47 -27.01
C GLN H 36 93.68 -6.73 -26.06
N ARG H 37 92.96 -5.73 -26.56
CA ARG H 37 92.00 -5.02 -25.72
C ARG H 37 90.94 -5.96 -25.18
N LEU H 38 90.48 -6.92 -26.01
CA LEU H 38 89.50 -7.88 -25.54
C LEU H 38 90.06 -8.76 -24.44
N LYS H 39 91.34 -9.15 -24.55
CA LYS H 39 91.97 -9.93 -23.50
C LYS H 39 92.07 -9.14 -22.21
N ALA H 40 92.42 -7.85 -22.30
CA ALA H 40 92.48 -7.02 -21.10
C ALA H 40 91.10 -6.91 -20.45
N LYS H 41 90.07 -6.64 -21.24
CA LYS H 41 88.73 -6.54 -20.68
C LYS H 41 88.28 -7.85 -20.06
N LEU H 42 88.67 -8.98 -20.66
CA LEU H 42 88.35 -10.28 -20.06
C LEU H 42 89.11 -10.48 -18.76
N GLN H 43 90.33 -9.94 -18.65
CA GLN H 43 91.08 -10.04 -17.40
C GLN H 43 90.41 -9.22 -16.31
N MET H 44 90.00 -7.99 -16.62
CA MET H 44 89.30 -7.16 -15.66
C MET H 44 87.79 -7.28 -15.84
N GLN H 116 62.71 -14.95 11.10
CA GLN H 116 62.35 -13.59 10.74
C GLN H 116 62.18 -13.44 9.24
N LEU H 117 60.93 -13.46 8.79
CA LEU H 117 60.64 -13.29 7.37
C LEU H 117 60.56 -11.80 7.02
N SER H 118 60.94 -11.48 5.78
CA SER H 118 60.94 -10.11 5.32
C SER H 118 60.37 -10.06 3.90
N GLY H 119 59.80 -8.91 3.56
CA GLY H 119 59.25 -8.75 2.22
C GLY H 119 60.31 -8.92 1.13
N GLN H 120 61.47 -8.29 1.32
CA GLN H 120 62.56 -8.46 0.36
C GLN H 120 63.09 -9.88 0.37
N GLN H 121 63.18 -10.50 1.56
CA GLN H 121 63.60 -11.90 1.63
C GLN H 121 62.61 -12.80 0.92
N GLN H 122 61.31 -12.56 1.10
CA GLN H 122 60.31 -13.32 0.36
C GLN H 122 60.46 -13.12 -1.14
N ARG H 123 60.72 -11.88 -1.57
CA ARG H 123 60.93 -11.63 -2.99
C ARG H 123 62.12 -12.42 -3.52
N LEU H 124 63.23 -12.42 -2.78
CA LEU H 124 64.41 -13.15 -3.24
C LEU H 124 64.16 -14.66 -3.29
N LEU H 125 63.61 -15.22 -2.22
CA LEU H 125 63.34 -16.66 -2.18
C LEU H 125 62.40 -17.06 -3.32
N ALA H 126 61.32 -16.30 -3.51
CA ALA H 126 60.43 -16.56 -4.64
C ALA H 126 61.17 -16.42 -5.96
N PHE H 127 62.17 -15.52 -6.01
CA PHE H 127 62.97 -15.38 -7.22
C PHE H 127 63.74 -16.66 -7.51
N PHE H 128 64.41 -17.20 -6.51
CA PHE H 128 65.20 -18.43 -6.72
C PHE H 128 64.30 -19.61 -7.05
N LYS H 129 63.26 -19.83 -6.26
CA LYS H 129 62.32 -20.92 -6.56
C LYS H 129 61.76 -20.76 -7.97
N CYS H 130 61.49 -19.53 -8.39
CA CYS H 130 61.02 -19.30 -9.75
C CYS H 130 62.11 -19.68 -10.75
N CYS H 131 63.37 -19.39 -10.42
CA CYS H 131 64.48 -19.74 -11.30
C CYS H 131 64.66 -21.25 -11.42
N LEU H 132 64.17 -22.01 -10.43
CA LEU H 132 64.24 -23.47 -10.56
C LEU H 132 63.28 -23.98 -11.62
N LEU H 133 62.13 -23.33 -11.78
CA LEU H 133 61.14 -23.77 -12.77
C LEU H 133 61.51 -23.38 -14.19
N THR H 134 62.18 -22.24 -14.37
CA THR H 134 62.61 -21.80 -15.69
C THR H 134 64.00 -22.32 -16.06
N ASP H 135 64.70 -23.00 -15.15
CA ASP H 135 66.04 -23.49 -15.40
C ASP H 135 66.98 -22.35 -15.76
N GLN H 136 66.81 -21.21 -15.11
CA GLN H 136 67.71 -20.06 -15.27
C GLN H 136 68.74 -20.05 -14.14
N LEU H 137 69.46 -21.16 -14.03
CA LEU H 137 70.41 -21.32 -12.94
C LEU H 137 71.54 -20.31 -12.97
N PRO H 138 72.14 -19.97 -14.11
CA PRO H 138 73.19 -18.94 -14.10
C PRO H 138 72.70 -17.61 -13.57
N LEU H 139 71.44 -17.25 -13.82
CA LEU H 139 70.90 -15.99 -13.33
C LEU H 139 70.79 -16.02 -11.80
N ALA H 140 70.10 -17.04 -11.27
CA ALA H 140 69.93 -17.15 -9.82
C ALA H 140 71.28 -17.23 -9.13
N HIS H 141 72.22 -17.98 -9.69
CA HIS H 141 73.55 -18.08 -9.10
C HIS H 141 74.27 -16.74 -9.12
N HIS H 142 74.12 -15.99 -10.22
CA HIS H 142 74.73 -14.67 -10.29
C HIS H 142 74.17 -13.76 -9.21
N LEU H 143 72.84 -13.68 -9.09
CA LEU H 143 72.23 -12.83 -8.08
C LEU H 143 72.64 -13.28 -6.68
N LEU H 144 72.67 -14.59 -6.43
CA LEU H 144 73.05 -15.09 -5.11
C LEU H 144 74.47 -14.72 -4.77
N VAL H 145 75.39 -14.87 -5.72
CA VAL H 145 76.79 -14.50 -5.49
C VAL H 145 76.89 -13.00 -5.21
N VAL H 146 76.17 -12.19 -6.00
CA VAL H 146 76.22 -10.74 -5.80
C VAL H 146 75.75 -10.38 -4.40
N HIS H 147 74.62 -10.95 -3.96
CA HIS H 147 74.11 -10.64 -2.64
C HIS H 147 75.07 -11.12 -1.54
N HIS H 148 75.63 -12.32 -1.71
CA HIS H 148 76.54 -12.85 -0.69
C HIS H 148 77.80 -12.00 -0.59
N GLY H 149 78.33 -11.53 -1.72
CA GLY H 149 79.55 -10.75 -1.72
C GLY H 149 79.45 -9.39 -1.07
N GLN H 150 78.24 -8.90 -0.84
CA GLN H 150 78.02 -7.60 -0.23
C GLN H 150 77.71 -7.77 1.25
N ARG H 151 78.38 -6.98 2.10
CA ARG H 151 78.20 -7.11 3.53
C ARG H 151 76.74 -7.01 3.95
N GLN H 152 76.07 -5.95 3.51
CA GLN H 152 74.69 -5.72 3.93
C GLN H 152 73.70 -6.64 3.24
N LYS H 153 74.05 -7.18 2.07
CA LYS H 153 73.15 -8.09 1.37
C LYS H 153 73.30 -9.54 1.83
N ARG H 154 74.50 -9.94 2.24
CA ARG H 154 74.69 -11.32 2.70
C ARG H 154 73.72 -11.67 3.81
N LYS H 155 73.45 -10.72 4.71
CA LYS H 155 72.53 -10.98 5.81
C LYS H 155 71.12 -11.23 5.30
N LEU H 156 70.76 -10.65 4.15
CA LEU H 156 69.41 -10.84 3.61
C LEU H 156 69.21 -12.27 3.13
N LEU H 157 70.28 -12.98 2.77
CA LEU H 157 70.16 -14.33 2.26
C LEU H 157 69.81 -15.30 3.37
N THR H 158 69.16 -16.41 2.99
CA THR H 158 68.72 -17.43 3.92
C THR H 158 69.12 -18.81 3.41
N LEU H 159 69.28 -19.75 4.35
CA LEU H 159 69.66 -21.11 3.98
C LEU H 159 68.75 -21.69 2.91
N ASP H 160 67.47 -21.31 2.91
CA ASP H 160 66.54 -21.87 1.94
C ASP H 160 66.92 -21.47 0.51
N MET H 161 67.43 -20.26 0.33
CA MET H 161 67.83 -19.82 -1.00
C MET H 161 69.05 -20.60 -1.49
N TYR H 162 70.10 -20.65 -0.66
CA TYR H 162 71.25 -21.49 -0.98
C TYR H 162 70.82 -22.90 -1.33
N ASN H 163 69.87 -23.45 -0.57
CA ASN H 163 69.36 -24.79 -0.89
C ASN H 163 68.64 -24.82 -2.23
N ALA H 164 67.97 -23.71 -2.60
CA ALA H 164 67.29 -23.68 -3.89
C ALA H 164 68.30 -23.74 -5.02
N VAL H 165 69.29 -22.84 -5.03
CA VAL H 165 70.30 -22.88 -6.07
C VAL H 165 71.03 -24.22 -6.06
N MET H 166 71.30 -24.75 -4.86
CA MET H 166 71.97 -26.04 -4.75
C MET H 166 71.16 -27.14 -5.42
N LEU H 167 69.84 -27.14 -5.22
CA LEU H 167 69.00 -28.14 -5.86
C LEU H 167 68.95 -27.94 -7.36
N GLY H 168 69.03 -26.68 -7.82
CA GLY H 168 69.08 -26.44 -9.26
C GLY H 168 70.33 -27.02 -9.89
N TRP H 169 71.49 -26.75 -9.30
CA TRP H 169 72.73 -27.29 -9.84
C TRP H 169 72.77 -28.81 -9.73
N ALA H 170 72.25 -29.35 -8.63
CA ALA H 170 72.15 -30.81 -8.51
C ALA H 170 71.30 -31.38 -9.63
N ARG H 171 70.18 -30.72 -9.94
CA ARG H 171 69.34 -31.17 -11.05
C ARG H 171 70.06 -31.05 -12.39
N GLN H 172 70.95 -30.06 -12.53
CA GLN H 172 71.73 -29.94 -13.75
C GLN H 172 73.01 -30.78 -13.73
N GLY H 173 73.39 -31.32 -12.57
CA GLY H 173 74.60 -32.10 -12.48
C GLY H 173 75.86 -31.29 -12.42
N ALA H 174 75.78 -30.02 -12.04
CA ALA H 174 76.94 -29.14 -11.94
C ALA H 174 77.56 -29.35 -10.57
N PHE H 175 78.43 -30.36 -10.47
CA PHE H 175 79.05 -30.68 -9.18
C PHE H 175 79.94 -29.55 -8.69
N LYS H 176 80.68 -28.92 -9.60
CA LYS H 176 81.56 -27.83 -9.21
C LYS H 176 80.78 -26.64 -8.66
N GLU H 177 79.68 -26.28 -9.33
CA GLU H 177 78.89 -25.14 -8.87
C GLU H 177 78.15 -25.46 -7.57
N LEU H 178 77.65 -26.69 -7.44
CA LEU H 178 77.04 -27.10 -6.18
C LEU H 178 78.05 -27.02 -5.03
N VAL H 179 79.27 -27.48 -5.27
CA VAL H 179 80.32 -27.36 -4.26
C VAL H 179 80.59 -25.89 -3.96
N TYR H 180 80.53 -25.03 -4.98
CA TYR H 180 80.71 -23.60 -4.76
C TYR H 180 79.63 -23.04 -3.84
N VAL H 181 78.38 -23.46 -4.04
CA VAL H 181 77.30 -22.98 -3.18
C VAL H 181 77.49 -23.48 -1.75
N LEU H 182 77.83 -24.77 -1.60
CA LEU H 182 78.14 -25.28 -0.27
C LEU H 182 79.25 -24.48 0.38
N PHE H 183 80.25 -24.08 -0.40
CA PHE H 183 81.32 -23.24 0.13
C PHE H 183 80.79 -21.89 0.60
N MET H 184 79.87 -21.30 -0.17
CA MET H 184 79.25 -20.05 0.27
C MET H 184 78.53 -20.24 1.60
N VAL H 185 77.82 -21.36 1.75
CA VAL H 185 77.17 -21.65 3.03
C VAL H 185 78.21 -21.75 4.14
N LYS H 186 79.33 -22.42 3.86
CA LYS H 186 80.36 -22.59 4.88
C LYS H 186 80.95 -21.24 5.30
N ASP H 187 81.12 -20.33 4.34
CA ASP H 187 81.63 -19.01 4.70
C ASP H 187 80.60 -18.23 5.51
N ALA H 188 79.33 -18.37 5.17
CA ALA H 188 78.27 -17.80 5.99
C ALA H 188 78.11 -18.62 7.26
N GLY H 189 77.44 -18.02 8.25
CA GLY H 189 77.21 -18.71 9.50
C GLY H 189 76.01 -19.61 9.44
N LEU H 190 75.99 -20.56 8.51
CA LEU H 190 74.90 -21.49 8.36
C LEU H 190 75.41 -22.93 8.43
N THR H 191 74.48 -23.87 8.24
CA THR H 191 74.73 -25.30 8.26
C THR H 191 73.84 -25.96 7.22
N PRO H 192 74.34 -26.96 6.50
CA PRO H 192 73.50 -27.67 5.55
C PRO H 192 72.48 -28.56 6.26
N ASP H 193 71.41 -28.89 5.54
CA ASP H 193 70.30 -29.63 6.11
C ASP H 193 69.86 -30.77 5.19
N LEU H 194 68.75 -31.42 5.54
CA LEU H 194 68.26 -32.55 4.76
C LEU H 194 68.14 -32.20 3.29
N LEU H 195 67.66 -30.99 2.97
CA LEU H 195 67.54 -30.60 1.57
C LEU H 195 68.91 -30.42 0.92
N SER H 196 69.88 -29.88 1.66
CA SER H 196 71.22 -29.72 1.11
C SER H 196 71.84 -31.08 0.78
N TYR H 197 71.81 -32.00 1.76
CA TYR H 197 72.38 -33.33 1.50
C TYR H 197 71.59 -34.07 0.44
N ALA H 198 70.30 -33.78 0.31
CA ALA H 198 69.51 -34.37 -0.77
C ALA H 198 69.96 -33.83 -2.12
N ALA H 199 70.34 -32.56 -2.19
CA ALA H 199 70.88 -32.01 -3.42
C ALA H 199 72.23 -32.64 -3.75
N ALA H 200 73.12 -32.75 -2.77
CA ALA H 200 74.40 -33.39 -3.00
C ALA H 200 74.21 -34.82 -3.49
N LEU H 201 73.35 -35.59 -2.82
CA LEU H 201 73.08 -36.96 -3.24
C LEU H 201 72.48 -37.00 -4.64
N GLN H 202 71.65 -36.01 -4.97
CA GLN H 202 71.07 -35.97 -6.31
C GLN H 202 72.14 -35.74 -7.38
N CYS H 203 73.08 -34.83 -7.11
CA CYS H 203 74.16 -34.58 -8.07
C CYS H 203 75.07 -35.79 -8.19
N MET H 204 75.33 -36.48 -7.08
CA MET H 204 76.19 -37.65 -7.13
C MET H 204 75.53 -38.79 -7.88
N GLY H 205 74.24 -39.02 -7.63
CA GLY H 205 73.53 -40.07 -8.34
C GLY H 205 73.40 -39.78 -9.83
N ARG H 206 73.00 -38.55 -10.16
CA ARG H 206 72.87 -38.18 -11.57
C ARG H 206 74.22 -38.24 -12.28
N GLN H 207 75.28 -37.82 -11.61
CA GLN H 207 76.62 -37.85 -12.17
C GLN H 207 77.33 -39.18 -11.94
N ASP H 208 76.70 -40.10 -11.21
CA ASP H 208 77.29 -41.41 -10.93
C ASP H 208 78.67 -41.25 -10.27
N GLN H 209 78.66 -40.58 -9.11
CA GLN H 209 79.89 -40.37 -8.36
C GLN H 209 80.37 -41.67 -7.75
N ASP H 210 81.61 -41.66 -7.27
CA ASP H 210 82.22 -42.85 -6.71
C ASP H 210 81.65 -43.16 -5.32
N ALA H 211 81.68 -44.45 -4.97
CA ALA H 211 81.21 -44.88 -3.66
C ALA H 211 82.01 -44.25 -2.53
N GLY H 212 83.23 -43.80 -2.81
CA GLY H 212 83.98 -43.07 -1.81
C GLY H 212 83.37 -41.72 -1.49
N THR H 213 82.96 -40.98 -2.54
CA THR H 213 82.33 -39.69 -2.33
C THR H 213 80.93 -39.83 -1.76
N ILE H 214 80.16 -40.81 -2.25
CA ILE H 214 78.82 -41.03 -1.71
C ILE H 214 78.90 -41.46 -0.25
N GLU H 215 79.78 -42.41 0.04
CA GLU H 215 79.99 -42.83 1.43
C GLU H 215 80.41 -41.66 2.30
N ARG H 216 81.34 -40.84 1.81
CA ARG H 216 81.80 -39.69 2.58
C ARG H 216 80.64 -38.74 2.86
N CYS H 217 79.73 -38.58 1.90
CA CYS H 217 78.56 -37.75 2.12
C CYS H 217 77.64 -38.37 3.17
N LEU H 218 77.50 -39.70 3.16
CA LEU H 218 76.65 -40.35 4.15
C LEU H 218 77.23 -40.25 5.55
N GLU H 219 78.57 -40.21 5.67
CA GLU H 219 79.17 -40.11 6.99
C GLU H 219 79.26 -38.67 7.49
N GLN H 220 79.40 -37.69 6.59
CA GLN H 220 79.23 -36.31 7.01
C GLN H 220 77.80 -36.02 7.41
N MET H 221 76.83 -36.65 6.72
CA MET H 221 75.44 -36.53 7.12
C MET H 221 75.19 -37.19 8.46
N SER H 222 75.81 -38.36 8.70
CA SER H 222 75.67 -39.01 9.99
C SER H 222 76.33 -38.22 11.11
N GLN H 223 77.44 -37.55 10.82
CA GLN H 223 78.10 -36.75 11.86
C GLN H 223 77.34 -35.47 12.13
N GLU H 224 76.73 -34.86 11.11
CA GLU H 224 75.91 -33.68 11.35
C GLU H 224 74.60 -34.00 12.05
N GLY H 225 74.23 -35.28 12.13
CA GLY H 225 73.03 -35.71 12.81
C GLY H 225 71.80 -35.84 11.95
N LEU H 226 71.88 -35.55 10.65
CA LEU H 226 70.73 -35.73 9.78
C LEU H 226 70.62 -37.19 9.37
N LYS H 227 69.38 -37.65 9.23
CA LYS H 227 69.10 -39.07 9.00
C LYS H 227 68.62 -39.30 7.57
N LEU H 228 69.07 -40.41 6.97
CA LEU H 228 68.76 -40.71 5.59
C LEU H 228 67.26 -40.89 5.38
N GLN H 229 66.57 -41.55 6.30
CA GLN H 229 65.16 -41.84 6.10
C GLN H 229 64.29 -40.61 6.28
N ALA H 230 64.74 -39.61 7.05
CA ALA H 230 64.00 -38.37 7.15
C ALA H 230 64.09 -37.54 5.88
N LEU H 231 65.03 -37.86 4.99
CA LEU H 231 65.21 -37.09 3.76
C LEU H 231 64.06 -37.31 2.79
N PHE H 232 63.71 -38.58 2.54
CA PHE H 232 62.65 -38.87 1.58
C PHE H 232 61.27 -38.47 2.11
N THR H 233 61.13 -38.23 3.40
CA THR H 233 59.84 -37.92 4.01
C THR H 233 59.65 -36.42 4.24
N ALA H 234 60.66 -35.72 4.76
CA ALA H 234 60.51 -34.31 5.11
C ALA H 234 60.79 -33.38 3.94
N VAL H 235 61.48 -33.83 2.90
CA VAL H 235 61.85 -32.99 1.77
C VAL H 235 60.86 -33.21 0.63
N LEU H 236 60.38 -32.11 0.05
CA LEU H 236 59.48 -32.18 -1.10
C LEU H 236 60.31 -32.38 -2.36
N LEU H 237 60.24 -33.58 -2.93
CA LEU H 237 61.02 -33.93 -4.11
C LEU H 237 60.14 -34.62 -5.14
N SER H 238 60.47 -34.41 -6.41
CA SER H 238 59.79 -35.11 -7.51
C SER H 238 60.28 -36.54 -7.59
N GLU H 239 59.61 -37.33 -8.45
CA GLU H 239 60.04 -38.71 -8.64
C GLU H 239 61.44 -38.78 -9.26
N GLU H 240 61.87 -37.72 -9.96
CA GLU H 240 63.22 -37.71 -10.50
C GLU H 240 64.26 -37.46 -9.41
N ASP H 241 64.00 -36.50 -8.53
CA ASP H 241 64.90 -36.27 -7.40
C ASP H 241 64.96 -37.49 -6.48
N ARG H 242 63.79 -38.07 -6.18
CA ARG H 242 63.76 -39.28 -5.36
C ARG H 242 64.48 -40.43 -6.05
N ALA H 243 64.25 -40.62 -7.35
CA ALA H 243 64.88 -41.71 -8.08
C ALA H 243 66.40 -41.54 -8.08
N THR H 244 66.89 -40.33 -8.34
CA THR H 244 68.33 -40.11 -8.38
C THR H 244 68.95 -40.26 -7.01
N VAL H 245 68.29 -39.75 -5.96
CA VAL H 245 68.82 -39.91 -4.61
C VAL H 245 68.86 -41.37 -4.21
N LEU H 246 67.81 -42.13 -4.56
CA LEU H 246 67.80 -43.56 -4.30
C LEU H 246 68.93 -44.25 -5.06
N LYS H 247 69.17 -43.86 -6.31
CA LYS H 247 70.25 -44.45 -7.08
C LYS H 247 71.60 -44.15 -6.43
N ALA H 248 71.76 -42.96 -5.87
CA ALA H 248 73.00 -42.62 -5.18
C ALA H 248 73.16 -43.42 -3.90
N VAL H 249 72.09 -43.57 -3.13
CA VAL H 249 72.18 -44.29 -1.87
C VAL H 249 72.44 -45.77 -2.12
N HIS H 250 71.78 -46.36 -3.12
CA HIS H 250 71.96 -47.78 -3.41
C HIS H 250 73.35 -48.12 -3.89
N LYS H 251 74.22 -47.14 -4.12
CA LYS H 251 75.59 -47.41 -4.55
C LYS H 251 76.47 -47.74 -3.35
N VAL H 252 76.21 -47.16 -2.19
CA VAL H 252 76.97 -47.44 -0.98
C VAL H 252 76.21 -48.38 -0.06
N LYS H 253 74.93 -48.09 0.17
CA LYS H 253 74.03 -48.94 0.96
C LYS H 253 73.02 -49.56 0.01
N PRO H 254 73.35 -50.69 -0.64
CA PRO H 254 72.41 -51.27 -1.60
C PRO H 254 71.18 -51.89 -0.96
N THR H 255 71.25 -52.27 0.31
CA THR H 255 70.12 -52.84 1.02
C THR H 255 69.38 -51.79 1.83
N PHE H 256 69.08 -50.66 1.19
CA PHE H 256 68.34 -49.56 1.78
C PHE H 256 66.95 -49.53 1.15
N SER H 257 65.93 -49.84 1.95
CA SER H 257 64.56 -49.95 1.48
C SER H 257 63.69 -48.90 2.15
N LEU H 258 62.82 -48.28 1.37
CA LEU H 258 61.88 -47.32 1.90
C LEU H 258 60.87 -48.02 2.80
N PRO H 259 60.22 -47.28 3.69
CA PRO H 259 59.25 -47.89 4.62
C PRO H 259 58.16 -48.62 3.87
N PRO H 260 57.69 -49.76 4.40
CA PRO H 260 56.62 -50.52 3.72
C PRO H 260 55.33 -49.73 3.66
N GLN H 261 54.81 -49.55 2.45
CA GLN H 261 53.59 -48.80 2.20
C GLN H 261 52.84 -49.46 1.06
N LEU H 262 51.57 -49.10 0.89
CA LEU H 262 50.89 -48.10 1.70
C LEU H 262 49.58 -48.63 2.27
N PRO H 263 49.60 -49.10 3.52
CA PRO H 263 48.38 -49.58 4.16
C PRO H 263 47.57 -48.42 4.73
N PRO H 264 46.40 -48.15 4.19
CA PRO H 264 45.62 -46.98 4.62
C PRO H 264 44.84 -47.27 5.88
N PRO H 265 44.80 -46.33 6.82
CA PRO H 265 44.02 -46.52 8.05
C PRO H 265 42.61 -45.97 7.94
N VAL H 266 41.69 -46.63 8.64
CA VAL H 266 40.28 -46.25 8.64
C VAL H 266 39.99 -45.40 9.87
N ASN H 267 39.06 -44.45 9.71
CA ASN H 267 38.70 -43.58 10.82
C ASN H 267 37.84 -44.34 11.83
N THR H 268 38.20 -44.21 13.10
CA THR H 268 37.51 -44.89 14.20
C THR H 268 36.65 -43.94 15.03
N SER H 269 36.32 -42.76 14.49
CA SER H 269 35.52 -41.79 15.22
C SER H 269 34.22 -42.42 15.69
N LYS H 270 33.73 -41.92 16.83
CA LYS H 270 32.47 -42.43 17.39
C LYS H 270 31.36 -42.42 16.35
N LEU H 271 31.23 -41.34 15.60
CA LEU H 271 30.15 -41.18 14.64
C LEU H 271 30.49 -41.71 13.25
N LEU H 272 31.78 -41.82 12.92
CA LEU H 272 32.22 -42.36 11.64
C LEU H 272 32.56 -43.84 11.70
N ARG H 273 32.56 -44.45 12.89
CA ARG H 273 32.91 -45.85 13.03
C ARG H 273 32.10 -46.72 12.09
N ASP H 274 30.77 -46.62 12.18
CA ASP H 274 29.90 -47.40 11.28
C ASP H 274 29.91 -46.85 9.86
N VAL H 275 30.56 -45.72 9.62
CA VAL H 275 30.69 -45.21 8.26
C VAL H 275 31.85 -45.89 7.53
N TYR H 276 32.94 -46.15 8.25
CA TYR H 276 34.10 -46.79 7.65
C TYR H 276 34.23 -48.26 8.01
N ALA H 277 33.49 -48.74 9.02
CA ALA H 277 33.56 -50.14 9.40
C ALA H 277 33.04 -51.02 8.27
N LYS H 278 33.75 -52.11 8.00
CA LYS H 278 33.31 -53.05 6.96
C LYS H 278 32.06 -53.82 7.37
N ASP H 279 31.78 -53.92 8.66
CA ASP H 279 30.61 -54.65 9.14
C ASP H 279 29.35 -53.91 8.73
N GLY H 280 28.67 -54.42 7.72
CA GLY H 280 27.45 -53.83 7.21
C GLY H 280 27.36 -54.02 5.71
N ARG H 281 26.13 -54.08 5.22
CA ARG H 281 25.86 -54.26 3.79
C ARG H 281 25.82 -52.89 3.12
N VAL H 282 26.82 -52.58 2.32
CA VAL H 282 26.91 -51.31 1.61
C VAL H 282 26.33 -51.49 0.21
N SER H 283 25.68 -50.44 -0.29
CA SER H 283 25.09 -50.44 -1.63
C SER H 283 25.36 -49.10 -2.30
N TYR H 284 26.63 -48.73 -2.37
CA TYR H 284 27.02 -47.45 -2.96
C TYR H 284 26.45 -47.34 -4.38
N PRO H 285 25.86 -46.20 -4.74
CA PRO H 285 25.26 -46.07 -6.07
C PRO H 285 26.31 -45.85 -7.15
N LYS H 286 25.93 -46.20 -8.38
CA LYS H 286 26.76 -46.04 -9.55
C LYS H 286 26.08 -45.13 -10.57
N LEU H 287 26.88 -44.53 -11.44
CA LEU H 287 26.37 -43.67 -12.48
C LEU H 287 25.77 -44.48 -13.62
N HIS H 288 24.92 -43.82 -14.40
CA HIS H 288 24.28 -44.46 -15.55
C HIS H 288 25.16 -44.46 -16.79
N LEU H 289 26.29 -43.76 -16.78
CA LEU H 289 27.14 -43.66 -17.95
C LEU H 289 28.19 -44.77 -17.96
N PRO H 290 28.49 -45.33 -19.14
CA PRO H 290 29.49 -46.39 -19.23
C PRO H 290 30.91 -45.85 -19.11
N LEU H 291 31.85 -46.79 -18.98
CA LEU H 291 33.25 -46.44 -18.77
C LEU H 291 33.79 -45.58 -19.91
N LYS H 292 33.58 -46.02 -21.15
CA LYS H 292 34.12 -45.28 -22.28
C LYS H 292 33.52 -43.89 -22.38
N THR H 293 32.23 -43.75 -22.07
CA THR H 293 31.61 -42.43 -22.08
C THR H 293 32.23 -41.53 -21.02
N LEU H 294 32.37 -42.04 -19.80
CA LEU H 294 33.01 -41.25 -18.75
C LEU H 294 34.45 -40.89 -19.11
N GLN H 295 35.13 -41.77 -19.86
CA GLN H 295 36.48 -41.48 -20.30
C GLN H 295 36.50 -40.37 -21.35
N CYS H 296 35.53 -40.37 -22.26
CA CYS H 296 35.44 -39.30 -23.23
C CYS H 296 35.15 -37.97 -22.56
N LEU H 297 34.22 -37.95 -21.60
CA LEU H 297 33.96 -36.72 -20.85
C LEU H 297 35.19 -36.27 -20.09
N PHE H 298 35.92 -37.22 -19.50
CA PHE H 298 37.16 -36.87 -18.81
C PHE H 298 38.16 -36.24 -19.76
N GLU H 299 38.25 -36.75 -20.99
CA GLU H 299 39.17 -36.16 -21.96
C GLU H 299 38.73 -34.76 -22.35
N LYS H 300 37.43 -34.55 -22.50
CA LYS H 300 36.94 -33.21 -22.83
C LYS H 300 37.23 -32.22 -21.71
N GLN H 301 36.95 -32.60 -20.46
CA GLN H 301 37.23 -31.71 -19.34
C GLN H 301 38.72 -31.45 -19.20
N LEU H 302 39.55 -32.49 -19.35
CA LEU H 302 40.99 -32.31 -19.28
C LEU H 302 41.47 -31.34 -20.36
N HIS H 303 40.95 -31.48 -21.58
CA HIS H 303 41.31 -30.55 -22.64
C HIS H 303 40.88 -29.13 -22.29
N MET H 304 39.67 -28.97 -21.72
CA MET H 304 39.21 -27.64 -21.35
C MET H 304 40.11 -26.99 -20.32
N GLU H 305 40.53 -27.74 -19.30
CA GLU H 305 41.41 -27.16 -18.29
C GLU H 305 42.80 -26.91 -18.85
N LEU H 306 43.26 -27.76 -19.78
CA LEU H 306 44.54 -27.51 -20.44
C LEU H 306 44.49 -26.21 -21.22
N ALA H 307 43.34 -25.91 -21.85
CA ALA H 307 43.20 -24.65 -22.57
C ALA H 307 43.05 -23.47 -21.62
N SER H 308 42.55 -23.71 -20.41
CA SER H 308 42.35 -22.71 -19.37
C SER H 308 41.26 -21.70 -19.70
N ARG H 309 40.59 -21.82 -20.84
CA ARG H 309 39.55 -20.89 -21.25
C ARG H 309 38.31 -21.66 -21.68
N VAL H 310 37.15 -21.03 -21.53
CA VAL H 310 35.88 -21.60 -21.95
C VAL H 310 35.13 -20.57 -22.77
N CYS H 311 34.78 -20.92 -24.01
CA CYS H 311 34.03 -20.04 -24.91
C CYS H 311 32.59 -20.52 -25.00
N VAL H 312 31.66 -19.66 -24.60
CA VAL H 312 30.23 -19.98 -24.58
C VAL H 312 29.48 -18.99 -25.45
N VAL H 313 28.45 -19.48 -26.14
CA VAL H 313 27.63 -18.63 -26.99
C VAL H 313 26.64 -17.84 -26.13
N SER H 314 26.52 -16.55 -26.42
CA SER H 314 25.62 -15.69 -25.66
C SER H 314 24.16 -16.01 -25.93
N VAL H 315 23.32 -15.83 -24.91
CA VAL H 315 21.87 -16.05 -24.99
C VAL H 315 21.14 -14.75 -25.31
N GLU H 316 21.86 -13.76 -25.85
CA GLU H 316 21.29 -12.46 -26.16
C GLU H 316 21.30 -12.23 -27.67
N LYS H 317 21.29 -10.96 -28.08
CA LYS H 317 21.46 -10.60 -29.47
C LYS H 317 20.35 -11.18 -30.34
N PRO H 318 19.07 -10.93 -30.04
CA PRO H 318 17.99 -11.48 -30.87
C PRO H 318 17.85 -10.71 -32.18
N THR H 319 17.94 -9.39 -32.12
CA THR H 319 17.91 -8.53 -33.30
C THR H 319 19.29 -7.93 -33.51
N LEU H 320 19.59 -7.57 -34.76
CA LEU H 320 20.91 -7.06 -35.08
C LEU H 320 20.80 -6.09 -36.26
N PRO H 321 21.46 -4.94 -36.18
CA PRO H 321 21.49 -4.03 -37.32
C PRO H 321 22.33 -4.60 -38.45
N SER H 322 21.97 -4.24 -39.68
CA SER H 322 22.65 -4.80 -40.85
C SER H 322 24.03 -4.18 -41.03
N LYS H 323 24.14 -2.86 -40.86
CA LYS H 323 25.39 -2.13 -41.04
C LYS H 323 26.12 -1.88 -39.74
N GLU H 324 25.37 -1.59 -38.66
CA GLU H 324 25.99 -1.20 -37.40
C GLU H 324 26.82 -2.34 -36.81
N VAL H 325 26.22 -3.51 -36.65
CA VAL H 325 26.93 -4.63 -36.04
C VAL H 325 28.11 -5.05 -36.90
N LYS H 326 27.93 -5.07 -38.23
CA LYS H 326 29.05 -5.42 -39.11
C LYS H 326 30.21 -4.45 -38.91
N HIS H 327 29.94 -3.15 -39.00
CA HIS H 327 31.02 -2.16 -38.90
C HIS H 327 31.70 -2.24 -37.54
N ALA H 328 30.91 -2.27 -36.46
CA ALA H 328 31.51 -2.34 -35.12
C ALA H 328 32.32 -3.62 -34.94
N ARG H 329 31.90 -4.71 -35.58
CA ARG H 329 32.65 -5.95 -35.46
C ARG H 329 33.98 -5.87 -36.21
N LYS H 330 33.97 -5.31 -37.42
CA LYS H 330 35.22 -5.12 -38.14
C LYS H 330 36.18 -4.23 -37.36
N THR H 331 35.67 -3.10 -36.86
CA THR H 331 36.51 -2.20 -36.06
C THR H 331 37.06 -2.91 -34.83
N LEU H 332 36.23 -3.70 -34.16
CA LEU H 332 36.69 -4.38 -32.95
C LEU H 332 37.73 -5.44 -33.26
N LYS H 333 37.58 -6.16 -34.38
CA LYS H 333 38.57 -7.17 -34.75
C LYS H 333 39.90 -6.52 -35.11
N THR H 334 39.88 -5.47 -35.93
CA THR H 334 41.12 -4.77 -36.27
C THR H 334 41.78 -4.23 -35.03
N LEU H 335 41.01 -3.55 -34.17
CA LEU H 335 41.56 -3.02 -32.94
C LEU H 335 42.14 -4.12 -32.06
N ARG H 336 41.53 -5.30 -32.07
CA ARG H 336 42.03 -6.40 -31.27
C ARG H 336 43.33 -6.97 -31.82
N ASP H 337 43.49 -6.99 -33.15
CA ASP H 337 44.78 -7.35 -33.71
C ASP H 337 45.85 -6.33 -33.30
N GLN H 338 45.51 -5.04 -33.38
CA GLN H 338 46.45 -4.00 -32.96
C GLN H 338 46.84 -4.17 -31.50
N TRP H 339 45.86 -4.44 -30.63
CA TRP H 339 46.16 -4.65 -29.22
C TRP H 339 47.00 -5.90 -28.99
N GLU H 340 46.79 -6.94 -29.80
CA GLU H 340 47.60 -8.14 -29.68
C GLU H 340 49.07 -7.82 -29.99
N LYS H 341 49.32 -7.18 -31.14
CA LYS H 341 50.70 -6.85 -31.49
C LYS H 341 51.32 -5.93 -30.43
N ALA H 342 50.61 -4.87 -30.07
CA ALA H 342 51.14 -3.91 -29.09
C ALA H 342 51.44 -4.60 -27.77
N LEU H 343 50.59 -5.54 -27.34
CA LEU H 343 50.83 -6.23 -26.08
C LEU H 343 52.02 -7.17 -26.17
N CYS H 344 52.23 -7.80 -27.33
CA CYS H 344 53.42 -8.62 -27.50
C CYS H 344 54.68 -7.76 -27.40
N ARG H 345 54.73 -6.66 -28.15
CA ARG H 345 55.90 -5.79 -28.12
C ARG H 345 56.16 -5.26 -26.71
N ALA H 346 55.12 -4.74 -26.06
CA ALA H 346 55.28 -4.22 -24.72
C ALA H 346 55.75 -5.30 -23.75
N LEU H 347 55.24 -6.52 -23.91
CA LEU H 347 55.66 -7.61 -23.04
C LEU H 347 57.14 -7.91 -23.22
N ARG H 348 57.61 -7.96 -24.47
CA ARG H 348 59.03 -8.22 -24.70
C ARG H 348 59.88 -7.10 -24.11
N GLU H 349 59.45 -5.85 -24.29
CA GLU H 349 60.23 -4.73 -23.74
C GLU H 349 60.28 -4.80 -22.22
N THR H 350 59.18 -5.14 -21.58
CA THR H 350 59.17 -5.24 -20.12
C THR H 350 60.08 -6.37 -19.65
N LYS H 351 60.00 -7.53 -20.30
CA LYS H 351 60.89 -8.63 -19.94
C LYS H 351 62.36 -8.21 -20.09
N ASN H 352 62.67 -7.42 -21.12
CA ASN H 352 64.03 -6.93 -21.28
C ASN H 352 64.42 -6.00 -20.14
N ARG H 353 63.53 -5.07 -19.79
CA ARG H 353 63.82 -4.15 -18.67
C ARG H 353 64.13 -4.93 -17.41
N LEU H 354 63.25 -5.87 -17.04
CA LEU H 354 63.50 -6.65 -15.82
C LEU H 354 64.78 -7.45 -15.93
N GLU H 355 65.09 -7.96 -17.13
CA GLU H 355 66.33 -8.70 -17.31
C GLU H 355 67.54 -7.83 -17.00
N ARG H 356 67.54 -6.59 -17.53
CA ARG H 356 68.63 -5.68 -17.19
C ARG H 356 68.63 -5.34 -15.71
N GLU H 357 67.46 -5.28 -15.07
CA GLU H 357 67.42 -5.06 -13.63
C GLU H 357 68.06 -6.22 -12.87
N VAL H 358 68.00 -7.43 -13.41
CA VAL H 358 68.73 -8.54 -12.79
C VAL H 358 70.21 -8.46 -13.13
N TYR H 359 70.56 -7.97 -14.32
CA TYR H 359 71.96 -7.75 -14.64
C TYR H 359 72.59 -6.77 -13.67
N GLU H 360 71.82 -5.80 -13.19
CA GLU H 360 72.23 -4.99 -12.07
C GLU H 360 71.93 -5.73 -10.75
N GLY H 361 72.46 -5.21 -9.66
CA GLY H 361 72.34 -5.87 -8.37
C GLY H 361 70.96 -5.76 -7.74
N ARG H 362 69.93 -5.54 -8.55
CA ARG H 362 68.58 -5.33 -8.07
C ARG H 362 67.69 -6.53 -8.38
N PHE H 363 66.72 -6.77 -7.51
CA PHE H 363 65.70 -7.78 -7.73
C PHE H 363 64.68 -7.33 -8.77
N SER H 364 64.14 -8.29 -9.50
CA SER H 364 63.10 -8.01 -10.49
C SER H 364 62.30 -9.28 -10.75
N LEU H 365 61.11 -9.10 -11.33
CA LEU H 365 60.17 -10.16 -11.60
C LEU H 365 60.42 -10.88 -12.92
N TYR H 366 61.65 -10.81 -13.45
CA TYR H 366 62.00 -11.38 -14.74
C TYR H 366 61.58 -12.84 -14.88
N PRO H 367 62.05 -13.73 -14.01
CA PRO H 367 61.71 -15.16 -14.17
C PRO H 367 60.23 -15.44 -14.06
N PHE H 368 59.50 -14.68 -13.24
CA PHE H 368 58.06 -14.88 -13.14
C PHE H 368 57.38 -14.61 -14.48
N LEU H 369 57.82 -13.57 -15.19
CA LEU H 369 57.37 -13.37 -16.55
C LEU H 369 57.92 -14.42 -17.50
N CYS H 370 59.01 -15.08 -17.12
CA CYS H 370 59.56 -16.20 -17.90
C CYS H 370 58.93 -17.53 -17.52
N LEU H 371 57.89 -17.53 -16.69
CA LEU H 371 57.25 -18.78 -16.29
C LEU H 371 56.20 -19.26 -17.29
N LEU H 372 55.52 -18.36 -17.98
CA LEU H 372 54.40 -18.71 -18.85
C LEU H 372 54.64 -18.25 -20.28
N ASP H 373 54.12 -19.02 -21.23
CA ASP H 373 54.27 -18.69 -22.63
C ASP H 373 53.72 -17.30 -22.94
N GLU H 374 54.47 -16.54 -23.75
CA GLU H 374 54.06 -15.18 -24.08
C GLU H 374 52.70 -15.16 -24.76
N ARG H 375 52.40 -16.14 -25.60
CA ARG H 375 51.09 -16.20 -26.23
C ARG H 375 50.00 -16.40 -25.18
N GLU H 376 50.28 -17.20 -24.15
CA GLU H 376 49.31 -17.38 -23.08
C GLU H 376 49.13 -16.11 -22.26
N VAL H 377 50.21 -15.37 -22.04
CA VAL H 377 50.11 -14.11 -21.31
C VAL H 377 49.27 -13.11 -22.10
N VAL H 378 49.54 -12.98 -23.40
CA VAL H 378 48.79 -12.04 -24.22
C VAL H 378 47.33 -12.44 -24.29
N ARG H 379 47.05 -13.73 -24.48
CA ARG H 379 45.65 -14.17 -24.51
C ARG H 379 44.97 -13.90 -23.18
N MET H 380 45.68 -14.07 -22.07
CA MET H 380 45.09 -13.81 -20.77
C MET H 380 44.77 -12.32 -20.59
N LEU H 381 45.71 -11.45 -20.94
CA LEU H 381 45.47 -10.02 -20.79
C LEU H 381 44.34 -9.56 -21.69
N LEU H 382 44.30 -10.05 -22.93
CA LEU H 382 43.20 -9.69 -23.83
C LEU H 382 41.87 -10.21 -23.29
N GLN H 383 41.87 -11.37 -22.65
CA GLN H 383 40.64 -11.88 -22.04
C GLN H 383 40.19 -10.97 -20.92
N VAL H 384 41.10 -10.58 -20.03
CA VAL H 384 40.74 -9.69 -18.92
C VAL H 384 40.19 -8.39 -19.47
N LEU H 385 40.81 -7.84 -20.52
CA LEU H 385 40.32 -6.61 -21.11
C LEU H 385 38.92 -6.80 -21.70
N GLN H 386 38.69 -7.93 -22.37
CA GLN H 386 37.38 -8.19 -22.95
C GLN H 386 36.31 -8.34 -21.88
N ALA H 387 36.67 -8.91 -20.73
CA ALA H 387 35.71 -9.16 -19.66
C ALA H 387 35.67 -8.05 -18.63
N LEU H 388 36.49 -7.02 -18.76
CA LEU H 388 36.50 -5.94 -17.79
C LEU H 388 35.14 -5.24 -17.79
N PRO H 389 34.53 -5.03 -16.63
CA PRO H 389 33.20 -4.39 -16.60
C PRO H 389 33.29 -2.95 -17.08
N ALA H 390 32.25 -2.52 -17.80
CA ALA H 390 32.23 -1.16 -18.33
C ALA H 390 32.36 -0.12 -17.23
N GLN H 391 31.73 -0.35 -16.09
CA GLN H 391 31.79 0.62 -15.00
C GLN H 391 33.18 0.71 -14.38
N GLY H 392 34.02 -0.28 -14.62
CA GLY H 392 35.37 -0.32 -14.07
C GLY H 392 35.51 -1.42 -13.03
N GLU H 393 36.75 -1.57 -12.57
CA GLU H 393 37.08 -2.58 -11.58
C GLU H 393 38.15 -2.05 -10.66
N SER H 394 38.08 -2.45 -9.39
CA SER H 394 39.07 -2.01 -8.42
C SER H 394 40.47 -2.40 -8.89
N PHE H 395 41.39 -1.44 -8.86
CA PHE H 395 42.76 -1.71 -9.28
C PHE H 395 43.33 -2.90 -8.52
N THR H 396 43.20 -2.88 -7.19
CA THR H 396 43.68 -3.99 -6.37
C THR H 396 43.00 -5.30 -6.77
N THR H 397 41.67 -5.27 -6.94
CA THR H 397 40.96 -6.48 -7.34
C THR H 397 41.49 -7.00 -8.67
N LEU H 398 41.73 -6.10 -9.63
CA LEU H 398 42.29 -6.52 -10.91
C LEU H 398 43.65 -7.19 -10.72
N ALA H 399 44.48 -6.61 -9.85
CA ALA H 399 45.76 -7.24 -9.54
C ALA H 399 45.57 -8.66 -9.01
N ARG H 400 44.63 -8.83 -8.06
CA ARG H 400 44.38 -10.15 -7.51
C ARG H 400 43.95 -11.14 -8.59
N GLU H 401 43.02 -10.72 -9.45
CA GLU H 401 42.53 -11.62 -10.48
C GLU H 401 43.65 -12.02 -11.44
N LEU H 402 44.44 -11.05 -11.89
CA LEU H 402 45.56 -11.35 -12.77
C LEU H 402 46.54 -12.30 -12.11
N SER H 403 46.79 -12.11 -10.81
CA SER H 403 47.73 -12.99 -10.10
C SER H 403 47.18 -14.41 -10.01
N ALA H 404 45.89 -14.55 -9.70
CA ALA H 404 45.30 -15.88 -9.56
C ALA H 404 45.27 -16.61 -10.91
N ARG H 405 44.91 -15.92 -11.98
CA ARG H 405 44.88 -16.55 -13.28
C ARG H 405 46.29 -16.90 -13.77
N THR H 406 47.26 -16.04 -13.45
CA THR H 406 48.65 -16.34 -13.79
C THR H 406 49.13 -17.59 -13.06
N PHE H 407 48.91 -17.65 -11.74
CA PHE H 407 49.30 -18.82 -10.97
C PHE H 407 48.62 -20.08 -11.50
N SER H 408 47.32 -20.00 -11.77
CA SER H 408 46.60 -21.17 -12.27
C SER H 408 47.17 -21.66 -13.59
N ARG H 409 47.31 -20.76 -14.57
CA ARG H 409 47.84 -21.17 -15.87
C ARG H 409 49.27 -21.67 -15.76
N HIS H 410 50.05 -21.15 -14.81
CA HIS H 410 51.40 -21.65 -14.62
C HIS H 410 51.39 -23.07 -14.08
N VAL H 411 50.52 -23.36 -13.13
CA VAL H 411 50.37 -24.73 -12.65
C VAL H 411 49.96 -25.64 -13.80
N VAL H 412 48.98 -25.20 -14.59
CA VAL H 412 48.51 -26.00 -15.72
C VAL H 412 49.65 -26.32 -16.67
N GLN H 413 50.47 -25.32 -17.00
CA GLN H 413 51.60 -25.57 -17.89
C GLN H 413 52.59 -26.53 -17.27
N ARG H 414 52.86 -26.38 -15.96
CA ARG H 414 53.83 -27.26 -15.30
C ARG H 414 53.37 -28.71 -15.37
N GLN H 415 52.11 -28.98 -15.03
CA GLN H 415 51.60 -30.34 -15.15
C GLN H 415 51.59 -30.80 -16.60
N ARG H 416 51.31 -29.89 -17.53
CA ARG H 416 51.32 -30.22 -18.95
C ARG H 416 52.68 -30.75 -19.38
N VAL H 417 53.75 -30.06 -18.98
CA VAL H 417 55.09 -30.39 -19.44
C VAL H 417 55.81 -31.39 -18.54
N SER H 418 55.24 -31.74 -17.39
CA SER H 418 55.89 -32.64 -16.44
C SER H 418 55.33 -34.05 -16.50
N GLY H 419 54.43 -34.33 -17.43
CA GLY H 419 53.86 -35.66 -17.55
C GLY H 419 52.78 -35.99 -16.55
N GLN H 420 52.48 -35.09 -15.61
CA GLN H 420 51.41 -35.34 -14.65
C GLN H 420 50.06 -35.47 -15.33
N VAL H 421 49.89 -34.88 -16.52
CA VAL H 421 48.61 -34.95 -17.21
C VAL H 421 48.33 -36.36 -17.69
N GLN H 422 49.32 -37.02 -18.29
CA GLN H 422 49.12 -38.38 -18.80
C GLN H 422 48.91 -39.36 -17.65
N ALA H 423 49.73 -39.26 -16.60
CA ALA H 423 49.52 -40.12 -15.44
C ALA H 423 48.16 -39.87 -14.81
N LEU H 424 47.69 -38.63 -14.85
CA LEU H 424 46.34 -38.34 -14.41
C LEU H 424 45.31 -39.00 -15.33
N GLN H 425 45.62 -39.09 -16.62
CA GLN H 425 44.72 -39.77 -17.55
C GLN H 425 44.59 -41.24 -17.20
N ASN H 426 45.72 -41.92 -16.97
CA ASN H 426 45.66 -43.33 -16.61
C ASN H 426 44.98 -43.52 -15.26
N HIS H 427 45.37 -42.72 -14.26
CA HIS H 427 44.83 -42.88 -12.91
C HIS H 427 43.32 -42.66 -12.90
N TYR H 428 42.85 -41.55 -13.49
CA TYR H 428 41.43 -41.27 -13.53
C TYR H 428 40.68 -42.30 -14.36
N ARG H 429 41.27 -42.72 -15.49
CA ARG H 429 40.63 -43.72 -16.32
C ARG H 429 40.49 -45.05 -15.58
N LYS H 430 41.39 -45.34 -14.65
CA LYS H 430 41.21 -46.51 -13.80
C LYS H 430 40.16 -46.24 -12.72
N TYR H 431 40.11 -45.00 -12.22
CA TYR H 431 39.13 -44.65 -11.19
C TYR H 431 37.70 -44.78 -11.71
N LEU H 432 37.49 -44.48 -13.00
CA LEU H 432 36.15 -44.49 -13.56
C LEU H 432 35.47 -45.85 -13.47
N CYS H 433 36.22 -46.92 -13.18
CA CYS H 433 35.59 -48.23 -13.04
C CYS H 433 34.62 -48.26 -11.87
N LEU H 434 34.88 -47.48 -10.82
CA LEU H 434 33.99 -47.45 -9.67
C LEU H 434 32.67 -46.77 -10.01
N LEU H 435 32.69 -45.79 -10.90
CA LEU H 435 31.51 -45.01 -11.26
C LEU H 435 30.76 -45.60 -12.46
N ALA H 436 31.48 -46.11 -13.44
CA ALA H 436 30.84 -46.58 -14.67
C ALA H 436 29.80 -47.65 -14.37
N SER H 437 28.73 -47.66 -15.16
CA SER H 437 27.66 -48.61 -14.95
C SER H 437 28.05 -50.01 -15.41
N ASP H 438 28.71 -50.12 -16.56
CA ASP H 438 29.08 -51.41 -17.13
C ASP H 438 30.46 -51.88 -16.67
N ALA H 439 30.87 -51.53 -15.46
CA ALA H 439 32.16 -51.94 -14.93
C ALA H 439 32.03 -52.17 -13.44
N GLU H 440 32.79 -53.14 -12.94
CA GLU H 440 32.77 -53.51 -11.53
C GLU H 440 34.16 -53.37 -10.93
N VAL H 441 34.19 -53.23 -9.61
CA VAL H 441 35.45 -53.14 -8.87
C VAL H 441 35.57 -54.37 -7.97
N PRO H 442 36.79 -54.71 -7.54
CA PRO H 442 36.93 -55.91 -6.68
C PRO H 442 36.12 -55.83 -5.39
N GLU H 443 36.27 -54.74 -4.65
CA GLU H 443 35.57 -54.57 -3.38
C GLU H 443 34.89 -53.21 -3.35
N PRO H 444 33.73 -53.12 -2.70
CA PRO H 444 33.06 -51.82 -2.59
C PRO H 444 33.86 -50.87 -1.72
N CYS H 445 33.89 -49.61 -2.12
CA CYS H 445 34.65 -48.60 -1.39
C CYS H 445 34.19 -47.22 -1.84
N LEU H 446 34.63 -46.21 -1.12
CA LEU H 446 34.32 -44.84 -1.45
C LEU H 446 35.23 -44.33 -2.56
N PRO H 447 34.79 -43.33 -3.31
CA PRO H 447 35.64 -42.79 -4.39
C PRO H 447 37.04 -42.44 -3.91
N ARG H 448 37.16 -41.83 -2.73
CA ARG H 448 38.48 -41.51 -2.20
C ARG H 448 39.28 -42.76 -1.91
N GLN H 449 38.64 -43.79 -1.34
CA GLN H 449 39.35 -45.02 -1.03
C GLN H 449 39.88 -45.69 -2.29
N TYR H 450 39.04 -45.80 -3.32
CA TYR H 450 39.48 -46.41 -4.56
C TYR H 450 40.57 -45.58 -5.22
N TRP H 451 40.41 -44.26 -5.24
CA TRP H 451 41.40 -43.38 -5.86
C TRP H 451 42.75 -43.51 -5.18
N GLU H 452 42.76 -43.50 -3.84
CA GLU H 452 44.02 -43.65 -3.12
C GLU H 452 44.59 -45.05 -3.27
N ALA H 453 43.74 -46.06 -3.46
CA ALA H 453 44.23 -47.42 -3.66
C ALA H 453 44.92 -47.56 -5.01
N LEU H 454 44.38 -46.91 -6.04
CA LEU H 454 44.95 -47.04 -7.38
C LEU H 454 46.40 -46.55 -7.43
N GLY H 455 46.69 -45.43 -6.75
CA GLY H 455 48.04 -44.91 -6.73
C GLY H 455 48.68 -45.05 -5.36
N ALA H 456 48.83 -43.95 -4.64
CA ALA H 456 48.53 -42.62 -5.15
C ALA H 456 49.68 -41.66 -4.86
N PRO H 457 50.58 -41.47 -5.82
CA PRO H 457 51.70 -40.53 -5.60
C PRO H 457 51.24 -39.10 -5.38
N GLU H 458 50.16 -38.68 -6.03
CA GLU H 458 49.61 -37.34 -5.90
C GLU H 458 50.58 -36.25 -6.36
N ALA H 459 51.51 -36.62 -7.25
CA ALA H 459 52.39 -35.66 -7.93
C ALA H 459 53.14 -34.84 -6.88
N LEU H 460 53.16 -33.51 -7.00
CA LEU H 460 53.92 -32.63 -6.12
C LEU H 460 53.06 -31.43 -5.75
N ARG H 461 53.28 -30.91 -4.55
CA ARG H 461 52.51 -29.79 -4.03
C ARG H 461 53.31 -28.50 -4.20
N GLU H 462 52.66 -27.48 -4.77
CA GLU H 462 53.30 -26.20 -5.05
C GLU H 462 52.73 -25.14 -4.12
N GLN H 463 53.62 -24.47 -3.38
CA GLN H 463 53.22 -23.39 -2.48
C GLN H 463 53.04 -22.09 -3.26
N PRO H 464 52.02 -21.29 -2.94
CA PRO H 464 51.79 -20.05 -3.69
C PRO H 464 52.87 -19.02 -3.43
N TRP H 465 52.82 -17.96 -4.24
CA TRP H 465 53.79 -16.87 -4.15
C TRP H 465 53.49 -15.96 -2.95
N PRO H 466 54.50 -15.26 -2.45
CA PRO H 466 54.25 -14.25 -1.42
C PRO H 466 53.38 -13.13 -1.96
N LEU H 467 52.61 -12.52 -1.07
CA LEU H 467 51.68 -11.47 -1.49
C LEU H 467 52.35 -10.31 -2.20
N PRO H 468 53.51 -9.80 -1.75
CA PRO H 468 54.13 -8.68 -2.48
C PRO H 468 54.47 -9.00 -3.93
N VAL H 469 54.89 -10.24 -4.21
CA VAL H 469 55.16 -10.63 -5.59
C VAL H 469 53.89 -10.65 -6.41
N GLN H 470 52.80 -11.19 -5.84
CA GLN H 470 51.53 -11.20 -6.54
C GLN H 470 51.06 -9.79 -6.86
N MET H 471 51.15 -8.88 -5.88
CA MET H 471 50.71 -7.52 -6.09
C MET H 471 51.57 -6.82 -7.15
N GLU H 472 52.89 -6.92 -7.02
CA GLU H 472 53.78 -6.27 -7.98
C GLU H 472 53.52 -6.80 -9.38
N LEU H 473 53.31 -8.11 -9.52
CA LEU H 473 52.99 -8.68 -10.83
C LEU H 473 51.68 -8.13 -11.37
N GLY H 474 50.66 -8.06 -10.51
CA GLY H 474 49.38 -7.52 -10.96
C GLY H 474 49.47 -6.09 -11.44
N LYS H 475 50.15 -5.23 -10.67
CA LYS H 475 50.32 -3.85 -11.10
C LYS H 475 51.14 -3.77 -12.38
N LEU H 476 52.15 -4.63 -12.52
CA LEU H 476 52.96 -4.64 -13.73
C LEU H 476 52.10 -4.96 -14.94
N LEU H 477 51.36 -6.06 -14.89
CA LEU H 477 50.54 -6.46 -16.03
C LEU H 477 49.46 -5.43 -16.33
N ALA H 478 48.83 -4.89 -15.29
CA ALA H 478 47.78 -3.91 -15.49
C ALA H 478 48.33 -2.65 -16.16
N GLU H 479 49.40 -2.09 -15.60
CA GLU H 479 50.00 -0.90 -16.20
C GLU H 479 50.45 -1.17 -17.62
N MET H 480 50.95 -2.37 -17.88
CA MET H 480 51.37 -2.71 -19.25
C MET H 480 50.17 -2.72 -20.18
N LEU H 481 49.03 -3.25 -19.73
CA LEU H 481 47.83 -3.26 -20.55
C LEU H 481 47.35 -1.84 -20.83
N VAL H 482 47.27 -1.01 -19.79
CA VAL H 482 46.82 0.37 -19.96
C VAL H 482 47.71 1.10 -20.95
N GLN H 483 49.03 0.99 -20.77
CA GLN H 483 49.97 1.68 -21.65
C GLN H 483 49.90 1.13 -23.08
N ALA H 484 49.59 -0.16 -23.24
CA ALA H 484 49.68 -0.77 -24.56
C ALA H 484 48.40 -0.58 -25.38
N THR H 485 47.24 -0.52 -24.73
CA THR H 485 45.95 -0.48 -25.44
C THR H 485 45.63 0.97 -25.83
N GLN H 486 45.64 1.24 -27.13
CA GLN H 486 45.26 2.54 -27.69
C GLN H 486 44.14 2.36 -28.71
N MET H 487 43.37 3.43 -28.92
CA MET H 487 42.26 3.39 -29.86
C MET H 487 42.00 4.80 -30.39
N PRO H 488 41.46 4.92 -31.60
CA PRO H 488 41.15 6.26 -32.14
C PRO H 488 39.88 6.82 -31.52
N CYS H 489 39.90 8.13 -31.26
CA CYS H 489 38.77 8.77 -30.59
C CYS H 489 37.60 9.08 -31.51
N SER H 490 37.83 9.12 -32.84
CA SER H 490 36.73 9.43 -33.75
C SER H 490 35.73 8.30 -33.88
N LEU H 491 36.14 7.06 -33.58
CA LEU H 491 35.31 5.87 -33.76
C LEU H 491 34.76 5.91 -35.19
N ASP H 492 33.45 5.81 -35.39
CA ASP H 492 32.89 5.82 -36.73
C ASP H 492 33.29 7.08 -37.49
N ARG H 496 38.34 6.53 -37.75
CA ARG H 496 39.06 7.17 -38.85
C ARG H 496 39.74 8.46 -38.41
N SER H 497 40.18 8.50 -37.15
CA SER H 497 40.85 9.66 -36.59
C SER H 497 42.34 9.40 -36.46
N SER H 498 43.15 10.40 -36.81
CA SER H 498 44.59 10.26 -36.69
C SER H 498 45.00 10.19 -35.23
N ARG H 499 44.37 10.99 -34.37
CA ARG H 499 44.73 11.04 -32.96
C ARG H 499 44.35 9.74 -32.27
N LEU H 500 45.19 9.30 -31.34
CA LEU H 500 44.99 8.07 -30.60
C LEU H 500 44.95 8.36 -29.11
N VAL H 501 43.99 7.75 -28.42
CA VAL H 501 43.85 7.91 -26.97
C VAL H 501 43.84 6.54 -26.30
N PRO H 502 44.24 6.46 -25.03
CA PRO H 502 44.28 5.15 -24.37
C PRO H 502 42.90 4.55 -24.21
N VAL H 503 42.82 3.23 -24.33
CA VAL H 503 41.56 2.51 -24.15
C VAL H 503 41.15 2.51 -22.69
N LEU H 504 42.11 2.47 -21.77
CA LEU H 504 41.85 2.41 -20.34
C LEU H 504 42.19 3.73 -19.67
N TYR H 505 41.31 4.15 -18.76
CA TYR H 505 41.50 5.37 -17.97
C TYR H 505 41.29 5.02 -16.51
N HIS H 506 42.29 5.28 -15.67
CA HIS H 506 42.14 5.06 -14.24
C HIS H 506 41.76 6.39 -13.60
N VAL H 507 40.66 6.40 -12.86
CA VAL H 507 40.21 7.59 -12.16
C VAL H 507 40.11 7.27 -10.68
N TYR H 508 39.87 8.30 -9.88
CA TYR H 508 39.94 8.21 -8.44
C TYR H 508 38.57 8.48 -7.85
N SER H 509 38.16 7.63 -6.91
CA SER H 509 36.91 7.80 -6.19
C SER H 509 37.21 8.31 -4.79
N PHE H 510 36.57 9.42 -4.42
CA PHE H 510 36.73 10.02 -3.10
C PHE H 510 35.50 9.82 -2.23
N ARG H 511 34.56 8.96 -2.66
CA ARG H 511 33.38 8.71 -1.84
C ARG H 511 33.78 8.29 -0.43
N ASN H 512 34.63 7.25 -0.34
CA ASN H 512 35.32 6.98 0.90
C ASN H 512 36.34 8.09 1.14
N VAL H 513 36.36 8.62 2.36
CA VAL H 513 37.12 9.84 2.65
C VAL H 513 38.57 9.69 2.20
N GLN H 514 39.02 8.46 2.04
CA GLN H 514 40.35 8.14 1.53
C GLN H 514 40.21 7.64 0.10
N GLN H 515 40.88 8.32 -0.83
CA GLN H 515 40.72 8.01 -2.24
C GLN H 515 41.27 6.63 -2.59
N ILE H 516 40.57 5.95 -3.49
CA ILE H 516 40.94 4.60 -3.94
C ILE H 516 41.06 4.62 -5.45
N GLY H 517 42.14 4.03 -5.97
CA GLY H 517 42.33 3.97 -7.41
C GLY H 517 41.37 3.02 -8.08
N ILE H 518 40.87 3.42 -9.25
CA ILE H 518 39.95 2.60 -10.04
C ILE H 518 40.38 2.64 -11.50
N LEU H 519 40.20 1.51 -12.18
CA LEU H 519 40.47 1.40 -13.62
C LEU H 519 39.15 1.23 -14.36
N LYS H 520 38.82 2.21 -15.21
CA LYS H 520 37.59 2.23 -15.98
C LYS H 520 37.89 2.34 -17.47
N PRO H 521 37.21 1.57 -18.32
CA PRO H 521 37.45 1.64 -19.76
C PRO H 521 36.85 2.89 -20.38
N HIS H 522 37.39 3.25 -21.54
CA HIS H 522 36.94 4.42 -22.27
C HIS H 522 35.46 4.26 -22.65
N PRO H 523 34.64 5.30 -22.48
CA PRO H 523 33.22 5.17 -22.85
C PRO H 523 33.02 4.86 -24.32
N ALA H 524 33.86 5.40 -25.20
CA ALA H 524 33.77 5.06 -26.62
C ALA H 524 34.06 3.57 -26.83
N TYR H 525 34.99 3.01 -26.04
CA TYR H 525 35.23 1.58 -26.08
C TYR H 525 33.99 0.80 -25.64
N VAL H 526 33.31 1.29 -24.60
CA VAL H 526 32.11 0.61 -24.12
C VAL H 526 31.03 0.61 -25.18
N GLN H 527 30.77 1.77 -25.78
CA GLN H 527 29.78 1.84 -26.86
C GLN H 527 30.21 1.00 -28.06
N LEU H 528 31.52 0.89 -28.30
CA LEU H 528 32.01 0.05 -29.39
C LEU H 528 31.67 -1.41 -29.15
N LEU H 529 31.92 -1.89 -27.93
CA LEU H 529 31.58 -3.27 -27.61
C LEU H 529 30.06 -3.49 -27.60
N GLU H 530 29.29 -2.45 -27.23
CA GLU H 530 27.84 -2.58 -27.24
C GLU H 530 27.31 -2.70 -28.66
N LYS H 531 27.81 -1.86 -29.57
CA LYS H 531 27.38 -1.95 -30.96
C LYS H 531 27.88 -3.23 -31.62
N ALA H 532 29.07 -3.70 -31.25
CA ALA H 532 29.59 -4.93 -31.84
C ALA H 532 28.69 -6.12 -31.52
N ALA H 533 28.08 -6.13 -30.33
CA ALA H 533 27.17 -7.20 -29.92
C ALA H 533 27.82 -8.57 -30.10
N GLU H 534 28.94 -8.76 -29.41
CA GLU H 534 29.65 -10.03 -29.50
C GLU H 534 28.73 -11.17 -29.08
N PRO H 535 28.60 -12.22 -29.88
CA PRO H 535 27.74 -13.35 -29.51
C PRO H 535 28.40 -14.38 -28.61
N THR H 536 29.58 -14.09 -28.07
CA THR H 536 30.32 -15.04 -27.26
C THR H 536 30.80 -14.40 -25.97
N LEU H 537 30.76 -15.19 -24.89
CA LEU H 537 31.30 -14.82 -23.59
C LEU H 537 32.39 -15.83 -23.21
N THR H 538 33.39 -15.34 -22.49
CA THR H 538 34.54 -16.15 -22.10
C THR H 538 34.57 -16.31 -20.59
N PHE H 539 34.78 -17.54 -20.13
CA PHE H 539 34.84 -17.85 -18.71
C PHE H 539 36.14 -18.59 -18.38
N GLU H 540 36.56 -18.45 -17.13
CA GLU H 540 37.66 -19.25 -16.62
C GLU H 540 37.19 -20.68 -16.37
N ALA H 541 38.09 -21.64 -16.63
CA ALA H 541 37.74 -23.04 -16.37
C ALA H 541 37.32 -23.26 -14.92
N VAL H 542 37.86 -22.46 -13.99
CA VAL H 542 37.51 -22.60 -12.58
C VAL H 542 36.16 -21.98 -12.23
N ASP H 543 35.57 -21.21 -13.14
CA ASP H 543 34.31 -20.54 -12.87
C ASP H 543 33.11 -21.23 -13.52
N VAL H 544 33.32 -22.33 -14.23
CA VAL H 544 32.24 -23.02 -14.92
C VAL H 544 32.14 -24.43 -14.37
N PRO H 545 30.98 -25.06 -14.49
CA PRO H 545 30.84 -26.45 -14.03
C PRO H 545 31.76 -27.38 -14.80
N MET H 546 32.16 -28.46 -14.13
CA MET H 546 33.00 -29.47 -14.75
C MET H 546 32.16 -30.43 -15.58
N LEU H 547 32.73 -30.89 -16.70
CA LEU H 547 32.05 -31.82 -17.59
C LEU H 547 32.21 -33.28 -17.18
N CYS H 548 32.96 -33.56 -16.12
CA CYS H 548 33.16 -34.91 -15.64
C CYS H 548 33.16 -34.91 -14.11
N PRO H 549 32.95 -36.06 -13.49
CA PRO H 549 32.98 -36.14 -12.03
C PRO H 549 34.28 -35.57 -11.48
N PRO H 550 34.20 -34.73 -10.47
CA PRO H 550 35.41 -34.06 -9.96
C PRO H 550 36.38 -35.06 -9.36
N LEU H 551 37.56 -34.56 -9.02
CA LEU H 551 38.55 -35.38 -8.35
C LEU H 551 38.12 -35.63 -6.91
N PRO H 552 38.17 -36.87 -6.43
CA PRO H 552 37.89 -37.11 -5.02
C PRO H 552 38.87 -36.34 -4.14
N TRP H 553 38.35 -35.76 -3.07
CA TRP H 553 39.18 -34.96 -2.18
C TRP H 553 40.10 -35.87 -1.36
N THR H 554 41.38 -35.88 -1.71
CA THR H 554 42.37 -36.71 -1.03
C THR H 554 43.24 -35.93 -0.07
N SER H 555 43.35 -34.62 -0.22
CA SER H 555 44.18 -33.80 0.65
C SER H 555 43.74 -32.35 0.50
N PRO H 556 44.20 -31.47 1.39
CA PRO H 556 43.85 -30.05 1.28
C PRO H 556 44.41 -29.37 0.04
N HIS H 557 45.18 -30.07 -0.79
CA HIS H 557 45.77 -29.48 -1.98
C HIS H 557 45.40 -30.20 -3.27
N SER H 558 44.63 -31.28 -3.20
CA SER H 558 44.17 -32.00 -4.38
C SER H 558 42.64 -32.10 -4.30
N GLY H 559 41.96 -31.44 -5.24
CA GLY H 559 40.51 -31.51 -5.25
C GLY H 559 39.95 -30.69 -6.39
N ALA H 560 38.63 -30.80 -6.56
CA ALA H 560 37.85 -29.97 -7.47
C ALA H 560 38.40 -30.16 -8.88
N PHE H 561 38.68 -29.09 -9.63
CA PHE H 561 39.07 -29.25 -11.03
C PHE H 561 40.35 -30.06 -11.14
N LEU H 562 40.41 -30.93 -12.15
CA LEU H 562 41.47 -31.92 -12.24
C LEU H 562 42.85 -31.27 -12.21
N LEU H 563 43.07 -30.28 -13.06
CA LEU H 563 44.39 -29.65 -13.21
C LEU H 563 44.49 -28.32 -12.48
N SER H 564 43.48 -27.46 -12.63
CA SER H 564 43.53 -26.14 -12.02
C SER H 564 43.61 -26.29 -10.50
N PRO H 565 44.51 -25.58 -9.82
CA PRO H 565 44.60 -25.71 -8.36
C PRO H 565 43.41 -25.06 -7.68
N THR H 566 42.91 -25.72 -6.63
CA THR H 566 41.78 -25.24 -5.87
C THR H 566 42.05 -25.40 -4.38
N LYS H 567 41.75 -24.36 -3.62
CA LYS H 567 41.95 -24.41 -2.18
C LYS H 567 40.91 -25.30 -1.52
N LEU H 568 41.33 -26.02 -0.48
CA LEU H 568 40.37 -26.80 0.29
C LEU H 568 39.47 -25.90 1.12
N MET H 569 39.98 -24.76 1.59
CA MET H 569 39.20 -23.77 2.31
C MET H 569 39.23 -22.47 1.52
N ARG H 570 38.05 -21.95 1.20
CA ARG H 570 37.96 -20.74 0.39
C ARG H 570 38.61 -19.55 1.08
N THR H 571 38.40 -19.42 2.40
CA THR H 571 38.83 -18.27 3.17
C THR H 571 40.26 -17.85 2.83
N ALA H 575 44.55 -17.71 5.42
CA ALA H 575 44.69 -18.92 4.62
C ALA H 575 45.88 -19.76 5.09
N THR H 576 46.95 -19.07 5.49
CA THR H 576 48.14 -19.77 5.97
C THR H 576 47.82 -20.57 7.24
N GLN H 577 47.13 -19.95 8.20
CA GLN H 577 46.81 -20.63 9.44
C GLN H 577 45.91 -21.84 9.20
N HIS H 578 44.80 -21.63 8.48
CA HIS H 578 43.83 -22.71 8.31
C HIS H 578 44.39 -23.83 7.44
N GLN H 579 45.11 -23.48 6.38
CA GLN H 579 45.74 -24.50 5.55
C GLN H 579 46.79 -25.29 6.34
N GLU H 580 47.66 -24.57 7.05
CA GLU H 580 48.74 -25.24 7.78
C GLU H 580 48.20 -26.14 8.89
N LEU H 581 47.07 -25.76 9.49
CA LEU H 581 46.48 -26.63 10.51
C LEU H 581 45.68 -27.78 9.89
N LEU H 582 45.13 -27.58 8.68
CA LEU H 582 44.50 -28.69 7.98
C LEU H 582 45.52 -29.75 7.61
N GLU H 583 46.73 -29.33 7.25
CA GLU H 583 47.81 -30.28 7.02
C GLU H 583 48.44 -30.77 8.31
N THR H 584 48.34 -30.00 9.40
CA THR H 584 48.93 -30.41 10.66
C THR H 584 48.12 -31.53 11.32
N CYS H 585 46.79 -31.40 11.31
CA CYS H 585 45.95 -32.40 11.94
C CYS H 585 46.20 -33.78 11.31
N PRO H 586 45.93 -34.85 12.05
CA PRO H 586 46.15 -36.20 11.51
C PRO H 586 45.40 -36.40 10.20
N PRO H 587 46.02 -37.09 9.23
CA PRO H 587 45.35 -37.28 7.94
C PRO H 587 43.98 -37.97 8.07
N THR H 588 43.84 -38.91 8.99
CA THR H 588 42.56 -39.61 9.15
C THR H 588 41.46 -38.66 9.60
N ALA H 589 41.81 -37.60 10.33
CA ALA H 589 40.79 -36.69 10.87
C ALA H 589 39.90 -36.11 9.79
N LEU H 590 40.46 -35.84 8.61
CA LEU H 590 39.74 -35.16 7.54
C LEU H 590 39.01 -36.12 6.62
N HIS H 591 39.10 -37.43 6.85
CA HIS H 591 38.44 -38.40 5.96
C HIS H 591 36.97 -38.05 5.77
N GLY H 592 36.25 -37.78 6.87
CA GLY H 592 34.84 -37.46 6.76
C GLY H 592 34.58 -36.29 5.85
N ALA H 593 35.26 -35.17 6.10
CA ALA H 593 35.05 -33.98 5.29
C ALA H 593 35.40 -34.24 3.83
N LEU H 594 36.54 -34.90 3.57
CA LEU H 594 36.94 -35.17 2.19
C LEU H 594 35.88 -35.99 1.47
N ASP H 595 35.35 -37.01 2.14
CA ASP H 595 34.32 -37.85 1.51
C ASP H 595 33.02 -37.08 1.32
N ALA H 596 32.71 -36.15 2.23
CA ALA H 596 31.51 -35.34 2.08
C ALA H 596 31.62 -34.41 0.88
N LEU H 597 32.75 -33.72 0.74
CA LEU H 597 32.93 -32.81 -0.39
C LEU H 597 33.01 -33.58 -1.70
N THR H 598 33.70 -34.72 -1.72
CA THR H 598 33.71 -35.55 -2.93
C THR H 598 32.31 -36.02 -3.28
N GLN H 599 31.52 -36.43 -2.28
CA GLN H 599 30.17 -36.89 -2.53
C GLN H 599 29.32 -35.77 -3.12
N LEU H 600 29.32 -34.60 -2.48
CA LEU H 600 28.55 -33.47 -3.00
C LEU H 600 28.99 -33.12 -4.42
N GLY H 601 30.31 -33.13 -4.68
CA GLY H 601 30.79 -32.81 -6.01
C GLY H 601 30.42 -33.84 -7.05
N ASN H 602 30.22 -35.09 -6.63
CA ASN H 602 29.91 -36.18 -7.55
C ASN H 602 28.45 -36.18 -7.98
N CYS H 603 27.61 -35.31 -7.43
CA CYS H 603 26.20 -35.28 -7.79
C CYS H 603 26.05 -34.81 -9.23
N ALA H 604 25.39 -35.62 -10.07
CA ALA H 604 25.22 -35.28 -11.47
C ALA H 604 24.03 -34.36 -11.65
N TRP H 605 24.24 -33.27 -12.38
CA TRP H 605 23.20 -32.27 -12.62
C TRP H 605 22.95 -32.12 -14.12
N ARG H 606 21.74 -31.68 -14.44
CA ARG H 606 21.32 -31.37 -15.80
C ARG H 606 20.30 -30.24 -15.74
N VAL H 607 20.07 -29.62 -16.89
CA VAL H 607 19.21 -28.44 -16.98
C VAL H 607 17.79 -28.86 -17.32
N ASN H 608 16.82 -28.16 -16.75
CA ASN H 608 15.41 -28.39 -17.06
C ASN H 608 15.07 -27.68 -18.37
N GLY H 609 14.89 -28.45 -19.44
CA GLY H 609 14.74 -27.86 -20.75
C GLY H 609 13.55 -26.92 -20.85
N ARG H 610 12.39 -27.35 -20.35
CA ARG H 610 11.19 -26.52 -20.44
C ARG H 610 11.35 -25.24 -19.64
N VAL H 611 11.77 -25.36 -18.38
CA VAL H 611 11.97 -24.18 -17.54
C VAL H 611 12.95 -23.22 -18.21
N LEU H 612 14.04 -23.76 -18.74
CA LEU H 612 15.00 -22.91 -19.47
C LEU H 612 14.33 -22.21 -20.64
N ASP H 613 13.48 -22.93 -21.38
CA ASP H 613 12.81 -22.32 -22.53
C ASP H 613 11.92 -21.17 -22.10
N LEU H 614 11.20 -21.32 -20.99
CA LEU H 614 10.33 -20.25 -20.52
C LEU H 614 11.13 -19.06 -20.01
N VAL H 615 12.13 -19.33 -19.15
CA VAL H 615 12.94 -18.26 -18.59
C VAL H 615 13.64 -17.47 -19.70
N LEU H 616 14.10 -18.17 -20.74
CA LEU H 616 14.68 -17.47 -21.89
C LEU H 616 13.62 -16.69 -22.65
N GLN H 617 12.43 -17.29 -22.83
CA GLN H 617 11.34 -16.59 -23.49
C GLN H 617 11.08 -15.24 -22.84
N LEU H 618 11.06 -15.20 -21.50
CA LEU H 618 10.90 -13.92 -20.80
C LEU H 618 12.14 -13.06 -20.97
N PHE H 619 13.33 -13.63 -20.77
CA PHE H 619 14.56 -12.86 -20.85
C PHE H 619 14.75 -12.26 -22.24
N GLN H 620 14.47 -13.05 -23.28
CA GLN H 620 14.64 -12.55 -24.64
C GLN H 620 13.73 -11.36 -24.92
N ALA H 621 12.58 -11.26 -24.25
CA ALA H 621 11.70 -10.13 -24.53
C ALA H 621 11.96 -8.99 -23.54
N LYS H 622 10.93 -8.56 -22.81
CA LYS H 622 11.06 -7.43 -21.90
C LYS H 622 11.30 -7.86 -20.47
N GLY H 623 11.50 -9.16 -20.24
CA GLY H 623 11.74 -9.66 -18.91
C GLY H 623 10.48 -9.60 -18.07
N CYS H 624 10.48 -10.31 -16.95
CA CYS H 624 9.34 -10.37 -16.04
C CYS H 624 9.88 -10.18 -14.64
N PRO H 625 10.08 -8.93 -14.21
CA PRO H 625 10.56 -8.70 -12.84
C PRO H 625 9.68 -9.35 -11.80
N GLN H 626 8.39 -9.52 -12.08
CA GLN H 626 7.52 -10.23 -11.16
C GLN H 626 7.98 -11.67 -10.97
N LEU H 627 8.63 -12.25 -11.98
CA LEU H 627 9.15 -13.61 -11.92
C LEU H 627 10.68 -13.63 -11.86
N GLY H 628 11.28 -12.57 -11.34
CA GLY H 628 12.72 -12.52 -11.18
C GLY H 628 13.50 -12.57 -12.47
N VAL H 629 12.94 -12.04 -13.56
CA VAL H 629 13.61 -11.99 -14.85
C VAL H 629 13.98 -10.54 -15.12
N PRO H 630 15.27 -10.20 -15.21
CA PRO H 630 15.66 -8.80 -15.41
C PRO H 630 15.21 -8.28 -16.78
N ALA H 631 14.89 -6.97 -16.81
CA ALA H 631 14.47 -6.29 -18.04
C ALA H 631 15.66 -5.70 -18.76
N PRO H 632 15.62 -5.67 -20.09
CA PRO H 632 16.72 -5.08 -20.86
C PRO H 632 16.77 -3.57 -20.67
N PRO H 633 17.86 -2.93 -21.07
CA PRO H 633 17.96 -1.47 -20.90
C PRO H 633 16.85 -0.69 -21.60
N SER H 634 16.14 -1.31 -22.54
CA SER H 634 15.05 -0.61 -23.22
C SER H 634 13.96 -0.19 -22.24
N GLU H 635 13.79 -0.94 -21.16
CA GLU H 635 12.74 -0.64 -20.19
C GLU H 635 13.25 0.30 -19.10
N HIS H 662 17.85 9.49 -9.75
CA HIS H 662 17.14 8.27 -9.40
C HIS H 662 17.05 7.34 -10.61
N CYS H 663 16.75 7.93 -11.77
CA CYS H 663 16.67 7.14 -13.00
C CYS H 663 18.01 6.49 -13.32
N GLN H 664 19.10 7.22 -13.12
CA GLN H 664 20.43 6.66 -13.36
C GLN H 664 20.74 5.54 -12.38
N LYS H 665 20.36 5.71 -11.11
CA LYS H 665 20.57 4.65 -10.13
C LYS H 665 19.83 3.39 -10.52
N VAL H 666 18.52 3.51 -10.79
CA VAL H 666 17.73 2.34 -11.20
C VAL H 666 18.33 1.72 -12.45
N ALA H 667 18.77 2.55 -13.40
CA ALA H 667 19.37 2.01 -14.62
C ALA H 667 20.62 1.19 -14.32
N ARG H 668 21.49 1.71 -13.45
CA ARG H 668 22.72 0.98 -13.13
C ARG H 668 22.40 -0.35 -12.44
N GLU H 669 21.49 -0.32 -11.47
CA GLU H 669 21.15 -1.57 -10.78
C GLU H 669 20.55 -2.58 -11.76
N MET H 670 19.64 -2.13 -12.62
CA MET H 670 19.05 -3.01 -13.62
C MET H 670 20.12 -3.58 -14.54
N HIS H 671 21.14 -2.79 -14.85
CA HIS H 671 22.22 -3.29 -15.70
C HIS H 671 23.02 -4.36 -14.99
N SER H 672 23.28 -4.17 -13.69
CA SER H 672 24.00 -5.18 -12.91
C SER H 672 23.24 -6.50 -12.89
N LEU H 673 21.97 -6.47 -12.46
CA LEU H 673 21.18 -7.70 -12.44
C LEU H 673 21.10 -8.31 -13.83
N ARG H 674 20.95 -7.47 -14.86
CA ARG H 674 20.89 -7.96 -16.23
C ARG H 674 22.18 -8.71 -16.60
N ALA H 675 23.33 -8.20 -16.16
CA ALA H 675 24.59 -8.87 -16.44
C ALA H 675 24.65 -10.22 -15.72
N GLU H 676 24.36 -10.23 -14.42
CA GLU H 676 24.42 -11.49 -13.67
C GLU H 676 23.51 -12.54 -14.31
N ALA H 677 22.26 -12.17 -14.61
CA ALA H 677 21.36 -13.10 -15.27
C ALA H 677 21.89 -13.51 -16.63
N LEU H 678 22.57 -12.59 -17.33
CA LEU H 678 23.17 -12.93 -18.61
C LEU H 678 24.17 -14.07 -18.46
N TYR H 679 25.06 -13.97 -17.47
CA TYR H 679 26.06 -15.02 -17.27
C TYR H 679 25.41 -16.33 -16.85
N ARG H 680 24.56 -16.29 -15.82
CA ARG H 680 23.93 -17.51 -15.32
C ARG H 680 23.16 -18.21 -16.43
N LEU H 681 22.28 -17.49 -17.12
CA LEU H 681 21.49 -18.10 -18.18
C LEU H 681 22.35 -18.54 -19.35
N SER H 682 23.48 -17.85 -19.58
CA SER H 682 24.39 -18.27 -20.65
C SER H 682 24.98 -19.64 -20.34
N LEU H 683 25.46 -19.84 -19.12
CA LEU H 683 25.99 -21.14 -18.74
C LEU H 683 24.89 -22.21 -18.76
N ALA H 684 23.70 -21.87 -18.28
CA ALA H 684 22.60 -22.83 -18.29
C ALA H 684 22.27 -23.26 -19.72
N GLN H 685 22.24 -22.30 -20.65
CA GLN H 685 21.97 -22.64 -22.05
C GLN H 685 23.10 -23.48 -22.64
N HIS H 686 24.35 -23.18 -22.28
CA HIS H 686 25.47 -23.96 -22.80
C HIS H 686 25.38 -25.41 -22.33
N LEU H 687 24.99 -25.63 -21.07
CA LEU H 687 24.92 -26.97 -20.51
C LEU H 687 23.56 -27.63 -20.70
N ARG H 688 22.74 -27.16 -21.65
CA ARG H 688 21.40 -27.70 -21.83
C ARG H 688 21.44 -29.22 -22.04
N ASP H 689 22.17 -29.67 -23.06
CA ASP H 689 22.17 -31.07 -23.45
C ASP H 689 23.34 -31.85 -22.85
N ARG H 690 23.97 -31.32 -21.81
CA ARG H 690 25.11 -31.96 -21.18
C ARG H 690 24.82 -32.24 -19.72
N VAL H 691 25.50 -33.25 -19.18
CA VAL H 691 25.49 -33.55 -17.75
C VAL H 691 26.74 -32.95 -17.13
N PHE H 692 26.60 -32.31 -15.98
CA PHE H 692 27.74 -31.63 -15.39
C PHE H 692 27.75 -31.82 -13.88
N TRP H 693 28.94 -31.68 -13.30
CA TRP H 693 29.14 -31.87 -11.88
C TRP H 693 29.77 -30.62 -11.29
N LEU H 694 29.37 -30.28 -10.06
CA LEU H 694 29.89 -29.10 -9.38
C LEU H 694 30.72 -29.52 -8.18
N PRO H 695 32.05 -29.47 -8.26
CA PRO H 695 32.86 -29.80 -7.08
C PRO H 695 32.64 -28.77 -5.99
N HIS H 696 32.66 -29.24 -4.75
CA HIS H 696 32.35 -28.39 -3.61
C HIS H 696 33.60 -28.09 -2.80
N ASN H 697 33.50 -27.01 -2.01
CA ASN H 697 34.59 -26.49 -1.21
C ASN H 697 34.04 -26.19 0.18
N MET H 698 34.93 -25.79 1.08
CA MET H 698 34.56 -25.46 2.45
C MET H 698 35.07 -24.08 2.81
N ASP H 699 34.41 -23.47 3.79
CA ASP H 699 34.89 -22.27 4.44
C ASP H 699 35.61 -22.67 5.73
N PHE H 700 36.10 -21.67 6.45
CA PHE H 700 36.79 -21.96 7.71
C PHE H 700 35.86 -22.61 8.73
N ARG H 701 34.54 -22.41 8.60
CA ARG H 701 33.59 -23.05 9.50
C ARG H 701 33.30 -24.49 9.12
N GLY H 702 33.64 -24.89 7.89
CA GLY H 702 33.27 -26.19 7.37
C GLY H 702 32.07 -26.18 6.44
N ARG H 703 31.37 -25.05 6.33
CA ARG H 703 30.24 -24.96 5.44
C ARG H 703 30.68 -25.19 3.99
N THR H 704 29.91 -25.99 3.27
CA THR H 704 30.23 -26.34 1.89
C THR H 704 29.59 -25.36 0.93
N TYR H 705 30.31 -25.05 -0.15
CA TYR H 705 29.83 -24.13 -1.17
C TYR H 705 30.30 -24.63 -2.53
N PRO H 706 29.46 -24.51 -3.56
CA PRO H 706 29.92 -24.87 -4.91
C PRO H 706 31.02 -23.94 -5.38
N CYS H 707 31.90 -24.45 -6.23
CA CYS H 707 33.04 -23.68 -6.71
C CYS H 707 32.59 -22.69 -7.78
N PRO H 708 31.86 -23.13 -8.79
CA PRO H 708 31.33 -22.18 -9.78
C PRO H 708 30.26 -21.30 -9.15
N PRO H 709 30.53 -20.00 -9.01
CA PRO H 709 29.60 -19.13 -8.28
C PRO H 709 28.43 -18.64 -9.12
N HIS H 710 28.66 -18.42 -10.42
CA HIS H 710 27.63 -17.83 -11.26
C HIS H 710 26.39 -18.71 -11.32
N PHE H 711 26.55 -19.95 -11.74
CA PHE H 711 25.44 -20.88 -11.94
C PHE H 711 25.59 -22.05 -10.98
N ASN H 712 24.70 -22.12 -9.99
CA ASN H 712 24.73 -23.18 -9.00
C ASN H 712 23.39 -23.18 -8.26
N HIS H 713 23.12 -24.28 -7.56
CA HIS H 713 21.84 -24.44 -6.89
C HIS H 713 21.66 -23.52 -5.70
N LEU H 714 22.72 -22.86 -5.23
CA LEU H 714 22.61 -21.91 -4.14
C LEU H 714 22.05 -20.57 -4.59
N GLY H 715 21.74 -20.41 -5.87
CA GLY H 715 21.27 -19.15 -6.42
C GLY H 715 19.82 -18.86 -6.11
N SER H 716 19.20 -18.06 -6.96
CA SER H 716 17.84 -17.60 -6.76
C SER H 716 16.85 -18.70 -7.16
N ASP H 717 15.55 -18.36 -7.12
CA ASP H 717 14.52 -19.32 -7.48
C ASP H 717 14.70 -19.81 -8.91
N VAL H 718 14.95 -18.90 -9.85
CA VAL H 718 15.16 -19.29 -11.24
C VAL H 718 16.31 -20.28 -11.34
N ALA H 719 17.44 -19.96 -10.70
CA ALA H 719 18.60 -20.85 -10.75
C ALA H 719 18.25 -22.23 -10.20
N ARG H 720 17.58 -22.28 -9.05
CA ARG H 720 17.24 -23.57 -8.47
C ARG H 720 16.26 -24.35 -9.33
N ALA H 721 15.39 -23.65 -10.06
CA ALA H 721 14.42 -24.34 -10.93
C ALA H 721 15.05 -24.80 -12.23
N LEU H 722 16.12 -24.14 -12.68
CA LEU H 722 16.79 -24.55 -13.90
C LEU H 722 17.53 -25.87 -13.76
N LEU H 723 17.82 -26.29 -12.53
CA LEU H 723 18.62 -27.47 -12.28
C LEU H 723 17.76 -28.64 -11.84
N GLU H 724 18.19 -29.84 -12.21
CA GLU H 724 17.58 -31.06 -11.73
C GLU H 724 18.62 -32.18 -11.80
N PHE H 725 18.35 -33.26 -11.07
CA PHE H 725 19.27 -34.38 -11.08
C PHE H 725 19.34 -35.00 -12.47
N ALA H 726 20.56 -35.25 -12.93
CA ALA H 726 20.74 -35.90 -14.23
C ALA H 726 20.30 -37.36 -14.17
N GLN H 727 20.54 -38.01 -13.04
CA GLN H 727 20.12 -39.39 -12.84
C GLN H 727 18.77 -39.40 -12.13
N GLY H 728 17.81 -40.17 -12.67
CA GLY H 728 16.49 -40.23 -12.11
C GLY H 728 16.32 -41.37 -11.13
N ARG H 729 15.14 -41.40 -10.50
CA ARG H 729 14.82 -42.40 -9.49
C ARG H 729 13.33 -42.71 -9.54
N PRO H 730 12.94 -43.97 -9.71
CA PRO H 730 11.51 -44.29 -9.78
C PRO H 730 10.78 -43.86 -8.52
N LEU H 731 9.64 -43.20 -8.71
CA LEU H 731 8.89 -42.64 -7.59
C LEU H 731 8.64 -43.69 -6.52
N GLY H 732 8.20 -44.87 -6.91
CA GLY H 732 7.85 -45.91 -5.97
C GLY H 732 6.47 -45.68 -5.37
N PRO H 733 6.23 -46.23 -4.18
CA PRO H 733 4.89 -46.12 -3.58
C PRO H 733 4.58 -44.72 -3.06
N HIS H 734 5.59 -43.93 -2.70
CA HIS H 734 5.37 -42.61 -2.14
C HIS H 734 6.00 -41.49 -2.95
N GLY H 735 6.62 -41.81 -4.09
CA GLY H 735 7.25 -40.76 -4.89
C GLY H 735 6.28 -39.68 -5.31
N LEU H 736 5.11 -40.08 -5.83
CA LEU H 736 4.14 -39.10 -6.28
C LEU H 736 3.65 -38.23 -5.13
N ASP H 737 3.34 -38.84 -3.99
CA ASP H 737 2.92 -38.06 -2.83
C ASP H 737 4.00 -37.07 -2.43
N TRP H 738 5.26 -37.48 -2.46
CA TRP H 738 6.34 -36.55 -2.12
C TRP H 738 6.49 -35.44 -3.16
N LEU H 739 6.18 -35.71 -4.42
CA LEU H 739 6.22 -34.65 -5.43
C LEU H 739 5.11 -33.64 -5.20
N LYS H 740 3.92 -34.10 -4.81
CA LYS H 740 2.83 -33.17 -4.56
C LYS H 740 3.09 -32.36 -3.30
N ILE H 741 3.54 -33.02 -2.23
CA ILE H 741 3.87 -32.30 -0.99
C ILE H 741 4.97 -31.28 -1.24
N HIS H 742 6.01 -31.68 -1.98
CA HIS H 742 7.08 -30.74 -2.32
C HIS H 742 6.54 -29.57 -3.14
N LEU H 743 5.66 -29.84 -4.10
CA LEU H 743 5.03 -28.76 -4.87
C LEU H 743 4.35 -27.77 -3.93
N VAL H 744 3.49 -28.28 -3.04
CA VAL H 744 2.78 -27.39 -2.12
C VAL H 744 3.77 -26.59 -1.27
N ASN H 745 4.84 -27.25 -0.80
CA ASN H 745 5.86 -26.54 -0.06
C ASN H 745 6.44 -25.38 -0.87
N LEU H 746 6.71 -25.63 -2.16
CA LEU H 746 7.24 -24.57 -3.02
C LEU H 746 6.23 -23.44 -3.21
N THR H 747 4.92 -23.76 -3.19
CA THR H 747 3.92 -22.72 -3.33
C THR H 747 3.86 -21.80 -2.11
N GLY H 748 4.14 -22.34 -0.93
CA GLY H 748 4.05 -21.56 0.28
C GLY H 748 2.64 -21.26 0.76
N LEU H 749 1.64 -21.93 0.19
CA LEU H 749 0.25 -21.69 0.55
C LEU H 749 -0.18 -22.48 1.77
N LYS H 750 0.48 -23.61 2.06
CA LYS H 750 0.12 -24.47 3.17
C LYS H 750 1.31 -24.69 4.10
N LYS H 751 2.01 -23.60 4.43
CA LYS H 751 3.16 -23.71 5.32
C LYS H 751 2.78 -24.35 6.64
N ARG H 752 1.66 -23.95 7.23
CA ARG H 752 1.25 -24.46 8.53
C ARG H 752 0.52 -25.80 8.47
N GLU H 753 0.06 -26.20 7.29
CA GLU H 753 -0.76 -27.42 7.21
C GLU H 753 0.13 -28.66 7.30
N PRO H 754 -0.43 -29.77 7.81
CA PRO H 754 0.33 -31.02 7.86
C PRO H 754 0.52 -31.60 6.46
N LEU H 755 1.36 -32.63 6.39
CA LEU H 755 1.69 -33.22 5.10
C LEU H 755 0.44 -33.75 4.39
N ARG H 756 -0.45 -34.42 5.13
CA ARG H 756 -1.65 -34.97 4.51
C ARG H 756 -2.53 -33.87 3.93
N LYS H 757 -2.61 -32.72 4.60
CA LYS H 757 -3.42 -31.62 4.09
C LYS H 757 -2.73 -30.88 2.95
N ARG H 758 -1.40 -30.87 2.94
CA ARG H 758 -0.69 -30.34 1.76
C ARG H 758 -0.96 -31.23 0.55
N LEU H 759 -0.89 -32.55 0.73
CA LEU H 759 -1.20 -33.47 -0.36
C LEU H 759 -2.64 -33.30 -0.82
N ALA H 760 -3.58 -33.18 0.13
CA ALA H 760 -4.98 -32.99 -0.23
C ALA H 760 -5.19 -31.69 -0.99
N PHE H 761 -4.50 -30.61 -0.57
CA PHE H 761 -4.60 -29.35 -1.30
C PHE H 761 -4.03 -29.49 -2.70
N ALA H 762 -2.91 -30.20 -2.84
CA ALA H 762 -2.39 -30.48 -4.18
C ALA H 762 -3.44 -31.20 -5.02
N GLU H 763 -4.15 -32.15 -4.42
CA GLU H 763 -5.24 -32.81 -5.14
C GLU H 763 -6.34 -31.83 -5.50
N GLU H 764 -6.55 -30.80 -4.68
CA GLU H 764 -7.59 -29.82 -4.98
C GLU H 764 -7.20 -28.95 -6.17
N VAL H 765 -5.99 -28.38 -6.14
CA VAL H 765 -5.53 -27.48 -7.19
C VAL H 765 -4.81 -28.28 -8.27
N MET H 766 -5.08 -29.58 -8.33
CA MET H 766 -4.46 -30.42 -9.36
C MET H 766 -4.74 -29.86 -10.75
N ASP H 767 -5.95 -29.33 -10.96
CA ASP H 767 -6.29 -28.76 -12.26
C ASP H 767 -5.40 -27.56 -12.57
N ASP H 768 -5.15 -26.71 -11.58
CA ASP H 768 -4.25 -25.57 -11.78
C ASP H 768 -2.80 -26.03 -11.97
N ILE H 769 -2.46 -27.19 -11.41
CA ILE H 769 -1.11 -27.74 -11.62
C ILE H 769 -0.95 -28.20 -13.07
N LEU H 770 -1.92 -28.97 -13.57
CA LEU H 770 -1.83 -29.44 -14.95
C LEU H 770 -1.91 -28.27 -15.93
N ASP H 771 -2.82 -27.33 -15.68
CA ASP H 771 -2.92 -26.16 -16.56
C ASP H 771 -1.66 -25.32 -16.53
N SER H 772 -1.07 -25.14 -15.35
CA SER H 772 0.16 -24.38 -15.25
C SER H 772 1.30 -25.08 -15.98
N ALA H 773 1.37 -26.41 -15.88
CA ALA H 773 2.43 -27.16 -16.56
C ALA H 773 2.25 -27.08 -18.08
N ASP H 774 1.03 -27.29 -18.56
CA ASP H 774 0.82 -27.36 -20.01
C ASP H 774 1.00 -26.00 -20.68
N GLN H 775 0.37 -24.97 -20.13
CA GLN H 775 0.41 -23.61 -20.69
C GLN H 775 0.92 -22.66 -19.61
N PRO H 776 2.23 -22.62 -19.38
CA PRO H 776 2.76 -21.76 -18.32
C PRO H 776 2.47 -20.28 -18.54
N LEU H 777 2.66 -19.78 -19.77
CA LEU H 777 2.51 -18.36 -20.06
C LEU H 777 1.20 -18.02 -20.74
N THR H 778 0.41 -19.02 -21.16
CA THR H 778 -0.84 -18.78 -21.85
C THR H 778 -2.07 -19.29 -21.11
N GLY H 779 -1.90 -20.15 -20.12
CA GLY H 779 -3.01 -20.68 -19.35
C GLY H 779 -3.41 -19.77 -18.21
N ARG H 780 -3.91 -20.39 -17.13
CA ARG H 780 -4.33 -19.63 -15.96
C ARG H 780 -3.15 -19.09 -15.16
N LYS H 781 -1.93 -19.55 -15.45
CA LYS H 781 -0.72 -19.02 -14.82
C LYS H 781 -0.83 -19.07 -13.30
N TRP H 782 -1.37 -20.19 -12.80
CA TRP H 782 -1.46 -20.36 -11.35
C TRP H 782 -0.08 -20.43 -10.71
N TRP H 783 0.87 -21.10 -11.38
CA TRP H 783 2.21 -21.25 -10.82
C TRP H 783 2.86 -19.91 -10.54
N MET H 784 2.54 -18.88 -11.33
CA MET H 784 3.13 -17.57 -11.13
C MET H 784 2.81 -16.99 -9.76
N GLY H 785 1.76 -17.48 -9.11
CA GLY H 785 1.39 -17.01 -7.79
C GLY H 785 2.09 -17.67 -6.62
N ALA H 786 2.91 -18.68 -6.88
CA ALA H 786 3.58 -19.40 -5.81
C ALA H 786 4.70 -18.56 -5.21
N GLU H 787 5.13 -18.96 -4.00
CA GLU H 787 6.22 -18.26 -3.34
C GLU H 787 7.52 -18.44 -4.11
N GLU H 788 7.76 -19.63 -4.66
CA GLU H 788 8.91 -19.93 -5.51
C GLU H 788 8.34 -20.32 -6.87
N PRO H 789 8.04 -19.35 -7.73
CA PRO H 789 7.23 -19.65 -8.92
C PRO H 789 7.87 -20.63 -9.89
N TRP H 790 9.17 -20.48 -10.17
CA TRP H 790 9.79 -21.33 -11.18
C TRP H 790 9.98 -22.76 -10.66
N GLN H 791 10.40 -22.92 -9.41
CA GLN H 791 10.51 -24.26 -8.84
C GLN H 791 9.14 -24.92 -8.77
N THR H 792 8.12 -24.16 -8.38
CA THR H 792 6.75 -24.68 -8.37
C THR H 792 6.33 -25.12 -9.77
N LEU H 793 6.66 -24.34 -10.80
CA LEU H 793 6.31 -24.72 -12.16
C LEU H 793 7.03 -26.00 -12.57
N ALA H 794 8.32 -26.10 -12.28
CA ALA H 794 9.05 -27.33 -12.59
C ALA H 794 8.41 -28.53 -11.90
N CYS H 795 8.01 -28.37 -10.64
CA CYS H 795 7.35 -29.46 -9.94
C CYS H 795 5.98 -29.77 -10.54
N CYS H 796 5.31 -28.77 -11.11
CA CYS H 796 4.04 -29.02 -11.78
C CYS H 796 4.24 -29.84 -13.05
N MET H 797 5.28 -29.51 -13.83
CA MET H 797 5.59 -30.30 -15.01
C MET H 797 5.97 -31.72 -14.63
N GLU H 798 6.78 -31.87 -13.58
CA GLU H 798 7.19 -33.21 -13.14
C GLU H 798 5.98 -34.02 -12.68
N VAL H 799 5.08 -33.40 -11.90
CA VAL H 799 3.89 -34.11 -11.44
C VAL H 799 2.98 -34.46 -12.61
N ALA H 800 2.89 -33.59 -13.60
CA ALA H 800 2.08 -33.89 -14.78
C ALA H 800 2.65 -35.08 -15.54
N ASN H 801 3.96 -35.07 -15.80
CA ASN H 801 4.59 -36.20 -16.47
C ASN H 801 4.42 -37.49 -15.67
N ALA H 802 4.44 -37.39 -14.34
CA ALA H 802 4.30 -38.57 -13.50
C ALA H 802 2.89 -39.13 -13.57
N VAL H 803 1.87 -38.29 -13.38
CA VAL H 803 0.50 -38.76 -13.35
C VAL H 803 0.05 -39.22 -14.73
N ARG H 804 0.58 -38.61 -15.80
CA ARG H 804 0.20 -38.99 -17.15
C ARG H 804 0.93 -40.23 -17.65
N ALA H 805 1.86 -40.78 -16.87
CA ALA H 805 2.56 -41.99 -17.26
C ALA H 805 1.67 -43.22 -17.10
N SER H 806 2.00 -44.27 -17.83
CA SER H 806 1.22 -45.51 -17.75
C SER H 806 1.19 -46.04 -16.32
N ASP H 807 2.33 -46.02 -15.64
CA ASP H 807 2.43 -46.47 -14.24
C ASP H 807 3.15 -45.38 -13.44
N PRO H 808 2.42 -44.57 -12.67
CA PRO H 808 3.08 -43.51 -11.89
C PRO H 808 4.17 -44.03 -10.97
N ALA H 809 4.00 -45.23 -10.40
CA ALA H 809 5.00 -45.76 -9.47
C ALA H 809 6.32 -46.08 -10.15
N ALA H 810 6.35 -46.15 -11.48
CA ALA H 810 7.57 -46.50 -12.22
C ALA H 810 8.17 -45.32 -12.97
N TYR H 811 7.59 -44.13 -12.87
CA TYR H 811 8.11 -42.97 -13.57
C TYR H 811 9.46 -42.56 -12.99
N VAL H 812 10.49 -42.52 -13.84
CA VAL H 812 11.83 -42.10 -13.43
C VAL H 812 11.84 -40.59 -13.23
N SER H 813 11.82 -40.14 -11.97
CA SER H 813 11.73 -38.73 -11.64
C SER H 813 13.12 -38.17 -11.39
N HIS H 814 13.40 -36.99 -11.96
CA HIS H 814 14.69 -36.34 -11.82
C HIS H 814 14.65 -35.08 -10.97
N LEU H 815 13.47 -34.53 -10.69
CA LEU H 815 13.40 -33.26 -9.98
C LEU H 815 13.82 -33.45 -8.53
N PRO H 816 14.75 -32.64 -8.03
CA PRO H 816 15.12 -32.76 -6.61
C PRO H 816 14.02 -32.21 -5.71
N VAL H 817 13.83 -32.87 -4.57
CA VAL H 817 12.87 -32.46 -3.56
C VAL H 817 13.62 -31.93 -2.36
N HIS H 818 13.11 -30.84 -1.77
CA HIS H 818 13.76 -30.14 -0.68
C HIS H 818 13.06 -30.42 0.64
N GLN H 819 13.86 -30.58 1.69
CA GLN H 819 13.39 -30.68 3.06
C GLN H 819 14.28 -29.78 3.91
N ASP H 820 13.70 -28.73 4.47
CA ASP H 820 14.46 -27.70 5.17
C ASP H 820 14.16 -27.74 6.66
N GLY H 821 15.20 -27.48 7.47
CA GLY H 821 15.03 -27.36 8.90
C GLY H 821 14.75 -25.93 9.32
N SER H 822 13.58 -25.70 9.92
CA SER H 822 13.18 -24.36 10.33
C SER H 822 14.09 -23.89 11.46
N CYS H 823 14.88 -22.85 11.19
CA CYS H 823 15.82 -22.31 12.17
C CYS H 823 16.74 -23.40 12.70
N ASN H 824 17.55 -23.96 11.79
CA ASN H 824 18.44 -25.07 12.17
C ASN H 824 19.39 -24.67 13.29
N GLY H 825 19.82 -23.41 13.31
CA GLY H 825 20.66 -22.95 14.40
C GLY H 825 19.97 -23.07 15.75
N LEU H 826 18.74 -22.56 15.83
CA LEU H 826 17.96 -22.70 17.05
C LEU H 826 17.67 -24.16 17.37
N GLN H 827 17.57 -25.01 16.34
CA GLN H 827 17.44 -26.44 16.59
C GLN H 827 18.68 -26.99 17.30
N HIS H 828 19.87 -26.61 16.81
CA HIS H 828 21.09 -27.08 17.44
C HIS H 828 21.23 -26.53 18.86
N TYR H 829 20.85 -25.27 19.08
CA TYR H 829 20.90 -24.72 20.43
C TYR H 829 19.94 -25.43 21.36
N ALA H 830 18.73 -25.73 20.89
CA ALA H 830 17.77 -26.45 21.71
C ALA H 830 18.23 -27.87 22.00
N ALA H 831 18.96 -28.49 21.07
CA ALA H 831 19.48 -29.83 21.33
C ALA H 831 20.64 -29.81 22.32
N LEU H 832 21.53 -28.81 22.20
CA LEU H 832 22.68 -28.73 23.08
C LEU H 832 22.25 -28.55 24.54
N GLY H 833 21.31 -27.64 24.78
CA GLY H 833 20.86 -27.36 26.13
C GLY H 833 19.72 -28.21 26.62
N ARG H 834 19.24 -29.16 25.82
CA ARG H 834 18.09 -29.98 26.19
C ARG H 834 16.92 -29.11 26.65
N ASP H 835 16.78 -27.95 26.01
CA ASP H 835 15.71 -27.03 26.37
C ASP H 835 14.38 -27.55 25.84
N SER H 836 13.47 -27.87 26.76
CA SER H 836 12.17 -28.39 26.33
C SER H 836 11.38 -27.35 25.55
N VAL H 837 11.38 -26.11 26.02
CA VAL H 837 10.70 -25.04 25.30
C VAL H 837 11.31 -24.85 23.92
N GLY H 838 12.64 -24.90 23.84
CA GLY H 838 13.29 -24.78 22.54
C GLY H 838 13.01 -25.98 21.65
N ALA H 839 13.18 -27.19 22.19
CA ALA H 839 12.93 -28.39 21.40
C ALA H 839 11.51 -28.40 20.85
N ALA H 840 10.54 -27.92 21.64
CA ALA H 840 9.17 -27.82 21.14
C ALA H 840 9.04 -26.73 20.10
N SER H 841 9.67 -25.58 20.33
CA SER H 841 9.53 -24.46 19.41
C SER H 841 10.07 -24.80 18.03
N VAL H 842 11.21 -25.50 17.96
CA VAL H 842 11.86 -25.76 16.68
C VAL H 842 11.64 -27.21 16.27
N ASN H 843 10.51 -27.78 16.67
CA ASN H 843 10.04 -29.07 16.15
C ASN H 843 11.00 -30.21 16.47
N LEU H 844 11.72 -30.11 17.60
CA LEU H 844 12.47 -31.27 18.06
C LEU H 844 11.57 -32.24 18.81
N GLU H 845 10.61 -31.72 19.56
CA GLU H 845 9.63 -32.55 20.24
C GLU H 845 8.53 -32.94 19.27
N PRO H 846 8.18 -34.22 19.16
CA PRO H 846 7.17 -34.63 18.19
C PRO H 846 5.83 -33.94 18.43
N SER H 847 5.12 -33.66 17.35
CA SER H 847 3.80 -33.05 17.42
C SER H 847 3.07 -33.33 16.12
N ASP H 848 1.74 -33.34 16.20
CA ASP H 848 0.92 -33.58 15.02
C ASP H 848 0.81 -32.35 14.13
N VAL H 849 1.07 -31.16 14.67
CA VAL H 849 1.07 -29.93 13.88
C VAL H 849 2.46 -29.32 13.93
N PRO H 850 2.91 -28.67 12.86
CA PRO H 850 4.25 -28.05 12.88
C PRO H 850 4.31 -26.86 13.82
N GLN H 851 5.41 -26.77 14.57
CA GLN H 851 5.63 -25.66 15.48
C GLN H 851 6.42 -24.57 14.77
N ASP H 852 5.84 -23.38 14.68
CA ASP H 852 6.44 -22.25 13.97
C ASP H 852 7.09 -21.32 15.00
N VAL H 853 8.43 -21.37 15.08
CA VAL H 853 9.14 -20.50 16.01
C VAL H 853 9.03 -19.04 15.58
N TYR H 854 8.86 -18.78 14.28
CA TYR H 854 8.76 -17.40 13.82
C TYR H 854 7.50 -16.72 14.33
N SER H 855 6.42 -17.48 14.55
CA SER H 855 5.17 -16.88 14.99
C SER H 855 5.26 -16.48 16.47
N GLY H 856 5.79 -17.35 17.31
CA GLY H 856 5.92 -17.00 18.72
C GLY H 856 6.89 -15.84 18.93
N VAL H 857 8.05 -15.91 18.28
CA VAL H 857 9.01 -14.82 18.37
C VAL H 857 8.40 -13.52 17.85
N ALA H 858 7.68 -13.59 16.73
CA ALA H 858 7.00 -12.41 16.21
C ALA H 858 5.99 -11.86 17.21
N ALA H 859 5.33 -12.74 17.97
CA ALA H 859 4.35 -12.28 18.95
C ALA H 859 5.04 -11.57 20.11
N GLN H 860 6.05 -12.21 20.72
CA GLN H 860 6.77 -11.58 21.82
C GLN H 860 7.34 -10.23 21.38
N VAL H 861 8.00 -10.21 20.23
CA VAL H 861 8.48 -8.94 19.66
C VAL H 861 7.32 -7.98 19.46
N GLU H 862 6.11 -8.51 19.23
CA GLU H 862 4.95 -7.64 19.10
C GLU H 862 4.59 -6.98 20.43
N VAL H 863 4.71 -7.71 21.53
CA VAL H 863 4.42 -7.13 22.83
C VAL H 863 5.47 -6.09 23.20
N PHE H 864 6.75 -6.41 22.95
CA PHE H 864 7.80 -5.41 23.16
C PHE H 864 7.55 -4.17 22.33
N ARG H 865 7.15 -4.35 21.06
CA ARG H 865 6.85 -3.22 20.19
C ARG H 865 5.66 -2.43 20.72
N ARG H 866 4.72 -3.10 21.40
CA ARG H 866 3.60 -2.37 22.00
C ARG H 866 4.08 -1.52 23.18
N GLN H 867 4.99 -2.07 24.00
CA GLN H 867 5.50 -1.30 25.13
C GLN H 867 6.29 -0.09 24.66
N ASP H 868 7.29 -0.29 23.79
CA ASP H 868 8.09 0.83 23.33
C ASP H 868 7.25 1.82 22.52
N ALA H 869 6.30 1.31 21.73
CA ALA H 869 5.43 2.17 20.94
C ALA H 869 4.51 3.01 21.82
N GLN H 870 4.19 2.53 23.03
CA GLN H 870 3.28 3.27 23.91
C GLN H 870 3.82 4.64 24.32
N ARG H 871 5.13 4.80 24.48
CA ARG H 871 5.66 6.08 24.94
C ARG H 871 7.00 6.41 24.30
N GLY H 872 7.03 7.45 23.48
CA GLY H 872 8.28 8.04 23.05
C GLY H 872 8.86 7.59 21.72
N MET H 873 9.14 6.29 21.61
CA MET H 873 9.85 5.78 20.45
C MET H 873 9.00 5.87 19.19
N ARG H 874 9.63 6.30 18.10
CA ARG H 874 8.97 6.49 16.81
C ARG H 874 8.90 5.20 16.01
N VAL H 875 10.04 4.49 15.91
CA VAL H 875 10.09 3.28 15.09
C VAL H 875 9.16 2.21 15.65
N ALA H 876 9.07 2.12 16.98
CA ALA H 876 8.14 1.16 17.57
C ALA H 876 6.70 1.53 17.24
N GLN H 877 6.40 2.83 17.14
CA GLN H 877 5.06 3.25 16.77
C GLN H 877 4.76 2.94 15.30
N VAL H 878 5.74 3.10 14.43
CA VAL H 878 5.53 2.87 13.00
C VAL H 878 5.54 1.39 12.65
N LEU H 879 6.18 0.55 13.47
CA LEU H 879 6.24 -0.88 13.22
C LEU H 879 4.97 -1.61 13.63
N GLU H 880 3.93 -0.91 14.07
CA GLU H 880 2.70 -1.56 14.48
C GLU H 880 2.03 -2.23 13.28
N GLY H 881 1.74 -3.52 13.41
CA GLY H 881 1.10 -4.27 12.35
C GLY H 881 2.01 -4.73 11.24
N PHE H 882 3.33 -4.58 11.39
CA PHE H 882 4.27 -5.01 10.37
C PHE H 882 5.14 -6.19 10.79
N ILE H 883 5.05 -6.63 12.05
CA ILE H 883 5.81 -7.78 12.51
C ILE H 883 5.23 -9.05 11.91
N THR H 884 5.87 -9.56 10.86
CA THR H 884 5.37 -10.72 10.13
C THR H 884 6.38 -11.85 10.16
N ARG H 885 5.92 -13.04 9.75
CA ARG H 885 6.77 -14.22 9.74
C ARG H 885 8.01 -14.01 8.88
N LYS H 886 7.82 -13.54 7.65
CA LYS H 886 8.96 -13.34 6.74
C LYS H 886 9.96 -12.37 7.35
N VAL H 887 9.48 -11.25 7.90
CA VAL H 887 10.39 -10.28 8.52
C VAL H 887 11.17 -10.95 9.65
N VAL H 888 10.47 -11.68 10.52
CA VAL H 888 11.13 -12.32 11.64
C VAL H 888 11.82 -13.62 11.24
N LYS H 889 11.38 -14.27 10.16
CA LYS H 889 12.15 -15.39 9.63
C LYS H 889 13.53 -14.93 9.18
N GLN H 890 13.59 -13.91 8.33
CA GLN H 890 14.88 -13.38 7.90
C GLN H 890 15.65 -12.76 9.06
N THR H 891 14.94 -12.16 10.01
CA THR H 891 15.61 -11.54 11.15
C THR H 891 16.29 -12.59 12.03
N VAL H 892 15.55 -13.62 12.41
CA VAL H 892 16.11 -14.70 13.22
C VAL H 892 17.23 -15.40 12.44
N MET H 893 16.98 -15.69 11.16
CA MET H 893 18.02 -16.24 10.29
C MET H 893 19.26 -15.36 10.29
N THR H 894 19.09 -14.05 10.53
CA THR H 894 20.25 -13.17 10.64
C THR H 894 20.94 -13.37 11.99
N VAL H 895 20.19 -13.17 13.09
CA VAL H 895 20.77 -13.27 14.42
C VAL H 895 21.13 -14.70 14.77
N VAL H 896 20.36 -15.67 14.26
CA VAL H 896 20.65 -17.07 14.56
C VAL H 896 22.05 -17.44 14.08
N TYR H 897 22.34 -17.22 12.81
CA TYR H 897 23.64 -17.57 12.28
C TYR H 897 24.73 -16.60 12.73
N GLY H 898 24.38 -15.34 12.94
CA GLY H 898 25.35 -14.33 13.31
C GLY H 898 24.77 -12.95 13.52
N VAL H 899 25.04 -12.32 14.66
CA VAL H 899 24.62 -10.94 14.90
C VAL H 899 25.72 -10.00 14.45
N THR H 900 25.33 -8.94 13.75
CA THR H 900 26.23 -7.98 13.10
C THR H 900 26.72 -8.54 11.77
N ARG H 901 27.53 -7.75 11.05
CA ARG H 901 27.90 -8.08 9.68
C ARG H 901 26.64 -8.29 8.84
N TYR H 902 26.01 -7.14 8.58
CA TYR H 902 24.61 -7.01 8.18
C TYR H 902 24.28 -7.53 6.78
N GLY H 903 24.81 -8.69 6.40
CA GLY H 903 24.36 -9.30 5.16
C GLY H 903 22.90 -9.67 5.22
N GLY H 904 22.52 -10.44 6.25
CA GLY H 904 21.11 -10.74 6.46
C GLY H 904 20.30 -9.54 6.90
N ARG H 905 20.91 -8.64 7.67
CA ARG H 905 20.21 -7.42 8.07
C ARG H 905 19.76 -6.63 6.85
N LEU H 906 20.61 -6.56 5.83
CA LEU H 906 20.23 -5.87 4.59
C LEU H 906 19.04 -6.56 3.94
N GLN H 907 19.04 -7.89 3.94
CA GLN H 907 17.89 -8.63 3.41
C GLN H 907 16.62 -8.30 4.18
N ILE H 908 16.73 -8.18 5.50
CA ILE H 908 15.59 -7.81 6.33
C ILE H 908 15.10 -6.42 5.94
N GLU H 909 16.04 -5.48 5.78
CA GLU H 909 15.68 -4.14 5.33
C GLU H 909 14.93 -4.19 4.01
N LYS H 910 15.39 -5.04 3.08
CA LYS H 910 14.69 -5.21 1.82
C LYS H 910 13.27 -5.71 2.05
N ARG H 911 13.12 -6.75 2.88
CA ARG H 911 11.80 -7.33 3.12
C ARG H 911 10.86 -6.31 3.76
N LEU H 912 11.38 -5.38 4.54
CA LEU H 912 10.55 -4.31 5.07
C LEU H 912 10.26 -3.26 4.01
N ARG H 913 11.22 -2.99 3.12
CA ARG H 913 11.01 -2.03 2.05
C ARG H 913 9.96 -2.51 1.07
N GLU H 914 9.80 -3.82 0.91
CA GLU H 914 8.76 -4.33 0.05
C GLU H 914 7.37 -4.29 0.69
N LEU H 915 7.27 -3.75 1.90
CA LEU H 915 5.98 -3.52 2.54
C LEU H 915 5.56 -2.07 2.25
N SER H 916 5.12 -1.86 1.01
CA SER H 916 4.74 -0.54 0.49
C SER H 916 4.16 0.35 1.59
N ASP H 917 3.24 -0.18 2.39
CA ASP H 917 2.62 0.60 3.44
C ASP H 917 3.55 0.84 4.62
N PHE H 918 4.85 0.56 4.47
CA PHE H 918 5.79 0.76 5.56
C PHE H 918 6.71 1.92 5.20
N PRO H 919 6.85 2.90 6.09
CA PRO H 919 7.74 4.03 5.78
C PRO H 919 9.18 3.57 5.61
N GLN H 920 9.66 3.58 4.36
CA GLN H 920 10.98 3.08 4.03
C GLN H 920 12.07 3.93 4.67
N GLU H 921 11.68 5.02 5.34
CA GLU H 921 12.65 5.89 5.99
C GLU H 921 13.24 5.25 7.23
N PHE H 922 12.48 4.39 7.92
CA PHE H 922 12.93 3.78 9.16
C PHE H 922 13.50 2.38 8.97
N VAL H 923 13.60 1.91 7.71
CA VAL H 923 13.97 0.52 7.46
C VAL H 923 15.31 0.18 8.12
N TRP H 924 16.25 1.14 8.12
CA TRP H 924 17.54 0.90 8.77
C TRP H 924 17.37 0.80 10.28
N GLU H 925 16.84 1.86 10.90
CA GLU H 925 16.59 1.85 12.33
C GLU H 925 15.63 0.72 12.71
N ALA H 926 14.69 0.40 11.82
CA ALA H 926 13.75 -0.69 12.10
C ALA H 926 14.44 -2.03 12.07
N SER H 927 15.43 -2.20 11.18
CA SER H 927 16.18 -3.46 11.14
C SER H 927 17.06 -3.62 12.36
N HIS H 928 17.75 -2.54 12.77
CA HIS H 928 18.56 -2.62 13.98
C HIS H 928 17.69 -2.91 15.20
N TYR H 929 16.60 -2.17 15.36
CA TYR H 929 15.72 -2.39 16.50
C TYR H 929 15.12 -3.80 16.47
N LEU H 930 14.73 -4.27 15.29
CA LEU H 930 14.17 -5.62 15.19
C LEU H 930 15.20 -6.66 15.56
N VAL H 931 16.45 -6.47 15.16
CA VAL H 931 17.50 -7.42 15.55
C VAL H 931 17.67 -7.42 17.07
N ARG H 932 17.67 -6.23 17.68
CA ARG H 932 17.84 -6.16 19.13
C ARG H 932 16.68 -6.85 19.85
N GLN H 933 15.45 -6.63 19.38
CA GLN H 933 14.28 -7.22 20.05
C GLN H 933 14.19 -8.71 19.82
N VAL H 934 14.59 -9.20 18.64
CA VAL H 934 14.63 -10.64 18.42
C VAL H 934 15.69 -11.27 19.31
N PHE H 935 16.85 -10.62 19.42
CA PHE H 935 17.89 -11.10 20.34
C PHE H 935 17.35 -11.20 21.76
N LYS H 936 16.79 -10.11 22.27
CA LYS H 936 16.27 -10.10 23.64
C LYS H 936 15.19 -11.16 23.83
N SER H 937 14.25 -11.24 22.91
CA SER H 937 13.15 -12.19 23.05
C SER H 937 13.66 -13.62 23.05
N LEU H 938 14.48 -13.98 22.06
CA LEU H 938 15.05 -15.32 22.03
C LEU H 938 15.79 -15.63 23.32
N GLN H 939 16.47 -14.63 23.90
CA GLN H 939 17.15 -14.87 25.16
C GLN H 939 16.18 -15.00 26.33
N GLU H 940 14.98 -14.43 26.21
CA GLU H 940 14.00 -14.56 27.28
C GLU H 940 13.31 -15.92 27.25
N MET H 941 12.72 -16.26 26.11
CA MET H 941 12.01 -17.55 25.99
C MET H 941 12.96 -18.73 25.92
N PHE H 942 14.24 -18.51 25.57
CA PHE H 942 15.22 -19.59 25.45
C PHE H 942 16.40 -19.26 26.36
N SER H 943 16.15 -19.33 27.67
CA SER H 943 17.19 -18.97 28.64
C SER H 943 18.40 -19.89 28.54
N GLY H 944 18.18 -21.19 28.32
CA GLY H 944 19.31 -22.10 28.17
C GLY H 944 20.21 -21.72 27.01
N THR H 945 19.61 -21.41 25.86
CA THR H 945 20.38 -20.89 24.74
C THR H 945 21.21 -19.68 25.16
N ARG H 946 20.61 -18.78 25.95
CA ARG H 946 21.37 -17.66 26.49
C ARG H 946 22.55 -18.13 27.32
N ALA H 947 22.37 -19.21 28.09
CA ALA H 947 23.46 -19.73 28.91
C ALA H 947 24.61 -20.23 28.04
N ILE H 948 24.30 -21.02 27.01
CA ILE H 948 25.35 -21.55 26.15
C ILE H 948 26.06 -20.42 25.41
N GLN H 949 25.28 -19.50 24.84
CA GLN H 949 25.85 -18.37 24.12
C GLN H 949 26.75 -17.55 25.02
N HIS H 950 26.31 -17.27 26.25
CA HIS H 950 27.12 -16.48 27.17
C HIS H 950 28.40 -17.22 27.56
N TRP H 951 28.32 -18.55 27.72
CA TRP H 951 29.51 -19.33 28.05
C TRP H 951 30.53 -19.26 26.93
N LEU H 952 30.11 -19.54 25.70
CA LEU H 952 31.03 -19.47 24.57
C LEU H 952 31.58 -18.06 24.39
N THR H 953 30.71 -17.05 24.50
CA THR H 953 31.14 -15.67 24.32
C THR H 953 32.21 -15.28 25.33
N GLU H 954 31.95 -15.53 26.61
CA GLU H 954 32.93 -15.17 27.63
C GLU H 954 34.23 -15.94 27.45
N SER H 955 34.13 -17.25 27.19
CA SER H 955 35.33 -18.04 26.96
C SER H 955 36.17 -17.45 25.83
N ALA H 956 35.53 -17.09 24.72
CA ALA H 956 36.25 -16.47 23.62
C ALA H 956 36.87 -15.14 24.03
N ARG H 957 36.14 -14.35 24.83
CA ARG H 957 36.67 -13.08 25.32
C ARG H 957 37.99 -13.30 26.08
N LEU H 958 37.98 -14.26 27.01
CA LEU H 958 39.17 -14.48 27.83
C LEU H 958 40.32 -15.08 27.00
N ILE H 959 39.99 -15.99 26.08
CA ILE H 959 41.03 -16.59 25.24
C ILE H 959 41.70 -15.53 24.38
N SER H 960 40.89 -14.68 23.73
CA SER H 960 41.44 -13.63 22.88
C SER H 960 42.20 -12.58 23.69
N HIS H 961 41.76 -12.33 24.93
CA HIS H 961 42.46 -11.34 25.75
C HIS H 961 43.91 -11.74 26.04
N MET H 962 44.23 -13.02 25.96
CA MET H 962 45.59 -13.51 26.18
C MET H 962 46.45 -13.47 24.92
N GLY H 963 45.94 -12.87 23.84
CA GLY H 963 46.72 -12.80 22.62
C GLY H 963 46.76 -14.07 21.80
N SER H 964 45.75 -14.92 21.93
CA SER H 964 45.67 -16.16 21.18
C SER H 964 44.28 -16.31 20.58
N VAL H 965 44.24 -16.71 19.31
CA VAL H 965 42.97 -16.88 18.62
C VAL H 965 42.27 -18.13 19.13
N VAL H 966 40.93 -18.12 19.04
CA VAL H 966 40.13 -19.25 19.50
C VAL H 966 40.22 -20.37 18.47
N GLU H 967 40.62 -21.55 18.93
CA GLU H 967 40.73 -22.73 18.09
C GLU H 967 39.93 -23.87 18.72
N TRP H 968 39.31 -24.70 17.88
CA TRP H 968 38.64 -25.90 18.40
C TRP H 968 38.64 -26.94 17.29
N VAL H 969 38.02 -28.09 17.59
CA VAL H 969 37.93 -29.20 16.66
C VAL H 969 36.49 -29.69 16.62
N THR H 970 35.92 -29.78 15.42
CA THR H 970 34.57 -30.28 15.27
C THR H 970 34.50 -31.75 15.68
N PRO H 971 33.30 -32.24 16.00
CA PRO H 971 33.15 -33.66 16.36
C PRO H 971 33.58 -34.62 15.26
N LEU H 972 33.85 -34.13 14.05
CA LEU H 972 34.30 -34.97 12.95
C LEU H 972 35.79 -34.87 12.71
N GLY H 973 36.52 -34.15 13.56
CA GLY H 973 37.96 -34.03 13.43
C GLY H 973 38.44 -32.90 12.56
N VAL H 974 37.62 -31.87 12.33
CA VAL H 974 37.98 -30.72 11.52
C VAL H 974 38.47 -29.61 12.44
N PRO H 975 39.70 -29.11 12.27
CA PRO H 975 40.18 -28.01 13.11
C PRO H 975 39.67 -26.67 12.59
N VAL H 976 39.09 -25.87 13.48
CA VAL H 976 38.56 -24.56 13.15
C VAL H 976 39.35 -23.51 13.92
N ILE H 977 39.79 -22.48 13.20
CA ILE H 977 40.59 -21.39 13.76
C ILE H 977 39.98 -20.08 13.30
N GLN H 978 39.83 -19.14 14.23
CA GLN H 978 39.28 -17.83 13.89
C GLN H 978 40.40 -16.92 13.37
N PRO H 979 40.23 -16.32 12.18
CA PRO H 979 41.29 -15.50 11.60
C PRO H 979 41.24 -14.03 12.00
N TYR H 980 40.27 -13.63 12.82
CA TYR H 980 40.05 -12.23 13.15
C TYR H 980 41.24 -11.62 13.89
N ARG H 981 42.00 -10.78 13.19
CA ARG H 981 43.10 -10.02 13.76
C ARG H 981 43.03 -8.60 13.20
N LEU H 982 43.89 -7.72 13.69
CA LEU H 982 43.78 -6.30 13.37
C LEU H 982 45.15 -5.68 13.16
N ASP H 983 45.13 -4.53 12.47
CA ASP H 983 46.29 -3.65 12.37
C ASP H 983 47.40 -4.26 11.52
N SER H 984 47.08 -4.61 10.28
CA SER H 984 48.07 -5.04 9.30
C SER H 984 47.79 -4.37 7.97
N LYS H 985 48.79 -3.67 7.44
CA LYS H 985 48.63 -2.95 6.18
C LYS H 985 50.00 -2.64 5.60
N VAL H 986 50.07 -2.67 4.27
CA VAL H 986 51.29 -2.31 3.56
C VAL H 986 50.94 -2.04 2.11
N LYS H 987 51.68 -1.12 1.50
CA LYS H 987 51.38 -0.63 0.16
C LYS H 987 52.66 -0.51 -0.65
N GLN H 988 52.59 -0.90 -1.91
CA GLN H 988 53.70 -0.65 -2.83
C GLN H 988 53.52 0.71 -3.49
N ILE H 989 54.53 1.13 -4.25
CA ILE H 989 54.51 2.46 -4.86
C ILE H 989 55.36 2.45 -6.11
N GLY H 990 54.70 2.59 -7.27
CA GLY H 990 55.38 2.71 -8.55
C GLY H 990 55.41 4.15 -9.05
N GLY H 991 55.34 5.12 -8.14
CA GLY H 991 55.37 6.53 -8.49
C GLY H 991 54.23 6.89 -9.43
N SER H 995 50.24 4.95 -11.81
CA SER H 995 50.91 4.12 -10.81
C SER H 995 50.25 4.24 -9.45
N ILE H 996 49.27 3.38 -9.20
CA ILE H 996 48.57 3.37 -7.93
C ILE H 996 49.41 2.67 -6.86
N THR H 997 49.15 3.02 -5.61
CA THR H 997 49.88 2.47 -4.46
C THR H 997 48.88 1.74 -3.58
N TYR H 998 48.46 0.56 -4.04
CA TYR H 998 47.46 -0.23 -3.34
C TYR H 998 48.02 -0.84 -2.07
N THR H 999 47.22 -0.79 -1.00
CA THR H 999 47.61 -1.42 0.26
C THR H 999 47.33 -2.92 0.21
N HIS H 1000 47.83 -3.63 1.22
CA HIS H 1000 47.69 -5.07 1.28
C HIS H 1000 47.65 -5.54 2.73
N ASN H 1001 46.87 -6.58 2.98
CA ASN H 1001 46.77 -7.20 4.29
C ASN H 1001 47.63 -8.46 4.26
N GLY H 1002 48.82 -8.37 4.84
CA GLY H 1002 49.79 -9.45 4.77
C GLY H 1002 49.34 -10.66 5.60
N ASP H 1003 49.96 -11.79 5.29
CA ASP H 1003 49.71 -13.06 5.97
C ASP H 1003 50.39 -13.15 7.33
N ILE H 1004 51.12 -12.12 7.74
CA ILE H 1004 51.79 -12.13 9.02
C ILE H 1004 50.78 -11.89 10.12
N SER H 1005 50.72 -12.81 11.08
CA SER H 1005 49.68 -12.72 12.10
C SER H 1005 49.96 -11.57 13.05
N ARG H 1006 48.89 -10.90 13.45
CA ARG H 1006 48.96 -9.73 14.32
C ARG H 1006 48.53 -10.14 15.73
N LYS H 1007 47.69 -9.37 16.41
CA LYS H 1007 47.10 -9.67 17.69
C LYS H 1007 45.60 -9.86 17.48
N PRO H 1008 44.96 -10.72 18.25
CA PRO H 1008 43.56 -11.04 17.98
C PRO H 1008 42.65 -9.86 18.25
N ASN H 1009 41.54 -9.84 17.52
CA ASN H 1009 40.49 -8.84 17.69
C ASN H 1009 39.49 -9.42 18.67
N THR H 1010 39.63 -9.05 19.96
CA THR H 1010 38.83 -9.68 21.00
C THR H 1010 37.34 -9.58 20.70
N ARG H 1011 36.90 -8.46 20.14
CA ARG H 1011 35.48 -8.29 19.87
C ARG H 1011 35.01 -9.24 18.77
N LYS H 1012 35.67 -9.21 17.61
CA LYS H 1012 35.28 -10.10 16.52
C LYS H 1012 35.40 -11.56 16.93
N GLN H 1013 36.42 -11.89 17.74
CA GLN H 1013 36.55 -13.26 18.23
C GLN H 1013 35.36 -13.66 19.09
N LYS H 1014 35.04 -12.82 20.08
CA LYS H 1014 33.98 -13.18 21.03
C LYS H 1014 32.63 -13.24 20.35
N ASN H 1015 32.30 -12.25 19.52
CA ASN H 1015 31.03 -12.26 18.81
C ASN H 1015 30.98 -13.35 17.72
N GLY H 1016 32.13 -13.79 17.22
CA GLY H 1016 32.15 -14.74 16.12
C GLY H 1016 32.19 -16.19 16.55
N PHE H 1017 32.69 -16.45 17.77
CA PHE H 1017 32.88 -17.84 18.20
C PHE H 1017 31.59 -18.64 18.23
N PRO H 1018 30.53 -18.20 18.89
CA PRO H 1018 29.33 -19.04 19.01
C PRO H 1018 28.75 -19.35 17.65
N PRO H 1019 28.52 -18.35 16.80
CA PRO H 1019 27.92 -18.64 15.49
C PRO H 1019 28.78 -19.55 14.62
N ASN H 1020 30.10 -19.38 14.67
CA ASN H 1020 30.98 -20.29 13.93
C ASN H 1020 30.86 -21.72 14.46
N PHE H 1021 30.82 -21.87 15.78
CA PHE H 1021 30.63 -23.20 16.35
C PHE H 1021 29.33 -23.82 15.88
N ILE H 1022 28.24 -23.05 15.89
CA ILE H 1022 26.97 -23.54 15.36
C ILE H 1022 27.12 -23.96 13.91
N HIS H 1023 27.87 -23.17 13.13
CA HIS H 1023 28.11 -23.54 11.74
C HIS H 1023 28.80 -24.89 11.64
N SER H 1024 29.80 -25.13 12.50
CA SER H 1024 30.47 -26.42 12.50
C SER H 1024 29.53 -27.54 12.92
N LEU H 1025 28.55 -27.24 13.77
CA LEU H 1025 27.62 -28.27 14.22
C LEU H 1025 26.65 -28.66 13.12
N ASP H 1026 26.00 -27.67 12.50
CA ASP H 1026 25.08 -27.98 11.41
C ASP H 1026 25.82 -28.57 10.21
N SER H 1027 27.06 -28.14 9.97
CA SER H 1027 27.86 -28.73 8.91
C SER H 1027 28.16 -30.19 9.23
N SER H 1028 28.52 -30.49 10.48
CA SER H 1028 28.77 -31.88 10.87
C SER H 1028 27.52 -32.72 10.69
N HIS H 1029 26.36 -32.20 11.10
CA HIS H 1029 25.11 -32.92 10.91
C HIS H 1029 24.86 -33.21 9.44
N MET H 1030 24.96 -32.18 8.61
CA MET H 1030 24.76 -32.37 7.17
C MET H 1030 25.71 -33.42 6.61
N MET H 1031 26.98 -33.38 7.00
CA MET H 1031 27.96 -34.32 6.46
C MET H 1031 27.66 -35.74 6.90
N LEU H 1032 27.31 -35.95 8.17
CA LEU H 1032 26.93 -37.28 8.61
C LEU H 1032 25.72 -37.79 7.82
N THR H 1033 24.70 -36.94 7.69
CA THR H 1033 23.53 -37.33 6.90
C THR H 1033 23.92 -37.72 5.49
N ALA H 1034 24.79 -36.94 4.85
CA ALA H 1034 25.23 -37.25 3.49
C ALA H 1034 25.94 -38.60 3.43
N LEU H 1035 26.86 -38.83 4.37
CA LEU H 1035 27.64 -40.08 4.35
C LEU H 1035 26.72 -41.29 4.52
N HIS H 1036 25.80 -41.23 5.48
CA HIS H 1036 24.96 -42.40 5.74
C HIS H 1036 23.93 -42.59 4.63
N CYS H 1037 23.41 -41.51 4.07
CA CYS H 1037 22.52 -41.65 2.93
C CYS H 1037 23.27 -42.20 1.72
N TYR H 1038 24.55 -41.89 1.60
CA TYR H 1038 25.37 -42.48 0.55
C TYR H 1038 25.57 -43.97 0.79
N ARG H 1039 25.72 -44.35 2.06
CA ARG H 1039 25.78 -45.78 2.39
C ARG H 1039 24.48 -46.49 2.03
N LYS H 1040 23.35 -45.79 2.16
CA LYS H 1040 22.05 -46.36 1.80
C LYS H 1040 21.69 -46.12 0.34
N GLY H 1041 22.58 -45.51 -0.44
CA GLY H 1041 22.36 -45.34 -1.86
C GLY H 1041 21.52 -44.15 -2.25
N LEU H 1042 21.41 -43.14 -1.38
CA LEU H 1042 20.62 -41.95 -1.69
C LEU H 1042 21.49 -40.88 -2.31
N THR H 1043 20.86 -40.07 -3.18
CA THR H 1043 21.50 -38.87 -3.73
C THR H 1043 21.21 -37.70 -2.81
N PHE H 1044 22.27 -37.08 -2.29
CA PHE H 1044 22.13 -36.05 -1.27
C PHE H 1044 22.91 -34.80 -1.66
N VAL H 1045 22.23 -33.66 -1.66
CA VAL H 1045 22.86 -32.35 -1.80
C VAL H 1045 22.25 -31.44 -0.74
N SER H 1046 22.96 -30.36 -0.43
CA SER H 1046 22.58 -29.50 0.69
C SER H 1046 22.73 -28.03 0.32
N VAL H 1047 21.70 -27.24 0.66
CA VAL H 1047 21.73 -25.80 0.57
C VAL H 1047 21.47 -25.26 1.97
N HIS H 1048 22.47 -24.58 2.55
CA HIS H 1048 22.44 -24.21 3.95
C HIS H 1048 21.99 -25.41 4.79
N ASP H 1049 20.81 -25.32 5.40
CA ASP H 1049 20.24 -26.43 6.15
C ASP H 1049 19.34 -27.32 5.29
N CYS H 1050 19.01 -26.90 4.07
CA CYS H 1050 18.07 -27.64 3.25
C CYS H 1050 18.76 -28.87 2.66
N TYR H 1051 18.08 -30.01 2.73
CA TYR H 1051 18.56 -31.26 2.15
C TYR H 1051 17.68 -31.65 0.98
N TRP H 1052 18.29 -31.97 -0.16
CA TRP H 1052 17.56 -32.34 -1.36
C TRP H 1052 17.81 -33.81 -1.67
N THR H 1053 16.78 -34.48 -2.18
CA THR H 1053 16.92 -35.88 -2.59
C THR H 1053 15.75 -36.24 -3.49
N HIS H 1054 15.76 -37.47 -3.99
CA HIS H 1054 14.67 -37.93 -4.84
C HIS H 1054 13.41 -38.16 -4.01
N ALA H 1055 12.26 -38.00 -4.66
CA ALA H 1055 10.99 -38.20 -3.96
C ALA H 1055 10.86 -39.62 -3.43
N ALA H 1056 11.52 -40.58 -4.06
CA ALA H 1056 11.44 -41.97 -3.62
C ALA H 1056 12.15 -42.21 -2.30
N ASP H 1057 13.05 -41.31 -1.89
CA ASP H 1057 13.89 -41.54 -0.71
C ASP H 1057 13.80 -40.41 0.31
N VAL H 1058 12.74 -39.59 0.25
CA VAL H 1058 12.60 -38.51 1.23
C VAL H 1058 12.46 -39.07 2.63
N SER H 1059 11.67 -40.14 2.79
CA SER H 1059 11.49 -40.75 4.09
C SER H 1059 12.81 -41.26 4.64
N VAL H 1060 13.56 -42.00 3.81
CA VAL H 1060 14.85 -42.52 4.26
C VAL H 1060 15.79 -41.39 4.63
N MET H 1061 15.80 -40.31 3.83
CA MET H 1061 16.63 -39.17 4.15
C MET H 1061 16.26 -38.57 5.51
N ASN H 1062 14.96 -38.48 5.80
CA ASN H 1062 14.54 -37.99 7.10
C ASN H 1062 15.01 -38.92 8.22
N GLN H 1063 14.90 -40.24 8.00
CA GLN H 1063 15.35 -41.19 8.99
C GLN H 1063 16.84 -41.00 9.29
N VAL H 1064 17.67 -40.94 8.25
CA VAL H 1064 19.10 -40.74 8.45
C VAL H 1064 19.35 -39.42 9.16
N CYS H 1065 18.62 -38.37 8.78
CA CYS H 1065 18.80 -37.07 9.42
C CYS H 1065 18.56 -37.17 10.92
N ARG H 1066 17.43 -37.74 11.32
CA ARG H 1066 17.10 -37.81 12.74
C ARG H 1066 18.06 -38.73 13.50
N GLU H 1067 18.36 -39.90 12.94
CA GLU H 1067 19.27 -40.82 13.59
C GLU H 1067 20.64 -40.17 13.81
N GLN H 1068 21.19 -39.55 12.77
CA GLN H 1068 22.51 -38.95 12.88
C GLN H 1068 22.49 -37.70 13.76
N PHE H 1069 21.36 -37.00 13.82
CA PHE H 1069 21.24 -35.87 14.73
C PHE H 1069 21.26 -36.34 16.18
N VAL H 1070 20.43 -37.32 16.52
CA VAL H 1070 20.40 -37.84 17.88
C VAL H 1070 21.76 -38.41 18.27
N ARG H 1071 22.37 -39.19 17.37
CA ARG H 1071 23.69 -39.73 17.65
C ARG H 1071 24.72 -38.62 17.83
N LEU H 1072 24.64 -37.57 17.01
CA LEU H 1072 25.58 -36.46 17.11
C LEU H 1072 25.47 -35.78 18.47
N HIS H 1073 24.28 -35.28 18.80
CA HIS H 1073 24.11 -34.55 20.05
C HIS H 1073 24.15 -35.45 21.27
N SER H 1074 24.13 -36.78 21.10
CA SER H 1074 24.23 -37.66 22.25
C SER H 1074 25.60 -37.59 22.89
N GLU H 1075 26.62 -37.22 22.12
CA GLU H 1075 27.95 -37.07 22.67
C GLU H 1075 28.02 -35.82 23.54
N PRO H 1076 28.97 -35.77 24.48
CA PRO H 1076 29.11 -34.57 25.33
C PRO H 1076 29.90 -33.46 24.62
N ILE H 1077 29.21 -32.81 23.67
CA ILE H 1077 29.87 -31.77 22.87
C ILE H 1077 30.37 -30.64 23.75
N LEU H 1078 29.53 -30.16 24.66
CA LEU H 1078 29.94 -29.07 25.53
C LEU H 1078 31.07 -29.48 26.46
N GLN H 1079 30.99 -30.70 27.01
CA GLN H 1079 32.06 -31.18 27.89
C GLN H 1079 33.37 -31.32 27.12
N ASP H 1080 33.34 -32.00 25.98
CA ASP H 1080 34.56 -32.18 25.20
C ASP H 1080 35.15 -30.85 24.77
N LEU H 1081 34.29 -29.90 24.38
CA LEU H 1081 34.79 -28.58 24.01
C LEU H 1081 35.42 -27.86 25.19
N SER H 1082 34.77 -27.93 26.36
CA SER H 1082 35.32 -27.27 27.54
C SER H 1082 36.68 -27.84 27.91
N ARG H 1083 36.77 -29.16 28.01
CA ARG H 1083 38.05 -29.79 28.30
C ARG H 1083 39.09 -29.48 27.24
N PHE H 1084 38.67 -29.36 25.98
CA PHE H 1084 39.60 -29.02 24.91
C PHE H 1084 40.18 -27.62 25.11
N LEU H 1085 39.31 -26.62 25.32
CA LEU H 1085 39.79 -25.27 25.55
C LEU H 1085 40.64 -25.20 26.82
N VAL H 1086 40.34 -26.03 27.82
CA VAL H 1086 41.14 -26.07 29.04
C VAL H 1086 42.54 -26.57 28.73
N LYS H 1087 42.65 -27.68 28.00
CA LYS H 1087 43.97 -28.23 27.68
C LYS H 1087 44.76 -27.30 26.76
N ARG H 1088 44.09 -26.70 25.78
CA ARG H 1088 44.77 -25.91 24.76
C ARG H 1088 45.17 -24.52 25.26
N PHE H 1089 44.35 -23.93 26.13
CA PHE H 1089 44.55 -22.54 26.52
C PHE H 1089 44.85 -22.33 27.99
N CYS H 1090 44.76 -23.36 28.82
CA CYS H 1090 45.09 -23.27 30.24
C CYS H 1090 46.37 -24.03 30.55
N SER H 1091 47.39 -23.87 29.70
CA SER H 1091 48.66 -24.54 29.88
C SER H 1091 49.84 -23.58 30.01
N GLU H 1092 49.67 -22.30 29.71
CA GLU H 1092 50.76 -21.34 29.80
C GLU H 1092 51.31 -21.31 31.22
N PRO H 1093 52.60 -21.57 31.42
CA PRO H 1093 53.15 -21.53 32.79
C PRO H 1093 53.15 -20.13 33.40
N GLN H 1094 53.11 -19.09 32.58
CA GLN H 1094 53.06 -17.71 33.08
C GLN H 1094 52.40 -16.85 32.01
N LYS H 1095 51.33 -16.15 32.40
CA LYS H 1095 50.88 -16.12 33.79
C LYS H 1095 49.88 -17.24 34.08
N ILE H 1096 49.80 -17.61 35.37
CA ILE H 1096 48.86 -18.64 35.79
C ILE H 1096 47.52 -18.07 36.25
N LEU H 1097 47.46 -16.79 36.61
CA LEU H 1097 46.21 -16.20 37.07
C LEU H 1097 45.17 -16.22 35.96
N GLU H 1098 45.55 -15.78 34.76
CA GLU H 1098 44.62 -15.77 33.64
C GLU H 1098 44.20 -17.18 33.25
N ALA H 1099 45.08 -18.17 33.42
CA ALA H 1099 44.69 -19.55 33.15
C ALA H 1099 43.79 -20.11 34.23
N SER H 1100 43.86 -19.57 35.46
CA SER H 1100 42.97 -20.02 36.52
C SER H 1100 41.59 -19.42 36.38
N GLN H 1101 41.51 -18.14 35.99
CA GLN H 1101 40.20 -17.55 35.70
C GLN H 1101 39.62 -18.15 34.43
N LEU H 1102 40.45 -18.40 33.42
CA LEU H 1102 39.97 -19.02 32.19
C LEU H 1102 39.45 -20.42 32.45
N LYS H 1103 40.21 -21.22 33.21
CA LYS H 1103 39.71 -22.53 33.62
C LYS H 1103 38.42 -22.40 34.42
N GLU H 1104 38.36 -21.39 35.28
CA GLU H 1104 37.17 -21.19 36.11
C GLU H 1104 35.94 -20.93 35.26
N THR H 1105 36.11 -20.22 34.14
CA THR H 1105 34.99 -19.93 33.26
C THR H 1105 34.68 -21.08 32.32
N LEU H 1106 35.71 -21.82 31.88
CA LEU H 1106 35.48 -22.92 30.95
C LEU H 1106 34.78 -24.09 31.63
N GLN H 1107 35.13 -24.37 32.88
CA GLN H 1107 34.50 -25.47 33.59
C GLN H 1107 33.08 -25.17 34.06
N ALA H 1108 32.59 -23.94 33.84
CA ALA H 1108 31.22 -23.58 34.20
C ALA H 1108 30.25 -23.90 33.06
N VAL H 1109 30.26 -25.16 32.66
CA VAL H 1109 29.38 -25.60 31.56
C VAL H 1109 27.93 -25.58 32.04
N PRO H 1110 27.01 -24.95 31.29
CA PRO H 1110 25.60 -24.92 31.72
C PRO H 1110 25.00 -26.32 31.80
N LYS H 1111 24.19 -26.54 32.83
CA LYS H 1111 23.56 -27.84 33.01
C LYS H 1111 22.47 -28.07 31.97
N PRO H 1112 22.38 -29.26 31.39
CA PRO H 1112 21.36 -29.52 30.38
C PRO H 1112 19.97 -29.68 30.99
N GLY H 1113 18.96 -29.52 30.14
CA GLY H 1113 17.58 -29.64 30.55
C GLY H 1113 17.11 -31.08 30.63
N ALA H 1114 15.79 -31.24 30.68
CA ALA H 1114 15.18 -32.54 30.82
C ALA H 1114 14.86 -33.21 29.49
N PHE H 1115 14.72 -32.44 28.42
CA PHE H 1115 14.29 -32.98 27.13
C PHE H 1115 15.05 -34.24 26.77
N ASP H 1116 14.32 -35.24 26.26
CA ASP H 1116 14.90 -36.50 25.83
C ASP H 1116 15.20 -36.42 24.35
N LEU H 1117 16.49 -36.33 24.02
CA LEU H 1117 16.89 -36.17 22.62
C LEU H 1117 16.30 -37.24 21.72
N GLU H 1118 16.07 -38.44 22.25
CA GLU H 1118 15.55 -39.53 21.42
C GLU H 1118 14.23 -39.15 20.76
N GLN H 1119 13.46 -38.24 21.38
CA GLN H 1119 12.19 -37.84 20.79
C GLN H 1119 12.37 -37.25 19.39
N VAL H 1120 13.56 -36.74 19.07
CA VAL H 1120 13.81 -36.21 17.74
C VAL H 1120 13.57 -37.27 16.68
N LYS H 1121 13.86 -38.53 17.00
CA LYS H 1121 13.64 -39.61 16.04
C LYS H 1121 12.17 -39.75 15.66
N ARG H 1122 11.26 -39.28 16.51
CA ARG H 1122 9.83 -39.40 16.27
C ARG H 1122 9.19 -38.07 15.89
N SER H 1123 9.96 -37.00 15.76
CA SER H 1123 9.43 -35.68 15.42
C SER H 1123 9.27 -35.58 13.91
N THR H 1124 8.01 -35.52 13.46
CA THR H 1124 7.76 -35.47 12.02
C THR H 1124 8.24 -34.17 11.40
N TYR H 1125 8.02 -33.05 12.09
CA TYR H 1125 8.30 -31.74 11.53
C TYR H 1125 9.67 -31.19 11.90
N PHE H 1126 10.57 -32.03 12.42
CA PHE H 1126 11.93 -31.58 12.68
C PHE H 1126 12.57 -31.06 11.39
N PHE H 1127 12.56 -31.87 10.34
CA PHE H 1127 12.98 -31.45 9.00
C PHE H 1127 11.88 -31.80 8.02
N SER H 1128 11.20 -30.77 7.51
CA SER H 1128 10.08 -30.98 6.60
C SER H 1128 9.93 -29.81 5.62
N LYS I 53 -82.17 3.24 17.23
CA LYS I 53 -82.39 3.98 16.00
C LYS I 53 -83.58 4.92 16.13
N ARG I 54 -84.07 5.40 14.99
CA ARG I 54 -85.25 6.25 14.93
C ARG I 54 -86.47 5.41 14.54
N TYR I 55 -87.58 5.62 15.25
CA TYR I 55 -88.82 4.92 14.97
C TYR I 55 -89.99 5.88 15.07
N VAL I 56 -90.94 5.74 14.14
CA VAL I 56 -92.16 6.53 14.16
C VAL I 56 -93.10 5.94 15.20
N THR I 57 -93.34 6.68 16.27
CA THR I 57 -94.19 6.22 17.36
C THR I 57 -95.47 7.03 17.53
N ASP I 58 -95.63 8.16 16.84
CA ASP I 58 -96.82 8.98 16.95
C ASP I 58 -97.84 8.58 15.89
N ARG I 59 -99.08 8.37 16.31
CA ARG I 59 -100.13 7.97 15.37
C ARG I 59 -100.45 9.08 14.38
N ARG I 60 -100.56 10.32 14.87
CA ARG I 60 -100.90 11.44 13.99
C ARG I 60 -99.85 11.62 12.90
N LEU I 61 -98.57 11.60 13.29
CA LEU I 61 -97.51 11.67 12.29
C LEU I 61 -97.62 10.53 11.30
N ALA I 62 -97.97 9.32 11.78
CA ALA I 62 -98.12 8.19 10.88
C ALA I 62 -99.24 8.41 9.87
N GLU I 63 -100.35 9.01 10.30
CA GLU I 63 -101.45 9.29 9.38
C GLU I 63 -101.06 10.36 8.37
N THR I 64 -100.45 11.45 8.84
CA THR I 64 -100.00 12.49 7.92
C THR I 64 -99.05 11.92 6.87
N LEU I 65 -98.08 11.13 7.33
CA LEU I 65 -97.17 10.48 6.38
C LEU I 65 -97.94 9.59 5.42
N ALA I 66 -98.89 8.81 5.93
CA ALA I 66 -99.66 7.92 5.07
C ALA I 66 -100.33 8.71 3.94
N GLN I 67 -100.97 9.82 4.29
CA GLN I 67 -101.61 10.64 3.26
C GLN I 67 -100.59 11.21 2.28
N ILE I 68 -99.41 11.60 2.78
CA ILE I 68 -98.38 12.14 1.89
C ILE I 68 -97.92 11.09 0.89
N TYR I 69 -97.52 9.91 1.40
CA TYR I 69 -96.98 8.86 0.55
C TYR I 69 -98.05 8.33 -0.40
N LEU I 70 -99.31 8.28 0.04
CA LEU I 70 -100.38 7.88 -0.86
C LEU I 70 -100.57 8.93 -1.95
N GLY I 71 -100.44 10.21 -1.60
CA GLY I 71 -100.40 11.29 -2.57
C GLY I 71 -101.41 11.18 -3.70
N HIS I 78 -98.89 1.97 -6.74
CA HIS I 78 -97.45 1.80 -6.63
C HIS I 78 -97.08 1.05 -5.35
N LEU I 79 -95.87 0.48 -5.33
CA LEU I 79 -95.40 -0.32 -4.21
C LEU I 79 -94.55 0.53 -3.27
N LEU I 80 -94.71 0.30 -1.97
CA LEU I 80 -94.01 1.05 -0.94
C LEU I 80 -93.12 0.12 -0.12
N LEU I 81 -91.84 0.45 -0.03
CA LEU I 81 -90.89 -0.25 0.83
C LEU I 81 -90.61 0.62 2.05
N GLU I 82 -91.04 0.15 3.22
CA GLU I 82 -90.89 0.89 4.47
C GLU I 82 -89.67 0.36 5.22
N CYS I 83 -88.75 1.26 5.57
CA CYS I 83 -87.52 0.89 6.24
C CYS I 83 -87.67 1.02 7.76
N ASN I 84 -87.24 -0.01 8.48
CA ASN I 84 -87.22 -0.02 9.94
C ASN I 84 -88.54 0.48 10.54
N PRO I 85 -89.64 -0.24 10.32
CA PRO I 85 -90.92 0.21 10.89
C PRO I 85 -90.95 0.17 12.41
N GLY I 86 -90.15 -0.69 13.04
CA GLY I 86 -90.13 -0.80 14.48
C GLY I 86 -91.47 -1.23 15.02
N PRO I 87 -92.06 -0.42 15.91
CA PRO I 87 -93.36 -0.76 16.48
C PRO I 87 -94.45 -0.93 15.42
N GLY I 88 -94.24 -0.44 14.21
CA GLY I 88 -95.21 -0.61 13.15
C GLY I 88 -96.35 0.37 13.15
N ILE I 89 -96.17 1.55 13.77
CA ILE I 89 -97.23 2.56 13.75
C ILE I 89 -97.42 3.10 12.34
N LEU I 90 -96.32 3.48 11.68
CA LEU I 90 -96.41 3.95 10.31
C LEU I 90 -96.91 2.86 9.38
N THR I 91 -96.47 1.61 9.61
CA THR I 91 -96.96 0.50 8.80
C THR I 91 -98.47 0.35 8.94
N GLN I 92 -98.98 0.39 10.17
CA GLN I 92 -100.42 0.26 10.38
C GLN I 92 -101.17 1.43 9.77
N ALA I 93 -100.60 2.64 9.85
CA ALA I 93 -101.24 3.79 9.23
C ALA I 93 -101.32 3.62 7.71
N LEU I 94 -100.25 3.13 7.10
CA LEU I 94 -100.25 2.89 5.66
C LEU I 94 -101.28 1.85 5.28
N LEU I 95 -101.32 0.74 6.02
CA LEU I 95 -102.28 -0.32 5.70
C LEU I 95 -103.71 0.18 5.84
N GLU I 96 -104.01 0.91 6.92
CA GLU I 96 -105.34 1.50 7.06
C GLU I 96 -105.63 2.47 5.93
N ALA I 97 -104.61 3.18 5.44
CA ALA I 97 -104.79 4.11 4.33
C ALA I 97 -104.87 3.41 2.98
N GLY I 98 -104.59 2.11 2.92
CA GLY I 98 -104.73 1.35 1.69
C GLY I 98 -103.45 1.11 0.92
N ALA I 99 -102.28 1.30 1.52
CA ALA I 99 -101.03 1.11 0.82
C ALA I 99 -100.63 -0.36 0.78
N LYS I 100 -99.85 -0.72 -0.23
CA LYS I 100 -99.24 -2.04 -0.35
C LYS I 100 -97.80 -1.94 0.14
N VAL I 101 -97.51 -2.61 1.26
CA VAL I 101 -96.30 -2.33 2.05
C VAL I 101 -95.43 -3.56 2.11
N VAL I 102 -94.12 -3.36 1.88
CA VAL I 102 -93.09 -4.34 2.18
C VAL I 102 -92.19 -3.71 3.23
N ALA I 103 -92.18 -4.26 4.43
CA ALA I 103 -91.39 -3.73 5.54
C ALA I 103 -90.04 -4.44 5.58
N LEU I 104 -88.96 -3.66 5.52
CA LEU I 104 -87.60 -4.17 5.63
C LEU I 104 -87.14 -3.86 7.05
N GLU I 105 -87.33 -4.80 7.96
CA GLU I 105 -87.06 -4.59 9.38
C GLU I 105 -85.66 -5.10 9.71
N SER I 106 -84.83 -4.21 10.26
CA SER I 106 -83.47 -4.58 10.62
C SER I 106 -83.41 -5.33 11.95
N ASP I 107 -84.35 -5.07 12.84
CA ASP I 107 -84.40 -5.70 14.16
C ASP I 107 -85.45 -6.79 14.14
N LYS I 108 -85.02 -8.05 14.25
CA LYS I 108 -85.94 -9.17 14.17
C LYS I 108 -86.97 -9.16 15.30
N THR I 109 -86.68 -8.47 16.40
CA THR I 109 -87.61 -8.47 17.53
C THR I 109 -88.93 -7.80 17.18
N PHE I 110 -88.92 -6.88 16.21
CA PHE I 110 -90.13 -6.18 15.81
C PHE I 110 -90.98 -6.96 14.80
N ILE I 111 -90.47 -8.06 14.27
CA ILE I 111 -91.09 -8.72 13.12
C ILE I 111 -92.42 -9.37 13.49
N PRO I 112 -92.51 -10.11 14.61
CA PRO I 112 -93.77 -10.81 14.93
C PRO I 112 -94.99 -9.90 14.89
N HIS I 113 -95.00 -8.86 15.72
CA HIS I 113 -96.16 -7.96 15.78
C HIS I 113 -96.53 -7.46 14.39
N LEU I 114 -95.54 -6.95 13.65
CA LEU I 114 -95.82 -6.49 12.30
C LEU I 114 -96.51 -7.58 11.49
N GLU I 115 -95.94 -8.79 11.49
CA GLU I 115 -96.56 -9.89 10.77
C GLU I 115 -97.98 -10.12 11.24
N SER I 116 -98.19 -10.09 12.56
CA SER I 116 -99.54 -10.21 13.09
C SER I 116 -100.46 -9.17 12.48
N LEU I 117 -100.02 -7.91 12.48
CA LEU I 117 -100.80 -6.85 11.85
C LEU I 117 -101.10 -7.20 10.41
N GLY I 118 -100.09 -7.70 9.69
CA GLY I 118 -100.31 -8.12 8.32
C GLY I 118 -101.35 -9.22 8.22
N LYS I 119 -101.27 -10.20 9.14
CA LYS I 119 -102.28 -11.25 9.17
C LYS I 119 -103.66 -10.68 9.44
N ASN I 120 -103.74 -9.58 10.19
CA ASN I 120 -105.01 -8.88 10.34
C ASN I 120 -105.56 -8.49 8.98
N LEU I 121 -104.71 -7.90 8.12
CA LEU I 121 -105.12 -7.60 6.76
C LEU I 121 -105.07 -8.84 5.88
N ASP I 122 -104.05 -9.67 6.07
CA ASP I 122 -103.92 -10.93 5.33
C ASP I 122 -104.03 -10.70 3.83
N GLY I 123 -103.34 -9.66 3.36
CA GLY I 123 -103.37 -9.31 1.95
C GLY I 123 -102.03 -9.39 1.26
N LYS I 124 -101.55 -8.26 0.75
CA LYS I 124 -100.29 -8.20 0.01
C LYS I 124 -99.16 -7.57 0.80
N LEU I 125 -99.35 -7.30 2.09
CA LEU I 125 -98.25 -6.84 2.92
C LEU I 125 -97.20 -7.95 3.03
N ARG I 126 -95.94 -7.55 3.10
CA ARG I 126 -94.84 -8.51 3.19
C ARG I 126 -93.77 -7.99 4.13
N VAL I 127 -93.36 -8.84 5.08
CA VAL I 127 -92.40 -8.47 6.11
C VAL I 127 -91.12 -9.26 5.87
N ILE I 128 -90.01 -8.56 5.71
CA ILE I 128 -88.70 -9.16 5.47
C ILE I 128 -87.73 -8.70 6.54
N HIS I 129 -86.93 -9.63 7.06
CA HIS I 129 -85.85 -9.33 8.00
C HIS I 129 -84.65 -8.83 7.19
N CYS I 130 -84.58 -7.50 7.03
CA CYS I 130 -83.57 -6.90 6.16
C CYS I 130 -83.21 -5.51 6.67
N ASP I 131 -81.91 -5.22 6.73
CA ASP I 131 -81.41 -3.88 7.03
C ASP I 131 -81.11 -3.19 5.71
N PHE I 132 -81.96 -2.24 5.33
CA PHE I 132 -81.82 -1.58 4.04
C PHE I 132 -80.45 -0.94 3.88
N PHE I 133 -79.88 -0.41 4.97
CA PHE I 133 -78.61 0.29 4.90
C PHE I 133 -77.40 -0.63 4.78
N LYS I 134 -77.60 -1.95 4.80
CA LYS I 134 -76.50 -2.89 4.64
C LYS I 134 -76.63 -3.73 3.37
N LEU I 135 -77.57 -3.41 2.49
CA LEU I 135 -77.77 -4.19 1.28
C LEU I 135 -76.56 -4.05 0.34
N ASP I 136 -76.17 -5.17 -0.25
CA ASP I 136 -75.12 -5.21 -1.26
C ASP I 136 -73.86 -4.51 -0.75
N PRO I 137 -73.14 -5.10 0.20
CA PRO I 137 -71.93 -4.45 0.72
C PRO I 137 -70.86 -4.32 -0.36
N ARG I 138 -70.23 -3.15 -0.41
CA ARG I 138 -69.18 -2.91 -1.38
C ARG I 138 -67.93 -3.71 -1.02
N SER I 139 -67.40 -4.43 -2.00
CA SER I 139 -66.24 -5.30 -1.79
C SER I 139 -66.50 -6.27 -0.65
N GLY I 140 -67.69 -6.87 -0.65
CA GLY I 140 -68.08 -7.80 0.39
C GLY I 140 -68.34 -9.20 -0.15
N GLY I 141 -68.32 -10.19 0.73
CA GLY I 141 -68.55 -11.56 0.34
C GLY I 141 -69.99 -12.02 0.37
N VAL I 142 -70.94 -11.12 0.66
CA VAL I 142 -72.35 -11.47 0.72
C VAL I 142 -72.56 -12.59 1.73
N ILE I 143 -72.35 -12.29 3.01
CA ILE I 143 -72.43 -13.29 4.06
C ILE I 143 -73.10 -12.71 5.30
N LYS I 144 -74.40 -12.46 5.21
CA LYS I 144 -75.18 -12.00 6.36
C LYS I 144 -76.67 -12.16 6.08
N PRO I 145 -77.47 -12.49 7.09
CA PRO I 145 -78.91 -12.63 6.87
C PRO I 145 -79.57 -11.28 6.68
N PRO I 146 -79.32 -10.31 7.57
CA PRO I 146 -79.93 -8.98 7.35
C PRO I 146 -79.42 -8.30 6.10
N ALA I 147 -78.16 -8.50 5.75
CA ALA I 147 -77.64 -8.01 4.47
C ALA I 147 -78.13 -8.94 3.36
N MET I 148 -78.54 -8.34 2.25
CA MET I 148 -79.14 -9.09 1.16
C MET I 148 -78.69 -8.48 -0.17
N SER I 149 -79.16 -9.08 -1.26
CA SER I 149 -78.93 -8.56 -2.60
C SER I 149 -80.25 -7.97 -3.11
N SER I 150 -80.18 -6.75 -3.63
CA SER I 150 -81.38 -6.12 -4.17
C SER I 150 -81.92 -6.89 -5.36
N ARG I 151 -81.05 -7.60 -6.08
CA ARG I 151 -81.50 -8.44 -7.19
C ARG I 151 -82.39 -9.58 -6.69
N GLY I 152 -81.95 -10.28 -5.65
CA GLY I 152 -82.75 -11.36 -5.11
C GLY I 152 -84.00 -10.88 -4.41
N LEU I 153 -83.88 -9.81 -3.62
CA LEU I 153 -85.05 -9.27 -2.93
C LEU I 153 -86.10 -8.82 -3.93
N PHE I 154 -85.71 -8.00 -4.90
CA PHE I 154 -86.67 -7.54 -5.91
C PHE I 154 -87.21 -8.71 -6.72
N LYS I 155 -86.39 -9.74 -6.95
CA LYS I 155 -86.88 -10.92 -7.65
C LYS I 155 -87.98 -11.61 -6.85
N ASN I 156 -87.80 -11.74 -5.53
CA ASN I 156 -88.84 -12.33 -4.70
C ASN I 156 -90.09 -11.47 -4.68
N LEU I 157 -89.91 -10.14 -4.65
CA LEU I 157 -91.05 -9.22 -4.61
C LEU I 157 -91.69 -9.01 -5.97
N GLY I 158 -91.12 -9.58 -7.03
CA GLY I 158 -91.70 -9.43 -8.36
C GLY I 158 -91.53 -8.06 -8.98
N ILE I 159 -90.45 -7.36 -8.64
CA ILE I 159 -90.17 -6.05 -9.21
C ILE I 159 -89.25 -6.22 -10.41
N GLU I 160 -89.66 -5.69 -11.56
CA GLU I 160 -88.91 -5.83 -12.80
C GLU I 160 -88.21 -4.52 -13.14
N ALA I 161 -87.00 -4.62 -13.66
CA ALA I 161 -86.23 -3.44 -14.01
C ALA I 161 -86.85 -2.72 -15.19
N VAL I 162 -86.73 -1.39 -15.18
CA VAL I 162 -87.24 -0.55 -16.27
C VAL I 162 -86.11 0.36 -16.73
N PRO I 163 -86.17 0.85 -17.97
CA PRO I 163 -85.11 1.73 -18.46
C PRO I 163 -85.02 3.00 -17.62
N TRP I 164 -83.83 3.60 -17.62
CA TRP I 164 -83.60 4.80 -16.83
C TRP I 164 -84.59 5.91 -17.19
N THR I 165 -84.93 6.04 -18.48
CA THR I 165 -85.85 7.08 -18.90
C THR I 165 -87.28 6.83 -18.46
N ALA I 166 -87.60 5.60 -18.06
CA ALA I 166 -88.97 5.29 -17.66
C ALA I 166 -89.30 5.96 -16.33
N ASP I 167 -90.59 5.93 -15.99
CA ASP I 167 -91.07 6.59 -14.78
C ASP I 167 -90.68 5.78 -13.54
N ILE I 168 -90.92 6.38 -12.37
CA ILE I 168 -90.55 5.79 -11.09
C ILE I 168 -91.24 4.43 -10.92
N PRO I 169 -90.48 3.34 -10.85
CA PRO I 169 -91.10 2.01 -10.69
C PRO I 169 -91.49 1.69 -9.26
N LEU I 170 -90.76 2.23 -8.29
CA LEU I 170 -90.93 1.85 -6.90
C LEU I 170 -90.59 3.04 -6.00
N LYS I 171 -91.16 3.01 -4.79
CA LYS I 171 -90.95 4.06 -3.81
C LYS I 171 -90.45 3.46 -2.51
N VAL I 172 -89.38 4.04 -1.96
CA VAL I 172 -88.79 3.61 -0.71
C VAL I 172 -88.87 4.76 0.28
N VAL I 173 -89.29 4.45 1.50
CA VAL I 173 -89.48 5.47 2.53
C VAL I 173 -88.85 4.99 3.84
N GLY I 174 -88.39 5.94 4.65
CA GLY I 174 -87.85 5.59 5.95
C GLY I 174 -87.13 6.76 6.59
N MET I 175 -86.22 6.43 7.51
CA MET I 175 -85.48 7.40 8.28
C MET I 175 -84.00 7.03 8.28
N PHE I 176 -83.14 8.02 8.04
CA PHE I 176 -81.71 7.78 8.11
C PHE I 176 -81.33 7.36 9.54
N PRO I 177 -80.26 6.59 9.68
CA PRO I 177 -79.76 6.29 11.03
C PRO I 177 -79.32 7.55 11.75
N SER I 178 -79.60 7.61 13.05
CA SER I 178 -79.33 8.83 13.80
C SER I 178 -77.85 9.20 13.79
N ARG I 179 -76.95 8.23 13.58
CA ARG I 179 -75.52 8.50 13.53
C ARG I 179 -74.87 7.92 12.29
N GLY I 180 -75.64 7.65 11.24
CA GLY I 180 -75.09 7.14 10.01
C GLY I 180 -75.63 7.85 8.78
N GLU I 181 -76.02 9.12 8.96
CA GLU I 181 -76.61 9.86 7.84
C GLU I 181 -75.60 10.05 6.71
N LYS I 182 -74.38 10.46 7.05
CA LYS I 182 -73.36 10.66 6.03
C LYS I 182 -73.02 9.34 5.34
N ARG I 183 -72.83 8.27 6.12
CA ARG I 183 -72.53 6.97 5.54
C ARG I 183 -73.62 6.54 4.55
N ALA I 184 -74.88 6.62 4.98
CA ALA I 184 -75.98 6.19 4.12
C ALA I 184 -76.05 7.06 2.86
N LEU I 185 -75.88 8.37 3.01
CA LEU I 185 -75.93 9.25 1.84
C LEU I 185 -74.82 8.92 0.86
N TRP I 186 -73.61 8.64 1.36
CA TRP I 186 -72.51 8.29 0.49
C TRP I 186 -72.77 6.95 -0.22
N LYS I 187 -73.21 5.95 0.53
CA LYS I 187 -73.50 4.65 -0.07
C LYS I 187 -74.56 4.77 -1.16
N LEU I 188 -75.67 5.44 -0.85
CA LEU I 188 -76.72 5.64 -1.86
C LEU I 188 -76.21 6.45 -3.03
N ALA I 189 -75.28 7.38 -2.80
CA ALA I 189 -74.71 8.14 -3.91
C ALA I 189 -73.91 7.22 -4.83
N TYR I 190 -73.04 6.40 -4.27
CA TYR I 190 -72.29 5.44 -5.08
C TYR I 190 -73.24 4.55 -5.87
N ASP I 191 -74.25 3.99 -5.19
CA ASP I 191 -75.20 3.11 -5.90
C ASP I 191 -75.90 3.86 -7.03
N LEU I 192 -76.28 5.11 -6.80
CA LEU I 192 -77.01 5.86 -7.81
C LEU I 192 -76.13 6.16 -9.02
N TYR I 193 -74.97 6.77 -8.80
CA TYR I 193 -74.09 7.10 -9.91
C TYR I 193 -73.54 5.87 -10.63
N SER I 194 -73.47 4.73 -9.94
CA SER I 194 -72.99 3.50 -10.55
C SER I 194 -74.08 2.69 -11.22
N CYS I 195 -75.35 3.07 -11.06
CA CYS I 195 -76.48 2.32 -11.61
C CYS I 195 -76.46 0.87 -11.13
N THR I 196 -76.18 0.70 -9.84
CA THR I 196 -76.20 -0.61 -9.20
C THR I 196 -77.25 -0.59 -8.09
N SER I 197 -77.37 -1.72 -7.39
CA SER I 197 -78.37 -1.86 -6.34
C SER I 197 -79.76 -1.53 -6.88
N ILE I 198 -80.57 -0.85 -6.07
CA ILE I 198 -81.95 -0.56 -6.46
C ILE I 198 -81.99 0.25 -7.74
N TYR I 199 -81.03 1.15 -7.94
CA TYR I 199 -81.04 1.98 -9.14
C TYR I 199 -80.72 1.20 -10.41
N LYS I 200 -80.39 -0.09 -10.30
CA LYS I 200 -80.33 -0.95 -11.47
C LYS I 200 -81.71 -1.19 -12.07
N PHE I 201 -82.78 -0.95 -11.30
CA PHE I 201 -84.15 -1.21 -11.75
C PHE I 201 -84.87 0.06 -12.21
N GLY I 202 -84.24 1.22 -12.11
CA GLY I 202 -84.82 2.45 -12.57
C GLY I 202 -84.60 3.57 -11.57
N ARG I 203 -85.29 4.68 -11.79
CA ARG I 203 -85.15 5.87 -10.96
C ARG I 203 -86.01 5.69 -9.71
N ILE I 204 -85.44 5.03 -8.71
CA ILE I 204 -86.17 4.78 -7.47
C ILE I 204 -86.30 6.07 -6.67
N GLU I 205 -87.52 6.39 -6.28
CA GLU I 205 -87.78 7.54 -5.42
C GLU I 205 -87.54 7.18 -3.96
N VAL I 206 -86.72 7.97 -3.28
CA VAL I 206 -86.30 7.67 -1.91
C VAL I 206 -86.68 8.85 -1.02
N ASN I 207 -87.56 8.59 -0.05
CA ASN I 207 -87.98 9.59 0.93
C ASN I 207 -87.43 9.18 2.30
N MET I 208 -86.65 10.05 2.92
CA MET I 208 -85.96 9.71 4.15
C MET I 208 -85.98 10.87 5.13
N PHE I 209 -86.15 10.55 6.41
CA PHE I 209 -85.96 11.54 7.46
C PHE I 209 -84.47 11.76 7.69
N ILE I 210 -84.08 13.02 7.84
CA ILE I 210 -82.68 13.38 8.03
C ILE I 210 -82.58 14.50 9.06
N GLY I 211 -81.43 14.55 9.74
CA GLY I 211 -81.21 15.60 10.70
C GLY I 211 -81.09 16.96 10.04
N GLU I 212 -81.23 18.00 10.86
CA GLU I 212 -81.23 19.36 10.33
C GLU I 212 -79.84 19.75 9.80
N LYS I 213 -78.79 19.38 10.53
CA LYS I 213 -77.44 19.73 10.10
C LYS I 213 -77.13 19.15 8.72
N GLU I 214 -77.26 17.83 8.58
CA GLU I 214 -76.98 17.19 7.30
C GLU I 214 -77.96 17.65 6.22
N PHE I 215 -79.16 18.08 6.61
CA PHE I 215 -80.09 18.63 5.64
C PHE I 215 -79.57 19.96 5.08
N GLN I 216 -79.15 20.86 5.97
CA GLN I 216 -78.63 22.15 5.52
C GLN I 216 -77.37 21.97 4.69
N LYS I 217 -76.48 21.08 5.13
CA LYS I 217 -75.28 20.81 4.34
C LYS I 217 -75.63 20.22 2.98
N LEU I 218 -76.64 19.35 2.94
CA LEU I 218 -77.03 18.74 1.67
C LEU I 218 -77.64 19.76 0.72
N MET I 219 -78.39 20.73 1.26
CA MET I 219 -79.07 21.72 0.45
C MET I 219 -78.27 23.00 0.26
N ALA I 220 -77.05 23.07 0.78
CA ALA I 220 -76.23 24.27 0.66
C ALA I 220 -75.74 24.45 -0.78
N ASP I 221 -75.31 25.67 -1.08
CA ASP I 221 -74.78 26.03 -2.39
C ASP I 221 -73.91 27.27 -2.24
N PRO I 222 -73.39 27.83 -3.35
CA PRO I 222 -72.60 29.07 -3.23
C PRO I 222 -73.34 30.17 -2.49
N GLY I 223 -74.66 30.10 -2.44
CA GLY I 223 -75.43 31.06 -1.67
C GLY I 223 -75.19 30.94 -0.18
N ASN I 224 -74.84 29.74 0.28
CA ASN I 224 -74.49 29.49 1.68
C ASN I 224 -73.16 28.75 1.69
N PRO I 225 -72.05 29.48 1.50
CA PRO I 225 -70.77 28.80 1.26
C PRO I 225 -70.28 27.97 2.43
N ASP I 226 -70.64 28.32 3.67
CA ASP I 226 -70.06 27.63 4.81
C ASP I 226 -70.49 26.17 4.88
N LEU I 227 -71.64 25.83 4.31
CA LEU I 227 -72.16 24.47 4.34
C LEU I 227 -72.08 23.76 3.00
N TYR I 228 -71.53 24.41 1.98
CA TYR I 228 -71.45 23.81 0.65
C TYR I 228 -70.38 22.72 0.64
N HIS I 229 -70.74 21.52 0.19
CA HIS I 229 -69.81 20.40 0.28
C HIS I 229 -70.04 19.41 -0.87
N VAL I 230 -69.17 18.39 -0.91
CA VAL I 230 -69.20 17.41 -1.99
C VAL I 230 -70.55 16.72 -2.04
N LEU I 231 -71.07 16.30 -0.89
CA LEU I 231 -72.38 15.66 -0.89
C LEU I 231 -73.46 16.60 -1.42
N SER I 232 -73.35 17.89 -1.12
CA SER I 232 -74.27 18.87 -1.68
C SER I 232 -74.22 18.84 -3.21
N VAL I 233 -73.00 18.85 -3.78
CA VAL I 233 -72.88 18.81 -5.23
C VAL I 233 -73.46 17.52 -5.78
N ILE I 234 -73.04 16.38 -5.23
CA ILE I 234 -73.44 15.08 -5.77
C ILE I 234 -74.95 14.93 -5.74
N TRP I 235 -75.57 15.23 -4.60
CA TRP I 235 -77.00 14.99 -4.46
C TRP I 235 -77.83 16.03 -5.19
N GLN I 236 -77.38 17.30 -5.22
CA GLN I 236 -78.12 18.30 -5.97
C GLN I 236 -78.03 18.05 -7.47
N LEU I 237 -76.93 17.49 -7.95
CA LEU I 237 -76.84 17.08 -9.35
C LEU I 237 -77.62 15.80 -9.62
N ALA I 238 -77.71 14.91 -8.63
CA ALA I 238 -78.28 13.59 -8.86
C ALA I 238 -79.80 13.60 -8.79
N CYS I 239 -80.37 14.32 -7.82
CA CYS I 239 -81.79 14.23 -7.54
C CYS I 239 -82.38 15.62 -7.36
N GLU I 240 -83.69 15.72 -7.60
CA GLU I 240 -84.45 16.92 -7.27
C GLU I 240 -84.99 16.73 -5.86
N ILE I 241 -84.35 17.35 -4.89
CA ILE I 241 -84.66 17.12 -3.48
C ILE I 241 -85.73 18.12 -3.05
N LYS I 242 -86.77 17.64 -2.37
CA LYS I 242 -87.84 18.51 -1.90
C LYS I 242 -88.24 18.12 -0.49
N VAL I 243 -88.48 19.13 0.35
CA VAL I 243 -88.90 18.90 1.73
C VAL I 243 -90.38 18.59 1.73
N LEU I 244 -90.76 17.40 2.22
CA LEU I 244 -92.15 16.99 2.29
C LEU I 244 -92.77 17.24 3.65
N HIS I 245 -91.97 17.27 4.72
CA HIS I 245 -92.47 17.51 6.07
C HIS I 245 -91.28 17.78 6.97
N MET I 246 -91.52 18.56 8.02
CA MET I 246 -90.49 18.89 9.01
C MET I 246 -91.04 18.56 10.39
N GLU I 247 -90.35 17.66 11.09
CA GLU I 247 -90.78 17.22 12.40
C GLU I 247 -89.76 17.65 13.45
N PRO I 248 -90.12 18.49 14.42
CA PRO I 248 -89.21 18.93 15.48
C PRO I 248 -89.04 17.88 16.58
N LYS I 276 -84.74 19.11 15.07
CA LYS I 276 -85.60 19.12 13.90
C LYS I 276 -85.19 18.05 12.89
N LEU I 277 -86.17 17.35 12.35
CA LEU I 277 -85.95 16.33 11.33
C LEU I 277 -86.71 16.74 10.07
N TYR I 278 -86.03 16.67 8.93
CA TYR I 278 -86.61 17.01 7.63
C TYR I 278 -86.81 15.73 6.83
N LEU I 279 -88.04 15.48 6.40
CA LEU I 279 -88.32 14.38 5.49
C LEU I 279 -88.05 14.85 4.06
N ILE I 280 -86.95 14.38 3.49
CA ILE I 280 -86.51 14.82 2.17
C ILE I 280 -86.89 13.78 1.13
N GLN I 281 -87.39 14.26 0.00
CA GLN I 281 -87.72 13.43 -1.15
C GLN I 281 -86.62 13.59 -2.19
N MET I 282 -86.01 12.47 -2.56
CA MET I 282 -84.92 12.41 -3.52
C MET I 282 -85.39 11.59 -4.71
N ILE I 283 -85.61 12.25 -5.84
CA ILE I 283 -85.98 11.65 -7.10
C ILE I 283 -84.82 11.84 -8.07
N PRO I 284 -84.24 10.77 -8.61
CA PRO I 284 -83.13 10.94 -9.57
C PRO I 284 -83.59 11.68 -10.83
N ARG I 285 -82.71 12.54 -11.33
CA ARG I 285 -83.01 13.29 -12.54
C ARG I 285 -82.88 12.41 -13.78
N GLN I 286 -83.83 12.56 -14.69
CA GLN I 286 -83.79 11.79 -15.94
C GLN I 286 -82.55 12.14 -16.76
N ASN I 287 -82.10 13.39 -16.72
CA ASN I 287 -81.01 13.87 -17.55
C ASN I 287 -79.67 13.88 -16.81
N LEU I 288 -79.52 13.07 -15.76
CA LEU I 288 -78.25 13.03 -15.04
C LEU I 288 -77.12 12.56 -15.96
N PHE I 289 -77.32 11.41 -16.61
CA PHE I 289 -76.28 10.85 -17.47
C PHE I 289 -76.35 11.46 -18.86
N THR I 290 -75.17 11.76 -19.41
CA THR I 290 -75.06 12.35 -20.75
C THR I 290 -74.07 11.57 -21.60
N LYS I 291 -73.75 12.08 -22.79
CA LYS I 291 -72.77 11.42 -23.64
C LYS I 291 -71.40 11.37 -22.99
N ASN I 292 -71.06 12.38 -22.17
CA ASN I 292 -69.75 12.46 -21.55
C ASN I 292 -69.78 12.18 -20.05
N LEU I 293 -70.95 12.22 -19.43
CA LEU I 293 -71.12 11.80 -18.03
C LEU I 293 -71.98 10.55 -18.04
N THR I 294 -71.36 9.41 -17.81
CA THR I 294 -72.00 8.10 -17.93
C THR I 294 -71.77 7.30 -16.67
N PRO I 295 -72.52 6.21 -16.49
CA PRO I 295 -72.24 5.31 -15.36
C PRO I 295 -70.86 4.67 -15.45
N MET I 296 -70.14 4.87 -16.55
CA MET I 296 -68.81 4.29 -16.72
C MET I 296 -67.69 5.21 -16.27
N ASN I 297 -67.94 6.52 -16.15
CA ASN I 297 -66.90 7.47 -15.80
C ASN I 297 -67.25 8.36 -14.61
N TYR I 298 -68.30 8.03 -13.85
CA TYR I 298 -68.68 8.86 -12.71
C TYR I 298 -67.57 8.92 -11.67
N ASN I 299 -66.77 7.85 -11.56
CA ASN I 299 -65.72 7.82 -10.54
C ASN I 299 -64.72 8.95 -10.73
N ILE I 300 -64.38 9.27 -11.97
CA ILE I 300 -63.47 10.37 -12.23
C ILE I 300 -64.08 11.69 -11.74
N PHE I 301 -65.39 11.84 -11.92
CA PHE I 301 -66.06 13.05 -11.44
C PHE I 301 -66.04 13.13 -9.92
N PHE I 302 -66.32 12.02 -9.24
CA PHE I 302 -66.20 12.01 -7.78
C PHE I 302 -64.79 12.39 -7.35
N HIS I 303 -63.78 11.86 -8.05
CA HIS I 303 -62.40 12.22 -7.75
C HIS I 303 -62.19 13.71 -7.90
N LEU I 304 -62.71 14.30 -8.98
CA LEU I 304 -62.59 15.74 -9.18
C LEU I 304 -63.24 16.52 -8.05
N LEU I 305 -64.44 16.09 -7.61
CA LEU I 305 -65.13 16.81 -6.55
C LEU I 305 -64.36 16.73 -5.24
N LYS I 306 -64.00 15.52 -4.81
CA LYS I 306 -63.23 15.39 -3.58
C LYS I 306 -61.94 16.19 -3.64
N HIS I 307 -61.24 16.13 -4.78
CA HIS I 307 -60.00 16.87 -4.93
C HIS I 307 -60.23 18.37 -4.78
N CYS I 308 -61.25 18.89 -5.45
CA CYS I 308 -61.52 20.33 -5.40
C CYS I 308 -61.89 20.77 -3.99
N PHE I 309 -62.80 20.04 -3.34
CA PHE I 309 -63.20 20.40 -1.98
C PHE I 309 -62.15 20.08 -0.94
N GLY I 310 -61.05 19.42 -1.33
CA GLY I 310 -59.95 19.25 -0.41
C GLY I 310 -59.34 20.57 0.02
N ARG I 311 -59.32 21.56 -0.89
CA ARG I 311 -58.84 22.92 -0.60
C ARG I 311 -59.90 23.88 -1.16
N ARG I 312 -60.96 24.09 -0.38
CA ARG I 312 -62.11 24.85 -0.87
C ARG I 312 -61.78 26.32 -1.09
N SER I 313 -60.79 26.86 -0.38
CA SER I 313 -60.45 28.27 -0.52
C SER I 313 -59.60 28.56 -1.74
N ALA I 314 -58.94 27.55 -2.31
CA ALA I 314 -58.03 27.78 -3.43
C ALA I 314 -58.82 28.08 -4.70
N THR I 315 -58.07 28.49 -5.73
CA THR I 315 -58.66 28.78 -7.03
C THR I 315 -58.92 27.49 -7.81
N VAL I 316 -59.92 27.55 -8.70
CA VAL I 316 -60.28 26.37 -9.48
C VAL I 316 -59.13 25.98 -10.41
N ILE I 317 -58.44 26.97 -10.99
CA ILE I 317 -57.35 26.67 -11.92
C ILE I 317 -56.22 25.95 -11.19
N ASP I 318 -55.99 26.31 -9.92
CA ASP I 318 -54.96 25.62 -9.14
C ASP I 318 -55.23 24.12 -9.07
N HIS I 319 -56.48 23.75 -8.78
CA HIS I 319 -56.83 22.33 -8.74
C HIS I 319 -56.78 21.71 -10.12
N LEU I 320 -57.27 22.43 -11.14
CA LEU I 320 -57.27 21.89 -12.50
C LEU I 320 -55.86 21.57 -12.98
N ARG I 321 -54.87 22.35 -12.56
CA ARG I 321 -53.49 22.09 -12.95
C ARG I 321 -52.99 20.76 -12.41
N SER I 322 -53.67 20.18 -11.42
CA SER I 322 -53.30 18.89 -10.85
C SER I 322 -54.24 17.77 -11.28
N LEU I 323 -55.17 18.04 -12.21
CA LEU I 323 -56.15 17.04 -12.62
C LEU I 323 -56.10 16.67 -14.09
N THR I 324 -55.65 17.57 -14.96
CA THR I 324 -55.64 17.31 -16.39
C THR I 324 -54.40 17.92 -17.03
N PRO I 325 -53.87 17.29 -18.07
CA PRO I 325 -52.78 17.92 -18.84
C PRO I 325 -53.24 19.04 -19.73
N LEU I 326 -54.56 19.20 -19.92
CA LEU I 326 -55.09 20.24 -20.79
C LEU I 326 -54.90 21.61 -20.15
N ASP I 327 -55.09 22.65 -20.96
CA ASP I 327 -54.94 24.02 -20.49
C ASP I 327 -56.05 24.34 -19.50
N ALA I 328 -55.69 24.50 -18.22
CA ALA I 328 -56.69 24.75 -17.19
C ALA I 328 -57.38 26.09 -17.40
N ARG I 329 -56.61 27.14 -17.71
CA ARG I 329 -57.21 28.43 -18.02
C ARG I 329 -58.17 28.33 -19.20
N ASP I 330 -57.79 27.57 -20.23
CA ASP I 330 -58.67 27.40 -21.38
C ASP I 330 -59.97 26.71 -20.99
N ILE I 331 -59.88 25.65 -20.17
CA ILE I 331 -61.09 24.95 -19.74
C ILE I 331 -61.99 25.90 -18.95
N LEU I 332 -61.42 26.57 -17.94
CA LEU I 332 -62.20 27.50 -17.12
C LEU I 332 -62.87 28.55 -17.98
N MET I 333 -62.16 29.06 -18.99
CA MET I 333 -62.77 30.01 -19.91
C MET I 333 -63.90 29.34 -20.69
N GLN I 334 -63.73 28.07 -21.05
CA GLN I 334 -64.79 27.36 -21.76
C GLN I 334 -66.05 27.25 -20.93
N ILE I 335 -65.92 27.11 -19.61
CA ILE I 335 -67.09 26.99 -18.75
C ILE I 335 -67.50 28.37 -18.24
N GLY I 336 -66.93 29.41 -18.84
CA GLY I 336 -67.35 30.78 -18.53
C GLY I 336 -66.94 31.29 -17.16
N LYS I 337 -65.86 30.75 -16.59
CA LYS I 337 -65.36 31.21 -15.31
C LYS I 337 -64.01 31.88 -15.49
N GLN I 338 -63.74 32.87 -14.63
CA GLN I 338 -62.47 33.58 -14.68
C GLN I 338 -61.40 32.82 -13.92
N GLU I 339 -60.14 33.26 -14.11
CA GLU I 339 -59.02 32.55 -13.48
C GLU I 339 -59.12 32.61 -11.96
N ASP I 340 -59.62 33.71 -11.41
CA ASP I 340 -59.72 33.89 -9.97
C ASP I 340 -60.98 33.26 -9.38
N GLU I 341 -61.72 32.49 -10.16
CA GLU I 341 -62.91 31.83 -9.65
C GLU I 341 -62.55 30.87 -8.52
N LYS I 342 -63.27 30.97 -7.41
CA LYS I 342 -63.03 30.11 -6.25
C LYS I 342 -63.93 28.89 -6.30
N VAL I 343 -63.47 27.82 -5.66
CA VAL I 343 -64.22 26.55 -5.66
C VAL I 343 -65.60 26.76 -5.06
N VAL I 344 -65.67 27.45 -3.92
CA VAL I 344 -66.95 27.60 -3.23
C VAL I 344 -67.96 28.41 -4.04
N ASN I 345 -67.51 29.13 -5.07
CA ASN I 345 -68.39 29.91 -5.93
C ASN I 345 -68.94 29.11 -7.11
N MET I 346 -68.47 27.89 -7.31
CA MET I 346 -68.92 27.08 -8.44
C MET I 346 -70.23 26.39 -8.11
N HIS I 347 -71.20 26.51 -9.01
CA HIS I 347 -72.47 25.81 -8.84
C HIS I 347 -72.34 24.34 -9.26
N PRO I 348 -73.24 23.49 -8.77
CA PRO I 348 -73.20 22.07 -9.20
C PRO I 348 -73.21 21.91 -10.71
N GLN I 349 -74.06 22.67 -11.41
CA GLN I 349 -74.05 22.61 -12.86
C GLN I 349 -72.73 23.11 -13.43
N ASP I 350 -72.05 24.01 -12.72
CA ASP I 350 -70.71 24.40 -13.14
C ASP I 350 -69.74 23.24 -13.03
N PHE I 351 -69.85 22.44 -11.97
CA PHE I 351 -69.02 21.24 -11.85
C PHE I 351 -69.32 20.27 -12.98
N LYS I 352 -70.61 20.00 -13.23
CA LYS I 352 -70.98 19.04 -14.25
C LYS I 352 -70.50 19.49 -15.63
N THR I 353 -70.72 20.76 -15.97
CA THR I 353 -70.26 21.27 -17.26
C THR I 353 -68.74 21.26 -17.34
N LEU I 354 -68.06 21.45 -16.21
CA LEU I 354 -66.60 21.31 -16.18
C LEU I 354 -66.19 19.89 -16.58
N PHE I 355 -66.76 18.89 -15.90
CA PHE I 355 -66.41 17.50 -16.20
C PHE I 355 -66.71 17.15 -17.65
N GLU I 356 -67.92 17.50 -18.11
CA GLU I 356 -68.29 17.18 -19.49
C GLU I 356 -67.38 17.90 -20.47
N THR I 357 -66.97 19.13 -20.15
CA THR I 357 -66.08 19.87 -21.04
C THR I 357 -64.72 19.20 -21.12
N ILE I 358 -64.19 18.70 -20.00
CA ILE I 358 -62.90 18.01 -20.05
C ILE I 358 -63.03 16.69 -20.80
N GLU I 359 -64.11 15.95 -20.56
CA GLU I 359 -64.32 14.70 -21.28
C GLU I 359 -64.48 14.93 -22.77
N ARG I 360 -65.01 16.09 -23.17
CA ARG I 360 -65.28 16.36 -24.57
C ARG I 360 -64.02 16.56 -25.40
N SER I 361 -62.90 16.92 -24.76
CA SER I 361 -61.67 17.21 -25.50
C SER I 361 -61.35 16.05 -26.45
N LYS I 362 -60.95 16.40 -27.67
CA LYS I 362 -60.84 15.42 -28.76
C LYS I 362 -59.41 15.00 -29.05
N ASP I 363 -58.49 15.95 -29.19
CA ASP I 363 -57.16 15.66 -29.72
C ASP I 363 -56.14 15.57 -28.59
N CYS I 364 -56.28 14.52 -27.79
CA CYS I 364 -55.31 14.22 -26.73
C CYS I 364 -55.38 12.73 -26.43
N ALA I 365 -54.22 12.14 -26.16
CA ALA I 365 -54.18 10.72 -25.82
C ALA I 365 -54.88 10.43 -24.52
N TYR I 366 -55.03 11.42 -23.64
CA TYR I 366 -55.68 11.22 -22.35
C TYR I 366 -56.15 12.56 -21.82
N LYS I 367 -57.25 12.52 -21.07
CA LYS I 367 -57.87 13.72 -20.53
C LYS I 367 -57.76 13.83 -19.02
N TRP I 368 -57.59 12.71 -18.32
CA TRP I 368 -57.53 12.71 -16.87
C TRP I 368 -56.25 12.04 -16.38
N LEU I 369 -55.90 12.36 -15.14
CA LEU I 369 -54.71 11.86 -14.47
C LEU I 369 -55.07 10.89 -13.34
N TYR I 370 -56.16 10.14 -13.51
CA TYR I 370 -56.71 9.34 -12.43
C TYR I 370 -55.99 7.99 -12.37
N ASP I 371 -55.36 7.74 -11.23
CA ASP I 371 -54.60 6.52 -10.98
C ASP I 371 -54.51 6.29 -9.48
N GLU I 372 -55.55 5.69 -8.89
CA GLU I 372 -55.61 5.44 -7.47
C GLU I 372 -56.29 4.11 -7.19
N THR I 373 -55.83 3.44 -6.14
CA THR I 373 -56.44 2.18 -5.71
C THR I 373 -57.65 2.44 -4.83
N LYS J 53 31.28 24.27 23.45
CA LYS J 53 31.50 25.01 22.21
C LYS J 53 32.09 26.38 22.50
N ARG J 54 32.04 27.26 21.49
CA ARG J 54 32.47 28.64 21.63
C ARG J 54 31.25 29.52 21.88
N TYR J 55 31.38 30.43 22.84
CA TYR J 55 30.30 31.34 23.18
C TYR J 55 30.85 32.73 23.42
N VAL J 56 30.12 33.74 22.94
CA VAL J 56 30.49 35.13 23.16
C VAL J 56 30.08 35.49 24.59
N THR J 57 31.08 35.71 25.45
CA THR J 57 30.84 36.04 26.85
C THR J 57 31.31 37.43 27.23
N ASP J 58 32.01 38.14 26.35
CA ASP J 58 32.49 39.48 26.63
C ASP J 58 31.47 40.50 26.13
N ARG J 59 31.14 41.45 27.00
CA ARG J 59 30.13 42.46 26.64
C ARG J 59 30.63 43.37 25.52
N ARG J 60 31.88 43.82 25.62
CA ARG J 60 32.41 44.73 24.61
C ARG J 60 32.40 44.10 23.22
N LEU J 61 32.85 42.84 23.12
CA LEU J 61 32.79 42.14 21.85
C LEU J 61 31.36 42.05 21.33
N ALA J 62 30.40 41.82 22.24
CA ALA J 62 29.00 41.74 21.83
C ALA J 62 28.52 43.08 21.26
N GLU J 63 28.93 44.19 21.87
CA GLU J 63 28.53 45.49 21.37
C GLU J 63 29.16 45.77 20.01
N THR J 64 30.47 45.51 19.87
CA THR J 64 31.13 45.71 18.58
C THR J 64 30.45 44.88 17.50
N LEU J 65 30.18 43.60 17.78
CA LEU J 65 29.49 42.76 16.81
C LEU J 65 28.11 43.34 16.47
N ALA J 66 27.38 43.81 17.48
CA ALA J 66 26.06 44.38 17.22
C ALA J 66 26.16 45.56 16.25
N GLN J 67 27.12 46.46 16.50
CA GLN J 67 27.28 47.61 15.62
C GLN J 67 27.68 47.17 14.21
N ILE J 68 28.51 46.13 14.11
CA ILE J 68 28.91 45.63 12.79
C ILE J 68 27.70 45.08 12.04
N TYR J 69 26.96 44.17 12.67
CA TYR J 69 25.86 43.49 11.98
C TYR J 69 24.73 44.46 11.63
N LEU J 70 24.43 45.42 12.51
CA LEU J 70 23.43 46.41 12.14
C LEU J 70 23.97 47.34 11.05
N GLY J 71 25.25 47.69 11.13
CA GLY J 71 25.94 48.38 10.05
C GLY J 71 25.15 49.51 9.41
N HIS J 78 16.52 44.58 8.21
CA HIS J 78 16.80 43.19 7.83
C HIS J 78 16.71 42.28 9.05
N LEU J 79 16.55 40.98 8.81
CA LEU J 79 16.39 40.00 9.87
C LEU J 79 17.74 39.33 10.15
N LEU J 80 18.01 39.09 11.43
CA LEU J 80 19.26 38.50 11.87
C LEU J 80 18.98 37.17 12.55
N LEU J 81 19.64 36.11 12.07
CA LEU J 81 19.58 34.80 12.69
C LEU J 81 20.89 34.56 13.43
N GLU J 82 20.83 34.50 14.76
CA GLU J 82 22.01 34.30 15.59
C GLU J 82 22.13 32.84 15.98
N CYS J 83 23.28 32.24 15.70
CA CYS J 83 23.50 30.83 15.96
C CYS J 83 24.17 30.63 17.32
N ASN J 84 23.62 29.72 18.12
CA ASN J 84 24.20 29.35 19.41
C ASN J 84 24.56 30.57 20.26
N PRO J 85 23.58 31.36 20.68
CA PRO J 85 23.90 32.53 21.50
C PRO J 85 24.46 32.17 22.86
N GLY J 86 24.14 30.99 23.39
CA GLY J 86 24.62 30.58 24.68
C GLY J 86 24.13 31.48 25.80
N PRO J 87 25.07 32.07 26.55
CA PRO J 87 24.66 32.96 27.65
C PRO J 87 23.79 34.13 27.21
N GLY J 88 23.75 34.44 25.92
CA GLY J 88 22.92 35.52 25.44
C GLY J 88 23.51 36.91 25.55
N ILE J 89 24.85 37.01 25.64
CA ILE J 89 25.48 38.32 25.67
C ILE J 89 25.32 39.02 24.33
N LEU J 90 25.62 38.31 23.23
CA LEU J 90 25.44 38.88 21.91
C LEU J 90 23.97 39.17 21.62
N THR J 91 23.08 38.27 22.07
CA THR J 91 21.65 38.51 21.89
C THR J 91 21.23 39.78 22.60
N GLN J 92 21.65 39.96 23.86
CA GLN J 92 21.28 41.16 24.60
C GLN J 92 21.87 42.41 23.96
N ALA J 93 23.10 42.31 23.45
CA ALA J 93 23.70 43.47 22.78
C ALA J 93 22.94 43.83 21.51
N LEU J 94 22.52 42.83 20.73
CA LEU J 94 21.75 43.11 19.52
C LEU J 94 20.41 43.73 19.86
N LEU J 95 19.71 43.15 20.84
CA LEU J 95 18.40 43.69 21.22
C LEU J 95 18.51 45.10 21.74
N GLU J 96 19.50 45.37 22.59
CA GLU J 96 19.72 46.74 23.05
C GLU J 96 20.07 47.67 21.89
N ALA J 97 20.76 47.15 20.87
CA ALA J 97 21.11 47.96 19.71
C ALA J 97 19.94 48.11 18.73
N GLY J 98 18.84 47.39 18.94
CA GLY J 98 17.66 47.54 18.11
C GLY J 98 17.48 46.53 17.02
N ALA J 99 18.19 45.40 17.06
CA ALA J 99 18.08 44.40 16.02
C ALA J 99 16.85 43.51 16.24
N LYS J 100 16.36 42.95 15.13
CA LYS J 100 15.29 41.96 15.15
C LYS J 100 15.95 40.59 15.03
N VAL J 101 15.86 39.79 16.09
CA VAL J 101 16.72 38.63 16.26
C VAL J 101 15.90 37.36 16.35
N VAL J 102 16.32 36.34 15.62
CA VAL J 102 15.86 34.97 15.78
C VAL J 102 17.07 34.13 16.16
N ALA J 103 17.06 33.60 17.38
CA ALA J 103 18.16 32.81 17.90
C ALA J 103 17.89 31.33 17.66
N LEU J 104 18.82 30.65 16.98
CA LEU J 104 18.75 29.21 16.75
C LEU J 104 19.71 28.56 17.74
N GLU J 105 19.19 28.18 18.90
CA GLU J 105 20.01 27.66 20.00
C GLU J 105 19.97 26.13 19.97
N SER J 106 21.16 25.52 19.89
CA SER J 106 21.24 24.06 19.87
C SER J 106 21.11 23.45 21.26
N ASP J 107 21.48 24.18 22.31
CA ASP J 107 21.45 23.68 23.67
C ASP J 107 20.24 24.27 24.37
N LYS J 108 19.27 23.41 24.72
CA LYS J 108 18.03 23.86 25.32
C LYS J 108 18.24 24.52 26.68
N THR J 109 19.37 24.25 27.34
CA THR J 109 19.58 24.80 28.68
C THR J 109 19.70 26.32 28.65
N PHE J 110 20.13 26.89 27.54
CA PHE J 110 20.28 28.34 27.44
C PHE J 110 19.00 29.06 27.06
N ILE J 111 17.94 28.32 26.69
CA ILE J 111 16.75 28.90 26.09
C ILE J 111 15.97 29.75 27.09
N PRO J 112 15.74 29.28 28.32
CA PRO J 112 14.93 30.06 29.27
C PRO J 112 15.40 31.51 29.39
N HIS J 113 16.66 31.70 29.80
CA HIS J 113 17.18 33.05 29.95
C HIS J 113 16.96 33.86 28.68
N LEU J 114 17.30 33.27 27.53
CA LEU J 114 17.07 33.96 26.27
C LEU J 114 15.62 34.41 26.15
N GLU J 115 14.68 33.48 26.37
CA GLU J 115 13.27 33.87 26.34
C GLU J 115 12.99 34.99 27.32
N SER J 116 13.58 34.90 28.52
CA SER J 116 13.43 35.98 29.49
C SER J 116 13.85 37.31 28.86
N LEU J 117 15.02 37.33 28.22
CA LEU J 117 15.45 38.54 27.53
C LEU J 117 14.38 39.00 26.56
N GLY J 118 13.87 38.07 25.75
CA GLY J 118 12.80 38.44 24.84
C GLY J 118 11.58 38.97 25.55
N LYS J 119 11.19 38.30 26.65
CA LYS J 119 10.06 38.80 27.43
C LYS J 119 10.36 40.17 28.00
N ASN J 120 11.63 40.45 28.32
CA ASN J 120 12.01 41.80 28.69
C ASN J 120 11.67 42.79 27.58
N LEU J 121 12.06 42.45 26.35
CA LEU J 121 11.68 43.29 25.21
C LEU J 121 10.26 43.01 24.77
N ASP J 122 9.84 41.74 24.78
CA ASP J 122 8.48 41.36 24.42
C ASP J 122 8.09 41.92 23.07
N GLY J 123 9.00 41.82 22.10
CA GLY J 123 8.78 42.35 20.78
C GLY J 123 8.80 41.29 19.70
N LYS J 124 9.73 41.40 18.76
CA LYS J 124 9.83 40.48 17.63
C LYS J 124 10.99 39.50 17.76
N LEU J 125 11.66 39.47 18.90
CA LEU J 125 12.66 38.43 19.14
C LEU J 125 12.00 37.07 19.16
N ARG J 126 12.69 36.07 18.63
CA ARG J 126 12.14 34.72 18.59
C ARG J 126 13.25 33.71 18.86
N VAL J 127 12.99 32.80 19.79
CA VAL J 127 13.97 31.80 20.23
C VAL J 127 13.48 30.43 19.75
N ILE J 128 14.33 29.74 18.98
CA ILE J 128 14.01 28.42 18.46
C ILE J 128 15.10 27.46 18.90
N HIS J 129 14.69 26.28 19.36
CA HIS J 129 15.63 25.20 19.68
C HIS J 129 15.99 24.51 18.38
N CYS J 130 17.06 24.97 17.75
CA CYS J 130 17.45 24.48 16.43
C CYS J 130 18.97 24.59 16.28
N ASP J 131 19.58 23.51 15.81
CA ASP J 131 21.00 23.49 15.48
C ASP J 131 21.15 23.77 13.99
N PHE J 132 21.57 24.99 13.65
CA PHE J 132 21.70 25.36 12.24
C PHE J 132 22.60 24.40 11.49
N PHE J 133 23.64 23.88 12.14
CA PHE J 133 24.60 23.01 11.49
C PHE J 133 24.06 21.61 11.23
N LYS J 134 22.82 21.33 11.67
CA LYS J 134 22.17 20.05 11.42
C LYS J 134 20.95 20.18 10.51
N LEU J 135 20.72 21.36 9.95
CA LEU J 135 19.56 21.56 9.09
C LEU J 135 19.71 20.77 7.80
N ASP J 136 18.62 20.13 7.38
CA ASP J 136 18.56 19.42 6.11
C ASP J 136 19.75 18.46 5.98
N PRO J 137 19.78 17.37 6.75
CA PRO J 137 20.90 16.43 6.64
C PRO J 137 20.95 15.77 5.29
N ARG J 138 22.16 15.65 4.74
CA ARG J 138 22.33 15.03 3.44
C ARG J 138 22.07 13.53 3.54
N SER J 139 21.22 13.02 2.65
CA SER J 139 20.83 11.61 2.66
C SER J 139 20.30 11.20 4.04
N GLY J 140 19.47 12.06 4.63
CA GLY J 140 18.92 11.78 5.94
C GLY J 140 17.41 11.66 5.93
N GLY J 141 16.87 11.02 6.96
CA GLY J 141 15.43 10.84 7.08
C GLY J 141 14.69 11.93 7.82
N VAL J 142 15.38 13.00 8.21
CA VAL J 142 14.75 14.09 8.95
C VAL J 142 14.12 13.53 10.22
N ILE J 143 14.97 13.09 11.16
CA ILE J 143 14.49 12.44 12.37
C ILE J 143 15.32 12.88 13.56
N LYS J 144 15.16 14.14 13.96
CA LYS J 144 15.80 14.68 15.15
C LYS J 144 15.16 16.01 15.51
N PRO J 145 15.06 16.35 16.80
CA PRO J 145 14.47 17.63 17.19
C PRO J 145 15.37 18.80 16.86
N PRO J 146 16.66 18.76 17.25
CA PRO J 146 17.54 19.89 16.93
C PRO J 146 17.75 20.08 15.45
N ALA J 147 17.84 18.99 14.68
CA ALA J 147 17.89 19.08 13.23
C ALA J 147 16.50 19.36 12.67
N MET J 148 16.45 20.24 11.68
CA MET J 148 15.17 20.67 11.10
C MET J 148 15.35 20.87 9.61
N SER J 149 14.25 21.27 8.95
CA SER J 149 14.25 21.61 7.55
C SER J 149 14.17 23.13 7.40
N SER J 150 15.05 23.68 6.56
CA SER J 150 15.04 25.13 6.33
C SER J 150 13.74 25.58 5.70
N ARG J 151 13.06 24.68 4.98
CA ARG J 151 11.75 25.02 4.43
C ARG J 151 10.74 25.28 5.54
N GLY J 152 10.69 24.38 6.52
CA GLY J 152 9.75 24.57 7.62
C GLY J 152 10.14 25.71 8.53
N LEU J 153 11.43 25.84 8.85
CA LEU J 153 11.88 26.93 9.69
C LEU J 153 11.60 28.29 9.04
N PHE J 154 12.07 28.47 7.80
CA PHE J 154 11.83 29.73 7.11
C PHE J 154 10.35 29.97 6.87
N LYS J 155 9.56 28.91 6.65
CA LYS J 155 8.12 29.09 6.52
C LYS J 155 7.52 29.61 7.82
N ASN J 156 7.96 29.07 8.96
CA ASN J 156 7.47 29.55 10.24
C ASN J 156 7.89 30.99 10.49
N LEU J 157 9.10 31.36 10.09
CA LEU J 157 9.60 32.71 10.30
C LEU J 157 9.07 33.71 9.27
N GLY J 158 8.31 33.25 8.28
CA GLY J 158 7.76 34.17 7.30
C GLY J 158 8.76 34.70 6.30
N ILE J 159 9.81 33.94 6.00
CA ILE J 159 10.83 34.34 5.06
C ILE J 159 10.47 33.80 3.68
N GLU J 160 10.43 34.67 2.69
CA GLU J 160 10.04 34.30 1.33
C GLU J 160 11.27 34.24 0.44
N ALA J 161 11.30 33.26 -0.45
CA ALA J 161 12.43 33.08 -1.35
C ALA J 161 12.50 34.21 -2.37
N VAL J 162 13.71 34.58 -2.74
CA VAL J 162 13.94 35.61 -3.75
C VAL J 162 14.90 35.06 -4.80
N PRO J 163 14.86 35.62 -6.00
CA PRO J 163 15.77 35.13 -7.06
C PRO J 163 17.23 35.33 -6.67
N TRP J 164 18.09 34.49 -7.25
CA TRP J 164 19.51 34.56 -6.94
C TRP J 164 20.07 35.96 -7.21
N THR J 165 19.61 36.59 -8.29
CA THR J 165 20.12 37.91 -8.65
C THR J 165 19.66 38.99 -7.68
N ALA J 166 18.64 38.71 -6.87
CA ALA J 166 18.13 39.70 -5.95
C ALA J 166 19.12 39.94 -4.80
N ASP J 167 18.86 40.98 -4.02
CA ASP J 167 19.75 41.34 -2.94
C ASP J 167 19.60 40.37 -1.78
N ILE J 168 20.51 40.50 -0.81
CA ILE J 168 20.56 39.62 0.36
C ILE J 168 19.24 39.70 1.12
N PRO J 169 18.48 38.61 1.20
CA PRO J 169 17.20 38.67 1.92
C PRO J 169 17.34 38.54 3.44
N LEU J 170 18.37 37.83 3.88
CA LEU J 170 18.52 37.51 5.30
C LEU J 170 20.00 37.38 5.63
N LYS J 171 20.32 37.60 6.90
CA LYS J 171 21.70 37.53 7.39
C LYS J 171 21.77 36.57 8.58
N VAL J 172 22.74 35.66 8.54
CA VAL J 172 22.98 34.70 9.60
C VAL J 172 24.37 34.95 10.17
N VAL J 173 24.49 34.96 11.49
CA VAL J 173 25.75 35.24 12.16
C VAL J 173 25.97 34.20 13.25
N GLY J 174 27.24 33.92 13.53
CA GLY J 174 27.56 33.02 14.62
C GLY J 174 29.04 32.62 14.59
N MET J 175 29.32 31.47 15.19
CA MET J 175 30.68 30.96 15.32
C MET J 175 30.70 29.49 14.95
N PHE J 176 31.65 29.10 14.11
CA PHE J 176 31.82 27.70 13.76
C PHE J 176 32.21 26.87 15.00
N PRO J 177 31.86 25.59 15.02
CA PRO J 177 32.36 24.72 16.09
C PRO J 177 33.88 24.64 16.05
N SER J 178 34.49 24.62 17.24
CA SER J 178 35.95 24.67 17.33
C SER J 178 36.62 23.49 16.64
N ARG J 179 35.94 22.36 16.49
CA ARG J 179 36.52 21.18 15.86
C ARG J 179 35.64 20.61 14.76
N GLY J 180 34.76 21.42 14.17
CA GLY J 180 33.94 20.98 13.06
C GLY J 180 33.92 22.01 11.93
N GLU J 181 35.01 22.78 11.84
CA GLU J 181 35.07 23.85 10.85
C GLU J 181 35.04 23.30 9.43
N LYS J 182 35.86 22.29 9.14
CA LYS J 182 35.88 21.72 7.80
C LYS J 182 34.53 21.09 7.47
N ARG J 183 33.95 20.33 8.41
CA ARG J 183 32.65 19.72 8.19
C ARG J 183 31.61 20.78 7.84
N ALA J 184 31.54 21.84 8.64
CA ALA J 184 30.54 22.88 8.40
C ALA J 184 30.77 23.57 7.06
N LEU J 185 32.03 23.86 6.74
CA LEU J 185 32.33 24.53 5.47
C LEU J 185 31.94 23.65 4.29
N TRP J 186 32.19 22.35 4.37
CA TRP J 186 31.82 21.45 3.28
C TRP J 186 30.31 21.34 3.15
N LYS J 187 29.61 21.15 4.28
CA LYS J 187 28.16 21.06 4.22
C LYS J 187 27.55 22.32 3.63
N LEU J 188 27.94 23.49 4.12
CA LEU J 188 27.44 24.74 3.59
C LEU J 188 27.81 24.90 2.12
N ALA J 189 28.97 24.37 1.71
CA ALA J 189 29.35 24.43 0.30
C ALA J 189 28.39 23.61 -0.54
N TYR J 190 28.10 22.38 -0.12
CA TYR J 190 27.13 21.55 -0.82
C TYR J 190 25.79 22.28 -0.93
N ASP J 191 25.30 22.81 0.20
CA ASP J 191 24.02 23.51 0.17
C ASP J 191 24.05 24.68 -0.80
N LEU J 192 25.15 25.44 -0.82
CA LEU J 192 25.22 26.62 -1.66
C LEU J 192 25.25 26.26 -3.14
N TYR J 193 26.18 25.39 -3.53
CA TYR J 193 26.28 25.02 -4.94
C TYR J 193 25.05 24.25 -5.42
N SER J 194 24.34 23.57 -4.51
CA SER J 194 23.14 22.85 -4.88
C SER J 194 21.89 23.71 -4.82
N CYS J 195 21.99 24.94 -4.31
CA CYS J 195 20.84 25.83 -4.16
C CYS J 195 19.73 25.16 -3.35
N THR J 196 20.12 24.48 -2.28
CA THR J 196 19.20 23.84 -1.37
C THR J 196 19.35 24.45 0.03
N SER J 197 18.58 23.94 0.98
CA SER J 197 18.58 24.46 2.33
C SER J 197 18.30 25.96 2.31
N ILE J 198 19.00 26.72 3.15
CA ILE J 198 18.74 28.16 3.24
C ILE J 198 18.98 28.83 1.89
N TYR J 199 19.95 28.34 1.12
CA TYR J 199 20.26 28.94 -0.17
C TYR J 199 19.16 28.70 -1.20
N LYS J 200 18.13 27.92 -0.87
CA LYS J 200 16.94 27.87 -1.71
C LYS J 200 16.20 29.20 -1.71
N PHE J 201 16.44 30.06 -0.72
CA PHE J 201 15.72 31.32 -0.57
C PHE J 201 16.50 32.53 -1.08
N GLY J 202 17.75 32.35 -1.50
CA GLY J 202 18.52 33.44 -2.06
C GLY J 202 19.94 33.45 -1.53
N ARG J 203 20.65 34.54 -1.83
CA ARG J 203 22.06 34.70 -1.45
C ARG J 203 22.12 35.17 0.00
N ILE J 204 22.08 34.21 0.91
CA ILE J 204 22.12 34.51 2.34
C ILE J 204 23.53 34.95 2.72
N GLU J 205 23.63 36.11 3.38
CA GLU J 205 24.90 36.59 3.89
C GLU J 205 25.20 35.92 5.21
N VAL J 206 26.38 35.32 5.33
CA VAL J 206 26.74 34.53 6.51
C VAL J 206 28.05 35.06 7.10
N ASN J 207 27.99 35.51 8.34
CA ASN J 207 29.15 35.99 9.08
C ASN J 207 29.45 35.02 10.21
N MET J 208 30.64 34.44 10.20
CA MET J 208 30.97 33.37 11.14
C MET J 208 32.39 33.51 11.67
N PHE J 209 32.58 33.21 12.95
CA PHE J 209 33.90 33.10 13.52
C PHE J 209 34.55 31.78 13.11
N ILE J 210 35.83 31.84 12.74
CA ILE J 210 36.57 30.68 12.29
C ILE J 210 37.99 30.73 12.83
N GLY J 211 38.60 29.56 13.00
CA GLY J 211 39.96 29.50 13.48
C GLY J 211 40.96 30.07 12.50
N GLU J 212 42.15 30.37 13.03
CA GLU J 212 43.18 31.02 12.20
C GLU J 212 43.72 30.08 11.14
N LYS J 213 43.97 28.81 11.49
CA LYS J 213 44.51 27.86 10.54
C LYS J 213 43.58 27.69 9.35
N GLU J 214 42.31 27.34 9.61
CA GLU J 214 41.36 27.16 8.52
C GLU J 214 41.11 28.46 7.78
N PHE J 215 41.31 29.60 8.44
CA PHE J 215 41.19 30.88 7.76
C PHE J 215 42.31 31.04 6.73
N GLN J 216 43.55 30.79 7.14
CA GLN J 216 44.68 30.92 6.21
C GLN J 216 44.56 29.92 5.06
N LYS J 217 44.17 28.67 5.37
CA LYS J 217 43.98 27.70 4.30
C LYS J 217 42.86 28.13 3.37
N LEU J 218 41.79 28.70 3.90
CA LEU J 218 40.68 29.13 3.07
C LEU J 218 41.07 30.31 2.18
N MET J 219 41.93 31.19 2.68
CA MET J 219 42.33 32.38 1.94
C MET J 219 43.61 32.18 1.14
N ALA J 220 44.19 30.99 1.15
CA ALA J 220 45.41 30.75 0.41
C ALA J 220 45.15 30.75 -1.09
N ASP J 221 46.23 30.91 -1.86
CA ASP J 221 46.16 30.92 -3.32
C ASP J 221 47.54 30.58 -3.87
N PRO J 222 47.74 30.64 -5.21
CA PRO J 222 49.08 30.38 -5.76
C PRO J 222 50.15 31.25 -5.11
N GLY J 223 49.76 32.39 -4.54
CA GLY J 223 50.71 33.22 -3.82
C GLY J 223 51.21 32.55 -2.55
N ASN J 224 50.40 31.68 -1.95
CA ASN J 224 50.78 30.89 -0.78
C ASN J 224 50.41 29.45 -1.08
N PRO J 225 51.22 28.75 -1.86
CA PRO J 225 50.80 27.44 -2.38
C PRO J 225 50.60 26.38 -1.32
N ASP J 226 51.29 26.46 -0.19
CA ASP J 226 51.26 25.38 0.79
C ASP J 226 49.88 25.18 1.41
N LEU J 227 49.04 26.22 1.44
CA LEU J 227 47.71 26.12 2.04
C LEU J 227 46.59 26.13 1.01
N TYR J 228 46.91 26.15 -0.28
CA TYR J 228 45.90 26.19 -1.32
C TYR J 228 45.20 24.84 -1.44
N HIS J 229 43.87 24.85 -1.39
CA HIS J 229 43.13 23.58 -1.35
C HIS J 229 41.77 23.72 -2.03
N VAL J 230 41.07 22.59 -2.09
CA VAL J 230 39.78 22.51 -2.77
C VAL J 230 38.79 23.48 -2.15
N LEU J 231 38.71 23.51 -0.82
CA LEU J 231 37.80 24.44 -0.17
C LEU J 231 38.17 25.88 -0.48
N SER J 232 39.47 26.18 -0.60
CA SER J 232 39.88 27.51 -1.02
C SER J 232 39.30 27.85 -2.38
N VAL J 233 39.42 26.93 -3.34
CA VAL J 233 38.88 27.17 -4.68
C VAL J 233 37.37 27.37 -4.61
N ILE J 234 36.68 26.43 -3.95
CA ILE J 234 35.21 26.44 -3.93
C ILE J 234 34.69 27.73 -3.32
N TRP J 235 35.22 28.11 -2.16
CA TRP J 235 34.67 29.27 -1.45
C TRP J 235 35.13 30.58 -2.07
N GLN J 236 36.36 30.64 -2.60
CA GLN J 236 36.79 31.86 -3.27
C GLN J 236 36.00 32.10 -4.56
N LEU J 237 35.61 31.02 -5.24
CA LEU J 237 34.71 31.18 -6.39
C LEU J 237 33.28 31.46 -5.98
N ALA J 238 32.86 30.97 -4.81
CA ALA J 238 31.46 31.06 -4.43
C ALA J 238 31.10 32.42 -3.83
N CYS J 239 31.96 32.97 -2.97
CA CYS J 239 31.58 34.15 -2.20
C CYS J 239 32.71 35.17 -2.21
N GLU J 240 32.32 36.44 -1.99
CA GLU J 240 33.27 37.52 -1.75
C GLU J 240 33.46 37.61 -0.24
N ILE J 241 34.56 37.05 0.25
CA ILE J 241 34.82 36.93 1.68
C ILE J 241 35.57 38.16 2.16
N LYS J 242 35.13 38.74 3.28
CA LYS J 242 35.80 39.90 3.84
C LYS J 242 35.91 39.76 5.35
N VAL J 243 37.05 40.14 5.90
CA VAL J 243 37.29 40.05 7.33
C VAL J 243 36.60 41.22 8.01
N LEU J 244 35.65 40.91 8.91
CA LEU J 244 34.92 41.94 9.64
C LEU J 244 35.48 42.17 11.05
N HIS J 245 36.14 41.18 11.64
CA HIS J 245 36.67 41.34 12.98
C HIS J 245 37.62 40.17 13.27
N MET J 246 38.60 40.43 14.13
CA MET J 246 39.58 39.43 14.53
C MET J 246 39.62 39.39 16.06
N GLU J 247 39.30 38.22 16.62
CA GLU J 247 39.26 38.03 18.07
C GLU J 247 40.34 37.05 18.49
N PRO J 248 41.32 37.47 19.31
CA PRO J 248 42.37 36.57 19.80
C PRO J 248 41.91 35.67 20.93
N LYS J 276 43.45 32.66 17.97
CA LYS J 276 42.86 33.77 17.23
C LYS J 276 41.62 33.33 16.45
N LEU J 277 40.55 34.12 16.52
CA LEU J 277 39.32 33.87 15.79
C LEU J 277 39.07 35.01 14.83
N TYR J 278 38.75 34.67 13.57
CA TYR J 278 38.47 35.64 12.53
C TYR J 278 36.98 35.59 12.19
N LEU J 279 36.31 36.74 12.30
CA LEU J 279 34.92 36.85 11.86
C LEU J 279 34.91 37.12 10.36
N ILE J 280 34.55 36.10 9.57
CA ILE J 280 34.57 36.19 8.13
C ILE J 280 33.15 36.42 7.61
N GLN J 281 33.04 37.32 6.64
CA GLN J 281 31.78 37.62 5.96
C GLN J 281 31.79 36.93 4.61
N MET J 282 30.80 36.07 4.39
CA MET J 282 30.65 35.30 3.16
C MET J 282 29.34 35.71 2.51
N ILE J 283 29.45 36.43 1.40
CA ILE J 283 28.33 36.86 0.57
C ILE J 283 28.45 36.13 -0.76
N PRO J 284 27.45 35.35 -1.15
CA PRO J 284 27.54 34.63 -2.44
C PRO J 284 27.65 35.60 -3.61
N ARG J 285 28.50 35.25 -4.57
CA ARG J 285 28.65 36.08 -5.76
C ARG J 285 27.45 35.91 -6.67
N GLN J 286 26.96 37.05 -7.20
CA GLN J 286 25.85 36.99 -8.14
C GLN J 286 26.21 36.19 -9.40
N ASN J 287 27.48 36.28 -9.82
CA ASN J 287 27.92 35.65 -11.06
C ASN J 287 28.60 34.31 -10.84
N LEU J 288 28.34 33.67 -9.70
CA LEU J 288 28.91 32.35 -9.46
C LEU J 288 28.43 31.35 -10.49
N PHE J 289 27.12 31.23 -10.67
CA PHE J 289 26.56 30.29 -11.62
C PHE J 289 26.56 30.90 -13.02
N THR J 290 26.94 30.09 -14.01
CA THR J 290 26.99 30.54 -15.39
C THR J 290 26.26 29.58 -16.31
N LYS J 291 26.39 29.79 -17.62
CA LYS J 291 25.78 28.89 -18.59
C LYS J 291 26.35 27.48 -18.49
N ASN J 292 27.62 27.36 -18.10
CA ASN J 292 28.29 26.07 -18.04
C ASN J 292 28.55 25.58 -16.62
N LEU J 293 28.47 26.45 -15.62
CA LEU J 293 28.53 26.06 -14.21
C LEU J 293 27.17 26.36 -13.59
N THR J 294 26.39 25.31 -13.38
CA THR J 294 25.01 25.41 -12.94
C THR J 294 24.77 24.53 -11.72
N PRO J 295 23.64 24.71 -11.05
CA PRO J 295 23.29 23.79 -9.95
C PRO J 295 23.09 22.35 -10.40
N MET J 296 23.11 22.08 -11.70
CA MET J 296 22.92 20.73 -12.21
C MET J 296 24.23 19.97 -12.42
N ASN J 297 25.35 20.67 -12.52
CA ASN J 297 26.63 20.03 -12.78
C ASN J 297 27.72 20.43 -11.79
N TYR J 298 27.35 21.07 -10.68
CA TYR J 298 28.37 21.47 -9.71
C TYR J 298 29.12 20.27 -9.15
N ASN J 299 28.45 19.11 -9.06
CA ASN J 299 29.10 17.93 -8.53
C ASN J 299 30.30 17.53 -9.38
N ILE J 300 30.19 17.67 -10.71
CA ILE J 300 31.30 17.36 -11.59
C ILE J 300 32.47 18.30 -11.32
N PHE J 301 32.18 19.57 -11.03
CA PHE J 301 33.24 20.51 -10.71
C PHE J 301 33.92 20.15 -9.40
N PHE J 302 33.13 19.79 -8.38
CA PHE J 302 33.71 19.32 -7.13
C PHE J 302 34.60 18.11 -7.37
N HIS J 303 34.13 17.17 -8.20
CA HIS J 303 34.95 16.00 -8.53
C HIS J 303 36.26 16.40 -9.19
N LEU J 304 36.20 17.34 -10.13
CA LEU J 304 37.42 17.80 -10.78
C LEU J 304 38.39 18.42 -9.78
N LEU J 305 37.87 19.22 -8.84
CA LEU J 305 38.73 19.85 -7.85
C LEU J 305 39.38 18.79 -6.95
N LYS J 306 38.57 17.90 -6.38
CA LYS J 306 39.13 16.85 -5.53
C LYS J 306 40.17 16.02 -6.28
N HIS J 307 39.87 15.69 -7.54
CA HIS J 307 40.80 14.90 -8.34
C HIS J 307 42.13 15.65 -8.53
N CYS J 308 42.06 16.93 -8.89
CA CYS J 308 43.27 17.69 -9.13
C CYS J 308 44.10 17.84 -7.86
N PHE J 309 43.46 18.22 -6.75
CA PHE J 309 44.19 18.38 -5.50
C PHE J 309 44.55 17.05 -4.86
N GLY J 310 44.09 15.92 -5.40
CA GLY J 310 44.56 14.63 -4.93
C GLY J 310 46.05 14.44 -5.16
N ARG J 311 46.57 15.00 -6.25
CA ARG J 311 48.00 15.01 -6.57
C ARG J 311 48.35 16.44 -6.94
N ARG J 312 48.54 17.27 -5.92
CA ARG J 312 48.69 18.71 -6.14
C ARG J 312 50.00 19.03 -6.85
N SER J 313 51.01 18.17 -6.74
CA SER J 313 52.29 18.44 -7.36
C SER J 313 52.30 18.10 -8.85
N ALA J 314 51.35 17.31 -9.32
CA ALA J 314 51.34 16.88 -10.71
C ALA J 314 50.91 18.02 -11.63
N THR J 315 51.07 17.79 -12.93
CA THR J 315 50.69 18.77 -13.93
C THR J 315 49.18 18.71 -14.18
N VAL J 316 48.64 19.85 -14.64
CA VAL J 316 47.21 19.92 -14.90
C VAL J 316 46.81 18.96 -16.02
N ILE J 317 47.66 18.82 -17.03
CA ILE J 317 47.34 17.95 -18.15
C ILE J 317 47.22 16.50 -17.68
N ASP J 318 48.06 16.11 -16.71
CA ASP J 318 47.98 14.76 -16.18
C ASP J 318 46.60 14.46 -15.62
N HIS J 319 46.05 15.38 -14.82
CA HIS J 319 44.72 15.20 -14.27
C HIS J 319 43.66 15.26 -15.36
N LEU J 320 43.82 16.18 -16.31
CA LEU J 320 42.84 16.32 -17.38
C LEU J 320 42.73 15.05 -18.22
N ARG J 321 43.84 14.34 -18.41
CA ARG J 321 43.81 13.10 -19.19
C ARG J 321 42.97 12.01 -18.52
N SER J 322 42.68 12.15 -17.24
CA SER J 322 41.85 11.18 -16.53
C SER J 322 40.44 11.72 -16.25
N LEU J 323 40.11 12.89 -16.78
CA LEU J 323 38.83 13.54 -16.49
C LEU J 323 37.95 13.75 -17.71
N THR J 324 38.52 13.92 -18.90
CA THR J 324 37.73 14.21 -20.09
C THR J 324 38.31 13.49 -21.29
N PRO J 325 37.48 13.08 -22.25
CA PRO J 325 37.99 12.52 -23.50
C PRO J 325 38.57 13.57 -24.44
N LEU J 326 38.34 14.86 -24.18
CA LEU J 326 38.82 15.91 -25.06
C LEU J 326 40.34 16.04 -24.97
N ASP J 327 40.90 16.76 -25.95
CA ASP J 327 42.34 16.99 -26.01
C ASP J 327 42.75 17.89 -24.85
N ALA J 328 43.50 17.32 -23.90
CA ALA J 328 43.89 18.09 -22.71
C ALA J 328 44.78 19.26 -23.07
N ARG J 329 45.77 19.03 -23.95
CA ARG J 329 46.62 20.12 -24.41
C ARG J 329 45.78 21.21 -25.07
N ASP J 330 44.78 20.82 -25.87
CA ASP J 330 43.92 21.80 -26.52
C ASP J 330 43.16 22.62 -25.50
N ILE J 331 42.60 21.98 -24.47
CA ILE J 331 41.88 22.72 -23.44
C ILE J 331 42.83 23.68 -22.73
N LEU J 332 43.99 23.18 -22.28
CA LEU J 332 44.94 24.03 -21.59
C LEU J 332 45.32 25.24 -22.43
N MET J 333 45.51 25.04 -23.73
CA MET J 333 45.77 26.19 -24.60
C MET J 333 44.57 27.12 -24.65
N GLN J 334 43.36 26.56 -24.62
CA GLN J 334 42.16 27.40 -24.63
C GLN J 334 42.10 28.29 -23.39
N ILE J 335 42.57 27.80 -22.25
CA ILE J 335 42.52 28.60 -21.02
C ILE J 335 43.83 29.34 -20.84
N GLY J 336 44.67 29.35 -21.88
CA GLY J 336 45.88 30.14 -21.84
C GLY J 336 46.95 29.63 -20.90
N LYS J 337 46.96 28.34 -20.61
CA LYS J 337 47.96 27.73 -19.75
C LYS J 337 48.85 26.79 -20.57
N GLN J 338 50.12 26.69 -20.15
CA GLN J 338 51.06 25.81 -20.82
C GLN J 338 50.90 24.37 -20.33
N GLU J 339 51.52 23.45 -21.07
CA GLU J 339 51.40 22.03 -20.72
C GLU J 339 51.98 21.73 -19.35
N ASP J 340 53.04 22.42 -18.95
CA ASP J 340 53.69 22.17 -17.67
C ASP J 340 53.01 22.87 -16.51
N GLU J 341 51.82 23.45 -16.73
CA GLU J 341 51.10 24.11 -15.65
C GLU J 341 50.78 23.12 -14.54
N LYS J 342 51.09 23.50 -13.30
CA LYS J 342 50.84 22.66 -12.14
C LYS J 342 49.50 23.01 -11.51
N VAL J 343 48.92 22.03 -10.81
CA VAL J 343 47.62 22.23 -10.19
C VAL J 343 47.68 23.39 -9.21
N VAL J 344 48.72 23.44 -8.38
CA VAL J 344 48.83 24.49 -7.36
C VAL J 344 49.00 25.86 -7.98
N ASN J 345 49.37 25.93 -9.26
CA ASN J 345 49.52 27.22 -9.95
C ASN J 345 48.23 27.70 -10.58
N MET J 346 47.17 26.89 -10.57
CA MET J 346 45.90 27.28 -11.15
C MET J 346 45.13 28.15 -10.17
N HIS J 347 44.65 29.31 -10.64
CA HIS J 347 43.81 30.16 -9.82
C HIS J 347 42.38 29.62 -9.80
N PRO J 348 41.60 30.00 -8.79
CA PRO J 348 40.19 29.56 -8.76
C PRO J 348 39.44 29.88 -10.05
N GLN J 349 39.62 31.10 -10.58
CA GLN J 349 39.00 31.42 -11.86
C GLN J 349 39.58 30.58 -12.99
N ASP J 350 40.84 30.14 -12.86
CA ASP J 350 41.39 29.21 -13.84
C ASP J 350 40.68 27.86 -13.81
N PHE J 351 40.37 27.36 -12.60
CA PHE J 351 39.59 26.14 -12.49
C PHE J 351 38.19 26.33 -13.07
N LYS J 352 37.53 27.43 -12.70
CA LYS J 352 36.18 27.67 -13.19
C LYS J 352 36.14 27.76 -14.70
N THR J 353 37.07 28.54 -15.28
CA THR J 353 37.13 28.64 -16.74
C THR J 353 37.51 27.31 -17.39
N LEU J 354 38.31 26.50 -16.71
CA LEU J 354 38.60 25.16 -17.20
C LEU J 354 37.32 24.32 -17.30
N PHE J 355 36.58 24.25 -16.19
CA PHE J 355 35.35 23.46 -16.16
C PHE J 355 34.35 23.96 -17.19
N GLU J 356 34.12 25.27 -17.24
CA GLU J 356 33.17 25.83 -18.19
C GLU J 356 33.62 25.60 -19.62
N THR J 357 34.93 25.68 -19.86
CA THR J 357 35.45 25.43 -21.20
C THR J 357 35.22 23.99 -21.63
N ILE J 358 35.42 23.04 -20.71
CA ILE J 358 35.17 21.64 -21.04
C ILE J 358 33.68 21.41 -21.27
N GLU J 359 32.83 22.02 -20.45
CA GLU J 359 31.39 21.89 -20.64
C GLU J 359 30.94 22.49 -21.96
N ARG J 360 31.66 23.49 -22.47
CA ARG J 360 31.24 24.18 -23.69
C ARG J 360 31.37 23.29 -24.93
N SER J 361 32.21 22.25 -24.88
CA SER J 361 32.45 21.43 -26.07
C SER J 361 31.12 20.96 -26.68
N LYS J 362 31.07 21.02 -28.00
CA LYS J 362 29.82 20.85 -28.74
C LYS J 362 29.65 19.47 -29.37
N ASP J 363 30.67 18.98 -30.06
CA ASP J 363 30.53 17.79 -30.91
C ASP J 363 31.12 16.55 -30.22
N CYS J 364 30.45 16.14 -29.15
CA CYS J 364 30.80 14.91 -28.46
C CYS J 364 29.58 14.38 -27.72
N ALA J 365 29.42 13.05 -27.73
CA ALA J 365 28.31 12.43 -27.03
C ALA J 365 28.39 12.61 -25.52
N TYR J 366 29.58 12.86 -24.98
CA TYR J 366 29.76 13.02 -23.55
C TYR J 366 31.02 13.82 -23.29
N LYS J 367 31.02 14.58 -22.20
CA LYS J 367 32.13 15.46 -21.88
C LYS J 367 32.92 15.03 -20.65
N TRP J 368 32.31 14.28 -19.74
CA TRP J 368 32.95 13.87 -18.49
C TRP J 368 32.87 12.36 -18.35
N LEU J 369 33.75 11.81 -17.50
CA LEU J 369 33.78 10.38 -17.25
C LEU J 369 33.28 10.03 -15.85
N TYR J 370 32.50 10.92 -15.23
CA TYR J 370 32.04 10.73 -13.87
C TYR J 370 30.65 10.11 -13.80
N ASP J 371 29.87 10.52 -12.81
CA ASP J 371 28.51 10.05 -12.56
C ASP J 371 28.47 8.63 -12.02
N GLU J 372 29.57 8.15 -11.43
CA GLU J 372 29.61 6.82 -10.88
C GLU J 372 29.05 6.80 -9.47
N THR J 373 28.39 5.70 -9.11
CA THR J 373 27.83 5.54 -7.77
C THR J 373 28.91 5.07 -6.79
#